data_1Q38
#
_entry.id   1Q38
#
_entity_poly.entity_id   1
_entity_poly.type   'polypeptide(L)'
_entity_poly.pdbx_seq_one_letter_code
;MRGSNAPQPSHISKYILRWRPKNSVGRWKEATIPGHLNSYTIKGLKPGVVYEGQLISIQQYGHQEVTRFDFTTTSTSTPG
SRSHHHHHH
;
_entity_poly.pdbx_strand_id   A
#
# COMPACT_ATOMS: atom_id res chain seq x y z
N MET A 1 3.11 13.94 16.04
CA MET A 1 2.02 12.93 16.14
C MET A 1 1.57 12.48 14.76
N ARG A 2 1.93 13.25 13.74
CA ARG A 2 1.57 12.94 12.36
C ARG A 2 2.61 12.02 11.73
N GLY A 3 3.73 12.60 11.32
CA GLY A 3 4.78 11.82 10.69
C GLY A 3 5.87 12.69 10.10
N SER A 4 7.13 12.41 10.46
CA SER A 4 8.26 13.17 9.96
C SER A 4 8.84 12.52 8.71
N ASN A 5 9.38 13.34 7.82
CA ASN A 5 9.96 12.84 6.58
C ASN A 5 11.37 12.30 6.81
N ALA A 6 11.69 11.17 6.19
CA ALA A 6 12.99 10.54 6.33
C ALA A 6 13.63 10.30 4.96
N PRO A 7 14.45 11.25 4.48
CA PRO A 7 15.12 11.14 3.18
C PRO A 7 16.25 10.12 3.17
N GLN A 8 16.03 9.00 2.49
CA GLN A 8 17.03 7.94 2.39
C GLN A 8 17.51 7.49 3.76
N PRO A 9 16.61 6.92 4.59
CA PRO A 9 16.96 6.44 5.93
C PRO A 9 17.49 5.00 5.90
N SER A 10 17.43 4.34 7.04
CA SER A 10 17.89 2.95 7.13
C SER A 10 17.04 2.04 6.25
N HIS A 11 15.81 2.48 6.00
CA HIS A 11 14.88 1.73 5.16
C HIS A 11 14.95 2.24 3.72
N ILE A 12 13.88 1.99 2.96
CA ILE A 12 13.83 2.44 1.56
C ILE A 12 13.64 3.96 1.50
N SER A 13 14.14 4.56 0.43
CA SER A 13 14.00 6.00 0.24
C SER A 13 12.55 6.42 0.37
N LYS A 14 11.66 5.65 -0.26
CA LYS A 14 10.23 5.91 -0.20
C LYS A 14 9.44 4.78 -0.84
N TYR A 15 8.28 4.48 -0.26
CA TYR A 15 7.42 3.41 -0.77
C TYR A 15 6.24 4.03 -1.53
N ILE A 16 5.78 3.35 -2.57
CA ILE A 16 4.65 3.84 -3.35
C ILE A 16 3.46 2.92 -3.22
N LEU A 17 2.33 3.49 -2.82
CA LEU A 17 1.12 2.72 -2.66
C LEU A 17 0.08 3.14 -3.69
N ARG A 18 -0.25 2.21 -4.59
CA ARG A 18 -1.23 2.48 -5.63
C ARG A 18 -2.46 1.61 -5.44
N TRP A 19 -3.63 2.22 -5.45
CA TRP A 19 -4.87 1.47 -5.29
C TRP A 19 -5.98 2.02 -6.17
N ARG A 20 -6.86 1.12 -6.59
CA ARG A 20 -7.99 1.47 -7.44
C ARG A 20 -9.12 0.46 -7.27
N PRO A 21 -10.38 0.92 -7.31
CA PRO A 21 -11.55 0.04 -7.15
C PRO A 21 -11.57 -1.07 -8.20
N LYS A 22 -11.33 -2.30 -7.75
CA LYS A 22 -11.34 -3.45 -8.63
C LYS A 22 -12.76 -3.87 -8.99
N ASN A 23 -13.70 -3.50 -8.12
CA ASN A 23 -15.10 -3.83 -8.31
C ASN A 23 -15.85 -2.68 -9.00
N SER A 24 -15.28 -1.48 -8.90
CA SER A 24 -15.89 -0.31 -9.51
C SER A 24 -15.06 0.19 -10.69
N VAL A 25 -13.99 -0.53 -11.00
CA VAL A 25 -13.09 -0.21 -12.12
C VAL A 25 -12.98 1.30 -12.33
N GLY A 26 -12.07 1.92 -11.58
CA GLY A 26 -11.86 3.36 -11.69
C GLY A 26 -10.40 3.73 -11.90
N ARG A 27 -10.00 4.88 -11.37
CA ARG A 27 -8.62 5.35 -11.51
C ARG A 27 -7.80 4.98 -10.27
N TRP A 28 -6.48 4.92 -10.45
CA TRP A 28 -5.58 4.58 -9.34
C TRP A 28 -5.18 5.83 -8.56
N LYS A 29 -4.47 5.62 -7.46
CA LYS A 29 -4.00 6.71 -6.62
C LYS A 29 -2.64 6.35 -6.04
N GLU A 30 -1.83 7.35 -5.69
CA GLU A 30 -0.51 7.09 -5.14
C GLU A 30 -0.30 7.73 -3.78
N ALA A 31 0.37 7.00 -2.91
CA ALA A 31 0.69 7.47 -1.56
C ALA A 31 2.10 7.02 -1.18
N THR A 32 3.00 7.98 -1.05
CA THR A 32 4.39 7.67 -0.72
C THR A 32 4.65 7.68 0.79
N ILE A 33 5.25 6.59 1.26
CA ILE A 33 5.59 6.44 2.67
C ILE A 33 6.99 5.82 2.80
N PRO A 34 8.00 6.61 3.21
CA PRO A 34 9.38 6.14 3.35
C PRO A 34 9.54 5.07 4.43
N GLY A 35 9.41 3.81 4.03
CA GLY A 35 9.55 2.72 4.98
C GLY A 35 8.39 2.62 5.94
N HIS A 36 8.66 2.10 7.13
CA HIS A 36 7.63 1.94 8.15
C HIS A 36 7.82 2.95 9.29
N LEU A 37 7.56 4.22 8.99
CA LEU A 37 7.70 5.28 9.99
C LEU A 37 6.64 5.15 11.06
N ASN A 38 5.47 4.65 10.67
CA ASN A 38 4.35 4.46 11.60
C ASN A 38 3.23 3.67 10.94
N SER A 39 2.15 3.43 11.69
CA SER A 39 1.01 2.68 11.18
C SER A 39 0.16 3.55 10.26
N TYR A 40 0.24 3.27 8.96
CA TYR A 40 -0.52 4.02 7.98
C TYR A 40 -1.40 3.09 7.14
N THR A 41 -2.72 3.24 7.29
CA THR A 41 -3.66 2.40 6.56
C THR A 41 -4.72 3.26 5.86
N ILE A 42 -4.89 3.04 4.56
CA ILE A 42 -5.86 3.78 3.77
C ILE A 42 -7.25 3.15 3.92
N LYS A 43 -8.21 3.96 4.35
CA LYS A 43 -9.59 3.47 4.52
C LYS A 43 -10.56 4.31 3.70
N GLY A 44 -11.82 4.31 4.12
CA GLY A 44 -12.84 5.07 3.42
C GLY A 44 -13.60 4.21 2.42
N LEU A 45 -13.45 2.90 2.55
CA LEU A 45 -14.11 1.95 1.66
C LEU A 45 -15.34 1.36 2.34
N LYS A 46 -15.88 0.28 1.76
CA LYS A 46 -17.09 -0.37 2.32
C LYS A 46 -17.05 -1.88 2.12
N PRO A 47 -17.87 -2.63 2.88
CA PRO A 47 -17.92 -4.09 2.78
C PRO A 47 -18.51 -4.56 1.45
N GLY A 48 -18.00 -5.69 0.96
CA GLY A 48 -18.49 -6.24 -0.30
C GLY A 48 -17.77 -5.69 -1.51
N VAL A 49 -16.80 -4.80 -1.29
CA VAL A 49 -16.05 -4.22 -2.40
C VAL A 49 -14.56 -4.52 -2.28
N VAL A 50 -13.93 -4.87 -3.40
CA VAL A 50 -12.52 -5.17 -3.41
C VAL A 50 -11.73 -4.13 -4.23
N TYR A 51 -10.67 -3.61 -3.64
CA TYR A 51 -9.81 -2.65 -4.32
C TYR A 51 -8.54 -3.37 -4.70
N GLU A 52 -7.61 -2.66 -5.30
CA GLU A 52 -6.34 -3.27 -5.67
C GLU A 52 -5.20 -2.50 -5.03
N GLY A 53 -4.29 -3.20 -4.38
CA GLY A 53 -3.17 -2.54 -3.73
C GLY A 53 -1.82 -3.00 -4.21
N GLN A 54 -0.97 -2.05 -4.58
CA GLN A 54 0.38 -2.35 -5.07
C GLN A 54 1.41 -1.43 -4.41
N LEU A 55 2.30 -2.01 -3.61
CA LEU A 55 3.33 -1.22 -2.94
C LEU A 55 4.67 -1.38 -3.65
N ILE A 56 5.07 -0.32 -4.36
CA ILE A 56 6.33 -0.33 -5.09
C ILE A 56 7.34 0.60 -4.42
N SER A 57 8.45 0.04 -3.96
CA SER A 57 9.47 0.85 -3.30
C SER A 57 10.37 1.53 -4.32
N ILE A 58 10.71 2.77 -4.01
CA ILE A 58 11.56 3.59 -4.85
C ILE A 58 12.86 4.01 -4.16
N GLN A 59 13.99 3.85 -4.85
CA GLN A 59 15.29 4.24 -4.34
C GLN A 59 15.76 5.50 -5.05
N GLN A 60 17.00 5.89 -4.77
CA GLN A 60 17.57 7.07 -5.39
C GLN A 60 17.62 6.94 -6.91
N TYR A 61 17.64 5.69 -7.40
CA TYR A 61 17.67 5.44 -8.84
C TYR A 61 16.30 5.02 -9.38
N GLY A 62 15.34 4.82 -8.47
CA GLY A 62 13.99 4.44 -8.87
C GLY A 62 13.83 2.95 -9.14
N HIS A 63 12.58 2.47 -8.99
CA HIS A 63 12.24 1.06 -9.21
C HIS A 63 12.97 0.15 -8.23
N GLN A 64 12.29 -0.22 -7.14
CA GLN A 64 12.90 -1.11 -6.14
C GLN A 64 12.06 -2.36 -5.89
N GLU A 65 11.14 -2.26 -4.94
CA GLU A 65 10.29 -3.37 -4.55
C GLU A 65 8.92 -3.29 -5.21
N VAL A 66 8.35 -4.46 -5.54
CA VAL A 66 7.02 -4.52 -6.16
C VAL A 66 6.18 -5.60 -5.49
N THR A 67 5.11 -5.21 -4.82
CA THR A 67 4.24 -6.15 -4.14
C THR A 67 2.78 -5.94 -4.49
N ARG A 68 2.07 -7.02 -4.78
CA ARG A 68 0.66 -6.96 -5.13
C ARG A 68 -0.20 -7.61 -4.05
N PHE A 69 -1.21 -6.86 -3.58
CA PHE A 69 -2.10 -7.35 -2.53
C PHE A 69 -3.55 -7.04 -2.84
N ASP A 70 -4.44 -7.76 -2.18
CA ASP A 70 -5.88 -7.57 -2.38
C ASP A 70 -6.41 -6.61 -1.33
N PHE A 71 -7.46 -5.90 -1.71
CA PHE A 71 -8.05 -4.89 -0.84
C PHE A 71 -9.51 -5.17 -0.47
N THR A 72 -9.83 -4.89 0.78
CA THR A 72 -11.19 -5.04 1.27
C THR A 72 -11.42 -4.08 2.42
N THR A 73 -12.67 -3.93 2.84
CA THR A 73 -13.00 -3.02 3.92
C THR A 73 -13.50 -3.77 5.16
N THR A 74 -14.78 -3.64 5.47
CA THR A 74 -15.36 -4.30 6.63
C THR A 74 -15.79 -5.71 6.29
N SER A 75 -15.33 -6.20 5.14
CA SER A 75 -15.65 -7.55 4.69
C SER A 75 -14.46 -8.49 4.87
N THR A 76 -14.74 -9.75 5.13
CA THR A 76 -13.68 -10.75 5.32
C THR A 76 -13.38 -11.49 4.02
N SER A 77 -12.28 -11.12 3.37
CA SER A 77 -11.88 -11.74 2.13
C SER A 77 -10.35 -11.76 1.99
N THR A 78 -9.81 -10.84 1.18
CA THR A 78 -8.36 -10.75 0.97
C THR A 78 -7.74 -12.13 0.73
N PRO A 79 -8.11 -12.80 -0.38
CA PRO A 79 -7.59 -14.12 -0.72
C PRO A 79 -6.17 -14.06 -1.30
N GLY A 80 -5.23 -14.66 -0.57
CA GLY A 80 -3.84 -14.66 -1.03
C GLY A 80 -2.93 -15.43 -0.09
N SER A 81 -3.48 -16.45 0.55
CA SER A 81 -2.71 -17.27 1.49
C SER A 81 -2.05 -16.40 2.54
N ARG A 82 -2.86 -15.80 3.40
CA ARG A 82 -2.35 -14.93 4.46
C ARG A 82 -2.65 -15.52 5.83
N SER A 83 -2.66 -16.85 5.91
CA SER A 83 -2.92 -17.55 7.17
C SER A 83 -2.52 -19.01 7.07
N HIS A 84 -1.25 -19.28 7.35
CA HIS A 84 -0.73 -20.65 7.29
C HIS A 84 0.62 -20.75 7.98
N HIS A 85 0.86 -19.86 8.94
CA HIS A 85 2.13 -19.85 9.66
C HIS A 85 1.90 -20.05 11.16
N HIS A 86 2.88 -20.63 11.83
CA HIS A 86 2.78 -20.88 13.26
C HIS A 86 3.24 -19.67 14.07
N HIS A 87 2.71 -19.55 15.29
CA HIS A 87 3.06 -18.44 16.17
C HIS A 87 2.58 -17.11 15.60
N HIS A 88 2.34 -16.14 16.49
CA HIS A 88 1.88 -14.82 16.08
C HIS A 88 2.79 -13.73 16.65
N HIS A 89 2.73 -12.55 16.04
CA HIS A 89 3.55 -11.42 16.48
C HIS A 89 5.03 -11.75 16.42
N MET A 1 17.52 20.44 3.86
CA MET A 1 18.39 19.96 2.75
C MET A 1 19.11 18.67 3.14
N ARG A 2 18.73 17.56 2.51
CA ARG A 2 19.35 16.27 2.80
C ARG A 2 20.33 15.89 1.71
N GLY A 3 20.44 16.73 0.69
CA GLY A 3 21.36 16.47 -0.41
C GLY A 3 20.65 15.93 -1.64
N SER A 4 21.22 14.89 -2.24
CA SER A 4 20.64 14.28 -3.43
C SER A 4 21.04 12.81 -3.53
N ASN A 5 22.16 12.46 -2.91
CA ASN A 5 22.65 11.09 -2.93
C ASN A 5 23.02 10.62 -1.53
N ALA A 6 22.12 9.86 -0.92
CA ALA A 6 22.35 9.34 0.42
C ALA A 6 22.49 7.82 0.42
N PRO A 7 23.74 7.31 0.31
CA PRO A 7 24.01 5.87 0.29
C PRO A 7 23.84 5.22 1.66
N GLN A 8 23.46 3.94 1.65
CA GLN A 8 23.26 3.19 2.89
C GLN A 8 22.31 3.91 3.84
N PRO A 9 21.07 4.18 3.39
CA PRO A 9 20.07 4.87 4.21
C PRO A 9 19.29 3.91 5.11
N SER A 10 18.89 4.40 6.27
CA SER A 10 18.13 3.58 7.22
C SER A 10 16.75 3.25 6.66
N HIS A 11 16.40 3.90 5.56
CA HIS A 11 15.10 3.69 4.93
C HIS A 11 15.15 4.04 3.45
N ILE A 12 14.12 3.63 2.71
CA ILE A 12 14.04 3.90 1.28
C ILE A 12 13.72 5.37 1.03
N SER A 13 14.20 5.90 -0.10
CA SER A 13 13.96 7.30 -0.45
C SER A 13 12.50 7.66 -0.21
N LYS A 14 11.61 6.85 -0.75
CA LYS A 14 10.17 7.06 -0.60
C LYS A 14 9.39 5.86 -1.13
N TYR A 15 8.29 5.53 -0.47
CA TYR A 15 7.46 4.41 -0.87
C TYR A 15 6.17 4.91 -1.53
N ILE A 16 5.79 4.28 -2.64
CA ILE A 16 4.58 4.67 -3.34
C ILE A 16 3.55 3.55 -3.28
N LEU A 17 2.36 3.89 -2.78
CA LEU A 17 1.29 2.92 -2.70
C LEU A 17 0.27 3.20 -3.79
N ARG A 18 0.15 2.28 -4.73
CA ARG A 18 -0.77 2.42 -5.84
C ARG A 18 -1.83 1.34 -5.78
N TRP A 19 -3.09 1.73 -5.86
CA TRP A 19 -4.17 0.77 -5.80
C TRP A 19 -5.41 1.28 -6.54
N ARG A 20 -6.26 0.33 -6.93
CA ARG A 20 -7.49 0.64 -7.64
C ARG A 20 -8.47 -0.53 -7.51
N PRO A 21 -9.79 -0.29 -7.67
CA PRO A 21 -10.79 -1.36 -7.56
C PRO A 21 -10.56 -2.49 -8.55
N LYS A 22 -10.31 -3.69 -8.02
CA LYS A 22 -10.07 -4.86 -8.86
C LYS A 22 -11.37 -5.36 -9.49
N ASN A 23 -12.46 -5.23 -8.75
CA ASN A 23 -13.78 -5.67 -9.24
C ASN A 23 -14.48 -4.53 -9.96
N SER A 24 -14.27 -3.32 -9.48
CA SER A 24 -14.87 -2.13 -10.08
C SER A 24 -13.88 -1.43 -11.00
N VAL A 25 -14.25 -0.22 -11.43
CA VAL A 25 -13.38 0.55 -12.32
C VAL A 25 -13.09 1.93 -11.73
N GLY A 26 -12.13 2.63 -12.33
CA GLY A 26 -11.77 3.95 -11.85
C GLY A 26 -10.30 4.25 -12.03
N ARG A 27 -9.83 5.30 -11.36
CA ARG A 27 -8.42 5.70 -11.45
C ARG A 27 -7.62 5.15 -10.28
N TRP A 28 -6.31 5.08 -10.45
CA TRP A 28 -5.41 4.58 -9.41
C TRP A 28 -5.26 5.60 -8.29
N LYS A 29 -4.47 5.26 -7.28
CA LYS A 29 -4.23 6.15 -6.15
C LYS A 29 -2.82 5.97 -5.63
N GLU A 30 -2.07 7.07 -5.52
CA GLU A 30 -0.69 6.99 -5.04
C GLU A 30 -0.49 7.82 -3.77
N ALA A 31 0.20 7.22 -2.81
CA ALA A 31 0.50 7.88 -1.54
C ALA A 31 1.91 7.55 -1.08
N THR A 32 2.67 8.55 -0.67
CA THR A 32 4.04 8.34 -0.23
C THR A 32 4.10 7.95 1.25
N ILE A 33 4.86 6.90 1.54
CA ILE A 33 5.02 6.42 2.89
C ILE A 33 6.52 6.28 3.22
N PRO A 34 7.00 7.03 4.21
CA PRO A 34 8.42 7.01 4.62
C PRO A 34 8.93 5.63 4.99
N GLY A 35 9.22 4.80 3.97
CA GLY A 35 9.70 3.47 4.23
C GLY A 35 8.81 2.70 5.17
N HIS A 36 7.63 3.25 5.45
CA HIS A 36 6.66 2.64 6.36
C HIS A 36 7.12 2.80 7.80
N LEU A 37 6.48 3.72 8.52
CA LEU A 37 6.83 3.99 9.91
C LEU A 37 6.51 2.78 10.79
N ASN A 38 5.42 2.09 10.45
CA ASN A 38 4.98 0.91 11.20
C ASN A 38 3.57 0.51 10.77
N SER A 39 2.61 1.41 11.04
CA SER A 39 1.22 1.14 10.69
C SER A 39 0.62 2.29 9.87
N TYR A 40 0.24 1.98 8.63
CA TYR A 40 -0.36 2.98 7.75
C TYR A 40 -1.67 2.47 7.17
N THR A 41 -2.77 3.05 7.62
CA THR A 41 -4.10 2.63 7.15
C THR A 41 -4.81 3.76 6.41
N ILE A 42 -5.61 3.39 5.41
CA ILE A 42 -6.35 4.37 4.63
C ILE A 42 -7.77 4.50 5.16
N LYS A 43 -8.25 5.74 5.29
CA LYS A 43 -9.59 5.99 5.79
C LYS A 43 -10.51 6.50 4.69
N GLY A 44 -11.80 6.59 4.99
CA GLY A 44 -12.77 7.05 4.01
C GLY A 44 -13.25 5.94 3.10
N LEU A 45 -13.62 4.80 3.69
CA LEU A 45 -14.08 3.65 2.93
C LEU A 45 -15.23 2.95 3.66
N LYS A 46 -15.61 1.77 3.18
CA LYS A 46 -16.70 1.00 3.78
C LYS A 46 -16.61 -0.48 3.41
N PRO A 47 -17.03 -1.38 4.32
CA PRO A 47 -16.99 -2.83 4.07
C PRO A 47 -17.94 -3.25 2.95
N GLY A 48 -17.39 -3.90 1.92
CA GLY A 48 -18.20 -4.35 0.80
C GLY A 48 -17.66 -3.95 -0.55
N VAL A 49 -16.43 -3.42 -0.56
CA VAL A 49 -15.80 -3.00 -1.81
C VAL A 49 -14.53 -3.79 -2.10
N VAL A 50 -14.41 -4.33 -3.30
CA VAL A 50 -13.22 -5.07 -3.68
C VAL A 50 -12.14 -4.09 -4.13
N TYR A 51 -10.89 -4.42 -3.85
CA TYR A 51 -9.80 -3.54 -4.22
C TYR A 51 -8.55 -4.32 -4.61
N GLU A 52 -7.62 -3.60 -5.21
CA GLU A 52 -6.34 -4.14 -5.62
C GLU A 52 -5.26 -3.17 -5.18
N GLY A 53 -4.24 -3.65 -4.47
CA GLY A 53 -3.20 -2.76 -4.01
C GLY A 53 -1.80 -3.30 -4.21
N GLN A 54 -0.89 -2.42 -4.61
CA GLN A 54 0.50 -2.80 -4.83
C GLN A 54 1.44 -1.80 -4.17
N LEU A 55 2.41 -2.31 -3.43
CA LEU A 55 3.39 -1.46 -2.76
C LEU A 55 4.69 -1.41 -3.55
N ILE A 56 4.98 -0.26 -4.14
CA ILE A 56 6.19 -0.09 -4.94
C ILE A 56 7.19 0.79 -4.21
N SER A 57 8.34 0.21 -3.87
CA SER A 57 9.39 0.96 -3.19
C SER A 57 10.32 1.60 -4.20
N ILE A 58 10.44 2.91 -4.13
CA ILE A 58 11.30 3.65 -5.05
C ILE A 58 12.48 4.28 -4.32
N GLN A 59 13.67 3.80 -4.62
CA GLN A 59 14.90 4.30 -4.01
C GLN A 59 15.45 5.47 -4.82
N GLN A 60 16.60 5.98 -4.40
CA GLN A 60 17.24 7.09 -5.10
C GLN A 60 17.58 6.74 -6.54
N TYR A 61 17.62 5.44 -6.83
CA TYR A 61 17.93 4.97 -8.18
C TYR A 61 16.68 4.52 -8.93
N GLY A 62 15.55 4.52 -8.24
CA GLY A 62 14.30 4.11 -8.86
C GLY A 62 13.64 2.95 -8.14
N HIS A 63 12.50 2.50 -8.68
CA HIS A 63 11.76 1.38 -8.10
C HIS A 63 12.66 0.17 -7.91
N GLN A 64 12.23 -0.76 -7.04
CA GLN A 64 13.01 -1.96 -6.77
C GLN A 64 12.20 -2.97 -5.96
N GLU A 65 10.96 -2.62 -5.63
CA GLU A 65 10.11 -3.50 -4.84
C GLU A 65 8.64 -3.39 -5.26
N VAL A 66 8.08 -4.47 -5.77
CA VAL A 66 6.69 -4.48 -6.20
C VAL A 66 5.95 -5.73 -5.69
N THR A 67 4.86 -5.50 -4.96
CA THR A 67 4.06 -6.59 -4.42
C THR A 67 2.56 -6.31 -4.58
N ARG A 68 1.87 -7.20 -5.28
CA ARG A 68 0.43 -7.04 -5.52
C ARG A 68 -0.40 -7.84 -4.54
N PHE A 69 -1.48 -7.24 -4.06
CA PHE A 69 -2.39 -7.88 -3.11
C PHE A 69 -3.79 -7.26 -3.18
N ASP A 70 -4.81 -8.09 -3.38
CA ASP A 70 -6.18 -7.61 -3.45
C ASP A 70 -6.85 -7.72 -2.08
N PHE A 71 -7.60 -6.70 -1.70
CA PHE A 71 -8.27 -6.69 -0.42
C PHE A 71 -9.69 -6.12 -0.52
N THR A 72 -10.57 -6.61 0.34
CA THR A 72 -11.97 -6.18 0.35
C THR A 72 -12.25 -5.22 1.50
N THR A 73 -13.43 -4.60 1.48
CA THR A 73 -13.84 -3.64 2.50
C THR A 73 -13.13 -2.31 2.27
N THR A 74 -13.77 -1.43 1.50
CA THR A 74 -13.19 -0.14 1.19
C THR A 74 -14.18 0.78 0.47
N SER A 75 -13.66 1.70 -0.33
CA SER A 75 -14.50 2.63 -1.08
C SER A 75 -14.27 2.50 -2.58
N THR A 76 -14.98 3.31 -3.36
CA THR A 76 -14.85 3.28 -4.82
C THR A 76 -13.67 4.13 -5.28
N SER A 77 -13.72 5.42 -4.96
CA SER A 77 -12.67 6.35 -5.35
C SER A 77 -12.48 7.43 -4.31
N THR A 78 -11.49 8.29 -4.52
CA THR A 78 -11.21 9.39 -3.60
C THR A 78 -10.92 10.67 -4.36
N PRO A 79 -11.96 11.30 -4.94
CA PRO A 79 -11.81 12.55 -5.70
C PRO A 79 -11.10 13.63 -4.90
N GLY A 80 -11.31 13.64 -3.58
CA GLY A 80 -10.68 14.62 -2.73
C GLY A 80 -9.24 14.27 -2.41
N SER A 81 -8.30 14.92 -3.08
CA SER A 81 -6.88 14.67 -2.87
C SER A 81 -6.07 15.96 -3.01
N ARG A 82 -4.92 15.99 -2.35
CA ARG A 82 -4.04 17.16 -2.40
C ARG A 82 -4.78 18.41 -1.93
N SER A 83 -5.26 19.21 -2.89
CA SER A 83 -5.99 20.44 -2.59
C SER A 83 -5.13 21.40 -1.75
N HIS A 84 -3.84 21.11 -1.68
CA HIS A 84 -2.91 21.95 -0.92
C HIS A 84 -3.42 22.17 0.50
N HIS A 85 -4.07 21.16 1.06
CA HIS A 85 -4.60 21.24 2.42
C HIS A 85 -5.59 22.40 2.55
N HIS A 86 -6.85 22.14 2.22
CA HIS A 86 -7.88 23.17 2.30
C HIS A 86 -9.07 22.68 3.15
N HIS A 87 -8.76 21.98 4.23
CA HIS A 87 -9.79 21.46 5.14
C HIS A 87 -9.27 21.38 6.56
N HIS A 88 -10.20 21.20 7.51
CA HIS A 88 -9.83 21.10 8.92
C HIS A 88 -9.95 19.67 9.42
N HIS A 89 -9.23 19.35 10.50
CA HIS A 89 -9.26 18.01 11.08
C HIS A 89 -10.65 17.66 11.58
N MET A 1 31.12 13.57 14.30
CA MET A 1 32.03 14.10 15.36
C MET A 1 31.46 13.84 16.75
N ARG A 2 31.89 12.74 17.37
CA ARG A 2 31.43 12.38 18.71
C ARG A 2 29.90 12.30 18.75
N GLY A 3 29.34 11.38 17.98
CA GLY A 3 27.90 11.21 17.95
C GLY A 3 27.45 9.82 18.31
N SER A 4 26.28 9.42 17.84
CA SER A 4 25.74 8.10 18.13
C SER A 4 25.99 7.15 16.96
N ASN A 5 25.25 6.04 16.93
CA ASN A 5 25.39 5.06 15.87
C ASN A 5 24.19 5.09 14.92
N ALA A 6 23.39 6.14 15.01
CA ALA A 6 22.22 6.29 14.15
C ALA A 6 22.14 7.70 13.58
N PRO A 7 22.95 8.01 12.55
CA PRO A 7 22.96 9.33 11.91
C PRO A 7 21.67 9.62 11.16
N GLN A 8 21.20 8.64 10.39
CA GLN A 8 19.97 8.79 9.61
C GLN A 8 19.20 7.48 9.56
N PRO A 9 17.86 7.55 9.42
CA PRO A 9 17.00 6.36 9.34
C PRO A 9 17.28 5.53 8.10
N SER A 10 17.85 4.34 8.29
CA SER A 10 18.16 3.45 7.18
C SER A 10 16.89 2.84 6.59
N HIS A 11 16.40 3.44 5.51
CA HIS A 11 15.19 2.96 4.85
C HIS A 11 15.15 3.41 3.39
N ILE A 12 14.10 3.02 2.68
CA ILE A 12 13.93 3.39 1.28
C ILE A 12 13.57 4.87 1.15
N SER A 13 13.97 5.48 0.03
CA SER A 13 13.68 6.89 -0.21
C SER A 13 12.20 7.17 0.02
N LYS A 14 11.34 6.36 -0.60
CA LYS A 14 9.90 6.52 -0.45
C LYS A 14 9.14 5.36 -1.08
N TYR A 15 8.03 4.98 -0.46
CA TYR A 15 7.19 3.89 -0.94
C TYR A 15 5.94 4.44 -1.60
N ILE A 16 5.52 3.84 -2.71
CA ILE A 16 4.32 4.28 -3.41
C ILE A 16 3.25 3.19 -3.42
N LEU A 17 2.07 3.53 -2.91
CA LEU A 17 0.98 2.58 -2.89
C LEU A 17 -0.05 2.95 -3.95
N ARG A 18 -0.19 2.10 -4.95
CA ARG A 18 -1.14 2.33 -6.02
C ARG A 18 -2.24 1.28 -5.98
N TRP A 19 -3.49 1.73 -6.00
CA TRP A 19 -4.60 0.80 -5.94
C TRP A 19 -5.88 1.39 -6.52
N ARG A 20 -6.70 0.52 -7.10
CA ARG A 20 -7.97 0.91 -7.72
C ARG A 20 -8.98 -0.22 -7.59
N PRO A 21 -10.28 0.07 -7.73
CA PRO A 21 -11.34 -0.95 -7.62
C PRO A 21 -11.15 -2.10 -8.60
N LYS A 22 -10.94 -3.30 -8.06
CA LYS A 22 -10.72 -4.49 -8.88
C LYS A 22 -11.98 -4.87 -9.67
N ASN A 23 -13.14 -4.68 -9.05
CA ASN A 23 -14.41 -5.00 -9.68
C ASN A 23 -15.04 -3.77 -10.33
N SER A 24 -15.00 -2.65 -9.61
CA SER A 24 -15.57 -1.41 -10.11
C SER A 24 -14.57 -0.65 -10.98
N VAL A 25 -15.07 0.34 -11.71
CA VAL A 25 -14.22 1.14 -12.58
C VAL A 25 -13.95 2.50 -11.96
N GLY A 26 -12.81 3.09 -12.30
CA GLY A 26 -12.44 4.38 -11.76
C GLY A 26 -11.01 4.76 -12.07
N ARG A 27 -10.26 5.13 -11.04
CA ARG A 27 -8.87 5.52 -11.21
C ARG A 27 -8.01 4.97 -10.07
N TRP A 28 -6.69 5.05 -10.24
CA TRP A 28 -5.76 4.56 -9.23
C TRP A 28 -5.56 5.60 -8.13
N LYS A 29 -4.84 5.21 -7.08
CA LYS A 29 -4.57 6.10 -5.96
C LYS A 29 -3.13 5.92 -5.51
N GLU A 30 -2.45 7.03 -5.22
CA GLU A 30 -1.05 6.97 -4.81
C GLU A 30 -0.85 7.57 -3.43
N ALA A 31 -0.11 6.84 -2.59
CA ALA A 31 0.19 7.28 -1.23
C ALA A 31 1.63 6.97 -0.87
N THR A 32 2.42 8.01 -0.60
CA THR A 32 3.83 7.83 -0.27
C THR A 32 4.03 7.56 1.22
N ILE A 33 4.81 6.52 1.51
CA ILE A 33 5.13 6.16 2.89
C ILE A 33 6.63 5.89 3.01
N PRO A 34 7.37 6.81 3.63
CA PRO A 34 8.83 6.66 3.80
C PRO A 34 9.19 5.40 4.58
N GLY A 35 9.40 4.30 3.87
CA GLY A 35 9.76 3.05 4.50
C GLY A 35 8.69 2.57 5.46
N HIS A 36 8.83 2.91 6.74
CA HIS A 36 7.88 2.52 7.76
C HIS A 36 7.99 3.43 8.98
N LEU A 37 7.17 4.48 9.01
CA LEU A 37 7.19 5.41 10.13
C LEU A 37 6.68 4.75 11.41
N ASN A 38 5.72 3.83 11.26
CA ASN A 38 5.14 3.10 12.38
C ASN A 38 3.89 2.35 11.94
N SER A 39 2.75 3.03 11.96
CA SER A 39 1.49 2.41 11.56
C SER A 39 0.77 3.25 10.50
N TYR A 40 0.60 2.68 9.31
CA TYR A 40 -0.07 3.38 8.22
C TYR A 40 -1.36 2.68 7.84
N THR A 41 -2.48 3.35 8.09
CA THR A 41 -3.80 2.79 7.77
C THR A 41 -4.57 3.71 6.83
N ILE A 42 -5.10 3.13 5.76
CA ILE A 42 -5.88 3.89 4.78
C ILE A 42 -7.33 4.01 5.20
N LYS A 43 -7.84 5.24 5.23
CA LYS A 43 -9.22 5.49 5.63
C LYS A 43 -10.05 6.01 4.45
N GLY A 44 -11.29 6.40 4.74
CA GLY A 44 -12.16 6.92 3.69
C GLY A 44 -12.66 5.84 2.76
N LEU A 45 -12.98 4.68 3.32
CA LEU A 45 -13.46 3.55 2.53
C LEU A 45 -14.56 2.79 3.27
N LYS A 46 -15.00 1.67 2.70
CA LYS A 46 -16.03 0.85 3.30
C LYS A 46 -16.06 -0.55 2.69
N PRO A 47 -16.49 -1.56 3.47
CA PRO A 47 -16.56 -2.95 3.00
C PRO A 47 -17.55 -3.13 1.85
N GLY A 48 -17.50 -4.30 1.22
CA GLY A 48 -18.40 -4.57 0.11
C GLY A 48 -17.74 -4.36 -1.24
N VAL A 49 -16.53 -3.83 -1.23
CA VAL A 49 -15.79 -3.58 -2.47
C VAL A 49 -14.48 -4.35 -2.53
N VAL A 50 -14.33 -5.19 -3.54
CA VAL A 50 -13.09 -5.94 -3.71
C VAL A 50 -12.06 -5.05 -4.41
N TYR A 51 -11.11 -4.54 -3.64
CA TYR A 51 -10.10 -3.64 -4.16
C TYR A 51 -8.82 -4.38 -4.55
N GLU A 52 -8.03 -3.74 -5.40
CA GLU A 52 -6.75 -4.29 -5.82
C GLU A 52 -5.65 -3.35 -5.36
N GLY A 53 -4.63 -3.88 -4.69
CA GLY A 53 -3.57 -3.02 -4.20
C GLY A 53 -2.19 -3.39 -4.72
N GLN A 54 -1.37 -2.37 -4.93
CA GLN A 54 -0.01 -2.54 -5.41
C GLN A 54 0.96 -1.69 -4.58
N LEU A 55 2.05 -2.30 -4.14
CA LEU A 55 3.04 -1.58 -3.33
C LEU A 55 4.40 -1.56 -4.01
N ILE A 56 4.77 -0.38 -4.53
CA ILE A 56 6.04 -0.22 -5.24
C ILE A 56 6.97 0.77 -4.51
N SER A 57 8.10 0.27 -4.04
CA SER A 57 9.08 1.10 -3.36
C SER A 57 10.07 1.69 -4.35
N ILE A 58 10.21 3.01 -4.31
CA ILE A 58 11.13 3.71 -5.21
C ILE A 58 12.29 4.33 -4.44
N GLN A 59 13.51 3.98 -4.84
CA GLN A 59 14.72 4.51 -4.20
C GLN A 59 15.31 5.64 -5.04
N GLN A 60 16.45 6.16 -4.58
CA GLN A 60 17.13 7.24 -5.29
C GLN A 60 17.60 6.78 -6.67
N TYR A 61 17.86 5.48 -6.79
CA TYR A 61 18.32 4.90 -8.04
C TYR A 61 17.17 4.27 -8.82
N GLY A 62 15.97 4.34 -8.25
CA GLY A 62 14.81 3.76 -8.89
C GLY A 62 14.12 2.72 -8.05
N HIS A 63 12.93 2.30 -8.46
CA HIS A 63 12.16 1.30 -7.73
C HIS A 63 12.97 0.02 -7.56
N GLN A 64 12.70 -0.73 -6.50
CA GLN A 64 13.39 -1.98 -6.24
C GLN A 64 12.54 -2.93 -5.40
N GLU A 65 11.28 -2.55 -5.18
CA GLU A 65 10.37 -3.38 -4.39
C GLU A 65 8.95 -3.30 -4.96
N VAL A 66 8.44 -4.43 -5.42
CA VAL A 66 7.09 -4.49 -5.98
C VAL A 66 6.33 -5.70 -5.46
N THR A 67 5.19 -5.45 -4.81
CA THR A 67 4.37 -6.51 -4.26
C THR A 67 2.89 -6.28 -4.58
N ARG A 68 2.28 -7.22 -5.28
CA ARG A 68 0.88 -7.12 -5.66
C ARG A 68 -0.02 -7.94 -4.73
N PHE A 69 -1.07 -7.30 -4.21
CA PHE A 69 -2.00 -7.97 -3.32
C PHE A 69 -3.37 -7.30 -3.33
N ASP A 70 -4.41 -8.10 -3.46
CA ASP A 70 -5.78 -7.60 -3.47
C ASP A 70 -6.36 -7.69 -2.06
N PHE A 71 -7.28 -6.79 -1.74
CA PHE A 71 -7.87 -6.79 -0.41
C PHE A 71 -9.29 -6.24 -0.42
N THR A 72 -10.09 -6.67 0.56
CA THR A 72 -11.48 -6.25 0.67
C THR A 72 -11.65 -5.19 1.75
N THR A 73 -12.84 -4.58 1.78
CA THR A 73 -13.17 -3.53 2.73
C THR A 73 -12.52 -2.21 2.35
N THR A 74 -13.12 -1.53 1.39
CA THR A 74 -12.61 -0.24 0.92
C THR A 74 -13.34 0.21 -0.34
N SER A 75 -13.70 1.49 -0.39
CA SER A 75 -14.41 2.04 -1.55
C SER A 75 -13.65 3.24 -2.12
N THR A 76 -14.24 3.89 -3.12
CA THR A 76 -13.61 5.06 -3.74
C THR A 76 -13.72 6.28 -2.82
N SER A 77 -12.77 7.20 -2.96
CA SER A 77 -12.76 8.40 -2.15
C SER A 77 -12.43 9.63 -2.99
N THR A 78 -13.14 10.72 -2.73
CA THR A 78 -12.93 11.97 -3.45
C THR A 78 -13.11 13.19 -2.54
N PRO A 79 -12.29 13.29 -1.47
CA PRO A 79 -12.38 14.40 -0.53
C PRO A 79 -11.68 15.66 -1.05
N GLY A 80 -10.92 16.33 -0.19
CA GLY A 80 -10.23 17.53 -0.59
C GLY A 80 -9.89 18.42 0.58
N SER A 81 -10.92 18.98 1.22
CA SER A 81 -10.74 19.86 2.36
C SER A 81 -11.62 19.42 3.52
N ARG A 82 -12.44 18.40 3.29
CA ARG A 82 -13.33 17.89 4.32
C ARG A 82 -12.67 16.74 5.10
N SER A 83 -12.81 16.78 6.42
CA SER A 83 -12.23 15.75 7.27
C SER A 83 -13.30 14.80 7.79
N HIS A 84 -12.92 13.55 8.04
CA HIS A 84 -13.85 12.55 8.54
C HIS A 84 -13.23 11.75 9.67
N HIS A 85 -12.99 12.41 10.79
CA HIS A 85 -12.39 11.76 11.96
C HIS A 85 -13.39 11.68 13.11
N HIS A 86 -14.49 12.42 12.98
CA HIS A 86 -15.52 12.44 13.99
C HIS A 86 -16.85 12.93 13.42
N HIS A 87 -17.88 12.97 14.26
CA HIS A 87 -19.19 13.42 13.83
C HIS A 87 -19.69 12.60 12.64
N HIS A 88 -20.53 13.22 11.81
CA HIS A 88 -21.07 12.54 10.63
C HIS A 88 -20.00 12.44 9.53
N HIS A 89 -20.18 11.49 8.63
CA HIS A 89 -19.25 11.28 7.53
C HIS A 89 -19.95 10.71 6.30
N MET A 1 29.23 -2.01 -1.29
CA MET A 1 29.94 -0.80 -1.74
C MET A 1 29.57 -0.42 -3.16
N ARG A 2 28.56 0.43 -3.30
CA ARG A 2 28.09 0.87 -4.62
C ARG A 2 27.25 2.13 -4.51
N GLY A 3 27.76 3.12 -3.76
CA GLY A 3 27.04 4.36 -3.59
C GLY A 3 27.66 5.25 -2.52
N SER A 4 28.23 6.37 -2.94
CA SER A 4 28.85 7.31 -2.02
C SER A 4 27.80 8.05 -1.21
N ASN A 5 27.32 7.42 -0.14
CA ASN A 5 26.31 8.04 0.72
C ASN A 5 26.36 7.44 2.12
N ALA A 6 27.02 8.14 3.04
CA ALA A 6 27.14 7.68 4.41
C ALA A 6 25.82 7.83 5.18
N PRO A 7 25.19 9.01 5.13
CA PRO A 7 23.92 9.26 5.83
C PRO A 7 22.75 8.52 5.18
N GLN A 8 21.96 7.85 6.01
CA GLN A 8 20.80 7.10 5.52
C GLN A 8 19.50 7.79 5.90
N PRO A 9 18.67 8.18 4.92
CA PRO A 9 17.39 8.86 5.18
C PRO A 9 16.41 7.95 5.92
N SER A 10 15.92 6.92 5.23
CA SER A 10 14.99 5.98 5.82
C SER A 10 14.85 4.73 4.95
N HIS A 11 15.90 3.90 4.97
CA HIS A 11 15.93 2.67 4.18
C HIS A 11 15.80 2.98 2.70
N ILE A 12 14.56 3.10 2.22
CA ILE A 12 14.30 3.40 0.81
C ILE A 12 14.02 4.89 0.64
N SER A 13 14.37 5.42 -0.53
CA SER A 13 14.15 6.83 -0.83
C SER A 13 12.72 7.22 -0.47
N LYS A 14 11.76 6.40 -0.91
CA LYS A 14 10.36 6.64 -0.62
C LYS A 14 9.49 5.49 -1.15
N TYR A 15 8.45 5.17 -0.40
CA TYR A 15 7.52 4.10 -0.78
C TYR A 15 6.23 4.68 -1.33
N ILE A 16 5.71 4.08 -2.40
CA ILE A 16 4.48 4.55 -3.01
C ILE A 16 3.38 3.51 -2.89
N LEU A 17 2.23 3.93 -2.40
CA LEU A 17 1.09 3.03 -2.26
C LEU A 17 0.08 3.32 -3.35
N ARG A 18 -0.09 2.39 -4.27
CA ARG A 18 -1.02 2.55 -5.37
C ARG A 18 -2.05 1.44 -5.37
N TRP A 19 -3.32 1.83 -5.44
CA TRP A 19 -4.39 0.84 -5.44
C TRP A 19 -5.63 1.37 -6.16
N ARG A 20 -6.38 0.45 -6.76
CA ARG A 20 -7.58 0.80 -7.51
C ARG A 20 -8.61 -0.33 -7.41
N PRO A 21 -9.90 -0.04 -7.69
CA PRO A 21 -10.96 -1.05 -7.62
C PRO A 21 -10.68 -2.22 -8.55
N LYS A 22 -10.46 -3.39 -7.96
CA LYS A 22 -10.15 -4.59 -8.73
C LYS A 22 -11.31 -4.97 -9.67
N ASN A 23 -12.53 -4.65 -9.27
CA ASN A 23 -13.70 -4.98 -10.09
C ASN A 23 -14.19 -3.78 -10.89
N SER A 24 -14.16 -2.59 -10.28
CA SER A 24 -14.61 -1.38 -10.96
C SER A 24 -13.52 -0.80 -11.85
N VAL A 25 -12.34 -1.42 -11.83
CA VAL A 25 -11.19 -0.98 -12.64
C VAL A 25 -11.14 0.54 -12.76
N GLY A 26 -11.41 1.24 -11.66
CA GLY A 26 -11.37 2.69 -11.67
C GLY A 26 -9.96 3.25 -11.64
N ARG A 27 -9.84 4.51 -11.25
CA ARG A 27 -8.54 5.16 -11.18
C ARG A 27 -7.73 4.65 -9.99
N TRP A 28 -6.44 5.01 -9.95
CA TRP A 28 -5.56 4.60 -8.87
C TRP A 28 -5.39 5.70 -7.83
N LYS A 29 -4.71 5.35 -6.74
CA LYS A 29 -4.44 6.30 -5.66
C LYS A 29 -3.01 6.13 -5.18
N GLU A 30 -2.33 7.25 -4.90
CA GLU A 30 -0.94 7.19 -4.46
C GLU A 30 -0.73 7.81 -3.08
N ALA A 31 0.03 7.10 -2.25
CA ALA A 31 0.34 7.55 -0.89
C ALA A 31 1.79 7.20 -0.55
N THR A 32 2.62 8.21 -0.31
CA THR A 32 4.03 7.98 -0.01
C THR A 32 4.25 7.70 1.48
N ILE A 33 5.13 6.75 1.75
CA ILE A 33 5.49 6.38 3.11
C ILE A 33 7.00 6.21 3.20
N PRO A 34 7.70 7.16 3.85
CA PRO A 34 9.16 7.11 3.98
C PRO A 34 9.65 5.87 4.73
N GLY A 35 9.85 4.78 3.99
CA GLY A 35 10.32 3.54 4.59
C GLY A 35 9.42 3.05 5.71
N HIS A 36 8.15 3.43 5.66
CA HIS A 36 7.18 3.03 6.68
C HIS A 36 7.62 3.49 8.07
N LEU A 37 7.06 4.61 8.52
CA LEU A 37 7.41 5.16 9.83
C LEU A 37 6.81 4.30 10.94
N ASN A 38 5.75 3.56 10.61
CA ASN A 38 5.09 2.70 11.57
C ASN A 38 3.96 1.90 10.89
N SER A 39 2.72 2.30 11.13
CA SER A 39 1.57 1.61 10.53
C SER A 39 0.66 2.60 9.80
N TYR A 40 0.45 2.39 8.51
CA TYR A 40 -0.39 3.26 7.70
C TYR A 40 -1.62 2.50 7.20
N THR A 41 -2.76 2.74 7.82
CA THR A 41 -4.01 2.08 7.44
C THR A 41 -5.03 3.08 6.92
N ILE A 42 -5.79 2.67 5.90
CA ILE A 42 -6.81 3.53 5.31
C ILE A 42 -8.12 3.41 6.07
N LYS A 43 -8.66 4.55 6.53
CA LYS A 43 -9.91 4.56 7.27
C LYS A 43 -11.08 4.99 6.39
N GLY A 44 -12.30 4.82 6.89
CA GLY A 44 -13.47 5.19 6.12
C GLY A 44 -13.84 4.16 5.07
N LEU A 45 -14.25 4.64 3.90
CA LEU A 45 -14.62 3.76 2.79
C LEU A 45 -15.73 2.79 3.20
N LYS A 46 -15.98 1.77 2.37
CA LYS A 46 -17.02 0.80 2.67
C LYS A 46 -16.68 -0.58 2.12
N PRO A 47 -17.12 -1.65 2.83
CA PRO A 47 -16.87 -3.03 2.42
C PRO A 47 -17.90 -3.57 1.43
N GLY A 48 -18.22 -2.76 0.43
CA GLY A 48 -19.17 -3.17 -0.59
C GLY A 48 -18.50 -3.37 -1.93
N VAL A 49 -17.32 -2.78 -2.07
CA VAL A 49 -16.55 -2.86 -3.31
C VAL A 49 -15.18 -3.50 -3.05
N VAL A 50 -14.77 -4.40 -3.94
CA VAL A 50 -13.48 -5.06 -3.81
C VAL A 50 -12.37 -4.12 -4.27
N TYR A 51 -11.20 -4.23 -3.64
CA TYR A 51 -10.08 -3.34 -3.98
C TYR A 51 -8.79 -4.12 -4.22
N GLU A 52 -7.97 -3.58 -5.12
CA GLU A 52 -6.68 -4.18 -5.44
C GLU A 52 -5.57 -3.26 -4.94
N GLY A 53 -4.62 -3.81 -4.19
CA GLY A 53 -3.55 -3.01 -3.65
C GLY A 53 -2.19 -3.34 -4.23
N GLN A 54 -1.42 -2.29 -4.53
CA GLN A 54 -0.08 -2.45 -5.09
C GLN A 54 0.90 -1.54 -4.36
N LEU A 55 1.96 -2.11 -3.81
CA LEU A 55 2.96 -1.33 -3.10
C LEU A 55 4.27 -1.25 -3.89
N ILE A 56 4.55 -0.06 -4.42
CA ILE A 56 5.77 0.15 -5.21
C ILE A 56 6.74 1.08 -4.50
N SER A 57 7.93 0.57 -4.21
CA SER A 57 8.97 1.34 -3.54
C SER A 57 9.96 1.88 -4.57
N ILE A 58 10.31 3.15 -4.44
CA ILE A 58 11.24 3.78 -5.37
C ILE A 58 12.53 4.16 -4.66
N GLN A 59 13.65 3.72 -5.25
CA GLN A 59 14.97 4.01 -4.70
C GLN A 59 15.57 5.23 -5.38
N GLN A 60 16.82 5.55 -5.02
CA GLN A 60 17.50 6.70 -5.59
C GLN A 60 17.84 6.45 -7.07
N TYR A 61 18.08 5.19 -7.41
CA TYR A 61 18.41 4.82 -8.78
C TYR A 61 17.18 4.23 -9.48
N GLY A 62 16.01 4.43 -8.89
CA GLY A 62 14.79 3.92 -9.47
C GLY A 62 14.12 2.88 -8.58
N HIS A 63 12.84 2.64 -8.81
CA HIS A 63 12.10 1.67 -8.00
C HIS A 63 12.71 0.28 -8.13
N GLN A 64 12.35 -0.61 -7.21
CA GLN A 64 12.87 -1.98 -7.22
C GLN A 64 12.08 -2.90 -6.30
N GLU A 65 10.97 -2.40 -5.75
CA GLU A 65 10.15 -3.21 -4.85
C GLU A 65 8.66 -3.03 -5.14
N VAL A 66 8.02 -4.10 -5.57
CA VAL A 66 6.59 -4.06 -5.87
C VAL A 66 5.87 -5.29 -5.30
N THR A 67 4.69 -5.06 -4.75
CA THR A 67 3.91 -6.14 -4.16
C THR A 67 2.43 -6.03 -4.54
N ARG A 68 1.83 -7.16 -4.91
CA ARG A 68 0.42 -7.18 -5.29
C ARG A 68 -0.40 -7.93 -4.25
N PHE A 69 -1.48 -7.30 -3.80
CA PHE A 69 -2.38 -7.90 -2.81
C PHE A 69 -3.76 -7.30 -2.90
N ASP A 70 -4.77 -8.16 -3.00
CA ASP A 70 -6.15 -7.70 -3.08
C ASP A 70 -6.78 -7.70 -1.70
N PHE A 71 -7.45 -6.60 -1.36
CA PHE A 71 -8.08 -6.47 -0.06
C PHE A 71 -9.48 -5.88 -0.17
N THR A 72 -10.35 -6.24 0.76
CA THR A 72 -11.74 -5.77 0.77
C THR A 72 -11.99 -4.79 1.90
N THR A 73 -13.15 -4.12 1.84
CA THR A 73 -13.57 -3.14 2.84
C THR A 73 -13.04 -1.75 2.51
N THR A 74 -13.51 -1.19 1.40
CA THR A 74 -13.11 0.14 0.97
C THR A 74 -13.67 0.49 -0.40
N SER A 75 -13.97 1.77 -0.61
CA SER A 75 -14.52 2.25 -1.87
C SER A 75 -13.67 3.38 -2.46
N THR A 76 -14.08 3.88 -3.62
CA THR A 76 -13.36 4.95 -4.30
C THR A 76 -13.61 6.29 -3.63
N SER A 77 -14.85 6.77 -3.70
CA SER A 77 -15.22 8.04 -3.10
C SER A 77 -16.67 8.04 -2.64
N THR A 78 -16.89 8.52 -1.41
CA THR A 78 -18.23 8.58 -0.84
C THR A 78 -18.44 9.89 -0.07
N PRO A 79 -18.51 11.02 -0.79
CA PRO A 79 -18.71 12.34 -0.17
C PRO A 79 -19.93 12.38 0.75
N GLY A 80 -21.11 12.54 0.16
CA GLY A 80 -22.33 12.60 0.94
C GLY A 80 -23.34 13.57 0.37
N SER A 81 -24.18 14.12 1.23
CA SER A 81 -25.20 15.08 0.81
C SER A 81 -24.89 16.48 1.34
N ARG A 82 -24.97 16.64 2.66
CA ARG A 82 -24.69 17.93 3.29
C ARG A 82 -24.18 17.73 4.72
N SER A 83 -22.89 18.01 4.91
CA SER A 83 -22.27 17.86 6.23
C SER A 83 -22.43 19.14 7.05
N HIS A 84 -21.76 20.20 6.62
CA HIS A 84 -21.82 21.49 7.31
C HIS A 84 -22.19 22.60 6.35
N HIS A 85 -23.36 23.20 6.57
CA HIS A 85 -23.85 24.28 5.72
C HIS A 85 -24.86 25.15 6.47
N HIS A 86 -25.71 25.83 5.72
CA HIS A 86 -26.72 26.70 6.31
C HIS A 86 -27.93 25.89 6.79
N HIS A 87 -27.78 24.57 6.83
CA HIS A 87 -28.85 23.69 7.27
C HIS A 87 -30.12 23.92 6.45
N HIS A 88 -30.12 23.40 5.22
CA HIS A 88 -31.27 23.53 4.33
C HIS A 88 -31.61 25.00 4.12
N HIS A 89 -30.76 25.71 3.36
CA HIS A 89 -30.98 27.11 3.08
C HIS A 89 -32.11 27.31 2.08
N MET A 1 23.02 -15.90 11.66
CA MET A 1 23.58 -14.60 12.11
C MET A 1 23.24 -13.49 11.12
N ARG A 2 21.99 -13.48 10.64
CA ARG A 2 21.55 -12.47 9.69
C ARG A 2 20.60 -11.48 10.35
N GLY A 3 21.14 -10.61 11.18
CA GLY A 3 20.32 -9.62 11.87
C GLY A 3 20.41 -8.25 11.24
N SER A 4 21.31 -7.41 11.75
CA SER A 4 21.49 -6.07 11.23
C SER A 4 22.47 -6.07 10.05
N ASN A 5 23.68 -6.57 10.30
CA ASN A 5 24.71 -6.63 9.26
C ASN A 5 25.07 -5.23 8.76
N ALA A 6 24.61 -4.21 9.48
CA ALA A 6 24.87 -2.83 9.10
C ALA A 6 24.42 -1.87 10.21
N PRO A 7 25.23 -0.84 10.51
CA PRO A 7 24.90 0.14 11.55
C PRO A 7 23.89 1.18 11.08
N GLN A 8 22.93 1.49 11.94
CA GLN A 8 21.87 2.47 11.64
C GLN A 8 20.98 1.98 10.49
N PRO A 9 19.66 2.20 10.60
CA PRO A 9 18.71 1.79 9.57
C PRO A 9 18.76 2.67 8.33
N SER A 10 18.43 2.08 7.18
CA SER A 10 18.45 2.82 5.92
C SER A 10 17.13 2.64 5.18
N HIS A 11 16.11 3.37 5.62
CA HIS A 11 14.79 3.29 4.99
C HIS A 11 14.85 3.71 3.53
N ILE A 12 13.89 3.24 2.74
CA ILE A 12 13.84 3.57 1.33
C ILE A 12 13.51 5.05 1.13
N SER A 13 14.00 5.62 0.03
CA SER A 13 13.76 7.03 -0.28
C SER A 13 12.28 7.36 -0.17
N LYS A 14 11.44 6.54 -0.80
CA LYS A 14 10.00 6.75 -0.75
C LYS A 14 9.24 5.55 -1.33
N TYR A 15 8.09 5.26 -0.74
CA TYR A 15 7.24 4.15 -1.17
C TYR A 15 6.03 4.69 -1.92
N ILE A 16 5.65 4.04 -3.01
CA ILE A 16 4.48 4.47 -3.78
C ILE A 16 3.38 3.43 -3.70
N LEU A 17 2.24 3.84 -3.14
CA LEU A 17 1.11 2.94 -3.03
C LEU A 17 0.04 3.31 -4.06
N ARG A 18 -0.16 2.42 -5.01
CA ARG A 18 -1.16 2.64 -6.05
C ARG A 18 -2.22 1.56 -6.00
N TRP A 19 -3.48 1.97 -5.96
CA TRP A 19 -4.56 1.00 -5.92
C TRP A 19 -5.83 1.53 -6.56
N ARG A 20 -6.72 0.61 -6.88
CA ARG A 20 -8.00 0.94 -7.50
C ARG A 20 -8.99 -0.20 -7.28
N PRO A 21 -10.31 0.06 -7.44
CA PRO A 21 -11.33 -0.98 -7.23
C PRO A 21 -11.10 -2.19 -8.13
N LYS A 22 -10.89 -3.34 -7.51
CA LYS A 22 -10.63 -4.57 -8.22
C LYS A 22 -11.83 -4.97 -9.09
N ASN A 23 -13.03 -4.60 -8.65
CA ASN A 23 -14.25 -4.92 -9.40
C ASN A 23 -14.72 -3.74 -10.24
N SER A 24 -14.65 -2.54 -9.67
CA SER A 24 -15.08 -1.33 -10.37
C SER A 24 -13.95 -0.73 -11.19
N VAL A 25 -14.32 0.10 -12.17
CA VAL A 25 -13.32 0.74 -13.03
C VAL A 25 -13.14 2.20 -12.65
N GLY A 26 -11.93 2.70 -12.82
CA GLY A 26 -11.63 4.09 -12.49
C GLY A 26 -10.14 4.37 -12.42
N ARG A 27 -9.79 5.51 -11.82
CA ARG A 27 -8.39 5.90 -11.69
C ARG A 27 -7.78 5.34 -10.41
N TRP A 28 -6.47 5.19 -10.40
CA TRP A 28 -5.75 4.67 -9.24
C TRP A 28 -5.54 5.77 -8.20
N LYS A 29 -4.77 5.45 -7.16
CA LYS A 29 -4.47 6.41 -6.11
C LYS A 29 -3.02 6.24 -5.67
N GLU A 30 -2.37 7.36 -5.34
CA GLU A 30 -0.97 7.30 -4.92
C GLU A 30 -0.78 7.84 -3.50
N ALA A 31 -0.03 7.08 -2.71
CA ALA A 31 0.26 7.46 -1.33
C ALA A 31 1.70 7.13 -0.99
N THR A 32 2.49 8.15 -0.66
CA THR A 32 3.90 7.94 -0.33
C THR A 32 4.10 7.58 1.12
N ILE A 33 4.89 6.54 1.35
CA ILE A 33 5.21 6.08 2.70
C ILE A 33 6.73 6.07 2.90
N PRO A 34 7.26 7.02 3.69
CA PRO A 34 8.70 7.13 3.94
C PRO A 34 9.25 5.92 4.69
N GLY A 35 9.94 5.05 3.96
CA GLY A 35 10.53 3.88 4.57
C GLY A 35 9.51 2.97 5.25
N HIS A 36 9.31 3.19 6.55
CA HIS A 36 8.36 2.39 7.30
C HIS A 36 7.67 3.21 8.38
N LEU A 37 6.38 3.44 8.21
CA LEU A 37 5.60 4.22 9.17
C LEU A 37 5.16 3.33 10.34
N ASN A 38 5.49 2.04 10.24
CA ASN A 38 5.13 1.05 11.26
C ASN A 38 3.65 0.69 11.17
N SER A 39 2.79 1.67 11.43
CA SER A 39 1.34 1.44 11.37
C SER A 39 0.68 2.46 10.44
N TYR A 40 0.28 1.99 9.25
CA TYR A 40 -0.37 2.85 8.27
C TYR A 40 -1.68 2.23 7.82
N THR A 41 -2.79 2.91 8.14
CA THR A 41 -4.11 2.41 7.76
C THR A 41 -4.84 3.41 6.88
N ILE A 42 -5.62 2.91 5.92
CA ILE A 42 -6.37 3.75 5.01
C ILE A 42 -7.79 3.95 5.53
N LYS A 43 -8.25 5.20 5.54
CA LYS A 43 -9.58 5.52 6.02
C LYS A 43 -10.48 5.99 4.87
N GLY A 44 -11.79 5.82 5.05
CA GLY A 44 -12.74 6.22 4.04
C GLY A 44 -13.15 5.09 3.12
N LEU A 45 -13.31 3.89 3.69
CA LEU A 45 -13.70 2.72 2.92
C LEU A 45 -14.92 2.04 3.54
N LYS A 46 -15.48 1.07 2.81
CA LYS A 46 -16.66 0.35 3.28
C LYS A 46 -16.67 -1.08 2.75
N PRO A 47 -17.00 -2.07 3.61
CA PRO A 47 -17.04 -3.48 3.21
C PRO A 47 -17.93 -3.72 2.01
N GLY A 48 -17.70 -4.84 1.31
CA GLY A 48 -18.50 -5.16 0.14
C GLY A 48 -17.70 -5.08 -1.16
N VAL A 49 -17.20 -3.90 -1.47
CA VAL A 49 -16.42 -3.68 -2.68
C VAL A 49 -14.99 -4.21 -2.51
N VAL A 50 -14.53 -4.95 -3.52
CA VAL A 50 -13.17 -5.50 -3.49
C VAL A 50 -12.17 -4.45 -3.97
N TYR A 51 -10.99 -4.47 -3.37
CA TYR A 51 -9.96 -3.49 -3.72
C TYR A 51 -8.65 -4.16 -4.13
N GLU A 52 -8.02 -3.62 -5.17
CA GLU A 52 -6.73 -4.14 -5.62
C GLU A 52 -5.65 -3.16 -5.20
N GLY A 53 -4.59 -3.66 -4.55
CA GLY A 53 -3.55 -2.77 -4.08
C GLY A 53 -2.16 -3.11 -4.60
N GLN A 54 -1.38 -2.07 -4.84
CA GLN A 54 -0.01 -2.22 -5.32
C GLN A 54 0.93 -1.32 -4.53
N LEU A 55 2.03 -1.90 -4.03
CA LEU A 55 3.00 -1.15 -3.24
C LEU A 55 4.40 -1.28 -3.84
N ILE A 56 4.87 -0.21 -4.48
CA ILE A 56 6.18 -0.21 -5.11
C ILE A 56 7.11 0.82 -4.47
N SER A 57 8.19 0.33 -3.86
CA SER A 57 9.17 1.20 -3.22
C SER A 57 10.15 1.74 -4.26
N ILE A 58 10.31 3.04 -4.28
CA ILE A 58 11.22 3.70 -5.22
C ILE A 58 12.41 4.33 -4.51
N GLN A 59 13.61 3.93 -4.92
CA GLN A 59 14.83 4.47 -4.32
C GLN A 59 15.50 5.46 -5.26
N GLN A 60 16.66 5.98 -4.85
CA GLN A 60 17.40 6.94 -5.67
C GLN A 60 17.90 6.29 -6.96
N TYR A 61 17.86 4.97 -7.01
CA TYR A 61 18.31 4.23 -8.18
C TYR A 61 17.12 3.77 -9.03
N GLY A 62 15.91 4.04 -8.55
CA GLY A 62 14.71 3.64 -9.27
C GLY A 62 13.91 2.60 -8.51
N HIS A 63 12.96 1.97 -9.21
CA HIS A 63 12.11 0.95 -8.60
C HIS A 63 12.94 -0.25 -8.17
N GLN A 64 12.61 -0.82 -7.01
CA GLN A 64 13.33 -1.98 -6.50
C GLN A 64 12.39 -2.94 -5.79
N GLU A 65 11.60 -2.42 -4.86
CA GLU A 65 10.66 -3.24 -4.10
C GLU A 65 9.26 -3.18 -4.68
N VAL A 66 8.70 -4.34 -4.97
CA VAL A 66 7.35 -4.42 -5.54
C VAL A 66 6.53 -5.51 -4.84
N THR A 67 5.39 -5.11 -4.29
CA THR A 67 4.51 -6.05 -3.59
C THR A 67 3.04 -5.81 -3.96
N ARG A 68 2.34 -6.88 -4.32
CA ARG A 68 0.94 -6.79 -4.69
C ARG A 68 0.05 -7.46 -3.64
N PHE A 69 -1.09 -6.83 -3.34
CA PHE A 69 -2.02 -7.37 -2.35
C PHE A 69 -3.44 -6.86 -2.58
N ASP A 70 -4.39 -7.78 -2.65
CA ASP A 70 -5.78 -7.43 -2.85
C ASP A 70 -6.49 -7.39 -1.51
N PHE A 71 -7.11 -6.26 -1.20
CA PHE A 71 -7.81 -6.08 0.07
C PHE A 71 -9.25 -5.67 -0.13
N THR A 72 -10.06 -5.82 0.91
CA THR A 72 -11.47 -5.47 0.86
C THR A 72 -11.76 -4.21 1.66
N THR A 73 -12.97 -3.67 1.48
CA THR A 73 -13.42 -2.45 2.17
C THR A 73 -12.97 -1.21 1.43
N THR A 74 -13.91 -0.61 0.69
CA THR A 74 -13.64 0.59 -0.09
C THR A 74 -14.87 1.50 -0.13
N SER A 75 -14.65 2.80 -0.30
CA SER A 75 -15.77 3.74 -0.35
C SER A 75 -15.38 5.06 -1.02
N THR A 76 -14.10 5.21 -1.34
CA THR A 76 -13.63 6.43 -1.98
C THR A 76 -14.11 6.50 -3.43
N SER A 77 -13.23 6.21 -4.38
CA SER A 77 -13.59 6.25 -5.81
C SER A 77 -14.38 7.50 -6.14
N THR A 78 -13.70 8.64 -6.21
CA THR A 78 -14.35 9.91 -6.52
C THR A 78 -13.47 10.79 -7.40
N PRO A 79 -13.76 10.84 -8.71
CA PRO A 79 -12.98 11.64 -9.67
C PRO A 79 -13.28 13.13 -9.53
N GLY A 80 -14.52 13.50 -9.84
CA GLY A 80 -14.92 14.90 -9.75
C GLY A 80 -15.31 15.48 -11.10
N SER A 81 -15.09 16.78 -11.27
CA SER A 81 -15.41 17.45 -12.52
C SER A 81 -14.16 17.90 -13.25
N ARG A 82 -13.58 19.01 -12.81
CA ARG A 82 -12.37 19.55 -13.41
C ARG A 82 -11.17 19.38 -12.49
N SER A 83 -11.29 19.92 -11.28
CA SER A 83 -10.21 19.83 -10.30
C SER A 83 -10.73 20.09 -8.89
N HIS A 84 -11.38 21.24 -8.71
CA HIS A 84 -11.92 21.62 -7.41
C HIS A 84 -13.38 22.07 -7.53
N HIS A 85 -13.77 23.01 -6.68
CA HIS A 85 -15.14 23.54 -6.68
C HIS A 85 -16.15 22.46 -6.32
N HIS A 86 -16.68 22.54 -5.10
CA HIS A 86 -17.65 21.57 -4.63
C HIS A 86 -18.81 22.27 -3.90
N HIS A 87 -20.03 21.94 -4.29
CA HIS A 87 -21.21 22.55 -3.68
C HIS A 87 -22.13 21.47 -3.10
N HIS A 88 -22.18 21.42 -1.76
CA HIS A 88 -23.02 20.44 -1.07
C HIS A 88 -23.13 20.78 0.42
N HIS A 89 -24.14 21.57 0.77
CA HIS A 89 -24.35 21.95 2.16
C HIS A 89 -25.82 21.81 2.54
N MET A 1 8.41 14.73 16.31
CA MET A 1 9.88 14.83 16.58
C MET A 1 10.37 13.65 17.39
N ARG A 2 10.13 12.44 16.88
CA ARG A 2 10.55 11.23 17.55
C ARG A 2 11.99 10.87 17.21
N GLY A 3 12.37 9.61 17.44
CA GLY A 3 13.72 9.17 17.15
C GLY A 3 14.52 8.92 18.40
N SER A 4 14.08 9.49 19.52
CA SER A 4 14.78 9.33 20.79
C SER A 4 14.66 7.89 21.29
N ASN A 5 15.80 7.20 21.33
CA ASN A 5 15.85 5.82 21.79
C ASN A 5 15.01 4.91 20.89
N ALA A 6 15.17 3.60 21.07
CA ALA A 6 14.44 2.62 20.28
C ALA A 6 14.66 2.84 18.78
N PRO A 7 15.80 2.36 18.24
CA PRO A 7 16.13 2.51 16.82
C PRO A 7 15.06 1.90 15.92
N GLN A 8 14.48 2.72 15.06
CA GLN A 8 13.43 2.26 14.14
C GLN A 8 13.92 2.31 12.69
N PRO A 9 13.49 1.33 11.87
CA PRO A 9 13.89 1.27 10.46
C PRO A 9 13.05 2.20 9.59
N SER A 10 13.70 2.81 8.59
CA SER A 10 13.00 3.71 7.68
C SER A 10 12.70 3.02 6.36
N HIS A 11 13.14 1.77 6.22
CA HIS A 11 12.93 0.99 5.01
C HIS A 11 13.46 1.74 3.78
N ILE A 12 12.69 1.73 2.70
CA ILE A 12 13.09 2.40 1.47
C ILE A 12 13.12 3.92 1.66
N SER A 13 13.90 4.61 0.83
CA SER A 13 13.98 6.06 0.91
C SER A 13 12.57 6.63 0.84
N LYS A 14 11.77 6.05 -0.05
CA LYS A 14 10.38 6.46 -0.22
C LYS A 14 9.61 5.37 -0.95
N TYR A 15 8.35 5.16 -0.57
CA TYR A 15 7.53 4.14 -1.21
C TYR A 15 6.25 4.77 -1.79
N ILE A 16 5.70 4.15 -2.84
CA ILE A 16 4.47 4.64 -3.46
C ILE A 16 3.37 3.59 -3.40
N LEU A 17 2.25 3.95 -2.79
CA LEU A 17 1.13 3.04 -2.66
C LEU A 17 0.02 3.42 -3.62
N ARG A 18 -0.23 2.54 -4.58
CA ARG A 18 -1.28 2.79 -5.57
C ARG A 18 -2.37 1.74 -5.46
N TRP A 19 -3.62 2.21 -5.40
CA TRP A 19 -4.75 1.32 -5.29
C TRP A 19 -5.93 1.81 -6.14
N ARG A 20 -6.78 0.87 -6.53
CA ARG A 20 -7.96 1.17 -7.34
C ARG A 20 -8.98 0.05 -7.20
N PRO A 21 -10.29 0.36 -7.25
CA PRO A 21 -11.34 -0.65 -7.12
C PRO A 21 -11.22 -1.72 -8.21
N LYS A 22 -10.94 -2.96 -7.79
CA LYS A 22 -10.80 -4.07 -8.72
C LYS A 22 -12.11 -4.38 -9.43
N ASN A 23 -13.22 -4.25 -8.70
CA ASN A 23 -14.53 -4.53 -9.26
C ASN A 23 -15.16 -3.29 -9.87
N SER A 24 -15.06 -2.17 -9.17
CA SER A 24 -15.63 -0.90 -9.65
C SER A 24 -14.71 -0.26 -10.69
N VAL A 25 -13.60 -0.94 -10.98
CA VAL A 25 -12.62 -0.46 -11.96
C VAL A 25 -12.58 1.07 -12.04
N GLY A 26 -12.19 1.70 -10.94
CA GLY A 26 -12.11 3.15 -10.90
C GLY A 26 -10.71 3.66 -11.17
N ARG A 27 -10.41 4.85 -10.63
CA ARG A 27 -9.09 5.44 -10.82
C ARG A 27 -8.12 4.99 -9.72
N TRP A 28 -6.83 5.22 -9.94
CA TRP A 28 -5.80 4.84 -8.98
C TRP A 28 -5.50 5.99 -8.03
N LYS A 29 -4.69 5.70 -7.02
CA LYS A 29 -4.30 6.70 -6.03
C LYS A 29 -2.94 6.35 -5.45
N GLU A 30 -1.99 7.27 -5.55
CA GLU A 30 -0.63 7.01 -5.05
C GLU A 30 -0.23 7.99 -3.96
N ALA A 31 0.28 7.43 -2.85
CA ALA A 31 0.72 8.23 -1.72
C ALA A 31 2.14 7.80 -1.33
N THR A 32 3.00 8.77 -1.04
CA THR A 32 4.37 8.45 -0.67
C THR A 32 4.50 8.16 0.82
N ILE A 33 4.86 6.92 1.12
CA ILE A 33 5.06 6.48 2.47
C ILE A 33 6.41 5.78 2.56
N PRO A 34 7.40 6.39 3.24
CA PRO A 34 8.73 5.80 3.36
C PRO A 34 8.68 4.37 3.91
N GLY A 35 8.36 3.43 3.02
CA GLY A 35 8.25 2.03 3.40
C GLY A 35 7.49 1.82 4.69
N HIS A 36 6.44 2.60 4.89
CA HIS A 36 5.61 2.50 6.10
C HIS A 36 6.45 2.75 7.36
N LEU A 37 6.40 3.98 7.84
CA LEU A 37 7.16 4.36 9.03
C LEU A 37 6.57 3.75 10.30
N ASN A 38 5.25 3.57 10.31
CA ASN A 38 4.57 2.99 11.47
C ASN A 38 3.15 2.54 11.10
N SER A 39 2.19 3.45 11.25
CA SER A 39 0.80 3.14 10.95
C SER A 39 0.25 4.12 9.92
N TYR A 40 -0.27 3.60 8.82
CA TYR A 40 -0.83 4.43 7.77
C TYR A 40 -2.23 3.96 7.40
N THR A 41 -3.21 4.86 7.57
CA THR A 41 -4.59 4.53 7.25
C THR A 41 -4.98 5.09 5.88
N ILE A 42 -5.85 4.38 5.18
CA ILE A 42 -6.30 4.81 3.86
C ILE A 42 -7.74 5.32 3.90
N LYS A 43 -7.91 6.61 3.63
CA LYS A 43 -9.22 7.26 3.62
C LYS A 43 -10.24 6.54 4.50
N GLY A 44 -11.39 6.18 3.94
CA GLY A 44 -12.42 5.49 4.71
C GLY A 44 -13.32 4.64 3.84
N LEU A 45 -12.83 3.45 3.49
CA LEU A 45 -13.60 2.52 2.66
C LEU A 45 -14.81 1.99 3.41
N LYS A 46 -15.28 0.81 3.00
CA LYS A 46 -16.44 0.18 3.64
C LYS A 46 -16.41 -1.34 3.43
N PRO A 47 -16.78 -2.11 4.46
CA PRO A 47 -16.80 -3.57 4.39
C PRO A 47 -17.67 -4.09 3.25
N GLY A 48 -17.04 -4.60 2.20
CA GLY A 48 -17.78 -5.12 1.07
C GLY A 48 -17.24 -4.65 -0.26
N VAL A 49 -16.23 -3.78 -0.23
CA VAL A 49 -15.62 -3.26 -1.44
C VAL A 49 -14.27 -3.92 -1.70
N VAL A 50 -14.18 -4.66 -2.80
CA VAL A 50 -12.93 -5.32 -3.16
C VAL A 50 -12.00 -4.36 -3.88
N TYR A 51 -10.85 -4.09 -3.26
CA TYR A 51 -9.89 -3.16 -3.84
C TYR A 51 -8.66 -3.89 -4.35
N GLU A 52 -7.83 -3.16 -5.08
CA GLU A 52 -6.59 -3.71 -5.63
C GLU A 52 -5.42 -2.85 -5.17
N GLY A 53 -4.39 -3.49 -4.63
CA GLY A 53 -3.25 -2.75 -4.14
C GLY A 53 -1.92 -3.36 -4.51
N GLN A 54 -0.98 -2.51 -4.87
CA GLN A 54 0.37 -2.95 -5.24
C GLN A 54 1.40 -2.11 -4.50
N LEU A 55 2.45 -2.76 -4.00
CA LEU A 55 3.49 -2.05 -3.27
C LEU A 55 4.69 -1.78 -4.18
N ILE A 56 4.84 -0.53 -4.60
CA ILE A 56 5.98 -0.15 -5.43
C ILE A 56 6.84 0.84 -4.66
N SER A 57 8.04 0.42 -4.32
CA SER A 57 8.95 1.23 -3.54
C SER A 57 10.09 1.79 -4.39
N ILE A 58 10.36 3.07 -4.22
CA ILE A 58 11.42 3.74 -4.96
C ILE A 58 12.55 4.21 -4.04
N GLN A 59 13.77 3.80 -4.37
CA GLN A 59 14.94 4.19 -3.59
C GLN A 59 15.63 5.37 -4.25
N GLN A 60 16.73 5.82 -3.66
CA GLN A 60 17.48 6.95 -4.21
C GLN A 60 18.10 6.55 -5.55
N TYR A 61 18.16 5.24 -5.79
CA TYR A 61 18.72 4.71 -7.03
C TYR A 61 17.61 4.26 -7.98
N GLY A 62 16.37 4.33 -7.51
CA GLY A 62 15.23 3.92 -8.33
C GLY A 62 14.38 2.86 -7.66
N HIS A 63 13.22 2.56 -8.26
CA HIS A 63 12.32 1.56 -7.71
C HIS A 63 12.97 0.18 -7.68
N GLN A 64 12.76 -0.56 -6.60
CA GLN A 64 13.34 -1.90 -6.46
C GLN A 64 12.41 -2.85 -5.70
N GLU A 65 11.17 -2.43 -5.47
CA GLU A 65 10.23 -3.28 -4.75
C GLU A 65 8.81 -3.17 -5.31
N VAL A 66 8.31 -4.26 -5.87
CA VAL A 66 6.96 -4.28 -6.42
C VAL A 66 6.22 -5.56 -6.04
N THR A 67 5.04 -5.42 -5.45
CA THR A 67 4.22 -6.57 -5.06
C THR A 67 2.76 -6.36 -5.41
N ARG A 68 2.15 -7.36 -6.05
CA ARG A 68 0.75 -7.27 -6.46
C ARG A 68 -0.13 -8.17 -5.58
N PHE A 69 -1.16 -7.58 -4.98
CA PHE A 69 -2.08 -8.33 -4.14
C PHE A 69 -3.44 -7.64 -4.05
N ASP A 70 -4.50 -8.43 -4.20
CA ASP A 70 -5.85 -7.92 -4.13
C ASP A 70 -6.39 -8.10 -2.72
N PHE A 71 -7.12 -7.12 -2.22
CA PHE A 71 -7.65 -7.18 -0.86
C PHE A 71 -9.04 -6.56 -0.76
N THR A 72 -9.89 -7.17 0.06
CA THR A 72 -11.25 -6.68 0.26
C THR A 72 -11.35 -5.94 1.59
N THR A 73 -12.00 -4.78 1.56
CA THR A 73 -12.18 -3.96 2.76
C THR A 73 -10.83 -3.50 3.31
N THR A 74 -10.80 -2.27 3.83
CA THR A 74 -9.58 -1.71 4.39
C THR A 74 -9.89 -0.66 5.44
N SER A 75 -11.15 -0.22 5.49
CA SER A 75 -11.58 0.77 6.45
C SER A 75 -11.66 0.18 7.86
N THR A 76 -11.96 1.03 8.84
CA THR A 76 -12.07 0.59 10.22
C THR A 76 -13.46 0.82 10.78
N SER A 77 -14.38 1.24 9.90
CA SER A 77 -15.76 1.50 10.29
C SER A 77 -15.82 2.53 11.42
N THR A 78 -15.74 3.81 11.06
CA THR A 78 -15.79 4.88 12.04
C THR A 78 -16.50 6.11 11.48
N PRO A 79 -17.81 6.24 11.76
CA PRO A 79 -18.61 7.38 11.28
C PRO A 79 -18.25 8.67 12.01
N GLY A 80 -18.66 9.80 11.43
CA GLY A 80 -18.37 11.09 12.03
C GLY A 80 -18.76 12.26 11.15
N SER A 81 -18.36 12.21 9.89
CA SER A 81 -18.67 13.28 8.94
C SER A 81 -19.47 12.73 7.76
N ARG A 82 -20.18 13.63 7.08
CA ARG A 82 -20.99 13.24 5.92
C ARG A 82 -20.55 14.03 4.68
N SER A 83 -20.14 15.27 4.88
CA SER A 83 -19.69 16.12 3.78
C SER A 83 -18.39 15.57 3.19
N HIS A 84 -18.27 15.67 1.87
CA HIS A 84 -17.07 15.19 1.19
C HIS A 84 -16.71 16.08 0.01
N HIS A 85 -15.91 17.11 0.28
CA HIS A 85 -15.47 18.05 -0.76
C HIS A 85 -16.66 18.58 -1.55
N HIS A 86 -17.28 19.64 -1.03
CA HIS A 86 -18.43 20.25 -1.69
C HIS A 86 -18.31 21.76 -1.71
N HIS A 87 -18.78 22.42 -0.64
CA HIS A 87 -18.71 23.87 -0.55
C HIS A 87 -18.94 24.33 0.89
N HIS A 88 -18.59 25.59 1.15
CA HIS A 88 -18.75 26.17 2.48
C HIS A 88 -18.78 27.69 2.41
N HIS A 89 -19.60 28.31 3.25
CA HIS A 89 -19.71 29.76 3.29
C HIS A 89 -20.34 30.22 4.60
N MET A 1 5.24 0.14 20.18
CA MET A 1 4.92 -1.31 20.22
C MET A 1 5.89 -2.11 19.37
N ARG A 2 6.52 -1.45 18.41
CA ARG A 2 7.48 -2.11 17.54
C ARG A 2 8.70 -1.21 17.28
N GLY A 3 9.71 -1.34 18.13
CA GLY A 3 10.91 -0.54 18.00
C GLY A 3 11.30 0.15 19.29
N SER A 4 12.26 -0.43 19.99
CA SER A 4 12.72 0.14 21.26
C SER A 4 14.26 0.18 21.31
N ASN A 5 14.81 1.30 20.83
CA ASN A 5 16.27 1.48 20.82
C ASN A 5 16.96 0.33 20.10
N ALA A 6 16.85 0.32 18.77
CA ALA A 6 17.47 -0.72 17.97
C ALA A 6 18.07 -0.13 16.69
N PRO A 7 19.36 -0.44 16.40
CA PRO A 7 20.04 0.06 15.21
C PRO A 7 19.42 -0.48 13.93
N GLN A 8 18.90 0.42 13.11
CA GLN A 8 18.28 0.05 11.84
C GLN A 8 18.98 0.71 10.66
N PRO A 9 19.10 0.01 9.52
CA PRO A 9 19.75 0.55 8.33
C PRO A 9 18.89 1.58 7.62
N SER A 10 19.49 2.28 6.65
CA SER A 10 18.79 3.31 5.89
C SER A 10 17.63 2.69 5.11
N HIS A 11 16.43 3.24 5.29
CA HIS A 11 15.25 2.75 4.60
C HIS A 11 15.26 3.17 3.13
N ILE A 12 14.13 2.96 2.45
CA ILE A 12 14.00 3.32 1.05
C ILE A 12 13.72 4.80 0.89
N SER A 13 14.09 5.34 -0.28
CA SER A 13 13.86 6.76 -0.56
C SER A 13 12.39 7.11 -0.33
N LYS A 14 11.50 6.28 -0.88
CA LYS A 14 10.07 6.48 -0.74
C LYS A 14 9.28 5.29 -1.29
N TYR A 15 8.17 4.97 -0.64
CA TYR A 15 7.31 3.87 -1.05
C TYR A 15 6.04 4.42 -1.70
N ILE A 16 5.55 3.73 -2.71
CA ILE A 16 4.32 4.15 -3.39
C ILE A 16 3.22 3.11 -3.22
N LEU A 17 2.13 3.53 -2.58
CA LEU A 17 1.00 2.64 -2.37
C LEU A 17 -0.14 3.02 -3.31
N ARG A 18 -0.47 2.12 -4.23
CA ARG A 18 -1.52 2.37 -5.19
C ARG A 18 -2.67 1.38 -5.06
N TRP A 19 -3.88 1.90 -4.95
CA TRP A 19 -5.05 1.06 -4.83
C TRP A 19 -6.21 1.60 -5.64
N ARG A 20 -7.02 0.70 -6.13
CA ARG A 20 -8.18 1.05 -6.94
C ARG A 20 -9.16 -0.11 -7.00
N PRO A 21 -10.46 0.16 -7.19
CA PRO A 21 -11.49 -0.88 -7.26
C PRO A 21 -11.21 -1.88 -8.38
N LYS A 22 -10.86 -3.10 -7.99
CA LYS A 22 -10.57 -4.17 -8.96
C LYS A 22 -11.81 -4.54 -9.76
N ASN A 23 -12.97 -4.44 -9.14
CA ASN A 23 -14.23 -4.77 -9.80
C ASN A 23 -14.85 -3.55 -10.47
N SER A 24 -14.73 -2.39 -9.82
CA SER A 24 -15.28 -1.16 -10.35
C SER A 24 -14.28 -0.45 -11.27
N VAL A 25 -14.51 0.83 -11.51
CA VAL A 25 -13.63 1.63 -12.36
C VAL A 25 -12.21 1.69 -11.81
N GLY A 26 -11.28 2.15 -12.63
CA GLY A 26 -9.89 2.25 -12.20
C GLY A 26 -9.65 3.41 -11.25
N ARG A 27 -8.97 4.44 -11.75
CA ARG A 27 -8.66 5.61 -10.94
C ARG A 27 -7.84 5.25 -9.71
N TRP A 28 -6.62 4.80 -9.96
CA TRP A 28 -5.71 4.41 -8.88
C TRP A 28 -5.48 5.56 -7.91
N LYS A 29 -4.88 5.27 -6.76
CA LYS A 29 -4.56 6.29 -5.76
C LYS A 29 -3.17 6.02 -5.22
N GLU A 30 -2.34 7.06 -5.10
CA GLU A 30 -0.98 6.89 -4.62
C GLU A 30 -0.71 7.65 -3.33
N ALA A 31 -0.02 6.97 -2.41
CA ALA A 31 0.36 7.55 -1.13
C ALA A 31 1.79 7.14 -0.79
N THR A 32 2.66 8.13 -0.63
CA THR A 32 4.07 7.85 -0.34
C THR A 32 4.32 7.66 1.14
N ILE A 33 5.04 6.58 1.46
CA ILE A 33 5.41 6.27 2.84
C ILE A 33 6.89 5.92 2.90
N PRO A 34 7.72 6.82 3.46
CA PRO A 34 9.17 6.60 3.57
C PRO A 34 9.52 5.38 4.42
N GLY A 35 9.51 4.21 3.79
CA GLY A 35 9.83 2.99 4.50
C GLY A 35 8.89 2.71 5.66
N HIS A 36 7.69 3.26 5.59
CA HIS A 36 6.69 3.08 6.63
C HIS A 36 7.18 3.62 7.98
N LEU A 37 6.64 4.76 8.38
CA LEU A 37 7.03 5.38 9.65
C LEU A 37 6.37 4.65 10.82
N ASN A 38 5.18 4.11 10.57
CA ASN A 38 4.43 3.37 11.60
C ASN A 38 3.14 2.83 11.00
N SER A 39 2.09 2.73 11.82
CA SER A 39 0.81 2.23 11.34
C SER A 39 0.09 3.30 10.53
N TYR A 40 0.08 3.12 9.21
CA TYR A 40 -0.57 4.06 8.31
C TYR A 40 -1.91 3.54 7.84
N THR A 41 -2.99 4.22 8.22
CA THR A 41 -4.33 3.82 7.83
C THR A 41 -4.84 4.70 6.68
N ILE A 42 -5.65 4.13 5.81
CA ILE A 42 -6.20 4.88 4.69
C ILE A 42 -7.69 5.16 4.90
N LYS A 43 -8.02 6.45 5.05
CA LYS A 43 -9.39 6.88 5.26
C LYS A 43 -10.18 5.87 6.10
N GLY A 44 -11.36 5.48 5.62
CA GLY A 44 -12.18 4.53 6.34
C GLY A 44 -12.64 3.37 5.48
N LEU A 45 -13.07 3.68 4.26
CA LEU A 45 -13.54 2.65 3.32
C LEU A 45 -14.66 1.82 3.95
N LYS A 46 -15.14 0.81 3.22
CA LYS A 46 -16.22 -0.04 3.74
C LYS A 46 -16.28 -1.38 3.00
N PRO A 47 -16.60 -2.47 3.73
CA PRO A 47 -16.71 -3.81 3.13
C PRO A 47 -17.73 -3.86 2.00
N GLY A 48 -17.43 -4.64 0.97
CA GLY A 48 -18.33 -4.75 -0.17
C GLY A 48 -17.66 -4.42 -1.48
N VAL A 49 -16.67 -3.53 -1.43
CA VAL A 49 -15.93 -3.13 -2.62
C VAL A 49 -14.63 -3.91 -2.77
N VAL A 50 -14.35 -4.37 -3.98
CA VAL A 50 -13.13 -5.11 -4.25
C VAL A 50 -12.03 -4.15 -4.66
N TYR A 51 -10.96 -4.10 -3.88
CA TYR A 51 -9.85 -3.20 -4.16
C TYR A 51 -8.64 -3.95 -4.68
N GLU A 52 -7.71 -3.19 -5.24
CA GLU A 52 -6.47 -3.74 -5.76
C GLU A 52 -5.31 -3.03 -5.07
N GLY A 53 -4.36 -3.79 -4.53
CA GLY A 53 -3.25 -3.18 -3.84
C GLY A 53 -1.93 -3.43 -4.51
N GLN A 54 -1.14 -2.37 -4.68
CA GLN A 54 0.17 -2.50 -5.30
C GLN A 54 1.18 -1.72 -4.48
N LEU A 55 2.11 -2.42 -3.86
CA LEU A 55 3.13 -1.76 -3.06
C LEU A 55 4.47 -1.79 -3.78
N ILE A 56 4.86 -0.64 -4.32
CA ILE A 56 6.13 -0.52 -5.03
C ILE A 56 7.06 0.46 -4.34
N SER A 57 8.18 -0.05 -3.83
CA SER A 57 9.16 0.78 -3.16
C SER A 57 10.18 1.32 -4.14
N ILE A 58 10.22 2.63 -4.30
CA ILE A 58 11.14 3.26 -5.24
C ILE A 58 12.34 3.87 -4.51
N GLN A 59 13.52 3.41 -4.88
CA GLN A 59 14.76 3.91 -4.28
C GLN A 59 15.13 5.25 -4.90
N GLN A 60 16.29 5.77 -4.51
CA GLN A 60 16.75 7.05 -5.03
C GLN A 60 17.15 6.96 -6.50
N TYR A 61 17.62 5.79 -6.92
CA TYR A 61 18.04 5.60 -8.31
C TYR A 61 17.00 4.82 -9.12
N GLY A 62 15.89 4.45 -8.48
CA GLY A 62 14.85 3.72 -9.18
C GLY A 62 14.16 2.70 -8.29
N HIS A 63 13.06 2.13 -8.80
CA HIS A 63 12.30 1.14 -8.07
C HIS A 63 13.00 -0.22 -8.07
N GLN A 64 12.68 -1.04 -7.07
CA GLN A 64 13.27 -2.38 -6.95
C GLN A 64 12.36 -3.33 -6.20
N GLU A 65 11.51 -2.79 -5.33
CA GLU A 65 10.59 -3.60 -4.54
C GLU A 65 9.15 -3.44 -5.04
N VAL A 66 8.55 -4.54 -5.48
CA VAL A 66 7.18 -4.51 -5.97
C VAL A 66 6.37 -5.69 -5.44
N THR A 67 5.17 -5.40 -4.94
CA THR A 67 4.30 -6.45 -4.40
C THR A 67 2.84 -6.25 -4.84
N ARG A 68 2.21 -7.31 -5.31
CA ARG A 68 0.82 -7.25 -5.75
C ARG A 68 -0.10 -8.04 -4.83
N PHE A 69 -1.17 -7.40 -4.38
CA PHE A 69 -2.14 -8.03 -3.48
C PHE A 69 -3.52 -7.37 -3.58
N ASP A 70 -4.54 -8.19 -3.79
CA ASP A 70 -5.91 -7.67 -3.88
C ASP A 70 -6.59 -7.79 -2.53
N PHE A 71 -7.31 -6.74 -2.14
CA PHE A 71 -8.01 -6.74 -0.86
C PHE A 71 -9.36 -6.04 -0.97
N THR A 72 -10.25 -6.33 -0.04
CA THR A 72 -11.60 -5.74 -0.04
C THR A 72 -11.77 -4.73 1.08
N THR A 73 -12.88 -3.98 1.01
CA THR A 73 -13.26 -2.94 1.99
C THR A 73 -12.86 -1.55 1.50
N THR A 74 -13.76 -0.94 0.74
CA THR A 74 -13.52 0.40 0.19
C THR A 74 -14.80 1.25 0.22
N SER A 75 -14.69 2.51 -0.17
CA SER A 75 -15.84 3.41 -0.19
C SER A 75 -15.55 4.69 -0.97
N THR A 76 -14.58 5.46 -0.46
CA THR A 76 -14.19 6.72 -1.09
C THR A 76 -15.38 7.69 -1.15
N SER A 77 -15.32 8.73 -0.32
CA SER A 77 -16.38 9.73 -0.27
C SER A 77 -16.61 10.34 -1.65
N THR A 78 -15.54 10.89 -2.22
CA THR A 78 -15.60 11.50 -3.55
C THR A 78 -16.78 12.47 -3.67
N PRO A 79 -16.67 13.66 -3.08
CA PRO A 79 -17.73 14.67 -3.13
C PRO A 79 -17.75 15.42 -4.46
N GLY A 80 -16.74 15.20 -5.28
CA GLY A 80 -16.65 15.86 -6.57
C GLY A 80 -16.61 14.89 -7.72
N SER A 81 -15.42 14.71 -8.30
CA SER A 81 -15.26 13.79 -9.42
C SER A 81 -13.80 13.40 -9.61
N ARG A 82 -12.90 14.18 -9.00
CA ARG A 82 -11.48 13.92 -9.10
C ARG A 82 -10.84 13.80 -7.72
N SER A 83 -11.63 14.10 -6.69
CA SER A 83 -11.15 14.03 -5.31
C SER A 83 -9.92 14.93 -5.11
N HIS A 84 -9.12 14.60 -4.10
CA HIS A 84 -7.91 15.36 -3.78
C HIS A 84 -8.25 16.79 -3.38
N HIS A 85 -8.08 17.09 -2.09
CA HIS A 85 -8.37 18.42 -1.57
C HIS A 85 -7.09 19.17 -1.20
N HIS A 86 -5.97 18.47 -1.25
CA HIS A 86 -4.68 19.06 -0.91
C HIS A 86 -3.86 19.35 -2.18
N HIS A 87 -2.54 19.30 -2.05
CA HIS A 87 -1.65 19.55 -3.18
C HIS A 87 -1.83 20.97 -3.71
N HIS A 88 -1.20 21.26 -4.84
CA HIS A 88 -1.29 22.59 -5.44
C HIS A 88 -2.64 22.78 -6.13
N HIS A 89 -3.16 21.70 -6.71
CA HIS A 89 -4.44 21.75 -7.41
C HIS A 89 -5.03 20.36 -7.55
N MET A 1 24.09 20.26 26.52
CA MET A 1 22.64 20.04 26.24
C MET A 1 22.45 19.00 25.14
N ARG A 2 22.54 19.44 23.89
CA ARG A 2 22.38 18.55 22.74
C ARG A 2 23.72 18.08 22.22
N GLY A 3 23.76 16.83 21.74
CA GLY A 3 25.00 16.27 21.23
C GLY A 3 24.77 15.30 20.10
N SER A 4 25.54 15.45 19.02
CA SER A 4 25.42 14.57 17.86
C SER A 4 26.48 13.47 17.90
N ASN A 5 26.06 12.24 17.59
CA ASN A 5 26.97 11.10 17.59
C ASN A 5 27.22 10.60 16.17
N ALA A 6 26.17 10.13 15.51
CA ALA A 6 26.28 9.62 14.15
C ALA A 6 25.00 9.87 13.35
N PRO A 7 24.99 10.90 12.50
CA PRO A 7 23.82 11.24 11.68
C PRO A 7 23.55 10.19 10.60
N GLN A 8 22.37 9.59 10.67
CA GLN A 8 21.98 8.56 9.69
C GLN A 8 20.73 9.00 8.92
N PRO A 9 20.65 8.63 7.63
CA PRO A 9 19.50 8.98 6.79
C PRO A 9 18.27 8.13 7.08
N SER A 10 17.34 8.08 6.14
CA SER A 10 16.13 7.31 6.30
C SER A 10 16.26 5.94 5.64
N HIS A 11 15.17 5.19 5.60
CA HIS A 11 15.16 3.87 4.99
C HIS A 11 15.19 3.97 3.46
N ILE A 12 14.02 4.00 2.85
CA ILE A 12 13.91 4.11 1.41
C ILE A 12 13.58 5.54 0.99
N SER A 13 14.07 5.95 -0.18
CA SER A 13 13.82 7.30 -0.68
C SER A 13 12.36 7.67 -0.49
N LYS A 14 11.47 6.77 -0.94
CA LYS A 14 10.04 6.98 -0.82
C LYS A 14 9.28 5.75 -1.31
N TYR A 15 8.16 5.45 -0.65
CA TYR A 15 7.33 4.32 -1.03
C TYR A 15 6.00 4.81 -1.60
N ILE A 16 5.58 4.21 -2.70
CA ILE A 16 4.34 4.61 -3.34
C ILE A 16 3.31 3.49 -3.27
N LEU A 17 2.17 3.79 -2.65
CA LEU A 17 1.08 2.84 -2.52
C LEU A 17 -0.02 3.19 -3.50
N ARG A 18 -0.26 2.32 -4.47
CA ARG A 18 -1.30 2.55 -5.46
C ARG A 18 -2.33 1.42 -5.45
N TRP A 19 -3.60 1.79 -5.35
CA TRP A 19 -4.66 0.80 -5.33
C TRP A 19 -5.92 1.35 -5.98
N ARG A 20 -6.79 0.44 -6.42
CA ARG A 20 -8.03 0.81 -7.07
C ARG A 20 -9.03 -0.35 -7.03
N PRO A 21 -10.32 -0.09 -7.25
CA PRO A 21 -11.35 -1.14 -7.23
C PRO A 21 -11.07 -2.23 -8.26
N LYS A 22 -10.74 -3.41 -7.77
CA LYS A 22 -10.43 -4.55 -8.62
C LYS A 22 -11.55 -4.84 -9.61
N ASN A 23 -12.78 -4.43 -9.27
CA ASN A 23 -13.93 -4.66 -10.14
C ASN A 23 -14.28 -3.42 -10.95
N SER A 24 -14.28 -2.27 -10.29
CA SER A 24 -14.62 -1.00 -10.95
C SER A 24 -13.43 -0.46 -11.74
N VAL A 25 -13.67 0.63 -12.46
CA VAL A 25 -12.64 1.26 -13.27
C VAL A 25 -12.65 2.79 -13.09
N GLY A 26 -11.48 3.39 -13.14
CA GLY A 26 -11.37 4.84 -12.98
C GLY A 26 -9.95 5.31 -12.79
N ARG A 27 -9.64 5.78 -11.59
CA ARG A 27 -8.30 6.27 -11.28
C ARG A 27 -7.76 5.61 -10.01
N TRP A 28 -6.45 5.42 -9.97
CA TRP A 28 -5.81 4.81 -8.81
C TRP A 28 -5.57 5.84 -7.70
N LYS A 29 -4.89 5.41 -6.64
CA LYS A 29 -4.59 6.29 -5.52
C LYS A 29 -3.16 6.04 -5.06
N GLU A 30 -2.34 7.09 -5.03
CA GLU A 30 -0.95 6.95 -4.63
C GLU A 30 -0.61 7.78 -3.40
N ALA A 31 0.14 7.18 -2.48
CA ALA A 31 0.55 7.85 -1.25
C ALA A 31 2.02 7.54 -0.94
N THR A 32 2.77 8.55 -0.51
CA THR A 32 4.18 8.35 -0.21
C THR A 32 4.42 8.05 1.26
N ILE A 33 5.23 7.04 1.51
CA ILE A 33 5.58 6.64 2.87
C ILE A 33 7.08 6.35 2.95
N PRO A 34 7.84 7.24 3.60
CA PRO A 34 9.29 7.08 3.75
C PRO A 34 9.66 5.85 4.57
N GLY A 35 9.69 4.69 3.92
CA GLY A 35 10.03 3.46 4.61
C GLY A 35 8.91 2.98 5.50
N HIS A 36 8.93 3.41 6.76
CA HIS A 36 7.90 3.02 7.73
C HIS A 36 8.01 3.87 8.98
N LEU A 37 7.24 4.96 9.02
CA LEU A 37 7.26 5.86 10.18
C LEU A 37 6.69 5.16 11.41
N ASN A 38 5.71 4.28 11.20
CA ASN A 38 5.08 3.54 12.29
C ASN A 38 4.00 2.60 11.76
N SER A 39 2.76 3.08 11.71
CA SER A 39 1.64 2.29 11.22
C SER A 39 0.86 3.04 10.15
N TYR A 40 0.84 2.50 8.93
CA TYR A 40 0.12 3.12 7.83
C TYR A 40 -1.05 2.26 7.39
N THR A 41 -2.25 2.65 7.82
CA THR A 41 -3.47 1.92 7.47
C THR A 41 -4.44 2.81 6.72
N ILE A 42 -4.94 2.34 5.59
CA ILE A 42 -5.89 3.10 4.79
C ILE A 42 -7.30 2.97 5.35
N LYS A 43 -7.88 4.11 5.73
CA LYS A 43 -9.24 4.14 6.27
C LYS A 43 -10.22 4.72 5.26
N GLY A 44 -11.46 4.89 5.68
CA GLY A 44 -12.48 5.44 4.80
C GLY A 44 -12.91 4.45 3.74
N LEU A 45 -13.20 3.22 4.16
CA LEU A 45 -13.62 2.17 3.25
C LEU A 45 -14.78 1.37 3.83
N LYS A 46 -15.45 0.56 3.00
CA LYS A 46 -16.57 -0.24 3.46
C LYS A 46 -16.68 -1.58 2.73
N PRO A 47 -16.52 -2.70 3.47
CA PRO A 47 -16.62 -4.05 2.90
C PRO A 47 -17.80 -4.21 1.95
N GLY A 48 -17.50 -4.24 0.67
CA GLY A 48 -18.54 -4.39 -0.35
C GLY A 48 -17.96 -4.32 -1.74
N VAL A 49 -16.91 -3.51 -1.89
CA VAL A 49 -16.25 -3.35 -3.17
C VAL A 49 -14.85 -3.98 -3.09
N VAL A 50 -14.48 -4.72 -4.13
CA VAL A 50 -13.18 -5.38 -4.15
C VAL A 50 -12.08 -4.38 -4.45
N TYR A 51 -10.95 -4.53 -3.76
CA TYR A 51 -9.82 -3.62 -3.93
C TYR A 51 -8.54 -4.36 -4.26
N GLU A 52 -7.74 -3.77 -5.12
CA GLU A 52 -6.45 -4.33 -5.48
C GLU A 52 -5.35 -3.39 -5.02
N GLY A 53 -4.37 -3.91 -4.31
CA GLY A 53 -3.30 -3.06 -3.80
C GLY A 53 -1.96 -3.33 -4.44
N GLN A 54 -1.23 -2.24 -4.68
CA GLN A 54 0.10 -2.34 -5.29
C GLN A 54 1.09 -1.48 -4.52
N LEU A 55 2.07 -2.11 -3.90
CA LEU A 55 3.09 -1.38 -3.14
C LEU A 55 4.41 -1.38 -3.88
N ILE A 56 4.77 -0.22 -4.43
CA ILE A 56 6.02 -0.09 -5.16
C ILE A 56 6.99 0.83 -4.43
N SER A 57 8.17 0.31 -4.13
CA SER A 57 9.20 1.07 -3.44
C SER A 57 10.08 1.78 -4.45
N ILE A 58 10.31 3.05 -4.22
CA ILE A 58 11.13 3.86 -5.11
C ILE A 58 12.43 4.29 -4.45
N GLN A 59 13.54 3.93 -5.07
CA GLN A 59 14.86 4.28 -4.56
C GLN A 59 15.62 5.13 -5.57
N GLN A 60 16.87 5.44 -5.26
CA GLN A 60 17.70 6.26 -6.13
C GLN A 60 17.89 5.59 -7.50
N TYR A 61 17.70 4.26 -7.54
CA TYR A 61 17.86 3.51 -8.78
C TYR A 61 16.50 3.14 -9.37
N GLY A 62 15.44 3.81 -8.90
CA GLY A 62 14.10 3.52 -9.40
C GLY A 62 13.36 2.52 -8.53
N HIS A 63 12.22 2.04 -9.01
CA HIS A 63 11.42 1.09 -8.26
C HIS A 63 12.24 -0.15 -7.90
N GLN A 64 11.87 -0.80 -6.81
CA GLN A 64 12.58 -1.99 -6.36
C GLN A 64 11.66 -3.01 -5.70
N GLU A 65 10.85 -2.54 -4.75
CA GLU A 65 9.93 -3.42 -4.03
C GLU A 65 8.51 -3.34 -4.60
N VAL A 66 7.99 -4.46 -5.09
CA VAL A 66 6.64 -4.49 -5.64
C VAL A 66 5.88 -5.70 -5.13
N THR A 67 4.76 -5.44 -4.45
CA THR A 67 3.92 -6.51 -3.90
C THR A 67 2.44 -6.22 -4.13
N ARG A 68 1.71 -7.24 -4.57
CA ARG A 68 0.28 -7.08 -4.83
C ARG A 68 -0.56 -7.80 -3.77
N PHE A 69 -1.67 -7.18 -3.39
CA PHE A 69 -2.57 -7.76 -2.40
C PHE A 69 -4.00 -7.30 -2.64
N ASP A 70 -4.91 -8.25 -2.75
CA ASP A 70 -6.32 -7.93 -2.98
C ASP A 70 -7.09 -7.99 -1.67
N PHE A 71 -7.77 -6.89 -1.35
CA PHE A 71 -8.54 -6.80 -0.12
C PHE A 71 -9.88 -6.15 -0.40
N THR A 72 -10.87 -6.41 0.46
CA THR A 72 -12.19 -5.84 0.27
C THR A 72 -12.50 -4.78 1.32
N THR A 73 -13.04 -3.66 0.84
CA THR A 73 -13.41 -2.52 1.68
C THR A 73 -13.81 -1.35 0.78
N THR A 74 -12.89 -0.40 0.60
CA THR A 74 -13.09 0.77 -0.27
C THR A 74 -14.42 1.51 -0.03
N SER A 75 -14.34 2.84 -0.10
CA SER A 75 -15.50 3.70 0.09
C SER A 75 -15.13 5.16 -0.12
N THR A 76 -16.05 6.05 0.24
CA THR A 76 -15.82 7.49 0.08
C THR A 76 -15.84 8.18 1.45
N SER A 77 -15.01 9.21 1.59
CA SER A 77 -14.91 9.96 2.83
C SER A 77 -14.44 9.07 3.98
N THR A 78 -14.21 9.68 5.14
CA THR A 78 -13.75 8.93 6.31
C THR A 78 -14.36 9.50 7.60
N PRO A 79 -15.64 9.19 7.86
CA PRO A 79 -16.34 9.66 9.06
C PRO A 79 -15.64 9.23 10.34
N GLY A 80 -15.82 7.97 10.73
CA GLY A 80 -15.19 7.47 11.93
C GLY A 80 -15.65 6.05 12.26
N SER A 81 -15.25 5.57 13.43
CA SER A 81 -15.61 4.23 13.87
C SER A 81 -16.04 4.22 15.34
N ARG A 82 -16.10 3.03 15.92
CA ARG A 82 -16.49 2.89 17.33
C ARG A 82 -15.28 2.55 18.20
N SER A 83 -15.27 3.10 19.41
CA SER A 83 -14.18 2.86 20.35
C SER A 83 -12.82 3.20 19.73
N HIS A 84 -12.77 4.32 19.03
CA HIS A 84 -11.55 4.77 18.37
C HIS A 84 -11.35 6.27 18.55
N HIS A 85 -12.16 6.87 19.42
CA HIS A 85 -12.08 8.30 19.68
C HIS A 85 -11.45 8.57 21.04
N HIS A 86 -11.69 9.77 21.57
CA HIS A 86 -11.14 10.14 22.87
C HIS A 86 -12.16 9.90 23.98
N HIS A 87 -12.60 8.65 24.11
CA HIS A 87 -13.58 8.28 25.13
C HIS A 87 -14.84 9.13 25.03
N HIS A 88 -15.67 9.07 26.06
CA HIS A 88 -16.92 9.83 26.07
C HIS A 88 -17.25 10.30 27.48
N HIS A 89 -18.11 11.31 27.57
CA HIS A 89 -18.53 11.86 28.85
C HIS A 89 -19.62 11.01 29.48
N MET A 1 11.88 29.77 10.75
CA MET A 1 11.12 28.63 11.34
C MET A 1 11.54 27.31 10.71
N ARG A 2 10.98 26.21 11.22
CA ARG A 2 11.30 24.88 10.71
C ARG A 2 10.27 24.42 9.68
N GLY A 3 10.52 24.74 8.41
CA GLY A 3 9.61 24.35 7.36
C GLY A 3 10.13 24.71 5.98
N SER A 4 10.95 23.84 5.41
CA SER A 4 11.51 24.07 4.08
C SER A 4 11.64 22.76 3.30
N ASN A 5 10.74 21.82 3.59
CA ASN A 5 10.76 20.52 2.93
C ASN A 5 12.09 19.81 3.12
N ALA A 6 12.22 19.06 4.21
CA ALA A 6 13.45 18.34 4.51
C ALA A 6 13.20 16.84 4.60
N PRO A 7 13.47 16.10 3.50
CA PRO A 7 13.27 14.64 3.46
C PRO A 7 14.13 13.92 4.49
N GLN A 8 13.48 13.23 5.42
CA GLN A 8 14.18 12.48 6.46
C GLN A 8 14.51 11.07 6.00
N PRO A 9 15.81 10.76 5.81
CA PRO A 9 16.24 9.44 5.36
C PRO A 9 16.22 8.41 6.49
N SER A 10 16.04 7.14 6.13
CA SER A 10 16.00 6.06 7.10
C SER A 10 16.38 4.73 6.47
N HIS A 11 15.63 4.33 5.43
CA HIS A 11 15.89 3.08 4.74
C HIS A 11 15.65 3.24 3.24
N ILE A 12 14.37 3.23 2.84
CA ILE A 12 14.01 3.38 1.45
C ILE A 12 13.80 4.83 1.08
N SER A 13 14.19 5.20 -0.14
CA SER A 13 14.04 6.57 -0.61
C SER A 13 12.60 7.03 -0.44
N LYS A 14 11.67 6.23 -0.97
CA LYS A 14 10.25 6.54 -0.87
C LYS A 14 9.41 5.34 -1.30
N TYR A 15 8.28 5.15 -0.63
CA TYR A 15 7.38 4.05 -0.94
C TYR A 15 6.06 4.59 -1.50
N ILE A 16 5.63 4.06 -2.63
CA ILE A 16 4.38 4.50 -3.25
C ILE A 16 3.34 3.40 -3.24
N LEU A 17 2.12 3.76 -2.91
CA LEU A 17 1.03 2.82 -2.87
C LEU A 17 -0.01 3.17 -3.94
N ARG A 18 -0.16 2.29 -4.92
CA ARG A 18 -1.12 2.52 -5.98
C ARG A 18 -2.23 1.48 -5.92
N TRP A 19 -3.48 1.92 -5.91
CA TRP A 19 -4.60 1.00 -5.85
C TRP A 19 -5.87 1.59 -6.45
N ARG A 20 -6.76 0.70 -6.85
CA ARG A 20 -8.03 1.06 -7.46
C ARG A 20 -9.01 -0.10 -7.33
N PRO A 21 -10.33 0.15 -7.44
CA PRO A 21 -11.35 -0.91 -7.33
C PRO A 21 -11.14 -2.03 -8.35
N LYS A 22 -11.06 -3.25 -7.85
CA LYS A 22 -10.86 -4.42 -8.72
C LYS A 22 -12.16 -4.81 -9.40
N ASN A 23 -13.27 -4.68 -8.69
CA ASN A 23 -14.58 -5.02 -9.23
C ASN A 23 -15.22 -3.81 -9.91
N SER A 24 -14.93 -2.63 -9.39
CA SER A 24 -15.49 -1.40 -9.95
C SER A 24 -14.49 -0.71 -10.87
N VAL A 25 -14.95 0.28 -11.61
CA VAL A 25 -14.09 1.02 -12.53
C VAL A 25 -13.98 2.48 -12.11
N GLY A 26 -12.75 2.98 -12.04
CA GLY A 26 -12.52 4.35 -11.66
C GLY A 26 -11.10 4.80 -11.90
N ARG A 27 -10.42 5.21 -10.83
CA ARG A 27 -9.04 5.67 -10.94
C ARG A 27 -8.18 5.09 -9.80
N TRP A 28 -6.87 5.21 -9.95
CA TRP A 28 -5.94 4.70 -8.95
C TRP A 28 -5.73 5.73 -7.83
N LYS A 29 -4.82 5.41 -6.91
CA LYS A 29 -4.52 6.31 -5.81
C LYS A 29 -3.07 6.15 -5.41
N GLU A 30 -2.44 7.24 -4.98
CA GLU A 30 -1.03 7.20 -4.59
C GLU A 30 -0.84 7.63 -3.15
N ALA A 31 -0.11 6.81 -2.40
CA ALA A 31 0.18 7.09 -1.00
C ALA A 31 1.64 6.82 -0.70
N THR A 32 2.40 7.88 -0.43
CA THR A 32 3.82 7.77 -0.15
C THR A 32 4.09 7.53 1.34
N ILE A 33 5.05 6.67 1.62
CA ILE A 33 5.43 6.34 2.98
C ILE A 33 6.95 6.45 3.15
N PRO A 34 7.42 7.38 4.00
CA PRO A 34 8.85 7.58 4.24
C PRO A 34 9.44 6.49 5.13
N GLY A 35 9.87 5.40 4.50
CA GLY A 35 10.45 4.30 5.25
C GLY A 35 9.41 3.52 6.05
N HIS A 36 9.19 3.96 7.28
CA HIS A 36 8.21 3.30 8.15
C HIS A 36 7.95 4.13 9.41
N LEU A 37 6.94 4.98 9.36
CA LEU A 37 6.59 5.83 10.50
C LEU A 37 5.70 5.06 11.49
N ASN A 38 4.86 4.18 10.94
CA ASN A 38 3.96 3.37 11.75
C ASN A 38 3.08 2.50 10.86
N SER A 39 1.94 2.07 11.39
CA SER A 39 1.02 1.23 10.65
C SER A 39 0.07 2.08 9.80
N TYR A 40 0.30 2.09 8.49
CA TYR A 40 -0.53 2.86 7.57
C TYR A 40 -1.79 2.09 7.18
N THR A 41 -2.94 2.65 7.50
CA THR A 41 -4.23 2.01 7.17
C THR A 41 -5.09 2.93 6.33
N ILE A 42 -5.52 2.43 5.17
CA ILE A 42 -6.37 3.21 4.27
C ILE A 42 -7.84 2.99 4.57
N LYS A 43 -8.55 4.07 4.86
CA LYS A 43 -9.98 3.99 5.17
C LYS A 43 -10.80 4.82 4.18
N GLY A 44 -11.46 4.12 3.27
CA GLY A 44 -12.27 4.81 2.27
C GLY A 44 -13.02 3.83 1.38
N LEU A 45 -12.99 2.56 1.74
CA LEU A 45 -13.66 1.52 0.97
C LEU A 45 -15.04 1.24 1.55
N LYS A 46 -15.46 -0.04 1.51
CA LYS A 46 -16.76 -0.42 2.04
C LYS A 46 -16.85 -1.93 2.19
N PRO A 47 -17.47 -2.42 3.29
CA PRO A 47 -17.62 -3.86 3.54
C PRO A 47 -18.30 -4.57 2.38
N GLY A 48 -17.50 -5.14 1.48
CA GLY A 48 -18.04 -5.84 0.33
C GLY A 48 -17.31 -5.47 -0.95
N VAL A 49 -16.77 -4.26 -0.97
CA VAL A 49 -16.03 -3.78 -2.14
C VAL A 49 -14.55 -4.07 -2.00
N VAL A 50 -13.98 -4.77 -2.97
CA VAL A 50 -12.57 -5.12 -2.94
C VAL A 50 -11.75 -4.20 -3.83
N TYR A 51 -10.76 -3.55 -3.25
CA TYR A 51 -9.89 -2.63 -3.98
C TYR A 51 -8.52 -3.27 -4.20
N GLU A 52 -8.16 -3.46 -5.46
CA GLU A 52 -6.88 -4.06 -5.79
C GLU A 52 -5.78 -3.00 -5.75
N GLY A 53 -4.56 -3.40 -5.41
CA GLY A 53 -3.47 -2.44 -5.34
C GLY A 53 -2.11 -3.08 -5.25
N GLN A 54 -1.08 -2.31 -5.58
CA GLN A 54 0.29 -2.77 -5.54
C GLN A 54 1.17 -1.75 -4.83
N LEU A 55 2.24 -2.23 -4.21
CA LEU A 55 3.16 -1.34 -3.49
C LEU A 55 4.51 -1.25 -4.20
N ILE A 56 4.76 -0.10 -4.83
CA ILE A 56 6.00 0.12 -5.55
C ILE A 56 7.05 0.78 -4.65
N SER A 57 8.29 0.31 -4.75
CA SER A 57 9.37 0.85 -3.95
C SER A 57 10.46 1.45 -4.83
N ILE A 58 10.76 2.71 -4.60
CA ILE A 58 11.78 3.41 -5.37
C ILE A 58 12.97 3.77 -4.48
N GLN A 59 14.14 3.21 -4.80
CA GLN A 59 15.35 3.47 -4.02
C GLN A 59 16.06 4.72 -4.53
N GLN A 60 17.08 5.15 -3.80
CA GLN A 60 17.83 6.35 -4.17
C GLN A 60 18.66 6.10 -5.43
N TYR A 61 18.95 4.83 -5.71
CA TYR A 61 19.74 4.46 -6.87
C TYR A 61 18.84 3.92 -7.98
N GLY A 62 17.52 3.93 -7.75
CA GLY A 62 16.59 3.44 -8.75
C GLY A 62 15.83 2.22 -8.27
N HIS A 63 15.73 1.20 -9.13
CA HIS A 63 15.03 -0.04 -8.80
C HIS A 63 13.53 0.22 -8.59
N GLN A 64 12.77 -0.87 -8.52
CA GLN A 64 11.33 -0.78 -8.32
C GLN A 64 10.76 -2.08 -7.75
N GLU A 65 10.36 -2.04 -6.49
CA GLU A 65 9.80 -3.20 -5.82
C GLU A 65 8.27 -3.11 -5.79
N VAL A 66 7.61 -4.04 -6.45
CA VAL A 66 6.15 -4.03 -6.51
C VAL A 66 5.53 -5.33 -5.99
N THR A 67 4.46 -5.18 -5.22
CA THR A 67 3.74 -6.33 -4.67
C THR A 67 2.23 -6.11 -4.76
N ARG A 68 1.53 -7.06 -5.38
CA ARG A 68 0.09 -6.96 -5.54
C ARG A 68 -0.65 -7.45 -4.30
N PHE A 69 -1.77 -6.81 -3.98
CA PHE A 69 -2.57 -7.17 -2.82
C PHE A 69 -4.02 -6.74 -2.98
N ASP A 70 -4.91 -7.40 -2.24
CA ASP A 70 -6.33 -7.07 -2.27
C ASP A 70 -6.80 -6.77 -0.85
N PHE A 71 -7.29 -5.55 -0.63
CA PHE A 71 -7.74 -5.15 0.71
C PHE A 71 -8.98 -4.26 0.66
N THR A 72 -9.75 -4.32 1.73
CA THR A 72 -10.97 -3.52 1.88
C THR A 72 -11.17 -3.15 3.35
N THR A 73 -12.09 -2.22 3.62
CA THR A 73 -12.37 -1.78 4.98
C THR A 73 -12.34 -2.95 5.97
N THR A 74 -13.22 -3.91 5.76
CA THR A 74 -13.28 -5.09 6.62
C THR A 74 -13.37 -6.37 5.79
N SER A 75 -13.86 -6.22 4.56
CA SER A 75 -14.00 -7.36 3.65
C SER A 75 -12.67 -7.68 2.99
N THR A 76 -12.64 -8.76 2.22
CA THR A 76 -11.41 -9.17 1.52
C THR A 76 -11.71 -10.26 0.50
N SER A 77 -11.13 -10.14 -0.69
CA SER A 77 -11.33 -11.12 -1.74
C SER A 77 -10.65 -12.44 -1.38
N THR A 78 -9.33 -12.49 -1.58
CA THR A 78 -8.55 -13.69 -1.28
C THR A 78 -9.12 -14.91 -1.99
N PRO A 79 -8.76 -15.12 -3.26
CA PRO A 79 -9.24 -16.26 -4.05
C PRO A 79 -8.90 -17.59 -3.40
N GLY A 80 -7.79 -17.64 -2.67
CA GLY A 80 -7.38 -18.86 -2.01
C GLY A 80 -5.87 -19.04 -2.00
N SER A 81 -5.22 -18.43 -1.02
CA SER A 81 -3.76 -18.51 -0.89
C SER A 81 -3.32 -18.06 0.49
N ARG A 82 -3.46 -16.76 0.77
CA ARG A 82 -3.08 -16.20 2.05
C ARG A 82 -4.28 -15.62 2.78
N SER A 83 -5.03 -16.48 3.47
CA SER A 83 -6.21 -16.05 4.20
C SER A 83 -6.01 -16.20 5.71
N HIS A 84 -6.21 -17.41 6.21
CA HIS A 84 -6.05 -17.68 7.64
C HIS A 84 -5.07 -18.83 7.86
N HIS A 85 -3.82 -18.48 8.17
CA HIS A 85 -2.79 -19.48 8.42
C HIS A 85 -1.55 -18.83 9.04
N HIS A 86 -0.78 -18.14 8.21
CA HIS A 86 0.43 -17.47 8.67
C HIS A 86 0.92 -16.45 7.65
N HIS A 87 1.40 -15.31 8.14
CA HIS A 87 1.90 -14.25 7.26
C HIS A 87 3.32 -14.56 6.79
N HIS A 88 3.42 -15.39 5.76
CA HIS A 88 4.72 -15.76 5.22
C HIS A 88 4.65 -15.90 3.69
N HIS A 89 5.75 -16.37 3.10
CA HIS A 89 5.81 -16.55 1.65
C HIS A 89 4.92 -17.70 1.20
N MET A 1 -1.77 6.41 18.61
CA MET A 1 -2.47 7.67 19.00
C MET A 1 -2.65 8.60 17.80
N ARG A 2 -2.71 9.89 18.07
CA ARG A 2 -2.89 10.89 17.01
C ARG A 2 -1.66 10.98 16.12
N GLY A 3 -0.48 10.99 16.75
CA GLY A 3 0.76 11.08 15.99
C GLY A 3 1.10 12.51 15.62
N SER A 4 2.39 12.81 15.55
CA SER A 4 2.85 14.15 15.20
C SER A 4 3.39 14.20 13.77
N ASN A 5 4.73 14.23 13.65
CA ASN A 5 5.37 14.27 12.34
C ASN A 5 6.85 13.96 12.45
N ALA A 6 7.25 12.79 11.98
CA ALA A 6 8.65 12.38 12.02
C ALA A 6 8.98 11.42 10.88
N PRO A 7 9.03 11.92 9.64
CA PRO A 7 9.33 11.09 8.46
C PRO A 7 10.84 10.95 8.23
N GLN A 8 11.26 9.76 7.82
CA GLN A 8 12.66 9.49 7.56
C GLN A 8 12.83 8.28 6.64
N PRO A 9 13.52 8.47 5.49
CA PRO A 9 13.75 7.39 4.52
C PRO A 9 14.45 6.19 5.15
N SER A 10 15.62 6.45 5.73
CA SER A 10 16.41 5.40 6.37
C SER A 10 16.80 4.30 5.38
N HIS A 11 15.92 3.32 5.22
CA HIS A 11 16.18 2.21 4.30
C HIS A 11 15.76 2.57 2.88
N ILE A 12 14.46 2.72 2.66
CA ILE A 12 13.94 3.05 1.34
C ILE A 12 13.83 4.57 1.16
N SER A 13 14.13 5.03 -0.06
CA SER A 13 14.05 6.45 -0.36
C SER A 13 12.60 6.93 -0.30
N LYS A 14 11.72 6.18 -0.96
CA LYS A 14 10.30 6.50 -0.97
C LYS A 14 9.46 5.30 -1.40
N TYR A 15 8.30 5.17 -0.78
CA TYR A 15 7.37 4.09 -1.08
C TYR A 15 6.05 4.63 -1.62
N ILE A 16 5.60 4.14 -2.76
CA ILE A 16 4.34 4.61 -3.33
C ILE A 16 3.30 3.50 -3.32
N LEU A 17 2.10 3.86 -2.88
CA LEU A 17 1.01 2.91 -2.84
C LEU A 17 -0.05 3.29 -3.86
N ARG A 18 -0.23 2.43 -4.85
CA ARG A 18 -1.23 2.67 -5.88
C ARG A 18 -2.34 1.65 -5.77
N TRP A 19 -3.58 2.12 -5.72
CA TRP A 19 -4.72 1.22 -5.60
C TRP A 19 -5.96 1.76 -6.31
N ARG A 20 -6.84 0.83 -6.67
CA ARG A 20 -8.09 1.14 -7.35
C ARG A 20 -9.07 -0.01 -7.17
N PRO A 21 -10.39 0.26 -7.21
CA PRO A 21 -11.41 -0.78 -7.03
C PRO A 21 -11.29 -1.90 -8.06
N LYS A 22 -10.98 -3.10 -7.58
CA LYS A 22 -10.84 -4.26 -8.44
C LYS A 22 -12.19 -4.70 -9.00
N ASN A 23 -13.22 -4.59 -8.17
CA ASN A 23 -14.56 -4.99 -8.59
C ASN A 23 -15.26 -3.87 -9.34
N SER A 24 -15.01 -2.64 -8.92
CA SER A 24 -15.61 -1.46 -9.56
C SER A 24 -14.67 -0.88 -10.61
N VAL A 25 -15.00 0.30 -11.11
CA VAL A 25 -14.18 0.97 -12.11
C VAL A 25 -14.01 2.45 -11.78
N GLY A 26 -12.83 2.79 -11.26
CA GLY A 26 -12.56 4.18 -10.90
C GLY A 26 -11.16 4.61 -11.30
N ARG A 27 -10.50 5.34 -10.42
CA ARG A 27 -9.15 5.82 -10.68
C ARG A 27 -8.19 5.39 -9.58
N TRP A 28 -6.92 5.21 -9.94
CA TRP A 28 -5.91 4.80 -9.00
C TRP A 28 -5.65 5.88 -7.96
N LYS A 29 -4.81 5.57 -6.97
CA LYS A 29 -4.47 6.53 -5.92
C LYS A 29 -3.01 6.35 -5.52
N GLU A 30 -2.37 7.41 -5.07
CA GLU A 30 -0.97 7.35 -4.67
C GLU A 30 -0.77 7.73 -3.21
N ALA A 31 0.07 6.96 -2.53
CA ALA A 31 0.37 7.20 -1.11
C ALA A 31 1.84 6.95 -0.83
N THR A 32 2.57 8.02 -0.52
CA THR A 32 3.99 7.92 -0.24
C THR A 32 4.26 7.57 1.22
N ILE A 33 5.21 6.67 1.44
CA ILE A 33 5.58 6.25 2.78
C ILE A 33 7.08 6.34 2.98
N PRO A 34 7.54 7.22 3.88
CA PRO A 34 8.97 7.40 4.17
C PRO A 34 9.53 6.31 5.06
N GLY A 35 10.02 5.22 4.45
CA GLY A 35 10.56 4.13 5.21
C GLY A 35 9.51 3.41 6.04
N HIS A 36 9.34 3.84 7.28
CA HIS A 36 8.34 3.25 8.17
C HIS A 36 8.03 4.20 9.32
N LEU A 37 7.26 5.24 9.01
CA LEU A 37 6.88 6.24 10.00
C LEU A 37 5.98 5.64 11.08
N ASN A 38 5.16 4.67 10.68
CA ASN A 38 4.24 4.00 11.60
C ASN A 38 3.33 3.05 10.84
N SER A 39 2.32 2.51 11.52
CA SER A 39 1.37 1.61 10.88
C SER A 39 0.38 2.37 10.03
N TYR A 40 0.56 2.31 8.71
CA TYR A 40 -0.32 3.01 7.78
C TYR A 40 -1.50 2.12 7.38
N THR A 41 -2.71 2.55 7.73
CA THR A 41 -3.92 1.81 7.42
C THR A 41 -4.81 2.58 6.46
N ILE A 42 -5.26 1.91 5.40
CA ILE A 42 -6.14 2.54 4.41
C ILE A 42 -7.59 2.12 4.61
N LYS A 43 -8.48 3.10 4.65
CA LYS A 43 -9.91 2.83 4.84
C LYS A 43 -10.76 3.64 3.87
N GLY A 44 -12.07 3.66 4.11
CA GLY A 44 -12.98 4.39 3.24
C GLY A 44 -13.60 3.52 2.17
N LEU A 45 -13.31 2.23 2.23
CA LEU A 45 -13.86 1.28 1.25
C LEU A 45 -15.33 1.02 1.52
N LYS A 46 -15.89 0.03 0.84
CA LYS A 46 -17.30 -0.32 1.01
C LYS A 46 -17.49 -1.83 1.04
N PRO A 47 -18.52 -2.32 1.76
CA PRO A 47 -18.81 -3.75 1.88
C PRO A 47 -19.33 -4.34 0.57
N GLY A 48 -18.63 -5.36 0.08
CA GLY A 48 -19.04 -6.00 -1.16
C GLY A 48 -18.10 -5.70 -2.31
N VAL A 49 -17.28 -4.66 -2.16
CA VAL A 49 -16.34 -4.28 -3.19
C VAL A 49 -14.91 -4.33 -2.69
N VAL A 50 -14.05 -5.07 -3.40
CA VAL A 50 -12.66 -5.21 -3.02
C VAL A 50 -11.79 -4.22 -3.79
N TYR A 51 -10.78 -3.69 -3.12
CA TYR A 51 -9.88 -2.73 -3.74
C TYR A 51 -8.50 -3.34 -3.95
N GLU A 52 -8.03 -3.30 -5.19
CA GLU A 52 -6.71 -3.85 -5.52
C GLU A 52 -5.65 -2.77 -5.37
N GLY A 53 -4.40 -3.18 -5.15
CA GLY A 53 -3.34 -2.22 -5.00
C GLY A 53 -1.95 -2.83 -5.10
N GLN A 54 -0.99 -2.02 -5.53
CA GLN A 54 0.39 -2.44 -5.67
C GLN A 54 1.31 -1.40 -5.07
N LEU A 55 2.26 -1.85 -4.24
CA LEU A 55 3.19 -0.94 -3.60
C LEU A 55 4.52 -0.91 -4.33
N ILE A 56 4.79 0.18 -5.03
CA ILE A 56 6.04 0.33 -5.78
C ILE A 56 7.10 1.00 -4.92
N SER A 57 8.32 0.50 -5.02
CA SER A 57 9.43 1.03 -4.23
C SER A 57 10.52 1.62 -5.11
N ILE A 58 10.78 2.90 -4.88
CA ILE A 58 11.80 3.62 -5.62
C ILE A 58 12.92 4.05 -4.69
N GLN A 59 14.15 3.68 -5.04
CA GLN A 59 15.31 4.01 -4.21
C GLN A 59 16.30 4.89 -4.98
N GLN A 60 17.38 5.27 -4.30
CA GLN A 60 18.40 6.12 -4.91
C GLN A 60 19.12 5.38 -6.04
N TYR A 61 19.06 4.05 -6.01
CA TYR A 61 19.70 3.24 -7.03
C TYR A 61 18.77 3.03 -8.22
N GLY A 62 17.54 3.52 -8.10
CA GLY A 62 16.57 3.39 -9.17
C GLY A 62 15.90 2.03 -9.19
N HIS A 63 15.88 1.36 -8.04
CA HIS A 63 15.25 0.05 -7.93
C HIS A 63 13.75 0.14 -8.12
N GLN A 64 13.09 -1.01 -8.19
CA GLN A 64 11.64 -1.06 -8.37
C GLN A 64 11.04 -2.26 -7.67
N GLU A 65 10.67 -2.08 -6.41
CA GLU A 65 10.06 -3.15 -5.62
C GLU A 65 8.55 -2.97 -5.56
N VAL A 66 7.81 -3.92 -6.12
CA VAL A 66 6.35 -3.82 -6.13
C VAL A 66 5.69 -5.11 -5.66
N THR A 67 4.63 -4.95 -4.86
CA THR A 67 3.87 -6.07 -4.33
C THR A 67 2.38 -5.80 -4.40
N ARG A 68 1.64 -6.72 -5.03
CA ARG A 68 0.20 -6.57 -5.16
C ARG A 68 -0.52 -7.08 -3.91
N PHE A 69 -1.63 -6.45 -3.56
CA PHE A 69 -2.40 -6.84 -2.38
C PHE A 69 -3.86 -6.42 -2.49
N ASP A 70 -4.73 -7.25 -1.91
CA ASP A 70 -6.17 -6.98 -1.90
C ASP A 70 -6.60 -6.59 -0.50
N PHE A 71 -7.17 -5.40 -0.36
CA PHE A 71 -7.60 -4.92 0.95
C PHE A 71 -9.04 -4.41 0.93
N THR A 72 -9.72 -4.56 2.07
CA THR A 72 -11.10 -4.12 2.21
C THR A 72 -11.33 -3.54 3.60
N THR A 73 -12.42 -2.80 3.76
CA THR A 73 -12.75 -2.20 5.06
C THR A 73 -13.82 -3.00 5.79
N THR A 74 -14.67 -3.69 5.04
CA THR A 74 -15.73 -4.48 5.62
C THR A 74 -16.25 -5.52 4.63
N SER A 75 -15.50 -5.73 3.56
CA SER A 75 -15.87 -6.69 2.53
C SER A 75 -15.23 -8.05 2.81
N THR A 76 -14.01 -8.24 2.31
CA THR A 76 -13.29 -9.49 2.50
C THR A 76 -11.86 -9.38 2.00
N SER A 77 -10.91 -9.27 2.93
CA SER A 77 -9.50 -9.15 2.58
C SER A 77 -8.61 -9.30 3.82
N THR A 78 -8.32 -8.17 4.46
CA THR A 78 -7.48 -8.18 5.66
C THR A 78 -7.62 -6.87 6.43
N PRO A 79 -8.07 -6.93 7.69
CA PRO A 79 -8.25 -5.75 8.53
C PRO A 79 -6.97 -5.33 9.23
N GLY A 80 -5.90 -5.13 8.46
CA GLY A 80 -4.63 -4.72 9.03
C GLY A 80 -3.45 -5.07 8.15
N SER A 81 -2.29 -5.27 8.77
CA SER A 81 -1.08 -5.62 8.03
C SER A 81 -0.97 -7.12 7.83
N ARG A 82 -0.51 -7.51 6.65
CA ARG A 82 -0.35 -8.93 6.32
C ARG A 82 0.91 -9.50 6.97
N SER A 83 1.18 -10.77 6.69
CA SER A 83 2.35 -11.44 7.27
C SER A 83 3.46 -11.57 6.23
N HIS A 84 3.16 -11.23 4.98
CA HIS A 84 4.13 -11.32 3.91
C HIS A 84 5.24 -10.28 4.09
N HIS A 85 6.49 -10.76 4.07
CA HIS A 85 7.64 -9.88 4.23
C HIS A 85 8.80 -10.35 3.36
N HIS A 86 9.50 -11.39 3.81
CA HIS A 86 10.64 -11.95 3.07
C HIS A 86 11.79 -10.95 2.96
N HIS A 87 11.64 -9.97 2.07
CA HIS A 87 12.67 -8.95 1.84
C HIS A 87 13.91 -9.58 1.24
N HIS A 88 13.77 -10.79 0.72
CA HIS A 88 14.90 -11.50 0.11
C HIS A 88 14.57 -11.88 -1.33
N HIS A 89 15.47 -12.63 -1.95
CA HIS A 89 15.28 -13.07 -3.33
C HIS A 89 14.76 -14.50 -3.38
N MET A 1 19.12 19.41 15.82
CA MET A 1 19.27 19.65 17.28
C MET A 1 18.06 19.15 18.05
N ARG A 2 17.22 18.37 17.38
CA ARG A 2 16.02 17.82 18.01
C ARG A 2 16.24 16.37 18.44
N GLY A 3 17.49 15.92 18.36
CA GLY A 3 17.81 14.56 18.75
C GLY A 3 17.95 13.64 17.55
N SER A 4 18.03 14.23 16.36
CA SER A 4 18.18 13.45 15.14
C SER A 4 19.23 14.06 14.22
N ASN A 5 20.21 13.26 13.83
CA ASN A 5 21.29 13.72 12.96
C ASN A 5 20.77 13.98 11.55
N ALA A 6 20.56 12.91 10.79
CA ALA A 6 20.07 13.03 9.42
C ALA A 6 18.67 13.65 9.39
N PRO A 7 18.38 14.48 8.36
CA PRO A 7 17.07 15.13 8.22
C PRO A 7 15.99 14.15 7.78
N GLN A 8 16.37 13.20 6.93
CA GLN A 8 15.44 12.20 6.43
C GLN A 8 16.20 10.99 5.88
N PRO A 9 16.81 10.19 6.79
CA PRO A 9 17.57 9.00 6.39
C PRO A 9 16.69 7.88 5.86
N SER A 10 16.18 7.05 6.76
CA SER A 10 15.32 5.93 6.39
C SER A 10 16.07 4.93 5.50
N HIS A 11 15.45 3.79 5.27
CA HIS A 11 16.06 2.75 4.43
C HIS A 11 15.78 3.01 2.96
N ILE A 12 14.51 3.20 2.62
CA ILE A 12 14.11 3.46 1.24
C ILE A 12 13.88 4.94 1.01
N SER A 13 14.28 5.43 -0.15
CA SER A 13 14.11 6.83 -0.50
C SER A 13 12.64 7.23 -0.36
N LYS A 14 11.76 6.43 -0.94
CA LYS A 14 10.32 6.69 -0.87
C LYS A 14 9.53 5.48 -1.35
N TYR A 15 8.38 5.26 -0.70
CA TYR A 15 7.52 4.15 -1.06
C TYR A 15 6.17 4.67 -1.56
N ILE A 16 5.68 4.09 -2.65
CA ILE A 16 4.40 4.51 -3.21
C ILE A 16 3.37 3.41 -3.11
N LEU A 17 2.17 3.78 -2.70
CA LEU A 17 1.07 2.85 -2.58
C LEU A 17 -0.03 3.21 -3.56
N ARG A 18 -0.27 2.33 -4.52
CA ARG A 18 -1.31 2.56 -5.51
C ARG A 18 -2.43 1.55 -5.38
N TRP A 19 -3.65 2.04 -5.32
CA TRP A 19 -4.81 1.15 -5.19
C TRP A 19 -6.02 1.68 -5.94
N ARG A 20 -6.90 0.76 -6.32
CA ARG A 20 -8.12 1.09 -7.04
C ARG A 20 -9.13 -0.04 -6.90
N PRO A 21 -10.44 0.27 -6.98
CA PRO A 21 -11.49 -0.74 -6.84
C PRO A 21 -11.36 -1.86 -7.87
N LYS A 22 -11.18 -3.09 -7.39
CA LYS A 22 -11.04 -4.25 -8.25
C LYS A 22 -12.28 -4.46 -9.11
N ASN A 23 -13.41 -3.95 -8.64
CA ASN A 23 -14.68 -4.09 -9.37
C ASN A 23 -14.98 -2.83 -10.18
N SER A 24 -14.65 -1.67 -9.62
CA SER A 24 -14.90 -0.40 -10.28
C SER A 24 -13.61 0.18 -10.86
N VAL A 25 -13.55 0.25 -12.19
CA VAL A 25 -12.36 0.78 -12.87
C VAL A 25 -12.55 2.25 -13.20
N GLY A 26 -11.57 3.06 -12.81
CA GLY A 26 -11.63 4.49 -13.08
C GLY A 26 -10.29 5.17 -12.92
N ARG A 27 -9.70 5.05 -11.74
CA ARG A 27 -8.40 5.65 -11.46
C ARG A 27 -7.82 5.11 -10.16
N TRP A 28 -6.50 5.10 -10.07
CA TRP A 28 -5.81 4.59 -8.88
C TRP A 28 -5.63 5.71 -7.85
N LYS A 29 -4.83 5.42 -6.82
CA LYS A 29 -4.55 6.40 -5.77
C LYS A 29 -3.11 6.25 -5.33
N GLU A 30 -2.50 7.34 -4.86
CA GLU A 30 -1.11 7.30 -4.44
C GLU A 30 -0.93 7.66 -2.97
N ALA A 31 -0.07 6.91 -2.29
CA ALA A 31 0.23 7.12 -0.89
C ALA A 31 1.71 6.88 -0.63
N THR A 32 2.45 7.94 -0.33
CA THR A 32 3.88 7.83 -0.08
C THR A 32 4.20 7.57 1.39
N ILE A 33 5.18 6.71 1.63
CA ILE A 33 5.60 6.38 2.98
C ILE A 33 7.12 6.27 3.06
N PRO A 34 7.76 7.14 3.85
CA PRO A 34 9.23 7.14 4.01
C PRO A 34 9.72 6.00 4.89
N GLY A 35 9.93 4.84 4.29
CA GLY A 35 10.39 3.68 5.03
C GLY A 35 9.27 3.00 5.78
N HIS A 36 9.17 3.29 7.07
CA HIS A 36 8.12 2.70 7.90
C HIS A 36 7.98 3.46 9.22
N LEU A 37 7.06 4.42 9.24
CA LEU A 37 6.82 5.21 10.45
C LEU A 37 5.90 4.48 11.41
N ASN A 38 4.96 3.71 10.86
CA ASN A 38 4.01 2.95 11.67
C ASN A 38 3.06 2.16 10.77
N SER A 39 1.93 1.74 11.34
CA SER A 39 0.94 0.99 10.58
C SER A 39 -0.02 1.93 9.85
N TYR A 40 0.14 2.01 8.54
CA TYR A 40 -0.69 2.88 7.71
C TYR A 40 -1.93 2.13 7.23
N THR A 41 -3.10 2.57 7.71
CA THR A 41 -4.36 1.93 7.34
C THR A 41 -5.18 2.84 6.42
N ILE A 42 -5.79 2.23 5.40
CA ILE A 42 -6.61 2.98 4.45
C ILE A 42 -8.09 2.68 4.68
N LYS A 43 -8.85 3.71 5.04
CA LYS A 43 -10.27 3.58 5.30
C LYS A 43 -11.09 4.37 4.29
N GLY A 44 -12.07 3.72 3.67
CA GLY A 44 -12.91 4.38 2.69
C GLY A 44 -13.51 3.42 1.69
N LEU A 45 -13.33 2.13 1.92
CA LEU A 45 -13.86 1.10 1.02
C LEU A 45 -15.35 0.88 1.28
N LYS A 46 -15.89 -0.21 0.75
CA LYS A 46 -17.31 -0.51 0.92
C LYS A 46 -17.52 -1.96 1.37
N PRO A 47 -18.50 -2.19 2.27
CA PRO A 47 -18.80 -3.53 2.78
C PRO A 47 -19.20 -4.49 1.66
N GLY A 48 -18.23 -5.24 1.14
CA GLY A 48 -18.51 -6.17 0.07
C GLY A 48 -17.65 -5.92 -1.15
N VAL A 49 -17.21 -4.67 -1.32
CA VAL A 49 -16.37 -4.30 -2.45
C VAL A 49 -14.89 -4.42 -2.09
N VAL A 50 -14.14 -5.13 -2.91
CA VAL A 50 -12.71 -5.31 -2.67
C VAL A 50 -11.90 -4.26 -3.43
N TYR A 51 -10.78 -3.85 -2.84
CA TYR A 51 -9.92 -2.86 -3.46
C TYR A 51 -8.54 -3.44 -3.75
N GLU A 52 -8.14 -3.40 -5.01
CA GLU A 52 -6.84 -3.93 -5.41
C GLU A 52 -5.76 -2.88 -5.19
N GLY A 53 -4.54 -3.34 -4.87
CA GLY A 53 -3.45 -2.41 -4.63
C GLY A 53 -2.08 -3.03 -4.83
N GLN A 54 -1.14 -2.19 -5.26
CA GLN A 54 0.24 -2.62 -5.48
C GLN A 54 1.20 -1.61 -4.85
N LEU A 55 2.28 -2.10 -4.27
CA LEU A 55 3.26 -1.23 -3.63
C LEU A 55 4.54 -1.13 -4.44
N ILE A 56 4.75 0.02 -5.08
CA ILE A 56 5.96 0.25 -5.86
C ILE A 56 6.98 1.02 -5.03
N SER A 57 8.24 0.62 -5.12
CA SER A 57 9.30 1.26 -4.36
C SER A 57 10.24 2.04 -5.25
N ILE A 58 10.51 3.27 -4.86
CA ILE A 58 11.40 4.14 -5.61
C ILE A 58 12.67 4.43 -4.81
N GLN A 59 13.83 4.09 -5.39
CA GLN A 59 15.11 4.30 -4.74
C GLN A 59 15.95 5.32 -5.50
N GLN A 60 17.12 5.65 -4.95
CA GLN A 60 18.01 6.62 -5.58
C GLN A 60 18.54 6.10 -6.91
N TYR A 61 18.71 4.78 -6.99
CA TYR A 61 19.22 4.15 -8.21
C TYR A 61 18.07 3.51 -9.00
N GLY A 62 16.87 3.64 -8.47
CA GLY A 62 15.70 3.07 -9.13
C GLY A 62 15.71 1.56 -9.13
N HIS A 63 15.15 0.97 -8.08
CA HIS A 63 15.08 -0.49 -7.96
C HIS A 63 13.71 -1.00 -8.39
N GLN A 64 12.68 -0.27 -7.99
CA GLN A 64 11.30 -0.61 -8.32
C GLN A 64 10.87 -1.91 -7.65
N GLU A 65 10.50 -1.83 -6.37
CA GLU A 65 10.04 -2.98 -5.62
C GLU A 65 8.52 -3.01 -5.63
N VAL A 66 7.95 -4.13 -6.04
CA VAL A 66 6.50 -4.24 -6.14
C VAL A 66 5.94 -5.43 -5.37
N THR A 67 4.85 -5.18 -4.65
CA THR A 67 4.15 -6.21 -3.87
C THR A 67 2.64 -6.06 -4.04
N ARG A 68 1.98 -7.12 -4.53
CA ARG A 68 0.54 -7.09 -4.74
C ARG A 68 -0.22 -7.49 -3.48
N PHE A 69 -1.34 -6.80 -3.22
CA PHE A 69 -2.16 -7.07 -2.06
C PHE A 69 -3.61 -6.63 -2.28
N ASP A 70 -4.52 -7.27 -1.55
CA ASP A 70 -5.95 -6.94 -1.65
C ASP A 70 -6.46 -6.56 -0.27
N PHE A 71 -7.11 -5.41 -0.16
CA PHE A 71 -7.62 -4.95 1.12
C PHE A 71 -8.91 -4.15 1.00
N THR A 72 -9.71 -4.19 2.06
CA THR A 72 -10.98 -3.47 2.14
C THR A 72 -11.26 -3.06 3.58
N THR A 73 -12.22 -2.17 3.77
CA THR A 73 -12.57 -1.71 5.11
C THR A 73 -13.19 -2.83 5.94
N THR A 74 -13.96 -3.69 5.28
CA THR A 74 -14.61 -4.80 5.96
C THR A 74 -14.98 -5.92 4.97
N SER A 75 -13.96 -6.56 4.41
CA SER A 75 -14.17 -7.65 3.46
C SER A 75 -12.91 -8.50 3.33
N THR A 76 -11.85 -7.90 2.79
CA THR A 76 -10.57 -8.60 2.61
C THR A 76 -10.71 -9.86 1.76
N SER A 77 -10.07 -9.87 0.61
CA SER A 77 -10.13 -11.02 -0.29
C SER A 77 -8.93 -11.93 -0.09
N THR A 78 -9.19 -13.18 0.32
CA THR A 78 -8.14 -14.15 0.55
C THR A 78 -8.69 -15.58 0.51
N PRO A 79 -9.07 -16.07 -0.69
CA PRO A 79 -9.63 -17.42 -0.86
C PRO A 79 -8.55 -18.49 -0.82
N GLY A 80 -7.76 -18.58 -1.89
CA GLY A 80 -6.71 -19.57 -1.96
C GLY A 80 -5.54 -19.13 -2.82
N SER A 81 -4.45 -19.88 -2.76
CA SER A 81 -3.24 -19.57 -3.55
C SER A 81 -2.75 -18.16 -3.24
N ARG A 82 -1.79 -17.69 -4.04
CA ARG A 82 -1.21 -16.37 -3.86
C ARG A 82 -0.65 -16.20 -2.45
N SER A 83 -0.15 -17.30 -1.89
CA SER A 83 0.43 -17.28 -0.55
C SER A 83 1.85 -17.82 -0.56
N HIS A 84 2.11 -18.78 -1.45
CA HIS A 84 3.43 -19.37 -1.55
C HIS A 84 3.93 -19.32 -3.00
N HIS A 85 3.05 -18.97 -3.91
CA HIS A 85 3.41 -18.88 -5.33
C HIS A 85 4.47 -17.81 -5.55
N HIS A 86 5.74 -18.23 -5.54
CA HIS A 86 6.86 -17.31 -5.75
C HIS A 86 8.17 -18.07 -5.89
N HIS A 87 9.28 -17.39 -5.61
CA HIS A 87 10.60 -17.99 -5.70
C HIS A 87 10.91 -18.45 -7.13
N HIS A 88 10.59 -19.69 -7.43
CA HIS A 88 10.84 -20.25 -8.77
C HIS A 88 9.58 -20.18 -9.63
N HIS A 89 9.70 -19.53 -10.79
CA HIS A 89 8.57 -19.40 -11.71
C HIS A 89 7.36 -18.79 -11.02
N MET A 1 8.01 -9.11 -12.30
CA MET A 1 8.30 -10.52 -12.68
C MET A 1 9.80 -10.74 -12.84
N ARG A 2 10.51 -10.87 -11.72
CA ARG A 2 11.95 -11.08 -11.75
C ARG A 2 12.31 -12.50 -11.32
N GLY A 3 11.69 -12.96 -10.24
CA GLY A 3 11.94 -14.30 -9.75
C GLY A 3 11.98 -14.36 -8.24
N SER A 4 13.05 -13.85 -7.65
CA SER A 4 13.21 -13.86 -6.20
C SER A 4 13.61 -12.48 -5.69
N ASN A 5 13.19 -12.16 -4.47
CA ASN A 5 13.51 -10.87 -3.87
C ASN A 5 14.28 -11.06 -2.57
N ALA A 6 14.38 -12.32 -2.12
CA ALA A 6 15.09 -12.64 -0.89
C ALA A 6 14.42 -12.02 0.33
N PRO A 7 13.86 -12.84 1.22
CA PRO A 7 13.18 -12.34 2.43
C PRO A 7 14.10 -11.50 3.31
N GLN A 8 14.13 -10.21 3.05
CA GLN A 8 14.97 -9.28 3.81
C GLN A 8 14.66 -7.84 3.44
N PRO A 9 13.48 -7.33 3.84
CA PRO A 9 13.07 -5.95 3.54
C PRO A 9 13.81 -4.93 4.39
N SER A 10 13.89 -3.70 3.88
CA SER A 10 14.56 -2.61 4.58
C SER A 10 13.89 -1.28 4.28
N HIS A 11 14.60 -0.18 4.54
CA HIS A 11 14.05 1.15 4.28
C HIS A 11 14.45 1.64 2.90
N ILE A 12 13.45 2.11 2.15
CA ILE A 12 13.67 2.63 0.80
C ILE A 12 13.62 4.15 0.79
N SER A 13 14.23 4.75 -0.23
CA SER A 13 14.23 6.19 -0.37
C SER A 13 12.80 6.71 -0.27
N LYS A 14 11.88 5.95 -0.84
CA LYS A 14 10.46 6.30 -0.79
C LYS A 14 9.59 5.12 -1.25
N TYR A 15 8.44 4.97 -0.61
CA TYR A 15 7.50 3.90 -0.94
C TYR A 15 6.18 4.51 -1.42
N ILE A 16 5.64 4.00 -2.52
CA ILE A 16 4.38 4.51 -3.03
C ILE A 16 3.29 3.45 -2.96
N LEU A 17 2.11 3.89 -2.56
CA LEU A 17 0.97 3.01 -2.46
C LEU A 17 -0.07 3.36 -3.49
N ARG A 18 -0.31 2.47 -4.43
CA ARG A 18 -1.30 2.70 -5.46
C ARG A 18 -2.39 1.66 -5.37
N TRP A 19 -3.65 2.10 -5.32
CA TRP A 19 -4.76 1.17 -5.23
C TRP A 19 -6.04 1.75 -5.82
N ARG A 20 -6.91 0.83 -6.24
CA ARG A 20 -8.20 1.18 -6.84
C ARG A 20 -9.14 -0.02 -6.73
N PRO A 21 -10.45 0.19 -6.87
CA PRO A 21 -11.43 -0.91 -6.78
C PRO A 21 -11.18 -2.02 -7.79
N LYS A 22 -10.82 -3.19 -7.29
CA LYS A 22 -10.54 -4.34 -8.13
C LYS A 22 -11.76 -4.71 -8.97
N ASN A 23 -12.93 -4.40 -8.45
CA ASN A 23 -14.18 -4.70 -9.16
C ASN A 23 -14.38 -3.74 -10.32
N SER A 24 -14.00 -2.48 -10.13
CA SER A 24 -14.14 -1.46 -11.16
C SER A 24 -12.85 -1.33 -11.97
N VAL A 25 -12.70 -0.19 -12.64
CA VAL A 25 -11.51 0.06 -13.45
C VAL A 25 -11.03 1.50 -13.28
N GLY A 26 -9.72 1.66 -13.15
CA GLY A 26 -9.13 2.98 -12.99
C GLY A 26 -9.37 3.56 -11.61
N ARG A 27 -9.19 4.87 -11.49
CA ARG A 27 -9.38 5.57 -10.21
C ARG A 27 -8.42 5.06 -9.15
N TRP A 28 -7.12 5.15 -9.43
CA TRP A 28 -6.10 4.70 -8.49
C TRP A 28 -5.87 5.75 -7.40
N LYS A 29 -4.97 5.45 -6.47
CA LYS A 29 -4.65 6.37 -5.39
C LYS A 29 -3.17 6.31 -5.09
N GLU A 30 -2.57 7.44 -4.72
CA GLU A 30 -1.14 7.48 -4.44
C GLU A 30 -0.85 7.92 -3.01
N ALA A 31 -0.03 7.14 -2.32
CA ALA A 31 0.37 7.44 -0.96
C ALA A 31 1.85 7.09 -0.75
N THR A 32 2.68 8.10 -0.58
CA THR A 32 4.12 7.89 -0.40
C THR A 32 4.52 7.89 1.07
N ILE A 33 5.14 6.79 1.50
CA ILE A 33 5.60 6.66 2.86
C ILE A 33 7.10 6.36 2.87
N PRO A 34 7.93 7.31 3.34
CA PRO A 34 9.39 7.13 3.38
C PRO A 34 9.79 6.00 4.32
N GLY A 35 10.10 4.85 3.75
CA GLY A 35 10.48 3.70 4.56
C GLY A 35 9.30 3.14 5.32
N HIS A 36 9.11 3.63 6.55
CA HIS A 36 8.00 3.17 7.39
C HIS A 36 8.00 3.92 8.73
N LEU A 37 7.11 4.91 8.85
CA LEU A 37 7.01 5.69 10.07
C LEU A 37 6.18 4.94 11.11
N ASN A 38 5.20 4.19 10.63
CA ASN A 38 4.32 3.41 11.49
C ASN A 38 3.39 2.53 10.66
N SER A 39 2.40 1.95 11.32
CA SER A 39 1.43 1.09 10.63
C SER A 39 0.43 1.93 9.85
N TYR A 40 0.58 1.95 8.53
CA TYR A 40 -0.32 2.73 7.68
C TYR A 40 -1.34 1.83 7.00
N THR A 41 -2.60 1.95 7.42
CA THR A 41 -3.67 1.15 6.85
C THR A 41 -4.84 2.02 6.41
N ILE A 42 -5.26 1.86 5.16
CA ILE A 42 -6.37 2.64 4.61
C ILE A 42 -7.71 2.04 5.02
N LYS A 43 -8.54 2.84 5.66
CA LYS A 43 -9.86 2.40 6.10
C LYS A 43 -10.92 3.41 5.72
N GLY A 44 -11.92 2.96 4.96
CA GLY A 44 -12.99 3.85 4.53
C GLY A 44 -13.52 3.50 3.15
N LEU A 45 -13.36 2.24 2.76
CA LEU A 45 -13.83 1.78 1.45
C LEU A 45 -15.34 1.60 1.45
N LYS A 46 -15.81 0.54 0.80
CA LYS A 46 -17.25 0.27 0.73
C LYS A 46 -17.52 -1.23 0.81
N PRO A 47 -18.70 -1.62 1.32
CA PRO A 47 -19.07 -3.03 1.46
C PRO A 47 -19.47 -3.66 0.13
N GLY A 48 -19.00 -4.88 -0.11
CA GLY A 48 -19.33 -5.58 -1.34
C GLY A 48 -18.29 -5.36 -2.42
N VAL A 49 -17.43 -4.37 -2.23
CA VAL A 49 -16.38 -4.06 -3.20
C VAL A 49 -14.99 -4.19 -2.58
N VAL A 50 -14.08 -4.83 -3.30
CA VAL A 50 -12.72 -5.01 -2.83
C VAL A 50 -11.78 -4.06 -3.57
N TYR A 51 -10.81 -3.51 -2.84
CA TYR A 51 -9.87 -2.58 -3.43
C TYR A 51 -8.50 -3.22 -3.61
N GLU A 52 -8.05 -3.30 -4.86
CA GLU A 52 -6.75 -3.89 -5.16
C GLU A 52 -5.65 -2.84 -5.02
N GLY A 53 -4.53 -3.22 -4.44
CA GLY A 53 -3.44 -2.27 -4.25
C GLY A 53 -2.07 -2.87 -4.42
N GLN A 54 -1.15 -2.06 -4.94
CA GLN A 54 0.23 -2.47 -5.16
C GLN A 54 1.16 -1.39 -4.64
N LEU A 55 2.22 -1.79 -3.95
CA LEU A 55 3.17 -0.83 -3.41
C LEU A 55 4.43 -0.73 -4.25
N ILE A 56 4.57 0.37 -4.99
CA ILE A 56 5.74 0.59 -5.82
C ILE A 56 6.77 1.42 -5.06
N SER A 57 7.95 0.85 -4.86
CA SER A 57 9.02 1.51 -4.13
C SER A 57 10.09 2.06 -5.05
N ILE A 58 10.43 3.33 -4.83
CA ILE A 58 11.47 3.99 -5.62
C ILE A 58 12.67 4.33 -4.74
N GLN A 59 13.85 3.93 -5.21
CA GLN A 59 15.09 4.18 -4.47
C GLN A 59 16.01 5.11 -5.25
N GLN A 60 17.18 5.38 -4.68
CA GLN A 60 18.16 6.25 -5.32
C GLN A 60 18.82 5.56 -6.51
N TYR A 61 18.55 4.27 -6.66
CA TYR A 61 19.12 3.49 -7.76
C TYR A 61 18.14 3.43 -8.94
N GLY A 62 16.96 3.98 -8.74
CA GLY A 62 15.96 3.98 -9.80
C GLY A 62 15.28 2.63 -9.97
N HIS A 63 15.14 1.90 -8.88
CA HIS A 63 14.50 0.58 -8.91
C HIS A 63 13.00 0.70 -8.69
N GLN A 64 12.31 -0.43 -8.67
CA GLN A 64 10.87 -0.44 -8.47
C GLN A 64 10.41 -1.72 -7.77
N GLU A 65 10.09 -1.59 -6.48
CA GLU A 65 9.62 -2.72 -5.70
C GLU A 65 8.09 -2.71 -5.65
N VAL A 66 7.47 -3.80 -6.03
CA VAL A 66 6.02 -3.84 -6.06
C VAL A 66 5.44 -5.09 -5.39
N THR A 67 4.42 -4.87 -4.56
CA THR A 67 3.76 -5.94 -3.83
C THR A 67 2.24 -5.73 -3.87
N ARG A 68 1.52 -6.72 -4.38
CA ARG A 68 0.06 -6.63 -4.49
C ARG A 68 -0.61 -7.05 -3.18
N PHE A 69 -1.76 -6.43 -2.89
CA PHE A 69 -2.51 -6.74 -1.68
C PHE A 69 -3.98 -6.35 -1.85
N ASP A 70 -4.86 -7.18 -1.30
CA ASP A 70 -6.29 -6.94 -1.38
C ASP A 70 -6.86 -6.66 0.01
N PHE A 71 -7.50 -5.51 0.17
CA PHE A 71 -8.07 -5.15 1.47
C PHE A 71 -9.40 -4.43 1.32
N THR A 72 -10.26 -4.57 2.34
CA THR A 72 -11.58 -3.95 2.34
C THR A 72 -11.96 -3.51 3.74
N THR A 73 -12.62 -2.36 3.84
CA THR A 73 -13.04 -1.85 5.15
C THR A 73 -14.18 -2.68 5.73
N THR A 74 -14.96 -3.31 4.84
CA THR A 74 -16.08 -4.14 5.27
C THR A 74 -16.71 -4.85 4.07
N SER A 75 -15.91 -5.66 3.38
CA SER A 75 -16.41 -6.40 2.22
C SER A 75 -16.02 -7.88 2.30
N THR A 76 -14.86 -8.22 1.74
CA THR A 76 -14.37 -9.59 1.74
C THR A 76 -12.90 -9.66 1.37
N SER A 77 -12.38 -10.88 1.26
CA SER A 77 -10.97 -11.10 0.91
C SER A 77 -10.05 -10.40 1.90
N THR A 78 -10.23 -10.72 3.18
CA THR A 78 -9.42 -10.15 4.24
C THR A 78 -9.10 -11.17 5.32
N PRO A 79 -8.25 -12.17 4.99
CA PRO A 79 -7.87 -13.24 5.94
C PRO A 79 -7.26 -12.68 7.23
N GLY A 80 -6.16 -11.96 7.08
CA GLY A 80 -5.49 -11.38 8.24
C GLY A 80 -4.08 -11.91 8.42
N SER A 81 -3.96 -13.23 8.49
CA SER A 81 -2.66 -13.87 8.66
C SER A 81 -1.94 -14.01 7.32
N ARG A 82 -1.19 -12.99 6.95
CA ARG A 82 -0.45 -13.00 5.70
C ARG A 82 0.86 -13.76 5.82
N SER A 83 1.56 -13.54 6.93
CA SER A 83 2.83 -14.22 7.18
C SER A 83 3.04 -14.49 8.66
N HIS A 84 2.95 -13.45 9.47
CA HIS A 84 3.14 -13.58 10.91
C HIS A 84 1.99 -12.92 11.68
N HIS A 85 0.86 -13.62 11.75
CA HIS A 85 -0.32 -13.11 12.46
C HIS A 85 -0.74 -11.75 11.94
N HIS A 86 -0.60 -10.71 12.78
CA HIS A 86 -0.99 -9.36 12.40
C HIS A 86 0.12 -8.69 11.59
N HIS A 87 1.34 -9.20 11.73
CA HIS A 87 2.49 -8.65 11.02
C HIS A 87 2.72 -7.19 11.39
N HIS A 88 2.48 -6.88 12.65
CA HIS A 88 2.66 -5.51 13.15
C HIS A 88 4.13 -5.14 13.21
N HIS A 89 4.49 -4.03 12.57
CA HIS A 89 5.87 -3.57 12.54
C HIS A 89 6.81 -4.64 12.02
N MET A 1 -3.28 -0.19 22.67
CA MET A 1 -2.21 0.28 21.75
C MET A 1 -1.42 -0.89 21.18
N ARG A 2 -0.76 -0.64 20.05
CA ARG A 2 0.03 -1.68 19.39
C ARG A 2 1.52 -1.50 19.69
N GLY A 3 2.31 -2.51 19.33
CA GLY A 3 3.74 -2.45 19.58
C GLY A 3 4.54 -2.98 18.42
N SER A 4 5.82 -3.30 18.67
CA SER A 4 6.71 -3.82 17.64
C SER A 4 7.45 -5.04 18.13
N ASN A 5 7.63 -6.02 17.25
CA ASN A 5 8.33 -7.26 17.59
C ASN A 5 9.82 -7.13 17.29
N ALA A 6 10.14 -6.52 16.15
CA ALA A 6 11.53 -6.34 15.75
C ALA A 6 11.67 -5.14 14.81
N PRO A 7 12.37 -4.07 15.26
CA PRO A 7 12.57 -2.86 14.44
C PRO A 7 13.44 -3.13 13.22
N GLN A 8 13.09 -2.51 12.10
CA GLN A 8 13.84 -2.68 10.87
C GLN A 8 14.93 -1.62 10.76
N PRO A 9 16.18 -2.05 10.49
CA PRO A 9 17.32 -1.13 10.38
C PRO A 9 17.36 -0.40 9.04
N SER A 10 17.33 -1.18 7.95
CA SER A 10 17.36 -0.60 6.61
C SER A 10 15.96 -0.42 6.05
N HIS A 11 15.74 0.69 5.34
CA HIS A 11 14.44 0.98 4.75
C HIS A 11 14.60 1.54 3.34
N ILE A 12 13.48 1.93 2.74
CA ILE A 12 13.48 2.48 1.39
C ILE A 12 13.31 4.01 1.41
N SER A 13 13.88 4.68 0.42
CA SER A 13 13.78 6.13 0.32
C SER A 13 12.32 6.55 0.39
N LYS A 14 11.48 5.88 -0.38
CA LYS A 14 10.05 6.17 -0.39
C LYS A 14 9.25 4.99 -0.94
N TYR A 15 8.07 4.79 -0.37
CA TYR A 15 7.17 3.72 -0.77
C TYR A 15 5.86 4.29 -1.26
N ILE A 16 5.38 3.83 -2.41
CA ILE A 16 4.12 4.33 -2.95
C ILE A 16 3.07 3.23 -2.97
N LEU A 17 1.88 3.56 -2.50
CA LEU A 17 0.78 2.63 -2.48
C LEU A 17 -0.27 3.04 -3.49
N ARG A 18 -0.46 2.21 -4.51
CA ARG A 18 -1.44 2.50 -5.55
C ARG A 18 -2.53 1.46 -5.55
N TRP A 19 -3.78 1.90 -5.52
CA TRP A 19 -4.90 0.98 -5.51
C TRP A 19 -6.15 1.59 -6.12
N ARG A 20 -7.07 0.72 -6.52
CA ARG A 20 -8.33 1.09 -7.12
C ARG A 20 -9.31 -0.07 -6.99
N PRO A 21 -10.63 0.18 -7.10
CA PRO A 21 -11.64 -0.89 -6.97
C PRO A 21 -11.44 -2.00 -7.99
N LYS A 22 -11.18 -3.20 -7.48
CA LYS A 22 -10.96 -4.37 -8.33
C LYS A 22 -12.19 -4.66 -9.19
N ASN A 23 -13.37 -4.48 -8.60
CA ASN A 23 -14.62 -4.72 -9.32
C ASN A 23 -14.86 -3.64 -10.36
N SER A 24 -14.32 -2.45 -10.13
CA SER A 24 -14.48 -1.34 -11.05
C SER A 24 -13.26 -1.22 -11.98
N VAL A 25 -13.14 -0.08 -12.65
CA VAL A 25 -12.02 0.14 -13.57
C VAL A 25 -11.62 1.61 -13.60
N GLY A 26 -10.41 1.90 -13.13
CA GLY A 26 -9.92 3.26 -13.13
C GLY A 26 -9.95 3.89 -11.75
N ARG A 27 -9.52 5.15 -11.66
CA ARG A 27 -9.50 5.89 -10.40
C ARG A 27 -8.60 5.19 -9.38
N TRP A 28 -7.31 5.55 -9.40
CA TRP A 28 -6.35 4.97 -8.48
C TRP A 28 -6.06 5.94 -7.32
N LYS A 29 -5.13 5.55 -6.45
CA LYS A 29 -4.77 6.38 -5.31
C LYS A 29 -3.33 6.12 -4.92
N GLU A 30 -2.64 7.14 -4.42
CA GLU A 30 -1.24 7.00 -4.04
C GLU A 30 -1.03 7.32 -2.56
N ALA A 31 -0.19 6.51 -1.92
CA ALA A 31 0.13 6.69 -0.50
C ALA A 31 1.62 6.48 -0.27
N THR A 32 2.32 7.56 0.07
CA THR A 32 3.75 7.49 0.31
C THR A 32 4.08 7.17 1.75
N ILE A 33 5.06 6.29 1.95
CA ILE A 33 5.49 5.89 3.27
C ILE A 33 7.01 5.81 3.34
N PRO A 34 7.66 6.74 4.06
CA PRO A 34 9.13 6.78 4.18
C PRO A 34 9.68 5.65 5.03
N GLY A 35 9.94 4.51 4.40
CA GLY A 35 10.47 3.36 5.11
C GLY A 35 9.64 2.99 6.32
N HIS A 36 8.33 3.08 6.18
CA HIS A 36 7.41 2.76 7.27
C HIS A 36 7.68 3.63 8.50
N LEU A 37 7.10 4.82 8.51
CA LEU A 37 7.27 5.75 9.62
C LEU A 37 6.56 5.23 10.86
N ASN A 38 5.44 4.54 10.64
CA ASN A 38 4.65 3.97 11.72
C ASN A 38 3.41 3.29 11.15
N SER A 39 2.36 3.18 11.95
CA SER A 39 1.11 2.57 11.48
C SER A 39 0.35 3.54 10.60
N TYR A 40 0.39 3.30 9.30
CA TYR A 40 -0.30 4.16 8.34
C TYR A 40 -1.66 3.58 7.96
N THR A 41 -2.70 4.41 8.09
CA THR A 41 -4.06 3.97 7.79
C THR A 41 -4.49 4.44 6.40
N ILE A 42 -5.32 3.63 5.76
CA ILE A 42 -5.84 3.95 4.43
C ILE A 42 -7.32 4.31 4.51
N LYS A 43 -7.70 5.35 3.77
CA LYS A 43 -9.09 5.81 3.76
C LYS A 43 -10.06 4.63 3.70
N GLY A 44 -11.14 4.72 4.47
CA GLY A 44 -12.13 3.66 4.51
C GLY A 44 -12.63 3.25 3.13
N LEU A 45 -12.62 1.96 2.87
CA LEU A 45 -13.09 1.43 1.58
C LEU A 45 -14.60 1.24 1.61
N LYS A 46 -15.07 0.11 1.07
CA LYS A 46 -16.49 -0.18 1.06
C LYS A 46 -16.74 -1.64 1.43
N PRO A 47 -17.46 -1.89 2.55
CA PRO A 47 -17.78 -3.25 3.01
C PRO A 47 -18.57 -4.03 1.97
N GLY A 48 -17.95 -5.06 1.41
CA GLY A 48 -18.62 -5.87 0.42
C GLY A 48 -17.87 -5.90 -0.90
N VAL A 49 -17.08 -4.86 -1.15
CA VAL A 49 -16.30 -4.77 -2.38
C VAL A 49 -14.80 -4.74 -2.08
N VAL A 50 -14.03 -5.48 -2.86
CA VAL A 50 -12.59 -5.54 -2.67
C VAL A 50 -11.85 -4.58 -3.60
N TYR A 51 -10.81 -3.94 -3.06
CA TYR A 51 -10.03 -2.98 -3.84
C TYR A 51 -8.68 -3.59 -4.21
N GLU A 52 -8.33 -3.53 -5.50
CA GLU A 52 -7.05 -4.06 -5.96
C GLU A 52 -5.96 -3.02 -5.77
N GLY A 53 -4.79 -3.46 -5.31
CA GLY A 53 -3.70 -2.53 -5.08
C GLY A 53 -2.32 -3.13 -5.31
N GLN A 54 -1.35 -2.26 -5.59
CA GLN A 54 0.03 -2.66 -5.81
C GLN A 54 0.97 -1.74 -5.03
N LEU A 55 2.05 -2.29 -4.50
CA LEU A 55 3.00 -1.49 -3.74
C LEU A 55 4.28 -1.27 -4.51
N ILE A 56 4.47 -0.06 -5.03
CA ILE A 56 5.68 0.27 -5.77
C ILE A 56 6.73 0.86 -4.84
N SER A 57 7.97 0.46 -5.03
CA SER A 57 9.05 0.93 -4.18
C SER A 57 10.14 1.63 -4.99
N ILE A 58 10.34 2.89 -4.67
CA ILE A 58 11.34 3.70 -5.35
C ILE A 58 12.46 4.10 -4.38
N GLN A 59 13.69 3.84 -4.78
CA GLN A 59 14.85 4.17 -3.96
C GLN A 59 15.76 5.17 -4.66
N GLN A 60 16.88 5.50 -4.03
CA GLN A 60 17.82 6.45 -4.59
C GLN A 60 18.60 5.85 -5.76
N TYR A 61 18.37 4.57 -6.02
CA TYR A 61 19.04 3.89 -7.13
C TYR A 61 18.12 3.76 -8.34
N GLY A 62 16.88 4.18 -8.18
CA GLY A 62 15.92 4.11 -9.27
C GLY A 62 15.26 2.76 -9.42
N HIS A 63 15.36 1.93 -8.38
CA HIS A 63 14.75 0.60 -8.41
C HIS A 63 13.23 0.71 -8.42
N GLN A 64 12.56 -0.44 -8.56
CA GLN A 64 11.10 -0.46 -8.59
C GLN A 64 10.56 -1.78 -8.07
N GLU A 65 10.22 -1.82 -6.79
CA GLU A 65 9.69 -3.02 -6.16
C GLU A 65 8.17 -2.94 -6.11
N VAL A 66 7.51 -3.87 -6.78
CA VAL A 66 6.05 -3.87 -6.82
C VAL A 66 5.45 -5.21 -6.42
N THR A 67 4.43 -5.14 -5.58
CA THR A 67 3.73 -6.34 -5.10
C THR A 67 2.22 -6.10 -5.08
N ARG A 68 1.49 -6.92 -5.83
CA ARG A 68 0.03 -6.78 -5.91
C ARG A 68 -0.66 -7.47 -4.73
N PHE A 69 -1.69 -6.80 -4.20
CA PHE A 69 -2.45 -7.33 -3.08
C PHE A 69 -3.91 -6.89 -3.15
N ASP A 70 -4.79 -7.64 -2.50
CA ASP A 70 -6.21 -7.31 -2.48
C ASP A 70 -6.69 -7.08 -1.05
N PHE A 71 -7.22 -5.89 -0.79
CA PHE A 71 -7.69 -5.54 0.55
C PHE A 71 -8.88 -4.61 0.52
N THR A 72 -9.62 -4.58 1.63
CA THR A 72 -10.79 -3.73 1.78
C THR A 72 -10.92 -3.27 3.23
N THR A 73 -11.76 -2.27 3.46
CA THR A 73 -11.97 -1.75 4.82
C THR A 73 -12.34 -2.86 5.79
N THR A 74 -13.33 -3.66 5.41
CA THR A 74 -13.77 -4.77 6.26
C THR A 74 -13.75 -6.08 5.50
N SER A 75 -14.29 -6.07 4.28
CA SER A 75 -14.32 -7.26 3.45
C SER A 75 -12.91 -7.66 3.00
N THR A 76 -12.83 -8.70 2.18
CA THR A 76 -11.55 -9.18 1.67
C THR A 76 -11.76 -10.25 0.60
N SER A 77 -10.87 -10.27 -0.38
CA SER A 77 -10.95 -11.25 -1.46
C SER A 77 -10.31 -12.58 -1.06
N THR A 78 -9.08 -12.80 -1.53
CA THR A 78 -8.36 -14.02 -1.21
C THR A 78 -9.20 -15.26 -1.50
N PRO A 79 -9.49 -15.54 -2.79
CA PRO A 79 -10.29 -16.69 -3.19
C PRO A 79 -9.52 -18.01 -3.08
N GLY A 80 -10.08 -19.06 -3.66
CA GLY A 80 -9.43 -20.36 -3.62
C GLY A 80 -8.49 -20.59 -4.80
N SER A 81 -8.28 -19.53 -5.58
CA SER A 81 -7.40 -19.62 -6.75
C SER A 81 -6.32 -18.54 -6.70
N ARG A 82 -5.78 -18.20 -7.87
CA ARG A 82 -4.73 -17.19 -7.99
C ARG A 82 -3.61 -17.42 -6.97
N SER A 83 -3.49 -18.66 -6.49
CA SER A 83 -2.47 -19.01 -5.52
C SER A 83 -1.07 -18.90 -6.14
N HIS A 84 -1.01 -19.07 -7.46
CA HIS A 84 0.25 -19.01 -8.18
C HIS A 84 0.20 -17.92 -9.25
N HIS A 85 0.01 -16.68 -8.83
CA HIS A 85 -0.06 -15.55 -9.75
C HIS A 85 1.27 -15.35 -10.45
N HIS A 86 2.33 -15.92 -9.89
CA HIS A 86 3.67 -15.80 -10.46
C HIS A 86 3.89 -16.83 -11.56
N HIS A 87 5.06 -16.77 -12.19
CA HIS A 87 5.39 -17.69 -13.28
C HIS A 87 5.69 -19.08 -12.74
N HIS A 88 5.47 -20.09 -13.57
CA HIS A 88 5.72 -21.48 -13.17
C HIS A 88 7.11 -21.93 -13.62
N HIS A 89 7.84 -22.55 -12.70
CA HIS A 89 9.19 -23.03 -13.01
C HIS A 89 9.41 -24.41 -12.39
N MET A 1 10.45 -26.86 4.72
CA MET A 1 10.95 -25.61 4.07
C MET A 1 12.37 -25.28 4.51
N ARG A 2 13.06 -24.49 3.69
CA ARG A 2 14.44 -24.10 3.99
C ARG A 2 14.75 -22.74 3.39
N GLY A 3 15.42 -21.89 4.17
CA GLY A 3 15.77 -20.56 3.69
C GLY A 3 16.07 -19.60 4.82
N SER A 4 15.13 -18.69 5.07
CA SER A 4 15.29 -17.70 6.14
C SER A 4 16.57 -16.89 5.95
N ASN A 5 16.49 -15.84 5.14
CA ASN A 5 17.63 -14.99 4.87
C ASN A 5 18.16 -14.35 6.15
N ALA A 6 19.38 -13.81 6.08
CA ALA A 6 20.00 -13.16 7.23
C ALA A 6 19.21 -11.92 7.65
N PRO A 7 18.91 -11.79 8.95
CA PRO A 7 18.16 -10.64 9.48
C PRO A 7 18.93 -9.34 9.34
N GLN A 8 18.37 -8.38 8.60
CA GLN A 8 19.02 -7.09 8.39
C GLN A 8 18.01 -6.05 7.90
N PRO A 9 18.13 -4.80 8.38
CA PRO A 9 17.22 -3.71 7.97
C PRO A 9 17.24 -3.46 6.47
N SER A 10 16.32 -2.62 6.01
CA SER A 10 16.21 -2.28 4.60
C SER A 10 15.77 -0.84 4.41
N HIS A 11 14.57 -0.53 4.91
CA HIS A 11 13.99 0.81 4.82
C HIS A 11 14.35 1.52 3.52
N ILE A 12 13.50 1.38 2.52
CA ILE A 12 13.71 2.01 1.23
C ILE A 12 13.61 3.53 1.34
N SER A 13 14.26 4.24 0.41
CA SER A 13 14.22 5.70 0.40
C SER A 13 12.78 6.20 0.41
N LYS A 14 11.92 5.51 -0.34
CA LYS A 14 10.51 5.89 -0.40
C LYS A 14 9.64 4.72 -0.82
N TYR A 15 8.44 4.67 -0.26
CA TYR A 15 7.48 3.61 -0.56
C TYR A 15 6.16 4.22 -1.03
N ILE A 16 5.66 3.81 -2.18
CA ILE A 16 4.40 4.34 -2.68
C ILE A 16 3.34 3.26 -2.69
N LEU A 17 2.15 3.63 -2.23
CA LEU A 17 1.04 2.71 -2.18
C LEU A 17 0.03 3.02 -3.26
N ARG A 18 -0.13 2.09 -4.19
CA ARG A 18 -1.06 2.25 -5.28
C ARG A 18 -2.24 1.30 -5.11
N TRP A 19 -3.45 1.81 -5.31
CA TRP A 19 -4.65 0.98 -5.17
C TRP A 19 -5.85 1.60 -5.86
N ARG A 20 -6.74 0.75 -6.33
CA ARG A 20 -7.95 1.17 -7.01
C ARG A 20 -9.00 0.06 -6.96
N PRO A 21 -10.29 0.40 -7.01
CA PRO A 21 -11.39 -0.58 -6.97
C PRO A 21 -11.30 -1.60 -8.10
N LYS A 22 -11.11 -2.86 -7.73
CA LYS A 22 -11.01 -3.94 -8.71
C LYS A 22 -12.35 -4.16 -9.42
N ASN A 23 -13.45 -3.94 -8.69
CA ASN A 23 -14.78 -4.13 -9.26
C ASN A 23 -15.31 -2.82 -9.83
N SER A 24 -15.13 -1.73 -9.09
CA SER A 24 -15.60 -0.43 -9.53
C SER A 24 -14.51 0.34 -10.27
N VAL A 25 -14.71 1.64 -10.43
CA VAL A 25 -13.74 2.49 -11.12
C VAL A 25 -13.47 3.76 -10.31
N GLY A 26 -12.38 4.43 -10.65
CA GLY A 26 -12.03 5.66 -9.95
C GLY A 26 -10.53 5.90 -9.94
N ARG A 27 -9.84 5.37 -10.93
CA ARG A 27 -8.40 5.53 -11.05
C ARG A 27 -7.68 4.97 -9.84
N TRP A 28 -6.35 5.07 -9.83
CA TRP A 28 -5.55 4.57 -8.72
C TRP A 28 -5.29 5.66 -7.69
N LYS A 29 -4.53 5.32 -6.65
CA LYS A 29 -4.18 6.26 -5.61
C LYS A 29 -2.77 5.98 -5.13
N GLU A 30 -2.01 7.04 -4.84
CA GLU A 30 -0.63 6.85 -4.39
C GLU A 30 -0.38 7.45 -3.00
N ALA A 31 0.28 6.67 -2.16
CA ALA A 31 0.61 7.09 -0.80
C ALA A 31 2.07 6.76 -0.50
N THR A 32 2.89 7.80 -0.38
CA THR A 32 4.31 7.62 -0.12
C THR A 32 4.64 7.62 1.37
N ILE A 33 5.55 6.72 1.74
CA ILE A 33 6.00 6.58 3.12
C ILE A 33 7.50 6.32 3.15
N PRO A 34 8.30 7.32 3.55
CA PRO A 34 9.76 7.19 3.63
C PRO A 34 10.20 6.09 4.57
N GLY A 35 10.34 4.87 4.03
CA GLY A 35 10.76 3.74 4.85
C GLY A 35 9.89 3.56 6.09
N HIS A 36 8.58 3.69 5.90
CA HIS A 36 7.63 3.55 7.00
C HIS A 36 7.93 4.56 8.11
N LEU A 37 7.39 5.77 7.96
CA LEU A 37 7.61 6.81 8.95
C LEU A 37 6.68 6.64 10.14
N ASN A 38 5.49 6.10 9.88
CA ASN A 38 4.49 5.89 10.94
C ASN A 38 3.37 4.97 10.44
N SER A 39 2.32 4.85 11.25
CA SER A 39 1.18 4.01 10.89
C SER A 39 0.26 4.72 9.91
N TYR A 40 0.10 4.14 8.73
CA TYR A 40 -0.76 4.71 7.69
C TYR A 40 -2.04 3.89 7.53
N THR A 41 -3.18 4.55 7.65
CA THR A 41 -4.47 3.89 7.53
C THR A 41 -5.16 4.24 6.21
N ILE A 42 -5.92 3.29 5.67
CA ILE A 42 -6.63 3.50 4.43
C ILE A 42 -8.12 3.70 4.68
N LYS A 43 -8.72 4.67 3.97
CA LYS A 43 -10.13 4.99 4.12
C LYS A 43 -10.99 3.73 4.05
N GLY A 44 -12.17 3.80 4.66
CA GLY A 44 -13.08 2.66 4.66
C GLY A 44 -13.45 2.20 3.26
N LEU A 45 -13.30 0.90 3.01
CA LEU A 45 -13.62 0.33 1.72
C LEU A 45 -15.14 0.23 1.55
N LYS A 46 -15.61 -0.90 1.02
CA LYS A 46 -17.04 -1.10 0.81
C LYS A 46 -17.41 -2.58 0.83
N PRO A 47 -18.49 -2.94 1.55
CA PRO A 47 -18.95 -4.32 1.65
C PRO A 47 -19.42 -4.88 0.31
N GLY A 48 -18.74 -5.91 -0.17
CA GLY A 48 -19.10 -6.52 -1.44
C GLY A 48 -18.19 -6.10 -2.58
N VAL A 49 -17.32 -5.12 -2.32
CA VAL A 49 -16.39 -4.64 -3.34
C VAL A 49 -14.95 -4.85 -2.91
N VAL A 50 -14.14 -5.41 -3.81
CA VAL A 50 -12.73 -5.65 -3.53
C VAL A 50 -11.87 -4.57 -4.17
N TYR A 51 -10.88 -4.09 -3.41
CA TYR A 51 -9.98 -3.06 -3.90
C TYR A 51 -8.62 -3.64 -4.22
N GLU A 52 -8.21 -3.54 -5.48
CA GLU A 52 -6.91 -4.07 -5.90
C GLU A 52 -5.82 -3.08 -5.53
N GLY A 53 -4.70 -3.60 -5.03
CA GLY A 53 -3.61 -2.72 -4.63
C GLY A 53 -2.24 -3.27 -4.95
N GLN A 54 -1.32 -2.37 -5.26
CA GLN A 54 0.06 -2.70 -5.56
C GLN A 54 0.99 -1.77 -4.77
N LEU A 55 2.18 -2.25 -4.44
CA LEU A 55 3.13 -1.44 -3.67
C LEU A 55 4.47 -1.32 -4.40
N ILE A 56 4.75 -0.11 -4.88
CA ILE A 56 6.02 0.14 -5.58
C ILE A 56 7.04 0.75 -4.64
N SER A 57 8.28 0.30 -4.75
CA SER A 57 9.36 0.81 -3.91
C SER A 57 10.38 1.54 -4.76
N ILE A 58 10.60 2.81 -4.43
CA ILE A 58 11.55 3.64 -5.16
C ILE A 58 12.76 3.99 -4.29
N GLN A 59 13.94 3.66 -4.79
CA GLN A 59 15.18 3.94 -4.05
C GLN A 59 16.04 4.96 -4.80
N GLN A 60 17.17 5.31 -4.22
CA GLN A 60 18.08 6.26 -4.83
C GLN A 60 18.71 5.68 -6.10
N TYR A 61 18.58 4.38 -6.26
CA TYR A 61 19.13 3.69 -7.43
C TYR A 61 18.05 3.40 -8.45
N GLY A 62 16.80 3.71 -8.09
CA GLY A 62 15.68 3.47 -8.99
C GLY A 62 15.54 2.00 -9.38
N HIS A 63 15.26 1.16 -8.39
CA HIS A 63 15.10 -0.27 -8.64
C HIS A 63 13.65 -0.60 -8.97
N GLN A 64 12.74 0.11 -8.33
CA GLN A 64 11.30 -0.10 -8.54
C GLN A 64 10.88 -1.52 -8.15
N GLU A 65 10.54 -1.68 -6.88
CA GLU A 65 10.09 -2.96 -6.36
C GLU A 65 8.57 -3.00 -6.33
N VAL A 66 7.98 -4.15 -6.62
CA VAL A 66 6.52 -4.24 -6.64
C VAL A 66 5.97 -5.45 -5.91
N THR A 67 4.92 -5.21 -5.13
CA THR A 67 4.23 -6.26 -4.38
C THR A 67 2.72 -6.05 -4.46
N ARG A 68 2.01 -7.05 -4.98
CA ARG A 68 0.56 -6.94 -5.13
C ARG A 68 -0.19 -7.50 -3.92
N PHE A 69 -1.33 -6.88 -3.61
CA PHE A 69 -2.15 -7.31 -2.48
C PHE A 69 -3.61 -6.87 -2.67
N ASP A 70 -4.53 -7.70 -2.17
CA ASP A 70 -5.95 -7.41 -2.26
C ASP A 70 -6.51 -7.19 -0.86
N PHE A 71 -7.28 -6.13 -0.67
CA PHE A 71 -7.85 -5.83 0.64
C PHE A 71 -9.24 -5.25 0.55
N THR A 72 -10.04 -5.54 1.57
CA THR A 72 -11.42 -5.05 1.66
C THR A 72 -11.77 -4.77 3.11
N THR A 73 -12.84 -4.00 3.33
CA THR A 73 -13.26 -3.66 4.68
C THR A 73 -14.12 -4.76 5.28
N THR A 74 -14.87 -5.45 4.43
CA THR A 74 -15.75 -6.53 4.89
C THR A 74 -16.20 -7.41 3.73
N SER A 75 -15.85 -7.01 2.51
CA SER A 75 -16.23 -7.77 1.32
C SER A 75 -15.78 -9.22 1.44
N THR A 76 -14.49 -9.47 1.25
CA THR A 76 -13.93 -10.81 1.34
C THR A 76 -12.40 -10.77 1.35
N SER A 77 -11.78 -11.95 1.26
CA SER A 77 -10.33 -12.04 1.25
C SER A 77 -9.73 -11.44 2.53
N THR A 78 -8.70 -10.62 2.38
CA THR A 78 -8.04 -9.98 3.52
C THR A 78 -7.56 -11.03 4.53
N PRO A 79 -6.68 -11.96 4.09
CA PRO A 79 -6.16 -13.01 4.96
C PRO A 79 -4.89 -12.59 5.67
N GLY A 80 -4.26 -13.54 6.35
CA GLY A 80 -3.02 -13.25 7.07
C GLY A 80 -1.79 -13.68 6.30
N SER A 81 -1.93 -13.75 4.98
CA SER A 81 -0.82 -14.15 4.12
C SER A 81 -0.25 -12.95 3.37
N ARG A 82 -0.58 -11.75 3.85
CA ARG A 82 -0.10 -10.53 3.23
C ARG A 82 1.21 -10.06 3.86
N SER A 83 2.12 -11.01 4.07
CA SER A 83 3.42 -10.71 4.67
C SER A 83 3.24 -9.99 6.01
N HIS A 84 2.56 -10.66 6.94
CA HIS A 84 2.30 -10.10 8.26
C HIS A 84 3.61 -9.71 8.95
N HIS A 85 3.57 -8.61 9.70
CA HIS A 85 4.75 -8.13 10.41
C HIS A 85 4.38 -7.69 11.82
N HIS A 86 5.35 -7.70 12.73
CA HIS A 86 5.12 -7.31 14.12
C HIS A 86 6.34 -6.61 14.69
N HIS A 87 6.10 -5.60 15.52
CA HIS A 87 7.17 -4.84 16.15
C HIS A 87 8.11 -4.26 15.09
N HIS A 88 9.31 -3.86 15.53
CA HIS A 88 10.29 -3.29 14.61
C HIS A 88 10.97 -4.37 13.80
N HIS A 89 11.25 -5.50 14.44
CA HIS A 89 11.89 -6.63 13.76
C HIS A 89 10.95 -7.82 13.66
N MET A 1 26.82 14.98 14.97
CA MET A 1 25.84 14.75 13.89
C MET A 1 24.40 14.72 14.44
N ARG A 2 23.61 15.73 14.08
CA ARG A 2 22.24 15.81 14.55
C ARG A 2 21.43 16.81 13.71
N GLY A 3 20.20 17.05 14.11
CA GLY A 3 19.34 17.98 13.39
C GLY A 3 18.41 17.28 12.42
N SER A 4 18.79 16.08 12.00
CA SER A 4 17.99 15.28 11.08
C SER A 4 17.55 16.12 9.88
N ASN A 5 18.45 16.98 9.40
CA ASN A 5 18.16 17.83 8.26
C ASN A 5 18.54 17.13 6.95
N ALA A 6 17.94 15.97 6.71
CA ALA A 6 18.22 15.20 5.51
C ALA A 6 19.72 14.88 5.38
N PRO A 7 20.29 14.16 6.35
CA PRO A 7 21.70 13.80 6.33
C PRO A 7 21.97 12.50 5.56
N GLN A 8 21.36 11.41 6.01
CA GLN A 8 21.53 10.12 5.38
C GLN A 8 20.25 9.28 5.51
N PRO A 9 19.52 9.09 4.40
CA PRO A 9 18.28 8.31 4.40
C PRO A 9 18.48 6.88 4.88
N SER A 10 17.44 6.30 5.47
CA SER A 10 17.50 4.94 5.98
C SER A 10 16.54 4.04 5.21
N HIS A 11 16.93 2.78 5.02
CA HIS A 11 16.12 1.80 4.30
C HIS A 11 15.80 2.29 2.89
N ILE A 12 14.52 2.56 2.60
CA ILE A 12 14.11 3.02 1.28
C ILE A 12 13.95 4.53 1.26
N SER A 13 14.33 5.15 0.15
CA SER A 13 14.20 6.59 0.00
C SER A 13 12.73 7.01 0.12
N LYS A 14 11.87 6.29 -0.57
CA LYS A 14 10.44 6.57 -0.53
C LYS A 14 9.63 5.41 -1.11
N TYR A 15 8.46 5.16 -0.52
CA TYR A 15 7.59 4.09 -0.97
C TYR A 15 6.32 4.67 -1.59
N ILE A 16 5.90 4.14 -2.72
CA ILE A 16 4.68 4.63 -3.36
C ILE A 16 3.62 3.55 -3.36
N LEU A 17 2.42 3.94 -2.98
CA LEU A 17 1.31 3.02 -2.93
C LEU A 17 0.24 3.42 -3.94
N ARG A 18 0.04 2.59 -4.94
CA ARG A 18 -0.96 2.86 -5.95
C ARG A 18 -2.05 1.82 -5.91
N TRP A 19 -3.30 2.27 -5.83
CA TRP A 19 -4.42 1.34 -5.77
C TRP A 19 -5.65 1.88 -6.50
N ARG A 20 -6.55 0.96 -6.83
CA ARG A 20 -7.78 1.28 -7.53
C ARG A 20 -8.82 0.20 -7.25
N PRO A 21 -10.12 0.55 -7.26
CA PRO A 21 -11.20 -0.41 -6.99
C PRO A 21 -11.18 -1.62 -7.91
N LYS A 22 -11.14 -2.81 -7.31
CA LYS A 22 -11.11 -4.05 -8.07
C LYS A 22 -12.49 -4.38 -8.63
N ASN A 23 -13.53 -4.12 -7.84
CA ASN A 23 -14.90 -4.39 -8.25
C ASN A 23 -15.46 -3.25 -9.10
N SER A 24 -15.13 -2.02 -8.70
CA SER A 24 -15.59 -0.85 -9.41
C SER A 24 -14.53 -0.32 -10.37
N VAL A 25 -14.94 0.15 -11.53
CA VAL A 25 -14.01 0.68 -12.52
C VAL A 25 -13.72 2.15 -12.29
N GLY A 26 -12.44 2.52 -12.30
CA GLY A 26 -12.06 3.90 -12.09
C GLY A 26 -10.58 4.13 -12.31
N ARG A 27 -9.99 4.98 -11.48
CA ARG A 27 -8.56 5.29 -11.59
C ARG A 27 -7.81 4.81 -10.36
N TRP A 28 -6.48 4.96 -10.39
CA TRP A 28 -5.65 4.55 -9.27
C TRP A 28 -5.48 5.67 -8.25
N LYS A 29 -4.53 5.51 -7.33
CA LYS A 29 -4.27 6.51 -6.30
C LYS A 29 -2.82 6.42 -5.87
N GLU A 30 -2.28 7.52 -5.35
CA GLU A 30 -0.88 7.54 -4.92
C GLU A 30 -0.75 7.90 -3.44
N ALA A 31 0.02 7.08 -2.73
CA ALA A 31 0.27 7.30 -1.31
C ALA A 31 1.73 6.96 -0.97
N THR A 32 2.52 7.98 -0.65
CA THR A 32 3.92 7.79 -0.32
C THR A 32 4.14 7.53 1.16
N ILE A 33 5.06 6.62 1.47
CA ILE A 33 5.38 6.29 2.84
C ILE A 33 6.89 6.13 3.01
N PRO A 34 7.55 7.10 3.67
CA PRO A 34 9.00 7.07 3.89
C PRO A 34 9.43 5.91 4.77
N GLY A 35 9.77 4.78 4.15
CA GLY A 35 10.18 3.61 4.90
C GLY A 35 9.04 2.99 5.68
N HIS A 36 8.97 3.31 6.97
CA HIS A 36 7.92 2.79 7.83
C HIS A 36 7.85 3.57 9.14
N LEU A 37 7.39 4.81 9.05
CA LEU A 37 7.27 5.66 10.23
C LEU A 37 6.13 5.21 11.13
N ASN A 38 5.07 4.68 10.51
CA ASN A 38 3.91 4.19 11.25
C ASN A 38 3.05 3.30 10.39
N SER A 39 1.95 2.81 10.96
CA SER A 39 1.03 1.93 10.23
C SER A 39 0.10 2.74 9.33
N TYR A 40 0.33 2.65 8.02
CA TYR A 40 -0.50 3.36 7.05
C TYR A 40 -1.72 2.53 6.65
N THR A 41 -2.89 2.97 7.08
CA THR A 41 -4.13 2.26 6.78
C THR A 41 -5.05 3.10 5.90
N ILE A 42 -5.77 2.43 4.99
CA ILE A 42 -6.69 3.11 4.09
C ILE A 42 -8.14 2.87 4.51
N LYS A 43 -8.88 3.96 4.70
CA LYS A 43 -10.28 3.87 5.11
C LYS A 43 -11.19 4.51 4.07
N GLY A 44 -12.44 4.04 4.01
CA GLY A 44 -13.39 4.58 3.07
C GLY A 44 -14.04 3.51 2.22
N LEU A 45 -13.86 2.25 2.63
CA LEU A 45 -14.43 1.13 1.90
C LEU A 45 -15.66 0.58 2.63
N LYS A 46 -16.11 -0.61 2.24
CA LYS A 46 -17.28 -1.22 2.87
C LYS A 46 -17.33 -2.73 2.60
N PRO A 47 -18.01 -3.50 3.47
CA PRO A 47 -18.13 -4.94 3.31
C PRO A 47 -18.86 -5.32 2.02
N GLY A 48 -18.10 -5.79 1.03
CA GLY A 48 -18.70 -6.17 -0.24
C GLY A 48 -17.94 -5.59 -1.41
N VAL A 49 -17.08 -4.61 -1.13
CA VAL A 49 -16.29 -3.98 -2.17
C VAL A 49 -14.80 -4.22 -1.94
N VAL A 50 -14.13 -4.76 -2.96
CA VAL A 50 -12.71 -5.05 -2.86
C VAL A 50 -11.91 -4.11 -3.75
N TYR A 51 -10.83 -3.55 -3.19
CA TYR A 51 -9.98 -2.63 -3.94
C TYR A 51 -8.64 -3.28 -4.24
N GLU A 52 -8.26 -3.29 -5.52
CA GLU A 52 -6.99 -3.87 -5.94
C GLU A 52 -5.88 -2.81 -5.84
N GLY A 53 -4.77 -3.18 -5.23
CA GLY A 53 -3.68 -2.23 -5.08
C GLY A 53 -2.31 -2.83 -5.30
N GLN A 54 -1.34 -1.96 -5.53
CA GLN A 54 0.04 -2.37 -5.76
C GLN A 54 0.97 -1.45 -4.95
N LEU A 55 2.14 -1.96 -4.58
CA LEU A 55 3.10 -1.17 -3.81
C LEU A 55 4.45 -1.11 -4.51
N ILE A 56 4.77 0.06 -5.09
CA ILE A 56 6.04 0.25 -5.77
C ILE A 56 7.06 0.87 -4.82
N SER A 57 8.29 0.39 -4.87
CA SER A 57 9.35 0.89 -4.01
C SER A 57 10.50 1.47 -4.81
N ILE A 58 10.74 2.76 -4.59
CA ILE A 58 11.81 3.47 -5.28
C ILE A 58 12.89 3.90 -4.30
N GLN A 59 14.13 3.51 -4.56
CA GLN A 59 15.24 3.86 -3.70
C GLN A 59 16.13 4.92 -4.35
N GLN A 60 17.10 5.41 -3.60
CA GLN A 60 18.01 6.44 -4.09
C GLN A 60 18.88 5.90 -5.22
N TYR A 61 18.98 4.57 -5.31
CA TYR A 61 19.78 3.93 -6.35
C TYR A 61 18.90 3.39 -7.48
N GLY A 62 17.63 3.76 -7.44
CA GLY A 62 16.71 3.32 -8.47
C GLY A 62 15.89 2.12 -8.05
N HIS A 63 16.11 0.99 -8.72
CA HIS A 63 15.38 -0.25 -8.42
C HIS A 63 13.88 -0.03 -8.51
N GLN A 64 13.12 -1.05 -8.15
CA GLN A 64 11.66 -0.97 -8.17
C GLN A 64 11.02 -2.22 -7.57
N GLU A 65 10.61 -2.12 -6.31
CA GLU A 65 9.97 -3.23 -5.62
C GLU A 65 8.46 -3.09 -5.68
N VAL A 66 7.81 -4.03 -6.35
CA VAL A 66 6.36 -3.95 -6.51
C VAL A 66 5.67 -5.27 -6.15
N THR A 67 4.63 -5.15 -5.32
CA THR A 67 3.84 -6.30 -4.89
C THR A 67 2.36 -5.96 -4.92
N ARG A 68 1.58 -6.77 -5.63
CA ARG A 68 0.14 -6.54 -5.74
C ARG A 68 -0.59 -7.14 -4.53
N PHE A 69 -1.68 -6.50 -4.12
CA PHE A 69 -2.46 -6.96 -2.97
C PHE A 69 -3.91 -6.47 -3.05
N ASP A 70 -4.79 -7.20 -2.38
CA ASP A 70 -6.20 -6.85 -2.33
C ASP A 70 -6.60 -6.54 -0.89
N PHE A 71 -7.30 -5.44 -0.66
CA PHE A 71 -7.68 -5.07 0.70
C PHE A 71 -9.02 -4.36 0.77
N THR A 72 -9.69 -4.54 1.91
CA THR A 72 -10.98 -3.90 2.18
C THR A 72 -11.08 -3.61 3.67
N THR A 73 -12.06 -2.80 4.05
CA THR A 73 -12.24 -2.44 5.46
C THR A 73 -12.65 -3.66 6.30
N THR A 74 -13.50 -4.51 5.75
CA THR A 74 -13.96 -5.70 6.47
C THR A 74 -13.99 -6.93 5.57
N SER A 75 -14.44 -6.76 4.33
CA SER A 75 -14.52 -7.87 3.38
C SER A 75 -13.15 -8.18 2.78
N THR A 76 -12.11 -8.03 3.59
CA THR A 76 -10.74 -8.28 3.14
C THR A 76 -10.55 -9.74 2.73
N SER A 77 -9.56 -9.99 1.89
CA SER A 77 -9.26 -11.34 1.43
C SER A 77 -7.76 -11.58 1.38
N THR A 78 -7.10 -11.33 2.51
CA THR A 78 -5.65 -11.53 2.61
C THR A 78 -5.24 -11.72 4.06
N PRO A 79 -5.30 -12.96 4.57
CA PRO A 79 -4.95 -13.27 5.95
C PRO A 79 -3.66 -12.58 6.41
N GLY A 80 -2.52 -13.03 5.88
CA GLY A 80 -1.25 -12.44 6.25
C GLY A 80 -0.06 -13.21 5.71
N SER A 81 -0.14 -14.54 5.76
CA SER A 81 0.94 -15.39 5.28
C SER A 81 1.11 -15.25 3.77
N ARG A 82 1.90 -14.25 3.36
CA ARG A 82 2.15 -14.00 1.95
C ARG A 82 3.23 -12.94 1.78
N SER A 83 3.13 -11.87 2.57
CA SER A 83 4.09 -10.77 2.51
C SER A 83 4.72 -10.53 3.87
N HIS A 84 4.24 -11.25 4.89
CA HIS A 84 4.77 -11.11 6.24
C HIS A 84 6.07 -11.89 6.40
N HIS A 85 5.96 -13.16 6.77
CA HIS A 85 7.14 -14.00 6.96
C HIS A 85 7.02 -15.29 6.14
N HIS A 86 8.14 -16.01 6.03
CA HIS A 86 8.17 -17.26 5.28
C HIS A 86 8.02 -18.46 6.21
N HIS A 87 6.90 -18.53 6.91
CA HIS A 87 6.64 -19.61 7.85
C HIS A 87 5.27 -20.23 7.60
N HIS A 88 4.98 -20.50 6.34
CA HIS A 88 3.69 -21.09 5.96
C HIS A 88 3.74 -21.63 4.53
N HIS A 89 4.52 -22.69 4.33
CA HIS A 89 4.66 -23.31 3.02
C HIS A 89 5.16 -22.29 1.99
N MET A 1 13.27 14.28 -4.79
CA MET A 1 14.50 15.03 -4.44
C MET A 1 15.21 14.39 -3.25
N ARG A 2 14.56 14.42 -2.09
CA ARG A 2 15.13 13.84 -0.88
C ARG A 2 14.04 13.53 0.14
N GLY A 3 12.80 13.51 -0.32
CA GLY A 3 11.68 13.22 0.57
C GLY A 3 11.25 14.42 1.38
N SER A 4 10.49 14.18 2.43
CA SER A 4 10.00 15.25 3.29
C SER A 4 9.94 14.80 4.74
N ASN A 5 9.77 15.76 5.65
CA ASN A 5 9.70 15.46 7.08
C ASN A 5 10.99 14.81 7.57
N ALA A 6 12.04 14.90 6.76
CA ALA A 6 13.33 14.32 7.10
C ALA A 6 13.21 12.84 7.48
N PRO A 7 13.14 11.95 6.46
CA PRO A 7 13.01 10.51 6.68
C PRO A 7 14.26 9.92 7.35
N GLN A 8 14.07 8.82 8.06
CA GLN A 8 15.18 8.15 8.75
C GLN A 8 16.11 7.47 7.75
N PRO A 9 17.35 7.97 7.61
CA PRO A 9 18.34 7.39 6.69
C PRO A 9 18.80 6.01 7.13
N SER A 10 18.04 4.99 6.76
CA SER A 10 18.37 3.61 7.12
C SER A 10 17.45 2.62 6.42
N HIS A 11 16.26 3.08 6.05
CA HIS A 11 15.29 2.24 5.38
C HIS A 11 15.20 2.59 3.89
N ILE A 12 14.10 2.18 3.25
CA ILE A 12 13.89 2.45 1.84
C ILE A 12 13.68 3.94 1.60
N SER A 13 14.10 4.41 0.43
CA SER A 13 13.94 5.82 0.07
C SER A 13 12.48 6.23 0.19
N LYS A 14 11.60 5.44 -0.43
CA LYS A 14 10.16 5.72 -0.38
C LYS A 14 9.34 4.57 -0.97
N TYR A 15 8.18 4.34 -0.39
CA TYR A 15 7.28 3.28 -0.84
C TYR A 15 6.14 3.91 -1.67
N ILE A 16 5.56 3.12 -2.57
CA ILE A 16 4.47 3.61 -3.40
C ILE A 16 3.19 2.87 -3.11
N LEU A 17 2.09 3.58 -3.25
CA LEU A 17 0.80 2.99 -3.09
C LEU A 17 -0.08 3.45 -4.24
N ARG A 18 -0.37 2.53 -5.12
CA ARG A 18 -1.22 2.80 -6.26
C ARG A 18 -2.37 1.85 -6.21
N TRP A 19 -3.59 2.35 -6.28
CA TRP A 19 -4.71 1.45 -6.18
C TRP A 19 -6.02 2.02 -6.71
N ARG A 20 -6.91 1.09 -7.01
CA ARG A 20 -8.23 1.36 -7.53
C ARG A 20 -9.10 0.13 -7.25
N PRO A 21 -10.43 0.23 -7.36
CA PRO A 21 -11.30 -0.92 -7.07
C PRO A 21 -10.91 -2.17 -7.85
N LYS A 22 -10.50 -3.19 -7.12
CA LYS A 22 -10.09 -4.47 -7.67
C LYS A 22 -10.90 -4.83 -8.92
N ASN A 23 -12.22 -4.82 -8.79
CA ASN A 23 -13.10 -5.14 -9.91
C ASN A 23 -13.69 -3.89 -10.56
N SER A 24 -14.15 -2.95 -9.74
CA SER A 24 -14.75 -1.72 -10.22
C SER A 24 -13.69 -0.74 -10.72
N VAL A 25 -14.12 0.44 -11.12
CA VAL A 25 -13.21 1.46 -11.62
C VAL A 25 -13.44 2.80 -10.92
N GLY A 26 -12.36 3.41 -10.47
CA GLY A 26 -12.47 4.69 -9.78
C GLY A 26 -11.19 5.48 -9.82
N ARG A 27 -10.45 5.37 -10.92
CA ARG A 27 -9.19 6.08 -11.10
C ARG A 27 -8.14 5.59 -10.10
N TRP A 28 -6.90 5.45 -10.57
CA TRP A 28 -5.81 5.00 -9.73
C TRP A 28 -5.59 5.96 -8.56
N LYS A 29 -4.81 5.52 -7.58
CA LYS A 29 -4.52 6.35 -6.41
C LYS A 29 -3.01 6.32 -6.14
N GLU A 30 -2.51 7.33 -5.42
CA GLU A 30 -1.08 7.39 -5.13
C GLU A 30 -0.79 7.81 -3.68
N ALA A 31 0.02 7.00 -3.01
CA ALA A 31 0.42 7.26 -1.62
C ALA A 31 1.88 6.86 -1.40
N THR A 32 2.70 7.81 -0.95
CA THR A 32 4.11 7.52 -0.72
C THR A 32 4.43 7.47 0.77
N ILE A 33 4.94 6.32 1.21
CA ILE A 33 5.31 6.13 2.62
C ILE A 33 6.78 5.75 2.74
N PRO A 34 7.64 6.67 3.22
CA PRO A 34 9.07 6.41 3.36
C PRO A 34 9.36 5.47 4.53
N GLY A 35 9.80 4.26 4.21
CA GLY A 35 10.12 3.28 5.24
C GLY A 35 8.90 2.91 6.07
N HIS A 36 9.00 3.15 7.39
CA HIS A 36 7.90 2.84 8.30
C HIS A 36 7.79 3.87 9.41
N LEU A 37 7.39 5.09 9.03
CA LEU A 37 7.26 6.18 9.98
C LEU A 37 6.14 5.89 10.97
N ASN A 38 5.10 5.19 10.51
CA ASN A 38 3.97 4.84 11.36
C ASN A 38 3.01 3.93 10.62
N SER A 39 1.86 3.67 11.23
CA SER A 39 0.84 2.82 10.61
C SER A 39 -0.05 3.61 9.68
N TYR A 40 0.15 3.43 8.38
CA TYR A 40 -0.65 4.13 7.38
C TYR A 40 -1.84 3.27 6.95
N THR A 41 -3.03 3.68 7.38
CA THR A 41 -4.24 2.94 7.05
C THR A 41 -5.08 3.70 6.03
N ILE A 42 -5.66 2.95 5.08
CA ILE A 42 -6.48 3.55 4.04
C ILE A 42 -7.96 3.39 4.37
N LYS A 43 -8.71 4.49 4.27
CA LYS A 43 -10.14 4.47 4.56
C LYS A 43 -10.96 4.90 3.36
N GLY A 44 -11.07 4.00 2.38
CA GLY A 44 -11.84 4.28 1.18
C GLY A 44 -12.42 3.00 0.60
N LEU A 45 -12.35 1.94 1.39
CA LEU A 45 -12.86 0.63 0.99
C LEU A 45 -13.85 0.13 2.02
N LYS A 46 -13.96 -1.20 2.13
CA LYS A 46 -14.84 -1.84 3.10
C LYS A 46 -15.12 -3.27 2.69
N PRO A 47 -15.60 -4.12 3.63
CA PRO A 47 -15.92 -5.51 3.35
C PRO A 47 -16.89 -5.66 2.18
N GLY A 48 -17.40 -4.52 1.70
CA GLY A 48 -18.32 -4.52 0.58
C GLY A 48 -17.59 -4.42 -0.75
N VAL A 49 -16.64 -3.49 -0.84
CA VAL A 49 -15.86 -3.31 -2.06
C VAL A 49 -14.40 -3.67 -1.85
N VAL A 50 -13.84 -4.38 -2.83
CA VAL A 50 -12.44 -4.75 -2.77
C VAL A 50 -11.62 -3.87 -3.69
N TYR A 51 -10.70 -3.11 -3.12
CA TYR A 51 -9.85 -2.22 -3.90
C TYR A 51 -8.48 -2.84 -4.10
N GLU A 52 -8.06 -2.95 -5.35
CA GLU A 52 -6.75 -3.51 -5.64
C GLU A 52 -5.67 -2.47 -5.37
N GLY A 53 -4.69 -2.84 -4.57
CA GLY A 53 -3.62 -1.93 -4.23
C GLY A 53 -2.27 -2.38 -4.74
N GLN A 54 -1.34 -1.44 -4.86
CA GLN A 54 -0.01 -1.76 -5.34
C GLN A 54 1.07 -1.14 -4.46
N LEU A 55 1.84 -1.99 -3.80
CA LEU A 55 2.94 -1.54 -2.96
C LEU A 55 4.26 -1.70 -3.69
N ILE A 56 4.83 -0.58 -4.13
CA ILE A 56 6.09 -0.60 -4.85
C ILE A 56 7.18 0.14 -4.10
N SER A 57 8.26 -0.58 -3.76
CA SER A 57 9.36 0.03 -3.05
C SER A 57 10.26 0.76 -4.05
N ILE A 58 10.72 1.94 -3.66
CA ILE A 58 11.57 2.76 -4.51
C ILE A 58 12.94 3.00 -3.89
N GLN A 59 13.98 2.76 -4.68
CA GLN A 59 15.35 2.98 -4.24
C GLN A 59 15.73 4.44 -4.40
N GLN A 60 16.99 4.77 -4.10
CA GLN A 60 17.45 6.15 -4.23
C GLN A 60 17.34 6.62 -5.68
N TYR A 61 17.48 5.68 -6.61
CA TYR A 61 17.38 5.98 -8.03
C TYR A 61 16.03 5.54 -8.59
N GLY A 62 15.22 4.88 -7.75
CA GLY A 62 13.92 4.42 -8.20
C GLY A 62 13.86 2.92 -8.41
N HIS A 63 12.66 2.35 -8.34
CA HIS A 63 12.46 0.91 -8.53
C HIS A 63 13.13 0.11 -7.42
N GLN A 64 12.41 -0.89 -6.91
CA GLN A 64 12.93 -1.74 -5.85
C GLN A 64 12.10 -3.00 -5.66
N GLU A 65 10.82 -2.81 -5.39
CA GLU A 65 9.90 -3.93 -5.15
C GLU A 65 8.51 -3.64 -5.68
N VAL A 66 7.84 -4.66 -6.20
CA VAL A 66 6.48 -4.50 -6.72
C VAL A 66 5.54 -5.62 -6.25
N THR A 67 4.46 -5.23 -5.58
CA THR A 67 3.48 -6.21 -5.08
C THR A 67 2.06 -5.70 -5.29
N ARG A 68 1.26 -6.48 -6.02
CA ARG A 68 -0.13 -6.10 -6.30
C ARG A 68 -1.11 -6.99 -5.54
N PHE A 69 -1.94 -6.38 -4.70
CA PHE A 69 -2.93 -7.12 -3.91
C PHE A 69 -4.16 -6.27 -3.60
N ASP A 70 -5.35 -6.84 -3.83
CA ASP A 70 -6.60 -6.14 -3.55
C ASP A 70 -7.09 -6.48 -2.16
N PHE A 71 -7.60 -5.47 -1.45
CA PHE A 71 -8.07 -5.66 -0.08
C PHE A 71 -9.33 -4.85 0.21
N THR A 72 -10.05 -5.23 1.26
CA THR A 72 -11.28 -4.55 1.65
C THR A 72 -11.46 -4.57 3.17
N THR A 73 -11.83 -3.43 3.77
CA THR A 73 -12.01 -3.33 5.24
C THR A 73 -12.01 -1.89 5.76
N THR A 74 -13.13 -1.18 5.61
CA THR A 74 -13.21 0.20 6.11
C THR A 74 -14.67 0.63 6.28
N SER A 75 -14.87 1.93 6.51
CA SER A 75 -16.21 2.50 6.70
C SER A 75 -16.75 2.16 8.10
N THR A 76 -16.25 2.88 9.10
CA THR A 76 -16.68 2.67 10.47
C THR A 76 -17.51 3.84 10.97
N SER A 77 -17.51 4.07 12.28
CA SER A 77 -18.28 5.16 12.87
C SER A 77 -17.64 5.65 14.16
N THR A 78 -16.41 6.17 14.07
CA THR A 78 -15.72 6.66 15.24
C THR A 78 -14.48 7.46 14.87
N PRO A 79 -14.12 8.44 15.71
CA PRO A 79 -12.95 9.29 15.53
C PRO A 79 -11.81 8.63 14.76
N GLY A 80 -11.13 9.42 13.93
CA GLY A 80 -10.02 8.90 13.15
C GLY A 80 -9.00 9.96 12.83
N SER A 81 -7.88 9.94 13.55
CA SER A 81 -6.81 10.92 13.34
C SER A 81 -5.50 10.44 13.96
N ARG A 82 -4.48 11.29 13.90
CA ARG A 82 -3.17 10.96 14.46
C ARG A 82 -2.72 12.02 15.46
N SER A 83 -1.54 11.83 16.02
CA SER A 83 -0.99 12.78 16.99
C SER A 83 0.53 12.66 17.07
N HIS A 84 1.20 13.81 17.03
CA HIS A 84 2.66 13.86 17.09
C HIS A 84 3.15 15.27 17.37
N HIS A 85 2.30 16.05 18.05
CA HIS A 85 2.63 17.44 18.38
C HIS A 85 2.78 18.30 17.13
N HIS A 86 2.65 19.60 17.30
CA HIS A 86 2.77 20.54 16.19
C HIS A 86 4.20 21.05 16.07
N HIS A 87 5.08 20.20 15.54
CA HIS A 87 6.49 20.57 15.36
C HIS A 87 6.97 20.19 13.97
N HIS A 88 7.04 21.16 13.08
CA HIS A 88 7.49 20.93 11.71
C HIS A 88 9.01 20.95 11.62
N HIS A 89 9.67 21.12 12.76
CA HIS A 89 11.12 21.16 12.81
C HIS A 89 11.71 19.75 12.70
N MET A 1 30.59 -13.26 19.47
CA MET A 1 29.25 -13.28 20.11
C MET A 1 28.40 -12.10 19.64
N ARG A 2 28.45 -11.82 18.34
CA ARG A 2 27.69 -10.73 17.76
C ARG A 2 26.39 -11.23 17.14
N GLY A 3 25.27 -10.79 17.69
CA GLY A 3 23.97 -11.21 17.18
C GLY A 3 23.29 -10.11 16.40
N SER A 4 23.55 -8.87 16.77
CA SER A 4 22.95 -7.72 16.11
C SER A 4 23.84 -7.22 14.98
N ASN A 5 23.57 -7.68 13.76
CA ASN A 5 24.36 -7.29 12.59
C ASN A 5 23.88 -5.95 12.04
N ALA A 6 22.57 -5.84 11.84
CA ALA A 6 21.98 -4.61 11.30
C ALA A 6 20.69 -4.26 12.03
N PRO A 7 20.79 -3.75 13.28
CA PRO A 7 19.63 -3.37 14.08
C PRO A 7 19.05 -2.02 13.65
N GLN A 8 19.91 -1.18 13.08
CA GLN A 8 19.49 0.14 12.64
C GLN A 8 18.37 0.05 11.60
N PRO A 9 17.31 0.86 11.77
CA PRO A 9 16.17 0.86 10.84
C PRO A 9 16.50 1.56 9.52
N SER A 10 16.92 0.78 8.53
CA SER A 10 17.25 1.34 7.22
C SER A 10 16.02 1.39 6.33
N HIS A 11 15.46 0.22 6.04
CA HIS A 11 14.26 0.11 5.22
C HIS A 11 14.46 0.77 3.85
N ILE A 12 13.36 0.96 3.13
CA ILE A 12 13.37 1.57 1.80
C ILE A 12 13.34 3.09 1.91
N SER A 13 13.90 3.76 0.90
CA SER A 13 13.91 5.21 0.87
C SER A 13 12.47 5.74 0.98
N LYS A 14 11.58 5.13 0.20
CA LYS A 14 10.17 5.51 0.22
C LYS A 14 9.31 4.43 -0.42
N TYR A 15 8.11 4.23 0.12
CA TYR A 15 7.18 3.22 -0.39
C TYR A 15 6.07 3.90 -1.19
N ILE A 16 5.45 3.14 -2.09
CA ILE A 16 4.36 3.66 -2.90
C ILE A 16 3.09 2.88 -2.70
N LEU A 17 1.98 3.57 -2.81
CA LEU A 17 0.70 2.93 -2.72
C LEU A 17 -0.17 3.41 -3.87
N ARG A 18 -0.42 2.52 -4.80
CA ARG A 18 -1.25 2.81 -5.94
C ARG A 18 -2.43 1.90 -5.87
N TRP A 19 -3.64 2.43 -5.96
CA TRP A 19 -4.78 1.55 -5.84
C TRP A 19 -6.09 2.13 -6.37
N ARG A 20 -6.94 1.19 -6.77
CA ARG A 20 -8.27 1.47 -7.30
C ARG A 20 -9.15 0.27 -6.99
N PRO A 21 -10.49 0.41 -7.09
CA PRO A 21 -11.40 -0.70 -6.79
C PRO A 21 -11.11 -1.94 -7.63
N LYS A 22 -10.60 -2.98 -6.95
CA LYS A 22 -10.27 -4.26 -7.58
C LYS A 22 -11.17 -4.58 -8.78
N ASN A 23 -12.48 -4.42 -8.60
CA ASN A 23 -13.43 -4.71 -9.65
C ASN A 23 -13.82 -3.45 -10.43
N SER A 24 -14.08 -2.36 -9.72
CA SER A 24 -14.45 -1.11 -10.36
C SER A 24 -13.23 -0.38 -10.91
N VAL A 25 -12.80 -0.79 -12.09
CA VAL A 25 -11.64 -0.19 -12.74
C VAL A 25 -11.93 1.26 -13.15
N GLY A 26 -10.91 2.10 -13.07
CA GLY A 26 -11.07 3.51 -13.42
C GLY A 26 -9.76 4.27 -13.38
N ARG A 27 -9.43 4.82 -12.22
CA ARG A 27 -8.20 5.58 -12.05
C ARG A 27 -7.48 5.17 -10.76
N TRP A 28 -6.21 4.78 -10.90
CA TRP A 28 -5.41 4.37 -9.76
C TRP A 28 -5.21 5.54 -8.79
N LYS A 29 -4.64 5.24 -7.62
CA LYS A 29 -4.37 6.26 -6.62
C LYS A 29 -2.87 6.28 -6.33
N GLU A 30 -2.38 7.35 -5.71
CA GLU A 30 -0.96 7.45 -5.40
C GLU A 30 -0.71 7.94 -3.98
N ALA A 31 0.04 7.15 -3.22
CA ALA A 31 0.38 7.48 -1.84
C ALA A 31 1.80 7.05 -1.51
N THR A 32 2.69 8.01 -1.30
CA THR A 32 4.09 7.70 -0.99
C THR A 32 4.35 7.80 0.52
N ILE A 33 4.73 6.68 1.11
CA ILE A 33 5.02 6.62 2.53
C ILE A 33 6.34 5.89 2.79
N PRO A 34 7.38 6.61 3.25
CA PRO A 34 8.70 6.03 3.51
C PRO A 34 8.63 4.72 4.29
N GLY A 35 9.71 3.94 4.22
CA GLY A 35 9.76 2.66 4.91
C GLY A 35 9.46 2.76 6.39
N HIS A 36 8.26 2.32 6.78
CA HIS A 36 7.82 2.32 8.16
C HIS A 36 8.17 3.62 8.89
N LEU A 37 8.04 4.74 8.19
CA LEU A 37 8.33 6.04 8.78
C LEU A 37 7.25 6.43 9.79
N ASN A 38 6.10 5.75 9.70
CA ASN A 38 4.98 6.01 10.60
C ASN A 38 3.88 4.97 10.40
N SER A 39 2.90 4.96 11.29
CA SER A 39 1.80 4.02 11.21
C SER A 39 0.71 4.52 10.26
N TYR A 40 0.64 3.91 9.08
CA TYR A 40 -0.35 4.29 8.08
C TYR A 40 -1.29 3.14 7.78
N THR A 41 -2.59 3.36 8.02
CA THR A 41 -3.60 2.34 7.78
C THR A 41 -4.58 2.78 6.69
N ILE A 42 -5.07 1.81 5.92
CA ILE A 42 -6.02 2.10 4.84
C ILE A 42 -7.46 1.91 5.30
N LYS A 43 -8.22 3.01 5.27
CA LYS A 43 -9.62 2.97 5.67
C LYS A 43 -10.48 3.71 4.64
N GLY A 44 -10.47 3.21 3.41
CA GLY A 44 -11.24 3.83 2.36
C GLY A 44 -12.29 2.90 1.76
N LEU A 45 -12.14 1.61 2.01
CA LEU A 45 -13.09 0.63 1.48
C LEU A 45 -14.18 0.36 2.50
N LYS A 46 -15.42 0.28 2.02
CA LYS A 46 -16.55 0.02 2.89
C LYS A 46 -17.01 -1.43 2.75
N PRO A 47 -17.78 -1.93 3.72
CA PRO A 47 -18.26 -3.31 3.70
C PRO A 47 -19.04 -3.64 2.42
N GLY A 48 -18.34 -4.24 1.46
CA GLY A 48 -18.96 -4.60 0.20
C GLY A 48 -18.08 -4.30 -1.00
N VAL A 49 -16.99 -3.58 -0.78
CA VAL A 49 -16.08 -3.22 -1.87
C VAL A 49 -14.67 -3.74 -1.66
N VAL A 50 -14.07 -4.22 -2.73
CA VAL A 50 -12.71 -4.72 -2.71
C VAL A 50 -11.82 -3.80 -3.54
N TYR A 51 -10.85 -3.15 -2.89
CA TYR A 51 -9.96 -2.24 -3.60
C TYR A 51 -8.58 -2.84 -3.80
N GLU A 52 -8.14 -2.89 -5.05
CA GLU A 52 -6.83 -3.44 -5.35
C GLU A 52 -5.76 -2.41 -5.04
N GLY A 53 -4.78 -2.81 -4.23
CA GLY A 53 -3.70 -1.90 -3.86
C GLY A 53 -2.37 -2.33 -4.44
N GLN A 54 -1.45 -1.37 -4.57
CA GLN A 54 -0.14 -1.68 -5.12
C GLN A 54 0.97 -1.07 -4.26
N LEU A 55 1.77 -1.94 -3.64
CA LEU A 55 2.87 -1.48 -2.81
C LEU A 55 4.18 -1.59 -3.59
N ILE A 56 4.70 -0.44 -4.01
CA ILE A 56 5.94 -0.41 -4.77
C ILE A 56 7.03 0.33 -4.03
N SER A 57 8.15 -0.35 -3.76
CA SER A 57 9.26 0.27 -3.06
C SER A 57 10.11 1.07 -4.04
N ILE A 58 10.49 2.26 -3.62
CA ILE A 58 11.29 3.16 -4.44
C ILE A 58 12.66 3.45 -3.81
N GLN A 59 13.70 3.34 -4.62
CA GLN A 59 15.06 3.61 -4.16
C GLN A 59 15.45 5.04 -4.49
N GLN A 60 16.70 5.39 -4.21
CA GLN A 60 17.19 6.75 -4.48
C GLN A 60 17.10 7.05 -5.98
N TYR A 61 17.16 6.02 -6.80
CA TYR A 61 17.07 6.19 -8.24
C TYR A 61 15.69 5.78 -8.75
N GLY A 62 14.86 5.25 -7.86
CA GLY A 62 13.52 4.84 -8.22
C GLY A 62 13.42 3.35 -8.50
N HIS A 63 12.23 2.79 -8.27
CA HIS A 63 11.96 1.37 -8.50
C HIS A 63 12.76 0.49 -7.53
N GLN A 64 12.08 -0.44 -6.87
CA GLN A 64 12.72 -1.33 -5.92
C GLN A 64 11.92 -2.62 -5.74
N GLU A 65 10.63 -2.45 -5.47
CA GLU A 65 9.75 -3.58 -5.24
C GLU A 65 8.35 -3.31 -5.80
N VAL A 66 7.70 -4.35 -6.32
CA VAL A 66 6.36 -4.20 -6.87
C VAL A 66 5.43 -5.32 -6.40
N THR A 67 4.32 -4.95 -5.76
CA THR A 67 3.37 -5.92 -5.28
C THR A 67 1.93 -5.48 -5.57
N ARG A 68 1.20 -6.30 -6.33
CA ARG A 68 -0.18 -5.99 -6.68
C ARG A 68 -1.15 -6.97 -6.02
N PHE A 69 -2.03 -6.45 -5.18
CA PHE A 69 -3.01 -7.29 -4.49
C PHE A 69 -4.23 -6.48 -4.06
N ASP A 70 -5.42 -7.08 -4.25
CA ASP A 70 -6.66 -6.41 -3.87
C ASP A 70 -7.05 -6.81 -2.46
N PHE A 71 -7.46 -5.83 -1.67
CA PHE A 71 -7.83 -6.06 -0.29
C PHE A 71 -9.03 -5.24 0.12
N THR A 72 -9.63 -5.65 1.22
CA THR A 72 -10.76 -4.95 1.78
C THR A 72 -10.78 -5.13 3.30
N THR A 73 -10.92 -4.03 4.02
CA THR A 73 -11.03 -4.09 5.49
C THR A 73 -12.48 -4.36 5.79
N THR A 74 -13.17 -4.73 4.73
CA THR A 74 -14.58 -4.97 4.74
C THR A 74 -14.91 -6.41 4.36
N SER A 75 -16.21 -6.72 4.35
CA SER A 75 -16.69 -8.04 3.99
C SER A 75 -15.99 -9.13 4.79
N THR A 76 -16.11 -10.37 4.34
CA THR A 76 -15.50 -11.51 5.02
C THR A 76 -15.23 -12.65 4.04
N SER A 77 -14.01 -12.71 3.53
CA SER A 77 -13.63 -13.76 2.57
C SER A 77 -12.13 -13.81 2.39
N THR A 78 -11.70 -14.50 1.33
CA THR A 78 -10.28 -14.63 1.03
C THR A 78 -10.05 -15.23 -0.35
N PRO A 79 -8.83 -15.07 -0.90
CA PRO A 79 -8.48 -15.57 -2.22
C PRO A 79 -7.93 -17.01 -2.19
N GLY A 80 -7.89 -17.59 -1.00
CA GLY A 80 -7.38 -18.95 -0.87
C GLY A 80 -8.42 -19.92 -0.33
N SER A 81 -8.91 -19.65 0.89
CA SER A 81 -9.91 -20.50 1.52
C SER A 81 -9.36 -21.91 1.76
N ARG A 82 -9.54 -22.79 0.77
CA ARG A 82 -9.07 -24.16 0.88
C ARG A 82 -7.89 -24.42 -0.07
N SER A 83 -7.13 -25.47 0.22
CA SER A 83 -5.98 -25.83 -0.59
C SER A 83 -6.05 -27.29 -1.01
N HIS A 84 -5.83 -28.19 -0.05
CA HIS A 84 -5.87 -29.62 -0.32
C HIS A 84 -6.86 -30.32 0.60
N HIS A 85 -6.39 -30.72 1.78
CA HIS A 85 -7.24 -31.38 2.77
C HIS A 85 -6.95 -30.88 4.17
N HIS A 86 -5.72 -30.40 4.38
CA HIS A 86 -5.32 -29.88 5.69
C HIS A 86 -4.53 -28.59 5.52
N HIS A 87 -3.85 -28.17 6.60
CA HIS A 87 -3.05 -26.95 6.57
C HIS A 87 -1.57 -27.28 6.39
N HIS A 88 -1.06 -27.02 5.20
CA HIS A 88 0.35 -27.29 4.90
C HIS A 88 0.83 -26.44 3.73
N HIS A 89 0.01 -26.35 2.69
CA HIS A 89 0.36 -25.57 1.51
C HIS A 89 1.69 -26.03 0.92
N MET A 1 23.79 6.27 1.04
CA MET A 1 23.72 7.28 -0.05
C MET A 1 23.98 6.65 -1.42
N ARG A 2 24.77 5.58 -1.42
CA ARG A 2 25.10 4.88 -2.65
C ARG A 2 24.32 3.58 -2.76
N GLY A 3 24.19 2.88 -1.64
CA GLY A 3 23.46 1.62 -1.62
C GLY A 3 24.36 0.44 -1.37
N SER A 4 23.85 -0.77 -1.61
CA SER A 4 24.61 -1.99 -1.39
C SER A 4 23.94 -3.18 -2.08
N ASN A 5 24.45 -4.38 -1.80
CA ASN A 5 23.89 -5.60 -2.38
C ASN A 5 22.56 -5.95 -1.71
N ALA A 6 22.66 -6.58 -0.54
CA ALA A 6 21.46 -6.97 0.21
C ALA A 6 21.79 -7.24 1.67
N PRO A 7 22.20 -6.20 2.43
CA PRO A 7 22.54 -6.32 3.84
C PRO A 7 21.33 -6.14 4.74
N GLN A 8 20.13 -6.22 4.16
CA GLN A 8 18.89 -6.07 4.90
C GLN A 8 18.85 -4.73 5.63
N PRO A 9 18.43 -3.66 4.94
CA PRO A 9 18.34 -2.33 5.53
C PRO A 9 17.17 -2.19 6.50
N SER A 10 17.26 -1.20 7.38
CA SER A 10 16.21 -0.96 8.38
C SER A 10 14.92 -0.53 7.69
N HIS A 11 15.03 0.41 6.76
CA HIS A 11 13.86 0.91 6.03
C HIS A 11 14.22 1.22 4.59
N ILE A 12 13.20 1.45 3.77
CA ILE A 12 13.39 1.77 2.36
C ILE A 12 13.34 3.27 2.12
N SER A 13 14.05 3.73 1.09
CA SER A 13 14.07 5.15 0.75
C SER A 13 12.64 5.69 0.69
N LYS A 14 11.78 4.98 -0.03
CA LYS A 14 10.38 5.38 -0.16
C LYS A 14 9.55 4.27 -0.78
N TYR A 15 8.31 4.14 -0.33
CA TYR A 15 7.39 3.13 -0.84
C TYR A 15 6.33 3.80 -1.70
N ILE A 16 5.72 3.03 -2.60
CA ILE A 16 4.68 3.58 -3.45
C ILE A 16 3.35 2.94 -3.15
N LEU A 17 2.31 3.72 -3.33
CA LEU A 17 0.97 3.23 -3.14
C LEU A 17 0.13 3.68 -4.30
N ARG A 18 -0.24 2.73 -5.14
CA ARG A 18 -1.05 3.01 -6.29
C ARG A 18 -2.23 2.07 -6.26
N TRP A 19 -3.42 2.61 -6.34
CA TRP A 19 -4.58 1.75 -6.22
C TRP A 19 -5.86 2.36 -6.74
N ARG A 20 -6.83 1.47 -6.95
CA ARG A 20 -8.15 1.84 -7.39
C ARG A 20 -9.12 0.76 -6.94
N PRO A 21 -10.31 1.15 -6.46
CA PRO A 21 -11.30 0.19 -5.98
C PRO A 21 -11.65 -0.84 -7.05
N LYS A 22 -11.20 -2.06 -6.81
CA LYS A 22 -11.41 -3.17 -7.72
C LYS A 22 -12.88 -3.29 -8.15
N ASN A 23 -13.77 -3.47 -7.17
CA ASN A 23 -15.19 -3.61 -7.45
C ASN A 23 -15.76 -2.34 -8.08
N SER A 24 -15.37 -1.19 -7.55
CA SER A 24 -15.84 0.09 -8.06
C SER A 24 -14.76 0.77 -8.90
N VAL A 25 -14.43 0.17 -10.04
CA VAL A 25 -13.41 0.71 -10.93
C VAL A 25 -13.61 2.20 -11.16
N GLY A 26 -12.50 2.94 -11.15
CA GLY A 26 -12.56 4.38 -11.35
C GLY A 26 -11.24 4.95 -11.85
N ARG A 27 -10.33 5.20 -10.92
CA ARG A 27 -9.03 5.75 -11.27
C ARG A 27 -7.97 5.37 -10.23
N TRP A 28 -6.73 5.22 -10.67
CA TRP A 28 -5.62 4.86 -9.80
C TRP A 28 -5.31 5.98 -8.80
N LYS A 29 -4.45 5.68 -7.83
CA LYS A 29 -4.04 6.64 -6.83
C LYS A 29 -2.54 6.50 -6.60
N GLU A 30 -1.93 7.49 -5.93
CA GLU A 30 -0.48 7.45 -5.67
C GLU A 30 -0.14 8.00 -4.29
N ALA A 31 0.59 7.20 -3.50
CA ALA A 31 1.01 7.59 -2.16
C ALA A 31 2.42 7.10 -1.86
N THR A 32 3.28 8.00 -1.39
CA THR A 32 4.66 7.61 -1.07
C THR A 32 4.88 7.51 0.44
N ILE A 33 5.25 6.31 0.88
CA ILE A 33 5.51 6.07 2.30
C ILE A 33 6.97 5.69 2.54
N PRO A 34 7.77 6.61 3.10
CA PRO A 34 9.20 6.36 3.36
C PRO A 34 9.44 5.38 4.50
N GLY A 35 9.68 4.12 4.14
CA GLY A 35 9.94 3.08 5.14
C GLY A 35 8.99 3.13 6.31
N HIS A 36 7.69 3.29 6.02
CA HIS A 36 6.67 3.35 7.07
C HIS A 36 6.99 4.45 8.07
N LEU A 37 6.67 5.70 7.71
CA LEU A 37 6.92 6.84 8.57
C LEU A 37 5.99 6.81 9.79
N ASN A 38 4.79 6.29 9.58
CA ASN A 38 3.79 6.22 10.65
C ASN A 38 2.66 5.27 10.26
N SER A 39 1.55 5.36 10.98
CA SER A 39 0.39 4.52 10.71
C SER A 39 -0.50 5.16 9.65
N TYR A 40 -0.46 4.63 8.43
CA TYR A 40 -1.26 5.16 7.33
C TYR A 40 -2.16 4.07 6.75
N THR A 41 -3.45 4.17 7.02
CA THR A 41 -4.42 3.20 6.53
C THR A 41 -5.49 3.84 5.67
N ILE A 42 -5.98 3.11 4.67
CA ILE A 42 -7.01 3.61 3.77
C ILE A 42 -8.40 3.27 4.29
N LYS A 43 -9.31 4.23 4.21
CA LYS A 43 -10.68 4.04 4.67
C LYS A 43 -11.67 4.12 3.52
N GLY A 44 -12.78 3.39 3.63
CA GLY A 44 -13.80 3.39 2.61
C GLY A 44 -13.92 2.05 1.91
N LEU A 45 -13.50 0.99 2.60
CA LEU A 45 -13.55 -0.36 2.05
C LEU A 45 -14.31 -1.28 2.99
N LYS A 46 -14.58 -2.51 2.52
CA LYS A 46 -15.28 -3.50 3.32
C LYS A 46 -15.41 -4.81 2.56
N PRO A 47 -15.78 -5.91 3.25
CA PRO A 47 -15.93 -7.23 2.62
C PRO A 47 -16.76 -7.17 1.34
N GLY A 48 -17.58 -6.12 1.23
CA GLY A 48 -18.41 -5.96 0.05
C GLY A 48 -17.65 -5.31 -1.10
N VAL A 49 -16.76 -4.37 -0.77
CA VAL A 49 -15.98 -3.68 -1.78
C VAL A 49 -14.50 -4.00 -1.67
N VAL A 50 -13.92 -4.49 -2.75
CA VAL A 50 -12.51 -4.81 -2.80
C VAL A 50 -11.74 -3.71 -3.52
N TYR A 51 -10.65 -3.25 -2.91
CA TYR A 51 -9.84 -2.19 -3.51
C TYR A 51 -8.48 -2.74 -3.92
N GLU A 52 -8.16 -2.68 -5.20
CA GLU A 52 -6.88 -3.17 -5.68
C GLU A 52 -5.80 -2.15 -5.38
N GLY A 53 -4.73 -2.59 -4.73
CA GLY A 53 -3.64 -1.68 -4.39
C GLY A 53 -2.29 -2.19 -4.85
N GLN A 54 -1.33 -1.28 -5.00
CA GLN A 54 0.00 -1.64 -5.44
C GLN A 54 1.08 -0.99 -4.57
N LEU A 55 1.91 -1.82 -3.96
CA LEU A 55 2.99 -1.32 -3.13
C LEU A 55 4.33 -1.58 -3.80
N ILE A 56 4.95 -0.52 -4.32
CA ILE A 56 6.22 -0.63 -5.00
C ILE A 56 7.33 0.05 -4.21
N SER A 57 8.33 -0.71 -3.81
CA SER A 57 9.44 -0.16 -3.06
C SER A 57 10.43 0.51 -3.99
N ILE A 58 10.88 1.69 -3.59
CA ILE A 58 11.82 2.47 -4.37
C ILE A 58 13.13 2.69 -3.62
N GLN A 59 14.25 2.44 -4.29
CA GLN A 59 15.57 2.64 -3.69
C GLN A 59 16.04 4.08 -3.88
N GLN A 60 17.26 4.36 -3.43
CA GLN A 60 17.82 5.70 -3.55
C GLN A 60 17.98 6.08 -5.01
N TYR A 61 18.21 5.09 -5.86
CA TYR A 61 18.38 5.32 -7.29
C TYR A 61 17.11 4.94 -8.06
N GLY A 62 16.09 4.50 -7.33
CA GLY A 62 14.84 4.13 -7.96
C GLY A 62 14.68 2.62 -8.10
N HIS A 63 13.43 2.16 -8.07
CA HIS A 63 13.11 0.75 -8.21
C HIS A 63 13.64 -0.07 -7.04
N GLN A 64 12.88 -1.09 -6.65
CA GLN A 64 13.26 -1.97 -5.54
C GLN A 64 12.38 -3.19 -5.48
N GLU A 65 11.09 -2.96 -5.31
CA GLU A 65 10.11 -4.04 -5.19
C GLU A 65 8.79 -3.68 -5.84
N VAL A 66 8.14 -4.66 -6.46
CA VAL A 66 6.85 -4.44 -7.09
C VAL A 66 5.90 -5.56 -6.71
N THR A 67 4.85 -5.22 -5.96
CA THR A 67 3.87 -6.20 -5.54
C THR A 67 2.45 -5.64 -5.68
N ARG A 68 1.64 -6.32 -6.49
CA ARG A 68 0.26 -5.90 -6.72
C ARG A 68 -0.72 -6.89 -6.12
N PHE A 69 -1.73 -6.37 -5.41
CA PHE A 69 -2.75 -7.23 -4.79
C PHE A 69 -4.05 -6.47 -4.55
N ASP A 70 -5.15 -7.23 -4.48
CA ASP A 70 -6.46 -6.65 -4.23
C ASP A 70 -6.83 -6.86 -2.77
N PHE A 71 -7.10 -5.77 -2.05
CA PHE A 71 -7.44 -5.86 -0.64
C PHE A 71 -8.56 -4.90 -0.27
N THR A 72 -9.16 -5.15 0.89
CA THR A 72 -10.23 -4.30 1.40
C THR A 72 -10.04 -4.10 2.90
N THR A 73 -10.17 -2.86 3.36
CA THR A 73 -10.02 -2.56 4.78
C THR A 73 -10.97 -3.41 5.61
N THR A 74 -12.10 -3.72 5.01
CA THR A 74 -13.13 -4.55 5.65
C THR A 74 -13.58 -3.98 6.98
N SER A 75 -14.83 -3.53 7.01
CA SER A 75 -15.43 -2.95 8.21
C SER A 75 -15.84 -4.02 9.21
N THR A 76 -14.95 -5.00 9.41
CA THR A 76 -15.21 -6.10 10.35
C THR A 76 -13.93 -6.48 11.08
N SER A 77 -13.96 -6.36 12.41
CA SER A 77 -12.81 -6.70 13.23
C SER A 77 -13.23 -7.24 14.59
N THR A 78 -14.52 -7.55 14.72
CA THR A 78 -15.05 -8.08 15.97
C THR A 78 -16.46 -8.64 15.78
N PRO A 79 -16.58 -9.77 15.06
CA PRO A 79 -17.87 -10.41 14.81
C PRO A 79 -18.31 -11.32 15.94
N GLY A 80 -17.74 -11.10 17.13
CA GLY A 80 -18.09 -11.92 18.28
C GLY A 80 -16.87 -12.37 19.06
N SER A 81 -15.88 -11.48 19.18
CA SER A 81 -14.66 -11.78 19.90
C SER A 81 -13.99 -13.04 19.37
N ARG A 82 -13.13 -12.87 18.36
CA ARG A 82 -12.43 -13.99 17.76
C ARG A 82 -11.42 -14.60 18.73
N SER A 83 -10.31 -13.89 18.93
CA SER A 83 -9.25 -14.35 19.83
C SER A 83 -8.78 -15.75 19.46
N HIS A 84 -8.10 -16.40 20.39
CA HIS A 84 -7.59 -17.76 20.16
C HIS A 84 -7.92 -18.68 21.32
N HIS A 85 -8.94 -19.50 21.14
CA HIS A 85 -9.37 -20.44 22.17
C HIS A 85 -9.24 -21.88 21.69
N HIS A 86 -9.25 -22.82 22.63
CA HIS A 86 -9.13 -24.23 22.29
C HIS A 86 -10.46 -24.96 22.47
N HIS A 87 -11.43 -24.25 23.07
CA HIS A 87 -12.75 -24.83 23.31
C HIS A 87 -13.83 -24.06 22.56
N HIS A 88 -13.97 -22.78 22.90
CA HIS A 88 -14.97 -21.93 22.26
C HIS A 88 -14.31 -20.95 21.28
N HIS A 89 -14.37 -21.28 20.00
CA HIS A 89 -13.77 -20.45 18.96
C HIS A 89 -14.38 -19.05 18.98
N MET A 1 19.94 8.81 -14.35
CA MET A 1 20.25 8.44 -12.94
C MET A 1 20.14 9.66 -12.02
N ARG A 2 19.98 10.84 -12.63
CA ARG A 2 19.86 12.09 -11.88
C ARG A 2 21.08 12.31 -10.98
N GLY A 3 20.98 13.30 -10.09
CA GLY A 3 22.07 13.60 -9.20
C GLY A 3 21.78 13.19 -7.77
N SER A 4 22.46 13.84 -6.82
CA SER A 4 22.27 13.54 -5.40
C SER A 4 21.58 14.69 -4.68
N ASN A 5 20.59 14.36 -3.85
CA ASN A 5 19.85 15.37 -3.10
C ASN A 5 19.97 15.13 -1.60
N ALA A 6 21.16 15.38 -1.05
CA ALA A 6 21.42 15.18 0.37
C ALA A 6 21.29 13.71 0.76
N PRO A 7 22.33 13.14 1.39
CA PRO A 7 22.31 11.74 1.81
C PRO A 7 21.31 11.48 2.93
N GLN A 8 20.62 10.34 2.84
CA GLN A 8 19.62 9.97 3.83
C GLN A 8 20.03 8.71 4.59
N PRO A 9 19.48 8.51 5.80
CA PRO A 9 19.80 7.33 6.63
C PRO A 9 19.48 6.02 5.92
N SER A 10 19.44 4.94 6.70
CA SER A 10 19.15 3.62 6.14
C SER A 10 17.70 3.55 5.66
N HIS A 11 17.14 2.35 5.62
CA HIS A 11 15.77 2.15 5.19
C HIS A 11 15.60 2.58 3.73
N ILE A 12 14.41 2.31 3.17
CA ILE A 12 14.12 2.68 1.78
C ILE A 12 13.87 4.18 1.66
N SER A 13 14.27 4.76 0.54
CA SER A 13 14.07 6.18 0.30
C SER A 13 12.60 6.55 0.51
N LYS A 14 11.73 5.72 -0.04
CA LYS A 14 10.29 5.93 0.09
C LYS A 14 9.50 4.77 -0.56
N TYR A 15 8.35 4.45 0.02
CA TYR A 15 7.50 3.38 -0.49
C TYR A 15 6.35 3.98 -1.28
N ILE A 16 5.81 3.22 -2.22
CA ILE A 16 4.70 3.70 -3.04
C ILE A 16 3.43 2.92 -2.79
N LEU A 17 2.33 3.61 -2.92
CA LEU A 17 1.04 2.98 -2.81
C LEU A 17 0.19 3.42 -3.97
N ARG A 18 -0.06 2.49 -4.87
CA ARG A 18 -0.89 2.76 -6.03
C ARG A 18 -2.08 1.85 -5.94
N TRP A 19 -3.26 2.39 -6.04
CA TRP A 19 -4.43 1.53 -5.90
C TRP A 19 -5.68 2.12 -6.51
N ARG A 20 -6.61 1.22 -6.76
CA ARG A 20 -7.89 1.57 -7.33
C ARG A 20 -8.87 0.46 -6.98
N PRO A 21 -10.16 0.75 -6.95
CA PRO A 21 -11.19 -0.24 -6.63
C PRO A 21 -11.07 -1.46 -7.53
N LYS A 22 -10.64 -2.57 -6.92
CA LYS A 22 -10.45 -3.83 -7.63
C LYS A 22 -11.62 -4.17 -8.54
N ASN A 23 -12.82 -4.21 -7.98
CA ASN A 23 -14.02 -4.54 -8.75
C ASN A 23 -14.72 -3.29 -9.29
N SER A 24 -14.84 -2.27 -8.44
CA SER A 24 -15.49 -1.03 -8.85
C SER A 24 -14.63 -0.25 -9.83
N VAL A 25 -15.27 0.52 -10.70
CA VAL A 25 -14.56 1.31 -11.69
C VAL A 25 -14.07 2.63 -11.09
N GLY A 26 -12.82 2.98 -11.38
CA GLY A 26 -12.26 4.21 -10.87
C GLY A 26 -10.87 4.48 -11.40
N ARG A 27 -10.13 5.33 -10.69
CA ARG A 27 -8.77 5.68 -11.10
C ARG A 27 -7.76 5.22 -10.06
N TRP A 28 -6.48 5.18 -10.46
CA TRP A 28 -5.42 4.78 -9.55
C TRP A 28 -5.25 5.78 -8.42
N LYS A 29 -4.49 5.41 -7.40
CA LYS A 29 -4.25 6.28 -6.26
C LYS A 29 -2.77 6.32 -5.93
N GLU A 30 -2.33 7.34 -5.21
CA GLU A 30 -0.92 7.47 -4.86
C GLU A 30 -0.73 7.84 -3.40
N ALA A 31 0.03 7.01 -2.68
CA ALA A 31 0.32 7.24 -1.27
C ALA A 31 1.77 6.85 -0.96
N THR A 32 2.61 7.83 -0.65
CA THR A 32 4.01 7.56 -0.36
C THR A 32 4.29 7.47 1.13
N ILE A 33 4.97 6.40 1.53
CA ILE A 33 5.34 6.17 2.92
C ILE A 33 6.78 5.69 3.01
N PRO A 34 7.71 6.55 3.46
CA PRO A 34 9.13 6.20 3.55
C PRO A 34 9.48 5.40 4.81
N GLY A 35 10.03 4.20 4.61
CA GLY A 35 10.43 3.36 5.72
C GLY A 35 9.37 3.24 6.80
N HIS A 36 8.11 3.23 6.39
CA HIS A 36 7.00 3.12 7.34
C HIS A 36 7.14 4.14 8.47
N LEU A 37 6.79 5.39 8.19
CA LEU A 37 6.88 6.46 9.17
C LEU A 37 5.89 6.22 10.31
N ASN A 38 4.76 5.60 10.01
CA ASN A 38 3.74 5.31 10.99
C ASN A 38 2.71 4.34 10.44
N SER A 39 1.77 3.92 11.29
CA SER A 39 0.72 3.00 10.88
C SER A 39 -0.34 3.74 10.07
N TYR A 40 -0.32 3.53 8.76
CA TYR A 40 -1.28 4.18 7.87
C TYR A 40 -2.19 3.14 7.21
N THR A 41 -3.48 3.22 7.49
CA THR A 41 -4.44 2.29 6.93
C THR A 41 -5.46 3.00 6.05
N ILE A 42 -5.84 2.37 4.95
CA ILE A 42 -6.81 2.93 4.01
C ILE A 42 -8.24 2.59 4.43
N LYS A 43 -9.11 3.58 4.41
CA LYS A 43 -10.50 3.38 4.79
C LYS A 43 -11.45 3.86 3.70
N GLY A 44 -11.24 3.37 2.49
CA GLY A 44 -12.08 3.76 1.37
C GLY A 44 -12.91 2.60 0.84
N LEU A 45 -12.78 1.46 1.50
CA LEU A 45 -13.52 0.26 1.11
C LEU A 45 -14.61 -0.05 2.13
N LYS A 46 -15.83 -0.25 1.64
CA LYS A 46 -16.97 -0.54 2.51
C LYS A 46 -17.45 -1.98 2.30
N PRO A 47 -18.25 -2.52 3.23
CA PRO A 47 -18.75 -3.90 3.14
C PRO A 47 -19.37 -4.20 1.79
N GLY A 48 -18.57 -4.79 0.89
CA GLY A 48 -19.05 -5.13 -0.42
C GLY A 48 -18.10 -4.68 -1.53
N VAL A 49 -17.07 -3.93 -1.16
CA VAL A 49 -16.10 -3.43 -2.13
C VAL A 49 -14.68 -3.90 -1.84
N VAL A 50 -13.98 -4.28 -2.91
CA VAL A 50 -12.59 -4.71 -2.80
C VAL A 50 -11.68 -3.72 -3.54
N TYR A 51 -10.58 -3.33 -2.92
CA TYR A 51 -9.66 -2.37 -3.52
C TYR A 51 -8.30 -3.00 -3.79
N GLU A 52 -7.80 -2.85 -5.00
CA GLU A 52 -6.48 -3.39 -5.34
C GLU A 52 -5.42 -2.37 -5.01
N GLY A 53 -4.41 -2.78 -4.25
CA GLY A 53 -3.34 -1.88 -3.87
C GLY A 53 -2.00 -2.31 -4.41
N GLN A 54 -1.09 -1.35 -4.57
CA GLN A 54 0.23 -1.65 -5.10
C GLN A 54 1.34 -1.02 -4.25
N LEU A 55 2.15 -1.86 -3.61
CA LEU A 55 3.24 -1.39 -2.79
C LEU A 55 4.57 -1.55 -3.54
N ILE A 56 5.12 -0.43 -3.99
CA ILE A 56 6.37 -0.45 -4.72
C ILE A 56 7.45 0.33 -3.97
N SER A 57 8.56 -0.34 -3.68
CA SER A 57 9.65 0.32 -2.98
C SER A 57 10.49 1.12 -3.96
N ILE A 58 10.82 2.34 -3.57
CA ILE A 58 11.60 3.24 -4.42
C ILE A 58 12.92 3.67 -3.77
N GLN A 59 14.01 3.56 -4.51
CA GLN A 59 15.31 4.00 -4.04
C GLN A 59 15.92 4.96 -5.05
N GLN A 60 17.16 5.35 -4.83
CA GLN A 60 17.83 6.28 -5.72
C GLN A 60 18.13 5.62 -7.07
N TYR A 61 17.86 4.32 -7.16
CA TYR A 61 18.10 3.57 -8.37
C TYR A 61 16.82 3.30 -9.16
N GLY A 62 15.69 3.69 -8.58
CA GLY A 62 14.40 3.49 -9.24
C GLY A 62 13.97 2.04 -9.25
N HIS A 63 12.67 1.81 -9.48
CA HIS A 63 12.10 0.46 -9.53
C HIS A 63 12.15 -0.19 -8.15
N GLN A 64 13.34 -0.64 -7.76
CA GLN A 64 13.55 -1.28 -6.46
C GLN A 64 12.69 -2.52 -6.26
N GLU A 65 11.54 -2.35 -5.63
CA GLU A 65 10.65 -3.48 -5.36
C GLU A 65 9.22 -3.19 -5.83
N VAL A 66 8.54 -4.23 -6.32
CA VAL A 66 7.17 -4.09 -6.77
C VAL A 66 6.31 -5.23 -6.23
N THR A 67 5.21 -4.88 -5.57
CA THR A 67 4.32 -5.86 -5.00
C THR A 67 2.86 -5.47 -5.26
N ARG A 68 2.11 -6.39 -5.88
CA ARG A 68 0.71 -6.14 -6.21
C ARG A 68 -0.21 -7.03 -5.38
N PHE A 69 -1.16 -6.41 -4.69
CA PHE A 69 -2.11 -7.15 -3.85
C PHE A 69 -3.40 -6.36 -3.63
N ASP A 70 -4.53 -7.01 -3.92
CA ASP A 70 -5.84 -6.40 -3.74
C ASP A 70 -6.43 -6.80 -2.39
N PHE A 71 -6.95 -5.82 -1.66
CA PHE A 71 -7.52 -6.09 -0.35
C PHE A 71 -8.78 -5.28 -0.08
N THR A 72 -9.50 -5.71 0.92
CA THR A 72 -10.72 -5.05 1.35
C THR A 72 -10.89 -5.23 2.86
N THR A 73 -11.20 -4.14 3.56
CA THR A 73 -11.40 -4.21 5.01
C THR A 73 -12.83 -4.66 5.28
N THR A 74 -13.37 -5.41 4.34
CA THR A 74 -14.74 -5.88 4.42
C THR A 74 -14.89 -7.31 3.91
N SER A 75 -14.76 -7.49 2.61
CA SER A 75 -14.90 -8.80 1.99
C SER A 75 -13.92 -9.81 2.58
N THR A 76 -12.62 -9.61 2.32
CA THR A 76 -11.58 -10.50 2.82
C THR A 76 -11.92 -11.96 2.50
N SER A 77 -12.51 -12.19 1.34
CA SER A 77 -12.89 -13.52 0.90
C SER A 77 -13.89 -14.15 1.88
N THR A 78 -14.00 -15.48 1.83
CA THR A 78 -14.92 -16.23 2.70
C THR A 78 -16.30 -15.58 2.83
N PRO A 79 -16.89 -15.04 1.75
CA PRO A 79 -18.18 -14.40 1.80
C PRO A 79 -19.31 -15.31 1.31
N GLY A 80 -19.31 -16.55 1.79
CA GLY A 80 -20.33 -17.50 1.38
C GLY A 80 -21.54 -17.49 2.30
N SER A 81 -22.73 -17.67 1.71
CA SER A 81 -23.96 -17.69 2.48
C SER A 81 -25.03 -18.50 1.76
N ARG A 82 -25.07 -19.80 2.04
CA ARG A 82 -26.04 -20.70 1.42
C ARG A 82 -27.13 -21.10 2.41
N SER A 83 -27.98 -20.15 2.77
CA SER A 83 -29.07 -20.40 3.70
C SER A 83 -30.10 -19.28 3.67
N HIS A 84 -31.30 -19.58 3.21
CA HIS A 84 -32.37 -18.60 3.12
C HIS A 84 -33.63 -19.08 3.83
N HIS A 85 -34.29 -20.09 3.27
CA HIS A 85 -35.50 -20.62 3.85
C HIS A 85 -35.35 -22.12 4.16
N HIS A 86 -35.27 -22.93 3.10
CA HIS A 86 -35.13 -24.37 3.26
C HIS A 86 -33.91 -24.72 4.11
N HIS A 87 -34.06 -25.71 4.97
CA HIS A 87 -32.97 -26.15 5.85
C HIS A 87 -32.56 -27.58 5.52
N HIS A 88 -33.50 -28.35 4.98
CA HIS A 88 -33.23 -29.74 4.62
C HIS A 88 -32.95 -29.87 3.13
N HIS A 89 -31.69 -29.72 2.76
CA HIS A 89 -31.29 -29.81 1.35
C HIS A 89 -30.45 -31.07 1.11
N MET A 1 15.20 -10.83 -9.60
CA MET A 1 14.86 -11.20 -11.00
C MET A 1 14.30 -10.02 -11.76
N ARG A 2 13.88 -8.98 -11.04
CA ARG A 2 13.32 -7.80 -11.67
C ARG A 2 13.61 -6.54 -10.83
N GLY A 3 14.07 -6.75 -9.60
CA GLY A 3 14.39 -5.63 -8.74
C GLY A 3 15.02 -6.06 -7.43
N SER A 4 15.14 -7.36 -7.22
CA SER A 4 15.73 -7.88 -5.99
C SER A 4 17.25 -7.75 -6.02
N ASN A 5 17.74 -6.55 -5.73
CA ASN A 5 19.17 -6.28 -5.73
C ASN A 5 19.53 -5.22 -4.69
N ALA A 6 20.77 -5.25 -4.22
CA ALA A 6 21.24 -4.29 -3.23
C ALA A 6 20.37 -4.33 -1.97
N PRO A 7 20.54 -5.37 -1.13
CA PRO A 7 19.76 -5.52 0.11
C PRO A 7 19.95 -4.34 1.05
N GLN A 8 18.85 -3.64 1.34
CA GLN A 8 18.89 -2.48 2.22
C GLN A 8 18.67 -2.91 3.68
N PRO A 9 19.09 -2.07 4.65
CA PRO A 9 18.94 -2.37 6.08
C PRO A 9 17.56 -2.97 6.40
N SER A 10 16.55 -2.11 6.38
CA SER A 10 15.19 -2.51 6.65
C SER A 10 14.23 -1.39 6.28
N HIS A 11 14.79 -0.37 5.64
CA HIS A 11 14.01 0.79 5.22
C HIS A 11 14.36 1.19 3.79
N ILE A 12 13.32 1.41 2.98
CA ILE A 12 13.50 1.81 1.59
C ILE A 12 13.43 3.33 1.46
N SER A 13 14.08 3.87 0.43
CA SER A 13 14.06 5.30 0.20
C SER A 13 12.63 5.81 0.33
N LYS A 14 11.68 5.04 -0.22
CA LYS A 14 10.28 5.40 -0.14
C LYS A 14 9.39 4.29 -0.71
N TYR A 15 8.24 4.10 -0.08
CA TYR A 15 7.25 3.11 -0.50
C TYR A 15 6.15 3.80 -1.26
N ILE A 16 5.57 3.13 -2.25
CA ILE A 16 4.50 3.73 -3.02
C ILE A 16 3.21 2.99 -2.82
N LEU A 17 2.12 3.72 -2.90
CA LEU A 17 0.83 3.12 -2.79
C LEU A 17 0.01 3.52 -4.00
N ARG A 18 -0.23 2.55 -4.86
CA ARG A 18 -1.04 2.76 -6.04
C ARG A 18 -2.20 1.83 -5.90
N TRP A 19 -3.40 2.34 -5.99
CA TRP A 19 -4.54 1.46 -5.78
C TRP A 19 -5.81 1.94 -6.44
N ARG A 20 -6.68 0.97 -6.67
CA ARG A 20 -7.99 1.18 -7.24
C ARG A 20 -8.80 -0.04 -6.88
N PRO A 21 -10.12 0.08 -6.74
CA PRO A 21 -10.94 -1.05 -6.35
C PRO A 21 -10.69 -2.24 -7.25
N LYS A 22 -10.03 -3.22 -6.65
CA LYS A 22 -9.65 -4.47 -7.30
C LYS A 22 -10.51 -4.79 -8.52
N ASN A 23 -11.83 -4.77 -8.35
CA ASN A 23 -12.74 -5.06 -9.46
C ASN A 23 -13.29 -3.77 -10.06
N SER A 24 -13.70 -2.85 -9.20
CA SER A 24 -14.25 -1.57 -9.66
C SER A 24 -13.15 -0.56 -9.98
N VAL A 25 -12.38 -0.84 -11.02
CA VAL A 25 -11.29 0.05 -11.43
C VAL A 25 -11.81 1.47 -11.63
N GLY A 26 -11.20 2.42 -10.94
CA GLY A 26 -11.62 3.81 -11.06
C GLY A 26 -10.52 4.78 -10.70
N ARG A 27 -9.57 4.96 -11.62
CA ARG A 27 -8.45 5.86 -11.43
C ARG A 27 -7.54 5.40 -10.28
N TRP A 28 -6.26 5.25 -10.58
CA TRP A 28 -5.28 4.82 -9.59
C TRP A 28 -5.18 5.84 -8.46
N LYS A 29 -4.52 5.44 -7.37
CA LYS A 29 -4.32 6.32 -6.22
C LYS A 29 -2.84 6.35 -5.87
N GLU A 30 -2.37 7.44 -5.26
CA GLU A 30 -0.94 7.56 -4.93
C GLU A 30 -0.70 7.95 -3.48
N ALA A 31 0.07 7.12 -2.78
CA ALA A 31 0.43 7.37 -1.40
C ALA A 31 1.87 6.93 -1.14
N THR A 32 2.77 7.88 -0.90
CA THR A 32 4.17 7.55 -0.65
C THR A 32 4.52 7.59 0.83
N ILE A 33 5.10 6.49 1.31
CA ILE A 33 5.50 6.39 2.71
C ILE A 33 6.88 5.71 2.81
N PRO A 34 7.93 6.48 3.13
CA PRO A 34 9.29 5.93 3.24
C PRO A 34 9.49 5.06 4.47
N GLY A 35 9.67 3.77 4.25
CA GLY A 35 9.88 2.84 5.35
C GLY A 35 8.70 2.76 6.31
N HIS A 36 7.58 3.33 5.90
CA HIS A 36 6.37 3.32 6.73
C HIS A 36 6.66 3.88 8.12
N LEU A 37 6.61 5.20 8.23
CA LEU A 37 6.86 5.87 9.51
C LEU A 37 5.78 5.53 10.52
N ASN A 38 4.64 5.04 10.03
CA ASN A 38 3.53 4.67 10.89
C ASN A 38 2.57 3.73 10.17
N SER A 39 1.50 3.34 10.85
CA SER A 39 0.51 2.44 10.27
C SER A 39 -0.41 3.18 9.31
N TYR A 40 -0.21 2.96 8.01
CA TYR A 40 -1.02 3.61 6.99
C TYR A 40 -2.11 2.67 6.48
N THR A 41 -3.34 2.92 6.90
CA THR A 41 -4.47 2.10 6.48
C THR A 41 -5.54 2.94 5.79
N ILE A 42 -6.20 2.35 4.80
CA ILE A 42 -7.25 3.03 4.05
C ILE A 42 -8.62 2.68 4.62
N LYS A 43 -9.46 3.69 4.80
CA LYS A 43 -10.79 3.48 5.37
C LYS A 43 -11.88 3.65 4.31
N GLY A 44 -11.49 4.06 3.11
CA GLY A 44 -12.47 4.24 2.04
C GLY A 44 -13.31 2.99 1.84
N LEU A 45 -12.64 1.91 1.45
CA LEU A 45 -13.29 0.61 1.24
C LEU A 45 -14.40 0.37 2.26
N LYS A 46 -15.64 0.41 1.80
CA LYS A 46 -16.79 0.18 2.66
C LYS A 46 -17.34 -1.22 2.47
N PRO A 47 -18.06 -1.75 3.48
CA PRO A 47 -18.64 -3.09 3.44
C PRO A 47 -19.28 -3.44 2.09
N GLY A 48 -18.58 -4.28 1.33
CA GLY A 48 -19.07 -4.70 0.02
C GLY A 48 -18.11 -4.39 -1.11
N VAL A 49 -17.09 -3.59 -0.85
CA VAL A 49 -16.12 -3.22 -1.89
C VAL A 49 -14.69 -3.63 -1.55
N VAL A 50 -13.96 -4.11 -2.55
CA VAL A 50 -12.57 -4.51 -2.39
C VAL A 50 -11.67 -3.54 -3.15
N TYR A 51 -10.66 -3.00 -2.48
CA TYR A 51 -9.73 -2.05 -3.11
C TYR A 51 -8.38 -2.70 -3.34
N GLU A 52 -7.95 -2.75 -4.60
CA GLU A 52 -6.65 -3.32 -4.91
C GLU A 52 -5.57 -2.30 -4.64
N GLY A 53 -4.58 -2.67 -3.85
CA GLY A 53 -3.49 -1.76 -3.53
C GLY A 53 -2.16 -2.23 -4.06
N GLN A 54 -1.26 -1.28 -4.33
CA GLN A 54 0.06 -1.64 -4.86
C GLN A 54 1.17 -0.95 -4.08
N LEU A 55 2.02 -1.74 -3.43
CA LEU A 55 3.13 -1.20 -2.67
C LEU A 55 4.41 -1.30 -3.48
N ILE A 56 4.88 -0.17 -3.98
CA ILE A 56 6.09 -0.13 -4.77
C ILE A 56 7.22 0.56 -4.01
N SER A 57 8.24 -0.22 -3.68
CA SER A 57 9.39 0.31 -2.95
C SER A 57 10.41 0.86 -3.92
N ILE A 58 10.74 2.13 -3.79
CA ILE A 58 11.71 2.75 -4.68
C ILE A 58 12.97 3.18 -3.96
N GLN A 59 14.10 2.84 -4.56
CA GLN A 59 15.41 3.18 -4.05
C GLN A 59 15.92 4.45 -4.72
N GLN A 60 17.15 4.83 -4.42
CA GLN A 60 17.76 6.02 -5.01
C GLN A 60 17.91 5.89 -6.52
N TYR A 61 17.62 4.70 -7.04
CA TYR A 61 17.74 4.45 -8.48
C TYR A 61 16.37 4.44 -9.17
N GLY A 62 15.32 4.74 -8.41
CA GLY A 62 13.98 4.75 -8.97
C GLY A 62 13.29 3.41 -8.79
N HIS A 63 12.66 2.91 -9.86
CA HIS A 63 11.97 1.62 -9.82
C HIS A 63 12.81 0.59 -9.08
N GLN A 64 12.45 0.32 -7.83
CA GLN A 64 13.21 -0.61 -7.00
C GLN A 64 12.44 -1.91 -6.73
N GLU A 65 11.21 -1.79 -6.24
CA GLU A 65 10.39 -2.95 -5.91
C GLU A 65 8.91 -2.66 -6.17
N VAL A 66 8.20 -3.68 -6.62
CA VAL A 66 6.78 -3.55 -6.91
C VAL A 66 5.97 -4.73 -6.37
N THR A 67 4.88 -4.44 -5.68
CA THR A 67 4.02 -5.47 -5.13
C THR A 67 2.54 -5.14 -5.34
N ARG A 68 1.79 -6.07 -5.92
CA ARG A 68 0.36 -5.86 -6.19
C ARG A 68 -0.51 -6.80 -5.34
N PHE A 69 -1.43 -6.21 -4.56
CA PHE A 69 -2.33 -6.98 -3.71
C PHE A 69 -3.61 -6.21 -3.41
N ASP A 70 -4.76 -6.84 -3.68
CA ASP A 70 -6.05 -6.23 -3.41
C ASP A 70 -6.55 -6.62 -2.03
N PHE A 71 -7.12 -5.66 -1.31
CA PHE A 71 -7.62 -5.91 0.03
C PHE A 71 -8.87 -5.11 0.34
N THR A 72 -9.60 -5.58 1.33
CA THR A 72 -10.81 -4.90 1.77
C THR A 72 -11.04 -5.14 3.26
N THR A 73 -11.32 -4.07 4.00
CA THR A 73 -11.60 -4.17 5.42
C THR A 73 -13.11 -4.28 5.56
N THR A 74 -13.70 -4.50 4.40
CA THR A 74 -15.13 -4.59 4.24
C THR A 74 -15.56 -6.03 4.00
N SER A 75 -14.64 -6.83 3.49
CA SER A 75 -14.91 -8.22 3.19
C SER A 75 -14.40 -9.12 4.31
N THR A 76 -14.62 -8.69 5.54
CA THR A 76 -14.19 -9.44 6.71
C THR A 76 -15.33 -9.61 7.72
N SER A 77 -15.97 -8.50 8.07
CA SER A 77 -17.09 -8.51 9.03
C SER A 77 -18.43 -8.50 8.31
N THR A 78 -19.46 -8.00 8.99
CA THR A 78 -20.80 -7.94 8.41
C THR A 78 -21.59 -6.71 8.91
N PRO A 79 -20.96 -5.54 9.04
CA PRO A 79 -21.63 -4.35 9.52
C PRO A 79 -22.16 -3.48 8.38
N GLY A 80 -22.83 -2.38 8.72
CA GLY A 80 -23.38 -1.50 7.71
C GLY A 80 -23.14 -0.04 8.04
N SER A 81 -24.22 0.68 8.34
CA SER A 81 -24.13 2.10 8.67
C SER A 81 -23.41 2.88 7.57
N ARG A 82 -22.97 4.09 7.91
CA ARG A 82 -22.26 4.95 6.95
C ARG A 82 -23.13 5.23 5.72
N SER A 83 -24.42 4.97 5.84
CA SER A 83 -25.35 5.20 4.74
C SER A 83 -26.80 5.19 5.24
N HIS A 84 -27.45 4.04 5.11
CA HIS A 84 -28.85 3.90 5.55
C HIS A 84 -29.73 4.95 4.88
N HIS A 85 -29.27 5.46 3.75
CA HIS A 85 -30.01 6.47 3.01
C HIS A 85 -29.67 6.41 1.52
N HIS A 86 -30.32 7.26 0.73
CA HIS A 86 -30.08 7.31 -0.70
C HIS A 86 -29.19 8.50 -1.07
N HIS A 87 -27.88 8.30 -1.00
CA HIS A 87 -26.93 9.35 -1.32
C HIS A 87 -25.78 8.81 -2.17
N HIS A 88 -25.41 9.56 -3.20
CA HIS A 88 -24.33 9.15 -4.10
C HIS A 88 -24.60 7.78 -4.70
N HIS A 89 -25.58 7.71 -5.59
CA HIS A 89 -25.94 6.46 -6.24
C HIS A 89 -25.37 6.39 -7.65
N MET A 1 35.77 12.18 -2.55
CA MET A 1 36.35 11.29 -1.51
C MET A 1 36.74 9.95 -2.09
N ARG A 2 36.46 9.76 -3.39
CA ARG A 2 36.79 8.52 -4.08
C ARG A 2 36.20 7.32 -3.35
N GLY A 3 34.89 7.34 -3.16
CA GLY A 3 34.21 6.24 -2.48
C GLY A 3 32.90 6.68 -1.86
N SER A 4 32.49 5.98 -0.81
CA SER A 4 31.24 6.29 -0.11
C SER A 4 30.05 6.19 -1.06
N ASN A 5 29.47 4.99 -1.14
CA ASN A 5 28.32 4.76 -2.01
C ASN A 5 27.01 5.02 -1.27
N ALA A 6 27.01 6.09 -0.46
CA ALA A 6 25.83 6.46 0.32
C ALA A 6 25.45 5.36 1.31
N PRO A 7 25.61 5.65 2.62
CA PRO A 7 25.29 4.68 3.68
C PRO A 7 23.87 4.12 3.55
N GLN A 8 23.76 2.81 3.44
CA GLN A 8 22.46 2.15 3.31
C GLN A 8 21.66 2.29 4.61
N PRO A 9 20.56 3.07 4.57
CA PRO A 9 19.70 3.27 5.75
C PRO A 9 19.05 1.98 6.21
N SER A 10 18.44 2.01 7.40
CA SER A 10 17.78 0.84 7.95
C SER A 10 16.42 0.62 7.28
N HIS A 11 16.09 1.49 6.32
CA HIS A 11 14.83 1.40 5.61
C HIS A 11 14.99 1.87 4.17
N ILE A 12 13.91 1.76 3.40
CA ILE A 12 13.91 2.19 2.01
C ILE A 12 13.75 3.71 1.89
N SER A 13 14.36 4.28 0.85
CA SER A 13 14.27 5.73 0.63
C SER A 13 12.82 6.18 0.72
N LYS A 14 11.94 5.42 0.06
CA LYS A 14 10.51 5.73 0.07
C LYS A 14 9.70 4.60 -0.57
N TYR A 15 8.52 4.34 -0.01
CA TYR A 15 7.64 3.31 -0.52
C TYR A 15 6.44 3.95 -1.21
N ILE A 16 5.93 3.31 -2.24
CA ILE A 16 4.78 3.84 -2.95
C ILE A 16 3.58 2.92 -2.80
N LEU A 17 2.40 3.52 -2.72
CA LEU A 17 1.18 2.75 -2.61
C LEU A 17 0.27 3.12 -3.75
N ARG A 18 0.05 2.17 -4.65
CA ARG A 18 -0.81 2.40 -5.78
C ARG A 18 -1.97 1.43 -5.71
N TRP A 19 -3.19 1.94 -5.82
CA TRP A 19 -4.33 1.07 -5.71
C TRP A 19 -5.59 1.65 -6.32
N ARG A 20 -6.54 0.76 -6.56
CA ARG A 20 -7.83 1.09 -7.10
C ARG A 20 -8.81 -0.03 -6.79
N PRO A 21 -10.08 0.31 -6.50
CA PRO A 21 -11.10 -0.68 -6.17
C PRO A 21 -11.21 -1.77 -7.23
N LYS A 22 -10.82 -2.98 -6.84
CA LYS A 22 -10.85 -4.14 -7.74
C LYS A 22 -12.21 -4.32 -8.41
N ASN A 23 -13.28 -3.99 -7.70
CA ASN A 23 -14.63 -4.14 -8.24
C ASN A 23 -15.17 -2.83 -8.80
N SER A 24 -14.97 -1.74 -8.06
CA SER A 24 -15.47 -0.43 -8.48
C SER A 24 -14.54 0.20 -9.52
N VAL A 25 -15.11 0.61 -10.64
CA VAL A 25 -14.33 1.22 -11.71
C VAL A 25 -13.90 2.63 -11.33
N GLY A 26 -12.59 2.83 -11.20
CA GLY A 26 -12.06 4.14 -10.84
C GLY A 26 -10.61 4.31 -11.26
N ARG A 27 -9.99 5.38 -10.78
CA ARG A 27 -8.59 5.66 -11.11
C ARG A 27 -7.66 5.14 -10.03
N TRP A 28 -6.39 4.96 -10.39
CA TRP A 28 -5.39 4.46 -9.45
C TRP A 28 -5.17 5.46 -8.31
N LYS A 29 -4.34 5.07 -7.35
CA LYS A 29 -4.02 5.93 -6.21
C LYS A 29 -2.54 5.87 -5.94
N GLU A 30 -2.01 6.87 -5.22
CA GLU A 30 -0.59 6.91 -4.91
C GLU A 30 -0.35 7.43 -3.49
N ALA A 31 0.43 6.68 -2.72
CA ALA A 31 0.76 7.06 -1.34
C ALA A 31 2.21 6.72 -1.03
N THR A 32 3.03 7.74 -0.80
CA THR A 32 4.44 7.53 -0.50
C THR A 32 4.70 7.47 1.00
N ILE A 33 5.15 6.29 1.45
CA ILE A 33 5.45 6.08 2.86
C ILE A 33 6.90 5.63 3.02
N PRO A 34 7.78 6.51 3.54
CA PRO A 34 9.20 6.20 3.72
C PRO A 34 9.43 5.02 4.67
N GLY A 35 9.48 3.82 4.09
CA GLY A 35 9.72 2.61 4.87
C GLY A 35 8.91 2.57 6.16
N HIS A 36 7.60 2.76 6.04
CA HIS A 36 6.71 2.73 7.20
C HIS A 36 7.20 3.69 8.28
N LEU A 37 7.28 4.97 7.93
CA LEU A 37 7.74 5.99 8.87
C LEU A 37 6.78 6.15 10.05
N ASN A 38 5.52 5.75 9.85
CA ASN A 38 4.52 5.86 10.90
C ASN A 38 3.24 5.12 10.51
N SER A 39 2.19 5.28 11.31
CA SER A 39 0.92 4.63 11.04
C SER A 39 0.16 5.37 9.95
N TYR A 40 0.13 4.78 8.76
CA TYR A 40 -0.57 5.39 7.63
C TYR A 40 -1.96 4.76 7.48
N THR A 41 -2.98 5.60 7.37
CA THR A 41 -4.35 5.10 7.24
C THR A 41 -4.85 5.16 5.81
N ILE A 42 -5.72 4.21 5.47
CA ILE A 42 -6.31 4.13 4.14
C ILE A 42 -7.65 4.85 4.13
N LYS A 43 -7.90 5.60 3.06
CA LYS A 43 -9.13 6.36 2.90
C LYS A 43 -10.33 5.67 3.56
N GLY A 44 -10.41 4.36 3.39
CA GLY A 44 -11.51 3.61 3.99
C GLY A 44 -12.35 2.87 2.98
N LEU A 45 -12.32 1.54 3.04
CA LEU A 45 -13.09 0.71 2.14
C LEU A 45 -14.36 0.20 2.81
N LYS A 46 -15.52 0.50 2.21
CA LYS A 46 -16.82 0.10 2.77
C LYS A 46 -17.19 -1.35 2.38
N PRO A 47 -17.67 -2.14 3.35
CA PRO A 47 -18.07 -3.54 3.15
C PRO A 47 -18.78 -3.82 1.82
N GLY A 48 -18.50 -4.99 1.25
CA GLY A 48 -19.13 -5.40 0.01
C GLY A 48 -18.30 -5.10 -1.24
N VAL A 49 -17.18 -4.41 -1.06
CA VAL A 49 -16.32 -4.06 -2.19
C VAL A 49 -14.90 -4.60 -2.06
N VAL A 50 -14.36 -5.11 -3.16
CA VAL A 50 -13.00 -5.63 -3.18
C VAL A 50 -12.05 -4.56 -3.72
N TYR A 51 -11.04 -4.19 -2.93
CA TYR A 51 -10.10 -3.16 -3.36
C TYR A 51 -8.73 -3.77 -3.63
N GLU A 52 -8.13 -3.40 -4.75
CA GLU A 52 -6.82 -3.90 -5.12
C GLU A 52 -5.75 -2.89 -4.73
N GLY A 53 -4.73 -3.35 -4.02
CA GLY A 53 -3.66 -2.46 -3.59
C GLY A 53 -2.29 -2.94 -4.04
N GLN A 54 -1.38 -2.01 -4.25
CA GLN A 54 -0.03 -2.35 -4.70
C GLN A 54 1.04 -1.62 -3.87
N LEU A 55 2.15 -2.30 -3.62
CA LEU A 55 3.26 -1.74 -2.86
C LEU A 55 4.55 -1.76 -3.69
N ILE A 56 4.98 -0.59 -4.14
CA ILE A 56 6.19 -0.48 -4.94
C ILE A 56 7.28 0.29 -4.20
N SER A 57 8.40 -0.37 -3.92
CA SER A 57 9.50 0.27 -3.21
C SER A 57 10.36 1.08 -4.18
N ILE A 58 10.76 2.24 -3.72
CA ILE A 58 11.59 3.15 -4.50
C ILE A 58 12.95 3.41 -3.84
N GLN A 59 14.01 3.30 -4.61
CA GLN A 59 15.36 3.56 -4.10
C GLN A 59 15.77 4.99 -4.39
N GLN A 60 17.02 5.33 -4.05
CA GLN A 60 17.53 6.67 -4.27
C GLN A 60 17.54 7.00 -5.77
N TYR A 61 17.70 5.96 -6.59
CA TYR A 61 17.71 6.14 -8.04
C TYR A 61 16.39 5.70 -8.66
N GLY A 62 15.48 5.22 -7.82
CA GLY A 62 14.17 4.77 -8.30
C GLY A 62 14.14 3.28 -8.55
N HIS A 63 12.93 2.70 -8.51
CA HIS A 63 12.75 1.28 -8.74
C HIS A 63 13.41 0.44 -7.63
N GLN A 64 12.64 -0.44 -7.02
CA GLN A 64 13.16 -1.30 -5.96
C GLN A 64 12.34 -2.58 -5.83
N GLU A 65 11.04 -2.42 -5.61
CA GLU A 65 10.15 -3.56 -5.45
C GLU A 65 8.78 -3.28 -6.04
N VAL A 66 8.18 -4.31 -6.62
CA VAL A 66 6.84 -4.17 -7.20
C VAL A 66 5.97 -5.36 -6.80
N THR A 67 4.92 -5.08 -6.04
CA THR A 67 4.02 -6.14 -5.58
C THR A 67 2.55 -5.73 -5.72
N ARG A 68 1.80 -6.51 -6.48
CA ARG A 68 0.38 -6.23 -6.71
C ARG A 68 -0.47 -7.27 -5.97
N PHE A 69 -1.56 -6.81 -5.36
CA PHE A 69 -2.44 -7.73 -4.63
C PHE A 69 -3.87 -7.19 -4.51
N ASP A 70 -4.83 -8.07 -4.74
CA ASP A 70 -6.24 -7.72 -4.63
C ASP A 70 -6.73 -8.11 -3.25
N PHE A 71 -7.52 -7.24 -2.62
CA PHE A 71 -8.02 -7.52 -1.29
C PHE A 71 -9.46 -7.02 -1.17
N THR A 72 -10.14 -7.46 -0.12
CA THR A 72 -11.52 -7.07 0.07
C THR A 72 -11.61 -5.94 1.06
N THR A 73 -12.77 -5.30 1.11
CA THR A 73 -12.99 -4.18 2.00
C THR A 73 -12.60 -4.49 3.43
N THR A 74 -12.69 -3.48 4.26
CA THR A 74 -12.33 -3.59 5.66
C THR A 74 -13.56 -3.80 6.53
N SER A 75 -14.52 -2.88 6.43
CA SER A 75 -15.76 -2.98 7.19
C SER A 75 -15.48 -3.13 8.68
N THR A 76 -14.30 -2.69 9.10
CA THR A 76 -13.90 -2.76 10.50
C THR A 76 -12.80 -1.76 10.82
N SER A 77 -13.14 -0.47 10.77
CA SER A 77 -12.19 0.60 11.04
C SER A 77 -11.66 0.51 12.47
N THR A 78 -10.80 1.46 12.84
CA THR A 78 -10.20 1.47 14.18
C THR A 78 -11.00 2.31 15.20
N PRO A 79 -11.75 3.33 14.77
CA PRO A 79 -12.54 4.17 15.70
C PRO A 79 -13.86 3.52 16.08
N GLY A 80 -14.76 4.32 16.63
CA GLY A 80 -16.06 3.81 17.05
C GLY A 80 -16.37 4.12 18.50
N SER A 81 -15.36 4.63 19.22
CA SER A 81 -15.53 4.99 20.62
C SER A 81 -14.81 6.29 20.94
N ARG A 82 -14.91 6.72 22.19
CA ARG A 82 -14.25 7.95 22.63
C ARG A 82 -13.00 7.65 23.44
N SER A 83 -11.85 8.03 22.92
CA SER A 83 -10.58 7.81 23.59
C SER A 83 -9.74 9.08 23.63
N HIS A 84 -10.43 10.23 23.54
CA HIS A 84 -9.76 11.53 23.57
C HIS A 84 -8.88 11.73 22.34
N HIS A 85 -8.65 12.98 21.97
CA HIS A 85 -7.82 13.30 20.82
C HIS A 85 -7.46 14.79 20.81
N HIS A 86 -6.50 15.16 19.97
CA HIS A 86 -6.07 16.55 19.87
C HIS A 86 -7.21 17.44 19.38
N HIS A 87 -7.11 18.72 19.67
CA HIS A 87 -8.13 19.68 19.26
C HIS A 87 -7.58 21.11 19.23
N HIS A 88 -8.11 21.92 18.33
CA HIS A 88 -7.68 23.30 18.20
C HIS A 88 -8.49 24.22 19.11
N HIS A 89 -7.81 25.17 19.74
CA HIS A 89 -8.46 26.11 20.64
C HIS A 89 -9.17 25.37 21.77
N MET A 1 10.81 -5.64 15.88
CA MET A 1 10.96 -7.04 15.40
C MET A 1 11.44 -7.96 16.52
N ARG A 2 11.90 -9.14 16.15
CA ARG A 2 12.38 -10.12 17.13
C ARG A 2 13.90 -10.08 17.24
N GLY A 3 14.40 -9.20 18.09
CA GLY A 3 15.84 -9.07 18.27
C GLY A 3 16.27 -7.63 18.44
N SER A 4 17.57 -7.42 18.65
CA SER A 4 18.11 -6.07 18.82
C SER A 4 18.87 -5.64 17.57
N ASN A 5 20.12 -6.08 17.45
CA ASN A 5 20.95 -5.74 16.30
C ASN A 5 21.06 -4.22 16.14
N ALA A 6 21.42 -3.78 14.94
CA ALA A 6 21.55 -2.35 14.65
C ALA A 6 20.22 -1.62 14.87
N PRO A 7 20.16 -0.73 15.88
CA PRO A 7 18.95 0.02 16.18
C PRO A 7 18.44 0.83 14.99
N GLN A 8 19.32 1.05 14.02
CA GLN A 8 18.97 1.81 12.82
C GLN A 8 18.96 0.90 11.59
N PRO A 9 17.77 0.45 11.16
CA PRO A 9 17.64 -0.43 10.00
C PRO A 9 17.78 0.32 8.67
N SER A 10 18.04 -0.41 7.60
CA SER A 10 18.19 0.19 6.29
C SER A 10 16.85 0.32 5.57
N HIS A 11 16.11 1.38 5.92
CA HIS A 11 14.81 1.63 5.33
C HIS A 11 14.94 2.14 3.88
N ILE A 12 13.82 2.12 3.16
CA ILE A 12 13.80 2.57 1.77
C ILE A 12 13.52 4.07 1.69
N SER A 13 14.00 4.70 0.62
CA SER A 13 13.78 6.12 0.41
C SER A 13 12.30 6.44 0.52
N LYS A 14 11.48 5.62 -0.12
CA LYS A 14 10.03 5.82 -0.08
C LYS A 14 9.29 4.69 -0.79
N TYR A 15 8.11 4.34 -0.25
CA TYR A 15 7.27 3.28 -0.80
C TYR A 15 6.12 3.90 -1.59
N ILE A 16 5.54 3.15 -2.51
CA ILE A 16 4.43 3.64 -3.30
C ILE A 16 3.17 2.87 -3.02
N LEU A 17 2.06 3.56 -3.10
CA LEU A 17 0.78 2.93 -2.92
C LEU A 17 -0.11 3.28 -4.10
N ARG A 18 -0.37 2.29 -4.92
CA ARG A 18 -1.22 2.46 -6.09
C ARG A 18 -2.36 1.49 -5.97
N TRP A 19 -3.57 1.99 -6.05
CA TRP A 19 -4.70 1.09 -5.88
C TRP A 19 -6.01 1.67 -6.39
N ARG A 20 -6.91 0.78 -6.79
CA ARG A 20 -8.22 1.15 -7.29
C ARG A 20 -9.16 -0.04 -7.19
N PRO A 21 -10.48 0.20 -7.27
CA PRO A 21 -11.48 -0.86 -7.21
C PRO A 21 -11.26 -1.93 -8.27
N LYS A 22 -11.14 -3.15 -7.80
CA LYS A 22 -10.90 -4.30 -8.65
C LYS A 22 -12.11 -4.60 -9.55
N ASN A 23 -13.30 -4.56 -8.98
CA ASN A 23 -14.53 -4.84 -9.72
C ASN A 23 -15.12 -3.59 -10.36
N SER A 24 -15.01 -2.46 -9.66
CA SER A 24 -15.56 -1.20 -10.17
C SER A 24 -14.57 -0.50 -11.09
N VAL A 25 -13.30 -0.89 -11.00
CA VAL A 25 -12.23 -0.31 -11.82
C VAL A 25 -12.46 1.18 -12.11
N GLY A 26 -11.99 2.02 -11.20
CA GLY A 26 -12.15 3.46 -11.36
C GLY A 26 -10.86 4.16 -11.70
N ARG A 27 -10.31 4.90 -10.72
CA ARG A 27 -9.07 5.64 -10.93
C ARG A 27 -7.97 5.16 -9.97
N TRP A 28 -6.72 5.32 -10.40
CA TRP A 28 -5.58 4.92 -9.58
C TRP A 28 -5.35 5.90 -8.43
N LYS A 29 -4.79 5.40 -7.34
CA LYS A 29 -4.48 6.23 -6.18
C LYS A 29 -2.99 6.14 -5.86
N GLU A 30 -2.38 7.26 -5.48
CA GLU A 30 -0.95 7.28 -5.19
C GLU A 30 -0.66 7.77 -3.77
N ALA A 31 0.14 6.99 -3.04
CA ALA A 31 0.52 7.32 -1.68
C ALA A 31 1.98 6.93 -1.42
N THR A 32 2.82 7.93 -1.17
CA THR A 32 4.24 7.68 -0.92
C THR A 32 4.53 7.65 0.59
N ILE A 33 4.99 6.51 1.06
CA ILE A 33 5.32 6.33 2.48
C ILE A 33 6.71 5.75 2.65
N PRO A 34 7.67 6.53 3.20
CA PRO A 34 9.04 6.08 3.43
C PRO A 34 9.10 4.77 4.19
N GLY A 35 10.32 4.24 4.35
CA GLY A 35 10.52 2.98 5.06
C GLY A 35 9.70 2.87 6.33
N HIS A 36 8.52 2.25 6.21
CA HIS A 36 7.59 2.05 7.33
C HIS A 36 7.81 3.06 8.45
N LEU A 37 7.41 4.30 8.22
CA LEU A 37 7.55 5.35 9.23
C LEU A 37 6.60 5.10 10.39
N ASN A 38 5.46 4.47 10.09
CA ASN A 38 4.45 4.16 11.09
C ASN A 38 3.33 3.33 10.48
N SER A 39 2.20 3.26 11.18
CA SER A 39 1.06 2.50 10.70
C SER A 39 0.13 3.37 9.85
N TYR A 40 0.16 3.16 8.55
CA TYR A 40 -0.68 3.93 7.63
C TYR A 40 -1.67 3.01 6.91
N THR A 41 -2.95 3.19 7.21
CA THR A 41 -3.99 2.37 6.58
C THR A 41 -5.09 3.25 6.00
N ILE A 42 -5.68 2.80 4.89
CA ILE A 42 -6.75 3.54 4.23
C ILE A 42 -8.08 3.27 4.93
N LYS A 43 -8.79 4.34 5.28
CA LYS A 43 -10.08 4.21 5.96
C LYS A 43 -11.18 4.93 5.20
N GLY A 44 -12.31 5.14 5.87
CA GLY A 44 -13.44 5.79 5.24
C GLY A 44 -14.10 4.90 4.21
N LEU A 45 -13.95 3.59 4.38
CA LEU A 45 -14.52 2.62 3.46
C LEU A 45 -15.40 1.61 4.17
N LYS A 46 -15.95 0.66 3.43
CA LYS A 46 -16.81 -0.36 4.00
C LYS A 46 -16.49 -1.73 3.41
N PRO A 47 -16.54 -2.79 4.24
CA PRO A 47 -16.27 -4.16 3.79
C PRO A 47 -17.30 -4.66 2.80
N GLY A 48 -16.94 -4.70 1.52
CA GLY A 48 -17.86 -5.15 0.50
C GLY A 48 -17.40 -4.84 -0.91
N VAL A 49 -16.42 -3.97 -1.05
CA VAL A 49 -15.91 -3.59 -2.36
C VAL A 49 -14.46 -3.99 -2.52
N VAL A 50 -14.13 -4.49 -3.70
CA VAL A 50 -12.76 -4.88 -3.98
C VAL A 50 -11.91 -3.64 -4.23
N TYR A 51 -10.66 -3.72 -3.82
CA TYR A 51 -9.71 -2.63 -3.98
C TYR A 51 -8.33 -3.22 -4.27
N GLU A 52 -7.92 -3.20 -5.54
CA GLU A 52 -6.61 -3.75 -5.86
C GLU A 52 -5.55 -2.73 -5.47
N GLY A 53 -4.56 -3.17 -4.69
CA GLY A 53 -3.52 -2.27 -4.24
C GLY A 53 -2.12 -2.76 -4.53
N GLN A 54 -1.19 -1.82 -4.71
CA GLN A 54 0.20 -2.16 -5.01
C GLN A 54 1.17 -1.35 -4.16
N LEU A 55 2.24 -2.00 -3.72
CA LEU A 55 3.27 -1.34 -2.93
C LEU A 55 4.61 -1.45 -3.64
N ILE A 56 5.06 -0.34 -4.21
CA ILE A 56 6.32 -0.32 -4.93
C ILE A 56 7.34 0.60 -4.26
N SER A 57 8.46 0.02 -3.83
CA SER A 57 9.51 0.76 -3.18
C SER A 57 10.42 1.45 -4.20
N ILE A 58 10.68 2.71 -3.94
CA ILE A 58 11.52 3.54 -4.79
C ILE A 58 12.76 4.05 -4.04
N GLN A 59 13.93 3.95 -4.66
CA GLN A 59 15.17 4.43 -4.04
C GLN A 59 15.76 5.55 -4.88
N GLN A 60 16.95 6.01 -4.48
CA GLN A 60 17.63 7.07 -5.20
C GLN A 60 17.99 6.61 -6.61
N TYR A 61 17.91 5.30 -6.83
CA TYR A 61 18.22 4.73 -8.14
C TYR A 61 16.96 4.36 -8.91
N GLY A 62 15.81 4.53 -8.26
CA GLY A 62 14.54 4.22 -8.90
C GLY A 62 14.29 2.73 -9.00
N HIS A 63 13.03 2.33 -8.85
CA HIS A 63 12.65 0.92 -8.91
C HIS A 63 13.37 0.10 -7.84
N GLN A 64 12.62 -0.31 -6.81
CA GLN A 64 13.21 -1.09 -5.73
C GLN A 64 12.41 -2.35 -5.43
N GLU A 65 11.20 -2.16 -4.93
CA GLU A 65 10.34 -3.29 -4.56
C GLU A 65 8.95 -3.17 -5.17
N VAL A 66 8.37 -4.29 -5.50
CA VAL A 66 7.03 -4.33 -6.07
C VAL A 66 6.19 -5.42 -5.42
N THR A 67 5.03 -5.05 -4.91
CA THR A 67 4.16 -6.00 -4.26
C THR A 67 2.72 -5.85 -4.75
N ARG A 68 2.10 -6.98 -5.09
CA ARG A 68 0.73 -6.96 -5.59
C ARG A 68 -0.21 -7.60 -4.56
N PHE A 69 -1.15 -6.80 -4.06
CA PHE A 69 -2.10 -7.29 -3.07
C PHE A 69 -3.48 -6.67 -3.25
N ASP A 70 -4.50 -7.52 -3.34
CA ASP A 70 -5.87 -7.06 -3.52
C ASP A 70 -6.61 -7.11 -2.19
N PHE A 71 -7.13 -5.96 -1.77
CA PHE A 71 -7.87 -5.86 -0.52
C PHE A 71 -9.27 -5.32 -0.77
N THR A 72 -10.16 -5.50 0.20
CA THR A 72 -11.53 -5.00 0.03
C THR A 72 -11.98 -4.15 1.20
N THR A 73 -12.57 -3.01 0.85
CA THR A 73 -13.09 -2.03 1.80
C THR A 73 -13.25 -0.70 1.10
N THR A 74 -14.48 -0.40 0.64
CA THR A 74 -14.74 0.84 -0.09
C THR A 74 -16.22 1.22 -0.05
N SER A 75 -16.62 2.13 -0.96
CA SER A 75 -18.01 2.60 -1.06
C SER A 75 -18.24 3.79 -0.13
N THR A 76 -18.08 5.00 -0.68
CA THR A 76 -18.28 6.23 0.07
C THR A 76 -18.21 7.45 -0.86
N SER A 77 -18.30 7.20 -2.16
CA SER A 77 -18.25 8.26 -3.16
C SER A 77 -19.29 8.03 -4.25
N THR A 78 -18.81 7.79 -5.49
CA THR A 78 -19.68 7.54 -6.64
C THR A 78 -20.97 8.37 -6.60
N PRO A 79 -20.87 9.68 -6.37
CA PRO A 79 -22.03 10.54 -6.29
C PRO A 79 -22.27 11.35 -7.57
N GLY A 80 -21.92 10.76 -8.71
CA GLY A 80 -22.10 11.43 -9.98
C GLY A 80 -22.93 10.62 -10.95
N SER A 81 -23.17 11.18 -12.14
CA SER A 81 -23.97 10.50 -13.15
C SER A 81 -23.68 11.05 -14.54
N ARG A 82 -24.10 12.29 -14.79
CA ARG A 82 -23.88 12.93 -16.08
C ARG A 82 -22.72 13.91 -16.03
N SER A 83 -21.85 13.85 -17.05
CA SER A 83 -20.69 14.73 -17.13
C SER A 83 -19.83 14.62 -15.87
N HIS A 84 -18.85 13.72 -15.91
CA HIS A 84 -17.95 13.51 -14.78
C HIS A 84 -17.19 14.80 -14.45
N HIS A 85 -16.69 14.89 -13.22
CA HIS A 85 -15.93 16.06 -12.79
C HIS A 85 -14.43 15.81 -12.90
N HIS A 86 -13.66 16.88 -12.72
CA HIS A 86 -12.20 16.79 -12.81
C HIS A 86 -11.76 16.23 -14.17
N HIS A 87 -11.92 17.05 -15.20
CA HIS A 87 -11.55 16.64 -16.56
C HIS A 87 -10.07 16.93 -16.83
N HIS A 88 -9.29 17.00 -15.76
CA HIS A 88 -7.86 17.27 -15.88
C HIS A 88 -7.04 16.18 -15.21
N HIS A 89 -7.71 15.34 -14.43
CA HIS A 89 -7.05 14.24 -13.72
C HIS A 89 -8.06 13.18 -13.30
N MET A 1 2.17 19.75 14.90
CA MET A 1 3.21 18.87 15.52
C MET A 1 2.57 17.74 16.33
N ARG A 2 2.51 16.55 15.74
CA ARG A 2 1.93 15.40 16.40
C ARG A 2 2.96 14.67 17.26
N GLY A 3 2.49 13.76 18.10
CA GLY A 3 3.39 13.01 18.97
C GLY A 3 3.82 11.69 18.36
N SER A 4 4.56 10.91 19.14
CA SER A 4 5.04 9.61 18.68
C SER A 4 5.84 9.75 17.38
N ASN A 5 7.08 10.19 17.50
CA ASN A 5 7.93 10.37 16.34
C ASN A 5 8.34 9.03 15.75
N ALA A 6 9.29 9.05 14.82
CA ALA A 6 9.77 7.83 14.17
C ALA A 6 11.25 7.95 13.84
N PRO A 7 12.06 6.95 14.25
CA PRO A 7 13.51 6.94 13.99
C PRO A 7 13.83 6.72 12.51
N GLN A 8 13.96 5.46 12.12
CA GLN A 8 14.27 5.10 10.74
C GLN A 8 15.49 5.85 10.23
N PRO A 9 16.70 5.44 10.67
CA PRO A 9 17.95 6.08 10.26
C PRO A 9 18.34 5.74 8.82
N SER A 10 17.87 6.57 7.89
CA SER A 10 18.16 6.38 6.46
C SER A 10 17.51 5.10 5.94
N HIS A 11 16.68 5.24 4.91
CA HIS A 11 16.01 4.09 4.31
C HIS A 11 15.69 4.37 2.83
N ILE A 12 14.62 3.75 2.33
CA ILE A 12 14.23 3.94 0.94
C ILE A 12 13.73 5.36 0.71
N SER A 13 13.95 5.86 -0.50
CA SER A 13 13.53 7.21 -0.86
C SER A 13 12.06 7.43 -0.51
N LYS A 14 11.21 6.47 -0.90
CA LYS A 14 9.79 6.57 -0.63
C LYS A 14 9.05 5.31 -1.08
N TYR A 15 7.97 4.99 -0.37
CA TYR A 15 7.13 3.84 -0.69
C TYR A 15 5.87 4.32 -1.41
N ILE A 16 5.47 3.61 -2.46
CA ILE A 16 4.28 4.00 -3.22
C ILE A 16 3.19 2.94 -3.13
N LEU A 17 2.03 3.36 -2.66
CA LEU A 17 0.88 2.47 -2.53
C LEU A 17 -0.16 2.81 -3.58
N ARG A 18 -0.40 1.88 -4.50
CA ARG A 18 -1.37 2.10 -5.56
C ARG A 18 -2.51 1.09 -5.45
N TRP A 19 -3.74 1.59 -5.46
CA TRP A 19 -4.90 0.70 -5.38
C TRP A 19 -6.11 1.29 -6.10
N ARG A 20 -6.99 0.41 -6.56
CA ARG A 20 -8.20 0.81 -7.27
C ARG A 20 -9.24 -0.30 -7.20
N PRO A 21 -10.53 0.03 -7.41
CA PRO A 21 -11.61 -0.96 -7.38
C PRO A 21 -11.40 -2.06 -8.41
N LYS A 22 -11.17 -3.28 -7.95
CA LYS A 22 -10.95 -4.41 -8.84
C LYS A 22 -12.19 -4.69 -9.68
N ASN A 23 -13.36 -4.43 -9.11
CA ASN A 23 -14.62 -4.66 -9.81
C ASN A 23 -15.17 -3.35 -10.40
N SER A 24 -15.01 -2.26 -9.66
CA SER A 24 -15.49 -0.96 -10.10
C SER A 24 -14.40 -0.20 -10.84
N VAL A 25 -14.79 0.92 -11.47
CA VAL A 25 -13.84 1.75 -12.20
C VAL A 25 -13.73 3.14 -11.59
N GLY A 26 -12.51 3.65 -11.47
CA GLY A 26 -12.31 4.96 -10.90
C GLY A 26 -10.84 5.30 -10.70
N ARG A 27 -9.99 4.82 -11.61
CA ARG A 27 -8.55 5.09 -11.55
C ARG A 27 -7.93 4.53 -10.26
N TRP A 28 -6.61 4.61 -10.17
CA TRP A 28 -5.89 4.12 -9.01
C TRP A 28 -5.73 5.22 -7.96
N LYS A 29 -4.93 4.94 -6.93
CA LYS A 29 -4.69 5.90 -5.86
C LYS A 29 -3.23 5.79 -5.41
N GLU A 30 -2.64 6.92 -5.03
CA GLU A 30 -1.24 6.94 -4.61
C GLU A 30 -1.08 7.43 -3.18
N ALA A 31 -0.28 6.70 -2.41
CA ALA A 31 0.00 7.04 -1.02
C ALA A 31 1.46 6.75 -0.69
N THR A 32 2.24 7.81 -0.46
CA THR A 32 3.66 7.65 -0.16
C THR A 32 3.92 7.48 1.33
N ILE A 33 4.81 6.55 1.65
CA ILE A 33 5.22 6.28 3.02
C ILE A 33 6.74 6.21 3.09
N PRO A 34 7.38 7.24 3.65
CA PRO A 34 8.85 7.28 3.77
C PRO A 34 9.40 6.14 4.61
N GLY A 35 9.90 5.11 3.93
CA GLY A 35 10.46 3.96 4.64
C GLY A 35 9.42 3.24 5.46
N HIS A 36 9.28 3.65 6.73
CA HIS A 36 8.32 3.03 7.63
C HIS A 36 8.32 3.75 8.98
N LEU A 37 7.64 4.89 9.04
CA LEU A 37 7.56 5.67 10.28
C LEU A 37 6.65 4.99 11.29
N ASN A 38 5.62 4.32 10.78
CA ASN A 38 4.67 3.62 11.65
C ASN A 38 3.68 2.79 10.81
N SER A 39 2.61 2.35 11.44
CA SER A 39 1.59 1.56 10.77
C SER A 39 0.68 2.45 9.91
N TYR A 40 0.69 2.20 8.60
CA TYR A 40 -0.13 2.97 7.67
C TYR A 40 -1.35 2.16 7.24
N THR A 41 -2.54 2.61 7.65
CA THR A 41 -3.77 1.93 7.31
C THR A 41 -4.73 2.85 6.54
N ILE A 42 -5.30 2.33 5.46
CA ILE A 42 -6.23 3.10 4.64
C ILE A 42 -7.67 2.76 5.01
N LYS A 43 -8.40 3.75 5.51
CA LYS A 43 -9.79 3.56 5.90
C LYS A 43 -10.70 4.50 5.13
N GLY A 44 -11.81 3.96 4.63
CA GLY A 44 -12.76 4.78 3.87
C GLY A 44 -13.16 4.12 2.57
N LEU A 45 -13.09 2.80 2.52
CA LEU A 45 -13.45 2.06 1.32
C LEU A 45 -14.84 1.45 1.45
N LYS A 46 -15.31 0.82 0.38
CA LYS A 46 -16.62 0.20 0.37
C LYS A 46 -16.51 -1.30 0.62
N PRO A 47 -17.21 -1.83 1.64
CA PRO A 47 -17.18 -3.26 1.97
C PRO A 47 -17.87 -4.11 0.91
N GLY A 48 -18.30 -3.48 -0.18
CA GLY A 48 -18.97 -4.20 -1.24
C GLY A 48 -18.06 -4.49 -2.42
N VAL A 49 -17.08 -3.61 -2.65
CA VAL A 49 -16.14 -3.78 -3.75
C VAL A 49 -14.71 -3.89 -3.23
N VAL A 50 -13.97 -4.86 -3.76
CA VAL A 50 -12.58 -5.07 -3.36
C VAL A 50 -11.65 -4.07 -4.01
N TYR A 51 -10.59 -3.69 -3.29
CA TYR A 51 -9.61 -2.75 -3.80
C TYR A 51 -8.23 -3.39 -3.89
N GLU A 52 -7.78 -3.66 -5.12
CA GLU A 52 -6.48 -4.28 -5.33
C GLU A 52 -5.38 -3.22 -5.22
N GLY A 53 -4.35 -3.51 -4.44
CA GLY A 53 -3.27 -2.57 -4.26
C GLY A 53 -1.90 -3.22 -4.40
N GLN A 54 -0.92 -2.41 -4.78
CA GLN A 54 0.45 -2.88 -4.94
C GLN A 54 1.43 -1.90 -4.29
N LEU A 55 2.38 -2.45 -3.53
CA LEU A 55 3.37 -1.62 -2.85
C LEU A 55 4.68 -1.62 -3.63
N ILE A 56 4.97 -0.51 -4.29
CA ILE A 56 6.18 -0.38 -5.07
C ILE A 56 7.20 0.51 -4.36
N SER A 57 8.33 -0.09 -3.98
CA SER A 57 9.38 0.64 -3.29
C SER A 57 10.30 1.32 -4.28
N ILE A 58 10.38 2.64 -4.19
CA ILE A 58 11.22 3.42 -5.09
C ILE A 58 12.42 4.00 -4.35
N GLN A 59 13.61 3.52 -4.69
CA GLN A 59 14.85 3.98 -4.07
C GLN A 59 15.41 5.17 -4.84
N GLN A 60 16.57 5.65 -4.41
CA GLN A 60 17.22 6.78 -5.07
C GLN A 60 17.71 6.38 -6.46
N TYR A 61 17.75 5.07 -6.71
CA TYR A 61 18.19 4.55 -8.00
C TYR A 61 17.00 4.15 -8.86
N GLY A 62 15.80 4.34 -8.31
CA GLY A 62 14.60 3.97 -9.04
C GLY A 62 13.86 2.81 -8.39
N HIS A 63 12.72 2.45 -8.96
CA HIS A 63 11.93 1.34 -8.42
C HIS A 63 12.75 0.06 -8.41
N GLN A 64 12.53 -0.78 -7.39
CA GLN A 64 13.27 -2.03 -7.27
C GLN A 64 12.49 -3.07 -6.47
N GLU A 65 11.27 -2.71 -6.06
CA GLU A 65 10.44 -3.63 -5.29
C GLU A 65 8.96 -3.49 -5.62
N VAL A 66 8.31 -4.61 -5.90
CA VAL A 66 6.88 -4.61 -6.21
C VAL A 66 6.16 -5.73 -5.46
N THR A 67 5.05 -5.38 -4.81
CA THR A 67 4.26 -6.36 -4.06
C THR A 67 2.77 -6.17 -4.32
N ARG A 68 2.12 -7.24 -4.78
CA ARG A 68 0.69 -7.18 -5.07
C ARG A 68 -0.14 -7.83 -3.97
N PHE A 69 -1.22 -7.17 -3.59
CA PHE A 69 -2.10 -7.66 -2.54
C PHE A 69 -3.51 -7.10 -2.69
N ASP A 70 -4.48 -7.82 -2.15
CA ASP A 70 -5.88 -7.39 -2.20
C ASP A 70 -6.31 -6.93 -0.82
N PHE A 71 -6.98 -5.78 -0.75
CA PHE A 71 -7.42 -5.25 0.54
C PHE A 71 -8.67 -4.39 0.42
N THR A 72 -9.44 -4.32 1.51
CA THR A 72 -10.65 -3.52 1.56
C THR A 72 -10.88 -2.99 2.97
N THR A 73 -11.79 -2.03 3.10
CA THR A 73 -12.10 -1.42 4.40
C THR A 73 -12.30 -2.49 5.47
N THR A 74 -13.10 -3.50 5.15
CA THR A 74 -13.38 -4.58 6.08
C THR A 74 -14.08 -5.75 5.39
N SER A 75 -13.53 -6.17 4.26
CA SER A 75 -14.09 -7.28 3.50
C SER A 75 -12.99 -8.14 2.88
N THR A 76 -11.83 -7.53 2.66
CA THR A 76 -10.68 -8.22 2.09
C THR A 76 -11.04 -8.92 0.77
N SER A 77 -11.33 -10.21 0.84
CA SER A 77 -11.70 -10.98 -0.34
C SER A 77 -12.45 -12.25 0.05
N THR A 78 -11.72 -13.35 0.19
CA THR A 78 -12.32 -14.63 0.55
C THR A 78 -11.28 -15.63 1.06
N PRO A 79 -10.18 -15.87 0.30
CA PRO A 79 -9.14 -16.81 0.72
C PRO A 79 -8.44 -16.37 2.00
N GLY A 80 -8.31 -17.30 2.94
CA GLY A 80 -7.66 -17.00 4.20
C GLY A 80 -6.16 -17.13 4.13
N SER A 81 -5.67 -17.98 3.25
CA SER A 81 -4.24 -18.20 3.09
C SER A 81 -3.91 -18.72 1.70
N ARG A 82 -2.79 -18.28 1.15
CA ARG A 82 -2.36 -18.70 -0.18
C ARG A 82 -1.08 -19.53 -0.09
N SER A 83 -1.13 -20.58 0.73
CA SER A 83 0.03 -21.47 0.91
C SER A 83 1.23 -20.67 1.39
N HIS A 84 1.14 -20.13 2.60
CA HIS A 84 2.22 -19.34 3.18
C HIS A 84 3.18 -20.22 3.96
N HIS A 85 3.56 -21.36 3.37
CA HIS A 85 4.48 -22.30 4.00
C HIS A 85 3.89 -22.87 5.29
N HIS A 86 3.60 -24.16 5.27
CA HIS A 86 3.04 -24.84 6.44
C HIS A 86 3.99 -24.77 7.63
N HIS A 87 5.26 -24.51 7.34
CA HIS A 87 6.27 -24.42 8.39
C HIS A 87 6.82 -23.00 8.49
N HIS A 88 7.07 -22.55 9.72
CA HIS A 88 7.60 -21.22 9.95
C HIS A 88 8.67 -21.23 11.05
N HIS A 89 9.92 -21.05 10.64
CA HIS A 89 11.03 -21.04 11.59
C HIS A 89 11.95 -19.85 11.34
N MET A 1 -2.71 -6.07 25.85
CA MET A 1 -2.42 -4.78 25.19
C MET A 1 -1.70 -4.97 23.86
N ARG A 2 -1.17 -3.89 23.31
CA ARG A 2 -0.46 -3.95 22.03
C ARG A 2 0.81 -3.10 22.08
N GLY A 3 1.93 -3.71 21.70
CA GLY A 3 3.20 -3.00 21.70
C GLY A 3 4.36 -3.89 21.30
N SER A 4 4.85 -3.70 20.08
CA SER A 4 5.97 -4.48 19.57
C SER A 4 6.76 -3.68 18.53
N ASN A 5 8.08 -3.72 18.64
CA ASN A 5 8.94 -3.00 17.72
C ASN A 5 9.70 -3.96 16.82
N ALA A 6 10.35 -3.41 15.79
CA ALA A 6 11.12 -4.22 14.85
C ALA A 6 12.35 -3.47 14.35
N PRO A 7 13.55 -4.07 14.50
CA PRO A 7 14.81 -3.45 14.08
C PRO A 7 14.81 -3.08 12.60
N GLN A 8 15.27 -1.89 12.28
CA GLN A 8 15.34 -1.42 10.90
C GLN A 8 16.71 -0.82 10.59
N PRO A 9 17.59 -1.58 9.91
CA PRO A 9 18.94 -1.11 9.57
C PRO A 9 18.92 -0.02 8.51
N SER A 10 18.16 -0.25 7.43
CA SER A 10 18.06 0.72 6.35
C SER A 10 16.60 0.92 5.94
N HIS A 11 16.37 1.85 5.02
CA HIS A 11 15.03 2.14 4.54
C HIS A 11 15.05 2.70 3.12
N ILE A 12 14.01 2.40 2.36
CA ILE A 12 13.90 2.87 0.99
C ILE A 12 13.62 4.37 0.95
N SER A 13 14.02 5.01 -0.15
CA SER A 13 13.81 6.45 -0.31
C SER A 13 12.35 6.80 -0.07
N LYS A 14 11.44 5.96 -0.57
CA LYS A 14 10.02 6.20 -0.39
C LYS A 14 9.19 5.01 -0.90
N TYR A 15 8.04 4.79 -0.26
CA TYR A 15 7.12 3.71 -0.63
C TYR A 15 5.90 4.29 -1.33
N ILE A 16 5.49 3.68 -2.44
CA ILE A 16 4.33 4.16 -3.18
C ILE A 16 3.20 3.14 -3.14
N LEU A 17 2.05 3.55 -2.61
CA LEU A 17 0.89 2.68 -2.53
C LEU A 17 -0.14 3.07 -3.58
N ARG A 18 -0.37 2.17 -4.52
CA ARG A 18 -1.32 2.42 -5.59
C ARG A 18 -2.48 1.43 -5.52
N TRP A 19 -3.70 1.93 -5.54
CA TRP A 19 -4.87 1.08 -5.47
C TRP A 19 -6.08 1.73 -6.13
N ARG A 20 -7.04 0.90 -6.51
CA ARG A 20 -8.26 1.35 -7.16
C ARG A 20 -9.35 0.28 -7.01
N PRO A 21 -10.63 0.63 -7.23
CA PRO A 21 -11.73 -0.34 -7.12
C PRO A 21 -11.53 -1.52 -8.04
N LYS A 22 -11.34 -2.70 -7.45
CA LYS A 22 -11.13 -3.92 -8.22
C LYS A 22 -12.19 -4.11 -9.29
N ASN A 23 -13.40 -3.62 -9.01
CA ASN A 23 -14.51 -3.74 -9.95
C ASN A 23 -14.28 -2.83 -11.17
N SER A 24 -13.72 -1.66 -10.92
CA SER A 24 -13.44 -0.69 -11.98
C SER A 24 -12.05 -0.91 -12.56
N VAL A 25 -11.66 -0.04 -13.49
CA VAL A 25 -10.34 -0.14 -14.13
C VAL A 25 -9.61 1.20 -14.10
N GLY A 26 -10.12 2.13 -13.31
CA GLY A 26 -9.50 3.44 -13.22
C GLY A 26 -9.52 3.99 -11.80
N ARG A 27 -9.36 5.31 -11.69
CA ARG A 27 -9.36 5.98 -10.39
C ARG A 27 -8.27 5.41 -9.47
N TRP A 28 -7.02 5.70 -9.80
CA TRP A 28 -5.88 5.22 -9.01
C TRP A 28 -5.63 6.15 -7.83
N LYS A 29 -4.88 5.66 -6.84
CA LYS A 29 -4.54 6.45 -5.67
C LYS A 29 -3.11 6.16 -5.24
N GLU A 30 -2.35 7.21 -4.95
CA GLU A 30 -0.95 7.04 -4.56
C GLU A 30 -0.69 7.62 -3.17
N ALA A 31 0.00 6.83 -2.35
CA ALA A 31 0.36 7.25 -1.00
C ALA A 31 1.83 6.97 -0.74
N THR A 32 2.62 8.03 -0.61
CA THR A 32 4.05 7.88 -0.39
C THR A 32 4.42 7.85 1.08
N ILE A 33 5.24 6.87 1.44
CA ILE A 33 5.72 6.72 2.81
C ILE A 33 7.20 6.40 2.78
N PRO A 34 8.07 7.38 3.10
CA PRO A 34 9.52 7.18 3.10
C PRO A 34 9.96 6.09 4.06
N GLY A 35 10.32 4.93 3.51
CA GLY A 35 10.75 3.81 4.34
C GLY A 35 9.63 3.30 5.23
N HIS A 36 9.58 3.80 6.46
CA HIS A 36 8.55 3.40 7.41
C HIS A 36 8.58 4.28 8.65
N LEU A 37 7.56 5.12 8.81
CA LEU A 37 7.47 6.01 9.95
C LEU A 37 6.88 5.29 11.17
N ASN A 38 5.96 4.37 10.90
CA ASN A 38 5.31 3.61 11.96
C ASN A 38 4.34 2.59 11.35
N SER A 39 3.05 2.79 11.57
CA SER A 39 2.04 1.91 11.01
C SER A 39 1.08 2.69 10.13
N TYR A 40 1.22 2.54 8.82
CA TYR A 40 0.38 3.24 7.87
C TYR A 40 -0.73 2.34 7.35
N THR A 41 -1.96 2.62 7.77
CA THR A 41 -3.11 1.82 7.35
C THR A 41 -4.14 2.69 6.64
N ILE A 42 -4.62 2.21 5.49
CA ILE A 42 -5.61 2.94 4.71
C ILE A 42 -7.01 2.39 4.96
N LYS A 43 -7.93 3.29 5.30
CA LYS A 43 -9.31 2.90 5.57
C LYS A 43 -10.27 3.76 4.76
N GLY A 44 -11.56 3.70 5.12
CA GLY A 44 -12.56 4.47 4.41
C GLY A 44 -13.08 3.76 3.17
N LEU A 45 -13.07 2.43 3.23
CA LEU A 45 -13.53 1.62 2.10
C LEU A 45 -15.00 1.25 2.28
N LYS A 46 -15.59 0.65 1.25
CA LYS A 46 -16.98 0.25 1.28
C LYS A 46 -17.12 -1.25 1.00
N PRO A 47 -17.99 -1.94 1.77
CA PRO A 47 -18.22 -3.38 1.62
C PRO A 47 -18.82 -3.73 0.26
N GLY A 48 -18.78 -5.01 -0.10
CA GLY A 48 -19.33 -5.45 -1.36
C GLY A 48 -18.34 -5.33 -2.50
N VAL A 49 -17.50 -4.31 -2.44
CA VAL A 49 -16.50 -4.07 -3.47
C VAL A 49 -15.08 -4.14 -2.90
N VAL A 50 -14.31 -5.11 -3.36
CA VAL A 50 -12.93 -5.29 -2.88
C VAL A 50 -12.01 -4.27 -3.53
N TYR A 51 -11.02 -3.80 -2.76
CA TYR A 51 -10.06 -2.84 -3.27
C TYR A 51 -8.74 -3.52 -3.60
N GLU A 52 -8.26 -3.32 -4.82
CA GLU A 52 -7.01 -3.93 -5.26
C GLU A 52 -5.90 -2.88 -5.29
N GLY A 53 -4.76 -3.23 -4.70
CA GLY A 53 -3.63 -2.31 -4.67
C GLY A 53 -2.30 -3.02 -4.53
N GLN A 54 -1.24 -2.33 -4.94
CA GLN A 54 0.11 -2.88 -4.85
C GLN A 54 1.06 -1.86 -4.25
N LEU A 55 2.03 -2.34 -3.48
CA LEU A 55 3.00 -1.45 -2.84
C LEU A 55 4.31 -1.44 -3.62
N ILE A 56 4.56 -0.34 -4.32
CA ILE A 56 5.77 -0.19 -5.10
C ILE A 56 6.74 0.77 -4.43
N SER A 57 7.89 0.26 -4.01
CA SER A 57 8.89 1.08 -3.35
C SER A 57 9.85 1.71 -4.35
N ILE A 58 9.96 3.03 -4.31
CA ILE A 58 10.83 3.76 -5.20
C ILE A 58 12.12 4.18 -4.49
N GLN A 59 13.25 3.76 -5.06
CA GLN A 59 14.56 4.07 -4.50
C GLN A 59 15.21 5.24 -5.23
N GLN A 60 16.45 5.54 -4.87
CA GLN A 60 17.19 6.63 -5.49
C GLN A 60 17.35 6.41 -6.99
N TYR A 61 17.36 5.14 -7.40
CA TYR A 61 17.53 4.80 -8.81
C TYR A 61 16.19 4.40 -9.44
N GLY A 62 15.11 4.56 -8.67
CA GLY A 62 13.80 4.21 -9.17
C GLY A 62 13.18 3.05 -8.41
N HIS A 63 11.93 2.73 -8.74
CA HIS A 63 11.22 1.63 -8.08
C HIS A 63 12.00 0.33 -8.20
N GLN A 64 11.74 -0.60 -7.29
CA GLN A 64 12.43 -1.88 -7.29
C GLN A 64 11.67 -2.93 -6.48
N GLU A 65 10.75 -2.46 -5.65
CA GLU A 65 9.95 -3.37 -4.80
C GLU A 65 8.47 -3.33 -5.20
N VAL A 66 7.90 -4.50 -5.45
CA VAL A 66 6.50 -4.60 -5.83
C VAL A 66 5.78 -5.69 -5.05
N THR A 67 4.63 -5.35 -4.49
CA THR A 67 3.84 -6.30 -3.72
C THR A 67 2.35 -6.16 -4.05
N ARG A 68 1.75 -7.24 -4.53
CA ARG A 68 0.33 -7.24 -4.88
C ARG A 68 -0.52 -7.79 -3.74
N PHE A 69 -1.59 -7.08 -3.40
CA PHE A 69 -2.47 -7.51 -2.32
C PHE A 69 -3.88 -6.95 -2.48
N ASP A 70 -4.84 -7.64 -1.87
CA ASP A 70 -6.24 -7.22 -1.90
C ASP A 70 -6.66 -6.82 -0.50
N PHE A 71 -7.40 -5.73 -0.37
CA PHE A 71 -7.82 -5.28 0.94
C PHE A 71 -9.15 -4.55 0.91
N THR A 72 -9.96 -4.79 1.95
CA THR A 72 -11.26 -4.16 2.09
C THR A 72 -11.61 -3.98 3.56
N THR A 73 -12.63 -3.18 3.84
CA THR A 73 -13.06 -2.95 5.21
C THR A 73 -14.13 -3.96 5.62
N THR A 74 -13.91 -4.62 6.75
CA THR A 74 -14.84 -5.63 7.27
C THR A 74 -15.32 -6.59 6.18
N SER A 75 -14.52 -6.72 5.13
CA SER A 75 -14.86 -7.62 4.02
C SER A 75 -13.67 -8.47 3.62
N THR A 76 -12.65 -7.82 3.05
CA THR A 76 -11.44 -8.52 2.61
C THR A 76 -11.76 -9.58 1.56
N SER A 77 -10.73 -10.25 1.06
CA SER A 77 -10.91 -11.29 0.05
C SER A 77 -9.77 -12.31 0.13
N THR A 78 -10.15 -13.59 0.22
CA THR A 78 -9.17 -14.68 0.30
C THR A 78 -8.10 -14.39 1.34
N PRO A 79 -8.34 -14.78 2.62
CA PRO A 79 -7.39 -14.56 3.71
C PRO A 79 -6.13 -15.40 3.55
N GLY A 80 -5.18 -14.91 2.75
CA GLY A 80 -3.94 -15.63 2.52
C GLY A 80 -2.79 -15.04 3.29
N SER A 81 -3.01 -13.88 3.90
CA SER A 81 -1.97 -13.20 4.68
C SER A 81 -0.74 -12.94 3.83
N ARG A 82 -0.92 -12.23 2.72
CA ARG A 82 0.18 -11.92 1.82
C ARG A 82 0.91 -13.18 1.37
N SER A 83 0.40 -13.81 0.31
CA SER A 83 1.00 -15.02 -0.21
C SER A 83 0.91 -15.07 -1.74
N HIS A 84 1.97 -15.54 -2.37
CA HIS A 84 2.01 -15.64 -3.83
C HIS A 84 2.13 -17.09 -4.28
N HIS A 85 2.71 -17.92 -3.42
CA HIS A 85 2.90 -19.33 -3.72
C HIS A 85 1.70 -20.14 -3.23
N HIS A 86 0.53 -19.82 -3.73
CA HIS A 86 -0.69 -20.53 -3.35
C HIS A 86 -1.16 -21.47 -4.46
N HIS A 87 -0.70 -22.73 -4.38
CA HIS A 87 -1.07 -23.72 -5.39
C HIS A 87 -2.35 -24.45 -4.98
N HIS A 88 -2.83 -25.31 -5.86
CA HIS A 88 -4.06 -26.06 -5.60
C HIS A 88 -3.75 -27.55 -5.42
N HIS A 89 -4.69 -28.28 -4.82
CA HIS A 89 -4.53 -29.71 -4.59
C HIS A 89 -5.44 -30.52 -5.50
N MET A 1 1.38 -14.63 2.63
CA MET A 1 2.25 -15.56 3.40
C MET A 1 2.32 -15.16 4.87
N ARG A 2 2.88 -16.04 5.70
CA ARG A 2 3.00 -15.78 7.12
C ARG A 2 4.08 -14.74 7.41
N GLY A 3 4.63 -14.77 8.61
CA GLY A 3 5.67 -13.82 8.98
C GLY A 3 5.10 -12.51 9.48
N SER A 4 5.26 -12.26 10.78
CA SER A 4 4.75 -11.04 11.40
C SER A 4 5.89 -10.06 11.67
N ASN A 5 7.12 -10.52 11.50
CA ASN A 5 8.29 -9.68 11.73
C ASN A 5 8.75 -9.02 10.43
N ALA A 6 9.10 -7.73 10.52
CA ALA A 6 9.55 -6.99 9.36
C ALA A 6 10.80 -6.16 9.69
N PRO A 7 12.00 -6.77 9.56
CA PRO A 7 13.26 -6.07 9.85
C PRO A 7 13.51 -4.89 8.91
N GLN A 8 13.34 -5.13 7.61
CA GLN A 8 13.54 -4.09 6.61
C GLN A 8 14.96 -3.52 6.68
N PRO A 9 15.93 -4.17 6.01
CA PRO A 9 17.33 -3.73 6.01
C PRO A 9 17.48 -2.30 5.46
N SER A 10 17.63 -1.35 6.38
CA SER A 10 17.80 0.06 6.01
C SER A 10 16.52 0.60 5.36
N HIS A 11 16.09 1.77 5.82
CA HIS A 11 14.89 2.40 5.29
C HIS A 11 15.06 2.80 3.83
N ILE A 12 13.95 2.84 3.10
CA ILE A 12 13.97 3.20 1.68
C ILE A 12 13.62 4.68 1.50
N SER A 13 14.04 5.24 0.36
CA SER A 13 13.75 6.64 0.06
C SER A 13 12.28 6.96 0.28
N LYS A 14 11.41 6.16 -0.35
CA LYS A 14 9.97 6.37 -0.21
C LYS A 14 9.17 5.17 -0.71
N TYR A 15 8.06 4.90 -0.03
CA TYR A 15 7.17 3.79 -0.39
C TYR A 15 5.95 4.32 -1.13
N ILE A 16 5.55 3.64 -2.20
CA ILE A 16 4.40 4.07 -2.97
C ILE A 16 3.27 3.04 -2.88
N LEU A 17 2.08 3.52 -2.56
CA LEU A 17 0.92 2.66 -2.45
C LEU A 17 -0.13 3.05 -3.47
N ARG A 18 -0.40 2.16 -4.42
CA ARG A 18 -1.38 2.44 -5.45
C ARG A 18 -2.46 1.37 -5.47
N TRP A 19 -3.72 1.80 -5.44
CA TRP A 19 -4.83 0.87 -5.45
C TRP A 19 -6.04 1.48 -6.14
N ARG A 20 -6.98 0.64 -6.54
CA ARG A 20 -8.18 1.07 -7.22
C ARG A 20 -9.28 0.01 -7.08
N PRO A 21 -10.55 0.42 -7.14
CA PRO A 21 -11.67 -0.52 -7.03
C PRO A 21 -11.61 -1.58 -8.11
N LYS A 22 -11.30 -2.81 -7.71
CA LYS A 22 -11.20 -3.93 -8.64
C LYS A 22 -12.50 -4.12 -9.40
N ASN A 23 -13.62 -3.87 -8.74
CA ASN A 23 -14.93 -4.01 -9.35
C ASN A 23 -15.16 -2.92 -10.40
N SER A 24 -14.54 -1.76 -10.20
CA SER A 24 -14.68 -0.64 -11.12
C SER A 24 -13.81 -0.84 -12.36
N VAL A 25 -13.55 0.25 -13.08
CA VAL A 25 -12.73 0.19 -14.29
C VAL A 25 -11.41 0.93 -14.10
N GLY A 26 -11.27 1.63 -12.97
CA GLY A 26 -10.05 2.36 -12.70
C GLY A 26 -10.08 3.11 -11.37
N ARG A 27 -9.77 4.40 -11.41
CA ARG A 27 -9.76 5.23 -10.20
C ARG A 27 -8.68 4.76 -9.23
N TRP A 28 -7.43 5.07 -9.55
CA TRP A 28 -6.30 4.69 -8.71
C TRP A 28 -6.10 5.69 -7.57
N LYS A 29 -5.15 5.38 -6.68
CA LYS A 29 -4.84 6.25 -5.55
C LYS A 29 -3.40 6.03 -5.11
N GLU A 30 -2.68 7.12 -4.82
CA GLU A 30 -1.28 7.02 -4.43
C GLU A 30 -1.04 7.59 -3.04
N ALA A 31 -0.26 6.85 -2.24
CA ALA A 31 0.09 7.27 -0.88
C ALA A 31 1.54 6.91 -0.57
N THR A 32 2.38 7.93 -0.37
CA THR A 32 3.79 7.69 -0.09
C THR A 32 4.09 7.72 1.40
N ILE A 33 4.93 6.78 1.83
CA ILE A 33 5.34 6.68 3.23
C ILE A 33 6.84 6.45 3.33
N PRO A 34 7.59 7.45 3.84
CA PRO A 34 9.05 7.34 3.98
C PRO A 34 9.51 6.07 4.69
N GLY A 35 9.82 5.04 3.91
CA GLY A 35 10.28 3.79 4.48
C GLY A 35 9.42 3.30 5.64
N HIS A 36 8.14 3.68 5.63
CA HIS A 36 7.21 3.29 6.68
C HIS A 36 7.77 3.66 8.06
N LEU A 37 7.82 4.95 8.34
CA LEU A 37 8.34 5.43 9.62
C LEU A 37 7.37 5.13 10.76
N ASN A 38 6.19 4.64 10.40
CA ASN A 38 5.16 4.30 11.39
C ASN A 38 4.09 3.41 10.76
N SER A 39 3.05 3.12 11.53
CA SER A 39 1.96 2.29 11.05
C SER A 39 1.00 3.10 10.18
N TYR A 40 1.08 2.88 8.86
CA TYR A 40 0.22 3.59 7.93
C TYR A 40 -0.73 2.62 7.23
N THR A 41 -2.01 2.69 7.59
CA THR A 41 -3.02 1.81 7.00
C THR A 41 -4.03 2.62 6.21
N ILE A 42 -4.54 2.02 5.12
CA ILE A 42 -5.52 2.68 4.27
C ILE A 42 -6.94 2.36 4.72
N LYS A 43 -7.72 3.40 4.99
CA LYS A 43 -9.10 3.22 5.43
C LYS A 43 -10.02 4.23 4.74
N GLY A 44 -11.31 3.95 4.77
CA GLY A 44 -12.28 4.84 4.15
C GLY A 44 -12.99 4.21 2.97
N LEU A 45 -12.64 2.95 2.69
CA LEU A 45 -13.25 2.22 1.58
C LEU A 45 -14.67 1.79 1.93
N LYS A 46 -15.21 0.82 1.20
CA LYS A 46 -16.56 0.34 1.46
C LYS A 46 -16.66 -1.16 1.24
N PRO A 47 -17.31 -1.88 2.18
CA PRO A 47 -17.48 -3.33 2.09
C PRO A 47 -18.19 -3.74 0.80
N GLY A 48 -17.95 -4.97 0.37
CA GLY A 48 -18.58 -5.44 -0.86
C GLY A 48 -17.78 -5.04 -2.09
N VAL A 49 -16.97 -4.00 -1.94
CA VAL A 49 -16.14 -3.51 -3.03
C VAL A 49 -14.67 -3.78 -2.76
N VAL A 50 -14.05 -4.58 -3.62
CA VAL A 50 -12.64 -4.92 -3.46
C VAL A 50 -11.74 -3.82 -4.01
N TYR A 51 -10.60 -3.61 -3.34
CA TYR A 51 -9.64 -2.61 -3.77
C TYR A 51 -8.28 -3.24 -3.98
N GLU A 52 -7.91 -3.44 -5.24
CA GLU A 52 -6.62 -4.05 -5.56
C GLU A 52 -5.51 -3.01 -5.45
N GLY A 53 -4.45 -3.36 -4.74
CA GLY A 53 -3.34 -2.44 -4.56
C GLY A 53 -2.00 -3.10 -4.75
N GLN A 54 -0.98 -2.28 -4.98
CA GLN A 54 0.39 -2.77 -5.18
C GLN A 54 1.36 -1.96 -4.34
N LEU A 55 2.33 -2.65 -3.74
CA LEU A 55 3.33 -2.00 -2.92
C LEU A 55 4.62 -1.83 -3.71
N ILE A 56 4.90 -0.58 -4.10
CA ILE A 56 6.09 -0.29 -4.89
C ILE A 56 7.10 0.51 -4.08
N SER A 57 8.25 -0.09 -3.82
CA SER A 57 9.31 0.58 -3.07
C SER A 57 10.26 1.29 -4.02
N ILE A 58 10.33 2.61 -3.90
CA ILE A 58 11.18 3.41 -4.76
C ILE A 58 12.48 3.83 -4.05
N GLN A 59 13.59 3.34 -4.58
CA GLN A 59 14.91 3.65 -4.04
C GLN A 59 15.48 4.90 -4.69
N GLN A 60 16.72 5.24 -4.36
CA GLN A 60 17.37 6.41 -4.93
C GLN A 60 17.47 6.32 -6.45
N TYR A 61 17.43 5.11 -6.97
CA TYR A 61 17.51 4.89 -8.42
C TYR A 61 16.15 4.58 -9.02
N GLY A 62 15.09 4.83 -8.26
CA GLY A 62 13.74 4.56 -8.74
C GLY A 62 13.14 3.29 -8.16
N HIS A 63 11.96 2.94 -8.66
CA HIS A 63 11.27 1.73 -8.18
C HIS A 63 12.17 0.51 -8.27
N GLN A 64 11.80 -0.54 -7.54
CA GLN A 64 12.60 -1.78 -7.53
C GLN A 64 11.84 -2.92 -6.86
N GLU A 65 10.86 -2.58 -6.03
CA GLU A 65 10.08 -3.59 -5.32
C GLU A 65 8.58 -3.46 -5.60
N VAL A 66 7.95 -4.56 -6.00
CA VAL A 66 6.52 -4.55 -6.29
C VAL A 66 5.80 -5.76 -5.67
N THR A 67 4.67 -5.49 -5.02
CA THR A 67 3.87 -6.54 -4.39
C THR A 67 2.38 -6.33 -4.64
N ARG A 68 1.72 -7.34 -5.20
CA ARG A 68 0.30 -7.25 -5.50
C ARG A 68 -0.54 -7.92 -4.41
N PHE A 69 -1.61 -7.23 -4.00
CA PHE A 69 -2.51 -7.75 -2.97
C PHE A 69 -3.90 -7.14 -3.07
N ASP A 70 -4.89 -7.82 -2.50
CA ASP A 70 -6.27 -7.33 -2.50
C ASP A 70 -6.65 -6.91 -1.09
N PHE A 71 -7.27 -5.75 -0.95
CA PHE A 71 -7.65 -5.25 0.37
C PHE A 71 -8.87 -4.34 0.32
N THR A 72 -9.68 -4.42 1.38
CA THR A 72 -10.87 -3.59 1.53
C THR A 72 -11.12 -3.31 3.00
N THR A 73 -11.69 -2.14 3.30
CA THR A 73 -11.98 -1.78 4.69
C THR A 73 -13.11 -2.63 5.24
N THR A 74 -13.02 -2.98 6.52
CA THR A 74 -14.04 -3.80 7.17
C THR A 74 -14.09 -5.20 6.56
N SER A 75 -14.79 -5.33 5.44
CA SER A 75 -14.90 -6.62 4.75
C SER A 75 -13.60 -7.00 4.07
N THR A 76 -13.63 -8.10 3.31
CA THR A 76 -12.46 -8.56 2.60
C THR A 76 -12.84 -9.39 1.38
N SER A 77 -11.85 -9.81 0.61
CA SER A 77 -12.10 -10.62 -0.59
C SER A 77 -11.80 -12.10 -0.33
N THR A 78 -10.89 -12.37 0.59
CA THR A 78 -10.54 -13.74 0.93
C THR A 78 -10.09 -13.85 2.38
N PRO A 79 -10.56 -14.88 3.10
CA PRO A 79 -10.20 -15.10 4.50
C PRO A 79 -8.84 -15.77 4.66
N GLY A 80 -7.83 -14.97 5.01
CA GLY A 80 -6.50 -15.51 5.17
C GLY A 80 -5.71 -14.77 6.23
N SER A 81 -4.38 -14.80 6.09
CA SER A 81 -3.50 -14.12 7.04
C SER A 81 -2.89 -12.87 6.43
N ARG A 82 -3.40 -12.48 5.27
CA ARG A 82 -2.90 -11.29 4.57
C ARG A 82 -3.73 -10.06 4.94
N SER A 83 -4.37 -10.12 6.11
CA SER A 83 -5.19 -9.02 6.58
C SER A 83 -4.49 -8.25 7.70
N HIS A 84 -5.21 -7.32 8.32
CA HIS A 84 -4.66 -6.51 9.40
C HIS A 84 -4.79 -7.25 10.74
N HIS A 85 -4.10 -8.38 10.87
CA HIS A 85 -4.14 -9.17 12.08
C HIS A 85 -3.51 -8.43 13.24
N HIS A 86 -3.73 -8.92 14.46
CA HIS A 86 -3.18 -8.30 15.66
C HIS A 86 -3.59 -6.83 15.76
N HIS A 87 -4.82 -6.61 16.22
CA HIS A 87 -5.33 -5.24 16.36
C HIS A 87 -5.30 -4.79 17.82
N HIS A 88 -4.10 -4.75 18.39
CA HIS A 88 -3.93 -4.33 19.77
C HIS A 88 -3.08 -3.06 19.86
N HIS A 89 -3.29 -2.31 20.93
CA HIS A 89 -2.55 -1.06 21.14
C HIS A 89 -1.22 -1.33 21.84
N MET A 1 8.75 -24.20 18.06
CA MET A 1 8.65 -24.66 16.65
C MET A 1 9.76 -24.06 15.80
N ARG A 2 9.57 -24.08 14.48
CA ARG A 2 10.56 -23.54 13.56
C ARG A 2 10.02 -22.32 12.82
N GLY A 3 10.37 -21.14 13.32
CA GLY A 3 9.90 -19.91 12.70
C GLY A 3 11.05 -19.03 12.23
N SER A 4 10.71 -17.83 11.76
CA SER A 4 11.72 -16.89 11.29
C SER A 4 11.25 -15.45 11.51
N ASN A 5 10.38 -14.97 10.62
CA ASN A 5 9.86 -13.61 10.71
C ASN A 5 10.99 -12.58 10.81
N ALA A 6 11.67 -12.35 9.68
CA ALA A 6 12.76 -11.40 9.64
C ALA A 6 12.32 -10.07 9.03
N PRO A 7 12.63 -8.94 9.69
CA PRO A 7 12.26 -7.62 9.21
C PRO A 7 13.32 -7.03 8.29
N GLN A 8 13.09 -5.80 7.83
CA GLN A 8 14.02 -5.12 6.94
C GLN A 8 15.17 -4.50 7.73
N PRO A 9 16.43 -4.79 7.34
CA PRO A 9 17.61 -4.26 8.01
C PRO A 9 17.67 -2.73 7.95
N SER A 10 17.27 -2.18 6.80
CA SER A 10 17.29 -0.74 6.60
C SER A 10 15.94 -0.25 6.10
N HIS A 11 15.84 1.04 5.80
CA HIS A 11 14.61 1.64 5.31
C HIS A 11 14.79 2.24 3.92
N ILE A 12 13.77 2.08 3.08
CA ILE A 12 13.83 2.60 1.72
C ILE A 12 13.53 4.11 1.70
N SER A 13 14.03 4.79 0.67
CA SER A 13 13.81 6.22 0.54
C SER A 13 12.34 6.57 0.70
N LYS A 14 11.48 5.91 -0.07
CA LYS A 14 10.04 6.15 0.00
C LYS A 14 9.24 4.98 -0.55
N TYR A 15 8.09 4.72 0.06
CA TYR A 15 7.20 3.64 -0.35
C TYR A 15 6.00 4.20 -1.10
N ILE A 16 5.61 3.56 -2.19
CA ILE A 16 4.48 4.00 -2.97
C ILE A 16 3.34 2.97 -2.92
N LEU A 17 2.11 3.48 -2.88
CA LEU A 17 0.94 2.61 -2.81
C LEU A 17 -0.09 3.01 -3.86
N ARG A 18 -0.35 2.11 -4.81
CA ARG A 18 -1.31 2.36 -5.86
C ARG A 18 -2.44 1.33 -5.81
N TRP A 19 -3.68 1.82 -5.84
CA TRP A 19 -4.83 0.92 -5.78
C TRP A 19 -6.06 1.52 -6.46
N ARG A 20 -6.98 0.66 -6.85
CA ARG A 20 -8.22 1.08 -7.51
C ARG A 20 -9.29 -0.02 -7.37
N PRO A 21 -10.58 0.35 -7.49
CA PRO A 21 -11.68 -0.62 -7.37
C PRO A 21 -11.58 -1.73 -8.42
N LYS A 22 -11.33 -2.95 -7.94
CA LYS A 22 -11.19 -4.11 -8.83
C LYS A 22 -12.53 -4.47 -9.49
N ASN A 23 -13.61 -4.35 -8.73
CA ASN A 23 -14.94 -4.67 -9.26
C ASN A 23 -15.66 -3.43 -9.76
N SER A 24 -15.54 -2.33 -9.03
CA SER A 24 -16.18 -1.08 -9.40
C SER A 24 -15.28 -0.27 -10.34
N VAL A 25 -15.87 0.68 -11.05
CA VAL A 25 -15.13 1.52 -11.98
C VAL A 25 -14.63 2.78 -11.29
N GLY A 26 -13.47 3.28 -11.73
CA GLY A 26 -12.91 4.47 -11.13
C GLY A 26 -11.50 4.75 -11.62
N ARG A 27 -10.64 5.19 -10.70
CA ARG A 27 -9.26 5.50 -11.04
C ARG A 27 -8.31 5.03 -9.93
N TRP A 28 -7.01 5.01 -10.25
CA TRP A 28 -6.01 4.58 -9.29
C TRP A 28 -5.75 5.67 -8.24
N LYS A 29 -4.93 5.34 -7.25
CA LYS A 29 -4.60 6.28 -6.18
C LYS A 29 -3.15 6.06 -5.75
N GLU A 30 -2.45 7.15 -5.46
CA GLU A 30 -1.05 7.05 -5.05
C GLU A 30 -0.82 7.63 -3.65
N ALA A 31 -0.07 6.88 -2.84
CA ALA A 31 0.26 7.31 -1.48
C ALA A 31 1.70 6.94 -1.17
N THR A 32 2.48 7.91 -0.70
CA THR A 32 3.88 7.67 -0.39
C THR A 32 4.19 7.74 1.09
N ILE A 33 4.97 6.78 1.56
CA ILE A 33 5.40 6.70 2.95
C ILE A 33 6.88 6.33 3.00
N PRO A 34 7.76 7.29 3.34
CA PRO A 34 9.20 7.06 3.41
C PRO A 34 9.57 5.95 4.40
N GLY A 35 10.04 4.83 3.86
CA GLY A 35 10.42 3.71 4.70
C GLY A 35 9.28 3.22 5.57
N HIS A 36 9.34 3.55 6.85
CA HIS A 36 8.29 3.15 7.79
C HIS A 36 8.36 3.99 9.07
N LEU A 37 7.58 5.07 9.10
CA LEU A 37 7.55 5.95 10.27
C LEU A 37 6.61 5.41 11.34
N ASN A 38 5.63 4.62 10.91
CA ASN A 38 4.65 4.02 11.83
C ASN A 38 3.63 3.20 11.05
N SER A 39 2.57 2.80 11.73
CA SER A 39 1.51 2.01 11.10
C SER A 39 0.63 2.90 10.23
N TYR A 40 0.80 2.78 8.91
CA TYR A 40 0.03 3.57 7.96
C TYR A 40 -0.99 2.69 7.23
N THR A 41 -2.26 2.92 7.49
CA THR A 41 -3.33 2.15 6.85
C THR A 41 -4.27 3.05 6.07
N ILE A 42 -4.58 2.66 4.84
CA ILE A 42 -5.47 3.43 3.99
C ILE A 42 -6.92 2.97 4.17
N LYS A 43 -7.79 3.93 4.46
CA LYS A 43 -9.21 3.63 4.66
C LYS A 43 -10.06 4.50 3.73
N GLY A 44 -11.33 4.12 3.60
CA GLY A 44 -12.24 4.86 2.73
C GLY A 44 -13.05 3.95 1.84
N LEU A 45 -12.61 2.70 1.71
CA LEU A 45 -13.31 1.73 0.87
C LEU A 45 -14.64 1.34 1.50
N LYS A 46 -15.54 0.80 0.68
CA LYS A 46 -16.85 0.40 1.17
C LYS A 46 -16.95 -1.12 1.30
N PRO A 47 -17.48 -1.61 2.44
CA PRO A 47 -17.62 -3.05 2.68
C PRO A 47 -18.33 -3.76 1.54
N GLY A 48 -17.77 -4.88 1.10
CA GLY A 48 -18.36 -5.64 0.01
C GLY A 48 -17.65 -5.39 -1.30
N VAL A 49 -16.95 -4.26 -1.39
CA VAL A 49 -16.23 -3.92 -2.61
C VAL A 49 -14.75 -4.32 -2.50
N VAL A 50 -14.32 -5.18 -3.41
CA VAL A 50 -12.94 -5.64 -3.41
C VAL A 50 -12.04 -4.67 -4.17
N TYR A 51 -10.83 -4.45 -3.65
CA TYR A 51 -9.88 -3.55 -4.28
C TYR A 51 -8.58 -4.26 -4.59
N GLU A 52 -7.79 -3.68 -5.48
CA GLU A 52 -6.51 -4.25 -5.86
C GLU A 52 -5.42 -3.18 -5.77
N GLY A 53 -4.30 -3.52 -5.14
CA GLY A 53 -3.23 -2.56 -5.00
C GLY A 53 -1.86 -3.19 -5.04
N GLN A 54 -0.87 -2.38 -5.42
CA GLN A 54 0.51 -2.82 -5.51
C GLN A 54 1.40 -1.80 -4.83
N LEU A 55 2.30 -2.26 -3.97
CA LEU A 55 3.19 -1.36 -3.26
C LEU A 55 4.56 -1.32 -3.91
N ILE A 56 4.85 -0.22 -4.60
CA ILE A 56 6.13 -0.03 -5.27
C ILE A 56 7.12 0.67 -4.34
N SER A 57 8.35 0.22 -4.34
CA SER A 57 9.37 0.80 -3.48
C SER A 57 10.40 1.56 -4.30
N ILE A 58 10.44 2.86 -4.10
CA ILE A 58 11.36 3.73 -4.80
C ILE A 58 12.63 4.00 -3.99
N GLN A 59 13.75 3.51 -4.50
CA GLN A 59 15.04 3.68 -3.85
C GLN A 59 15.78 4.86 -4.45
N GLN A 60 17.02 5.08 -4.00
CA GLN A 60 17.83 6.18 -4.52
C GLN A 60 18.10 6.00 -6.01
N TYR A 61 17.99 4.75 -6.47
CA TYR A 61 18.22 4.44 -7.87
C TYR A 61 16.89 4.23 -8.60
N GLY A 62 15.81 4.62 -7.94
CA GLY A 62 14.48 4.46 -8.53
C GLY A 62 13.75 3.25 -7.99
N HIS A 63 12.48 3.11 -8.38
CA HIS A 63 11.67 1.98 -7.94
C HIS A 63 12.37 0.66 -8.24
N GLN A 64 12.14 -0.34 -7.39
CA GLN A 64 12.78 -1.65 -7.58
C GLN A 64 12.14 -2.74 -6.74
N GLU A 65 11.21 -2.37 -5.86
CA GLU A 65 10.56 -3.36 -5.01
C GLU A 65 9.05 -3.19 -4.99
N VAL A 66 8.33 -4.17 -5.53
CA VAL A 66 6.87 -4.09 -5.55
C VAL A 66 6.23 -5.42 -5.19
N THR A 67 5.14 -5.35 -4.43
CA THR A 67 4.40 -6.53 -4.02
C THR A 67 2.91 -6.34 -4.24
N ARG A 68 2.30 -7.22 -5.03
CA ARG A 68 0.88 -7.14 -5.34
C ARG A 68 0.04 -7.80 -4.25
N PHE A 69 -1.10 -7.19 -3.94
CA PHE A 69 -2.00 -7.72 -2.92
C PHE A 69 -3.44 -7.24 -3.12
N ASP A 70 -4.39 -7.98 -2.55
CA ASP A 70 -5.80 -7.64 -2.64
C ASP A 70 -6.34 -7.31 -1.27
N PHE A 71 -7.02 -6.17 -1.14
CA PHE A 71 -7.55 -5.76 0.15
C PHE A 71 -8.79 -4.88 0.02
N THR A 72 -9.51 -4.74 1.13
CA THR A 72 -10.72 -3.93 1.19
C THR A 72 -10.77 -3.19 2.52
N THR A 73 -11.66 -2.21 2.63
CA THR A 73 -11.81 -1.45 3.87
C THR A 73 -11.77 -2.34 5.09
N THR A 74 -12.71 -3.28 5.16
CA THR A 74 -12.79 -4.22 6.28
C THR A 74 -13.92 -5.23 6.07
N SER A 75 -13.62 -6.30 5.34
CA SER A 75 -14.60 -7.33 5.06
C SER A 75 -13.93 -8.63 4.63
N THR A 76 -13.03 -8.54 3.66
CA THR A 76 -12.33 -9.72 3.16
C THR A 76 -10.81 -9.51 3.20
N SER A 77 -10.08 -10.38 2.51
CA SER A 77 -8.62 -10.32 2.46
C SER A 77 -8.00 -10.61 3.83
N THR A 78 -6.77 -11.10 3.81
CA THR A 78 -6.06 -11.42 5.05
C THR A 78 -4.58 -11.66 4.77
N PRO A 79 -3.70 -11.25 5.70
CA PRO A 79 -2.26 -11.42 5.55
C PRO A 79 -1.81 -12.86 5.81
N GLY A 80 -1.85 -13.67 4.76
CA GLY A 80 -1.44 -15.06 4.89
C GLY A 80 -0.03 -15.30 4.42
N SER A 81 0.15 -16.25 3.50
CA SER A 81 1.46 -16.57 2.96
C SER A 81 1.43 -16.60 1.44
N ARG A 82 2.12 -15.64 0.82
CA ARG A 82 2.18 -15.56 -0.63
C ARG A 82 3.46 -16.21 -1.16
N SER A 83 4.58 -15.52 -0.99
CA SER A 83 5.87 -16.04 -1.45
C SER A 83 6.80 -16.30 -0.27
N HIS A 84 6.38 -15.87 0.92
CA HIS A 84 7.16 -16.04 2.14
C HIS A 84 8.48 -15.26 2.07
N HIS A 85 9.03 -14.94 3.24
CA HIS A 85 10.28 -14.19 3.32
C HIS A 85 11.03 -14.53 4.60
N HIS A 86 12.07 -15.34 4.47
CA HIS A 86 12.87 -15.73 5.63
C HIS A 86 14.33 -15.94 5.23
N HIS A 87 15.23 -15.79 6.20
CA HIS A 87 16.66 -15.95 5.95
C HIS A 87 17.37 -16.47 7.20
N HIS A 88 18.49 -17.17 6.99
CA HIS A 88 19.26 -17.72 8.10
C HIS A 88 20.72 -17.29 8.01
N HIS A 89 21.13 -16.39 8.91
CA HIS A 89 22.50 -15.89 8.94
C HIS A 89 22.91 -15.52 10.36
N MET A 1 29.59 15.18 -6.79
CA MET A 1 30.99 14.68 -6.60
C MET A 1 31.36 14.64 -5.13
N ARG A 2 30.77 15.54 -4.35
CA ARG A 2 31.04 15.60 -2.92
C ARG A 2 29.76 15.46 -2.12
N GLY A 3 29.87 14.83 -0.94
CA GLY A 3 28.71 14.63 -0.09
C GLY A 3 28.62 13.22 0.44
N SER A 4 28.21 13.09 1.70
CA SER A 4 28.08 11.78 2.34
C SER A 4 26.77 11.69 3.12
N ASN A 5 25.78 12.46 2.69
CA ASN A 5 24.48 12.47 3.34
C ASN A 5 23.68 11.22 2.99
N ALA A 6 22.40 11.22 3.35
CA ALA A 6 21.52 10.08 3.07
C ALA A 6 20.06 10.50 3.07
N PRO A 7 19.46 10.66 1.88
CA PRO A 7 18.05 11.07 1.75
C PRO A 7 17.09 9.96 2.15
N GLN A 8 17.63 8.85 2.64
CA GLN A 8 16.81 7.72 3.05
C GLN A 8 16.72 7.63 4.58
N PRO A 9 15.53 7.85 5.15
CA PRO A 9 15.32 7.80 6.60
C PRO A 9 15.18 6.37 7.12
N SER A 10 14.76 5.47 6.23
CA SER A 10 14.60 4.06 6.60
C SER A 10 14.87 3.15 5.41
N HIS A 11 16.13 2.77 5.24
CA HIS A 11 16.53 1.89 4.15
C HIS A 11 16.22 2.52 2.79
N ILE A 12 15.00 2.32 2.30
CA ILE A 12 14.58 2.86 1.02
C ILE A 12 14.24 4.34 1.14
N SER A 13 14.45 5.09 0.07
CA SER A 13 14.15 6.52 0.06
C SER A 13 12.70 6.77 0.44
N LYS A 14 11.79 6.05 -0.20
CA LYS A 14 10.37 6.19 0.08
C LYS A 14 9.57 5.04 -0.53
N TYR A 15 8.50 4.64 0.16
CA TYR A 15 7.65 3.55 -0.29
C TYR A 15 6.38 4.10 -0.93
N ILE A 16 5.91 3.46 -1.99
CA ILE A 16 4.71 3.89 -2.68
C ILE A 16 3.60 2.85 -2.58
N LEU A 17 2.37 3.32 -2.44
CA LEU A 17 1.22 2.44 -2.34
C LEU A 17 0.17 2.82 -3.36
N ARG A 18 -0.08 1.92 -4.31
CA ARG A 18 -1.07 2.18 -5.36
C ARG A 18 -2.18 1.13 -5.34
N TRP A 19 -3.42 1.58 -5.51
CA TRP A 19 -4.55 0.68 -5.51
C TRP A 19 -5.74 1.28 -6.26
N ARG A 20 -6.66 0.40 -6.69
CA ARG A 20 -7.85 0.82 -7.42
C ARG A 20 -8.95 -0.23 -7.32
N PRO A 21 -10.22 0.15 -7.52
CA PRO A 21 -11.33 -0.79 -7.45
C PRO A 21 -11.19 -1.92 -8.45
N LYS A 22 -10.96 -3.13 -7.94
CA LYS A 22 -10.80 -4.30 -8.79
C LYS A 22 -12.13 -4.67 -9.45
N ASN A 23 -13.23 -4.33 -8.80
CA ASN A 23 -14.55 -4.63 -9.31
C ASN A 23 -15.18 -3.39 -9.96
N SER A 24 -14.92 -2.22 -9.38
CA SER A 24 -15.47 -0.97 -9.89
C SER A 24 -14.42 -0.16 -10.65
N VAL A 25 -14.75 1.10 -10.94
CA VAL A 25 -13.84 1.99 -11.66
C VAL A 25 -13.63 3.29 -10.89
N GLY A 26 -12.49 3.93 -11.12
CA GLY A 26 -12.18 5.17 -10.44
C GLY A 26 -10.69 5.46 -10.43
N ARG A 27 -9.95 4.88 -11.38
CA ARG A 27 -8.52 5.09 -11.48
C ARG A 27 -7.81 4.58 -10.23
N TRP A 28 -6.48 4.62 -10.25
CA TRP A 28 -5.68 4.16 -9.12
C TRP A 28 -5.50 5.27 -8.09
N LYS A 29 -4.66 5.01 -7.10
CA LYS A 29 -4.37 5.97 -6.05
C LYS A 29 -2.93 5.78 -5.58
N GLU A 30 -2.32 6.83 -5.03
CA GLU A 30 -0.93 6.73 -4.58
C GLU A 30 -0.76 7.28 -3.16
N ALA A 31 0.03 6.55 -2.37
CA ALA A 31 0.32 6.94 -0.99
C ALA A 31 1.78 6.63 -0.67
N THR A 32 2.58 7.68 -0.49
CA THR A 32 4.01 7.50 -0.22
C THR A 32 4.33 7.59 1.27
N ILE A 33 5.10 6.60 1.74
CA ILE A 33 5.54 6.56 3.12
C ILE A 33 7.04 6.20 3.16
N PRO A 34 7.90 7.18 3.45
CA PRO A 34 9.35 6.97 3.50
C PRO A 34 9.76 5.85 4.47
N GLY A 35 9.99 4.66 3.92
CA GLY A 35 10.39 3.52 4.73
C GLY A 35 9.47 3.29 5.92
N HIS A 36 8.24 3.78 5.83
CA HIS A 36 7.25 3.61 6.90
C HIS A 36 7.78 4.19 8.21
N LEU A 37 7.35 5.41 8.52
CA LEU A 37 7.77 6.08 9.75
C LEU A 37 6.94 5.62 10.94
N ASN A 38 5.77 5.04 10.64
CA ASN A 38 4.87 4.55 11.67
C ASN A 38 3.76 3.70 11.07
N SER A 39 2.70 3.48 11.83
CA SER A 39 1.56 2.69 11.36
C SER A 39 0.70 3.50 10.40
N TYR A 40 0.80 3.20 9.11
CA TYR A 40 0.04 3.90 8.09
C TYR A 40 -1.03 2.98 7.50
N THR A 41 -2.28 3.23 7.85
CA THR A 41 -3.40 2.43 7.36
C THR A 41 -4.37 3.28 6.53
N ILE A 42 -4.92 2.68 5.49
CA ILE A 42 -5.86 3.38 4.62
C ILE A 42 -7.30 2.97 4.91
N LYS A 43 -8.17 3.96 5.10
CA LYS A 43 -9.57 3.71 5.38
C LYS A 43 -10.47 4.47 4.41
N GLY A 44 -11.56 3.84 4.00
CA GLY A 44 -12.48 4.47 3.07
C GLY A 44 -12.72 3.64 1.83
N LEU A 45 -13.15 2.40 2.02
CA LEU A 45 -13.42 1.50 0.90
C LEU A 45 -14.72 0.73 1.11
N LYS A 46 -15.83 1.41 0.87
CA LYS A 46 -17.16 0.82 1.04
C LYS A 46 -17.17 -0.67 0.66
N PRO A 47 -17.72 -1.53 1.54
CA PRO A 47 -17.78 -2.98 1.31
C PRO A 47 -18.48 -3.34 0.01
N GLY A 48 -18.49 -4.63 -0.32
CA GLY A 48 -19.13 -5.08 -1.53
C GLY A 48 -18.18 -5.12 -2.71
N VAL A 49 -17.26 -4.17 -2.74
CA VAL A 49 -16.27 -4.09 -3.81
C VAL A 49 -14.86 -4.31 -3.27
N VAL A 50 -14.14 -5.25 -3.88
CA VAL A 50 -12.78 -5.56 -3.46
C VAL A 50 -11.79 -4.60 -4.10
N TYR A 51 -10.77 -4.22 -3.33
CA TYR A 51 -9.75 -3.30 -3.83
C TYR A 51 -8.43 -4.02 -4.05
N GLU A 52 -7.78 -3.71 -5.17
CA GLU A 52 -6.51 -4.33 -5.49
C GLU A 52 -5.40 -3.29 -5.45
N GLY A 53 -4.33 -3.60 -4.74
CA GLY A 53 -3.22 -2.67 -4.63
C GLY A 53 -1.88 -3.35 -4.58
N GLN A 54 -0.84 -2.62 -4.95
CA GLN A 54 0.52 -3.13 -4.95
C GLN A 54 1.45 -2.12 -4.28
N LEU A 55 2.46 -2.62 -3.58
CA LEU A 55 3.41 -1.74 -2.91
C LEU A 55 4.69 -1.60 -3.71
N ILE A 56 4.86 -0.43 -4.32
CA ILE A 56 6.05 -0.15 -5.13
C ILE A 56 7.11 0.57 -4.30
N SER A 57 8.29 -0.03 -4.21
CA SER A 57 9.38 0.55 -3.45
C SER A 57 10.28 1.37 -4.37
N ILE A 58 10.30 2.65 -4.13
CA ILE A 58 11.09 3.57 -4.94
C ILE A 58 12.32 4.07 -4.19
N GLN A 59 13.50 3.62 -4.66
CA GLN A 59 14.75 4.03 -4.05
C GLN A 59 15.28 5.29 -4.75
N GLN A 60 16.46 5.73 -4.36
CA GLN A 60 17.06 6.92 -4.95
C GLN A 60 17.29 6.72 -6.45
N TYR A 61 17.24 5.47 -6.90
CA TYR A 61 17.45 5.14 -8.31
C TYR A 61 16.12 4.82 -9.00
N GLY A 62 15.03 4.91 -8.25
CA GLY A 62 13.72 4.64 -8.81
C GLY A 62 13.09 3.39 -8.22
N HIS A 63 11.86 3.10 -8.63
CA HIS A 63 11.15 1.92 -8.12
C HIS A 63 11.96 0.66 -8.37
N GLN A 64 11.72 -0.38 -7.58
CA GLN A 64 12.45 -1.64 -7.73
C GLN A 64 11.83 -2.78 -6.92
N GLU A 65 10.73 -2.52 -6.22
CA GLU A 65 10.09 -3.57 -5.42
C GLU A 65 8.57 -3.43 -5.39
N VAL A 66 7.88 -4.38 -5.98
CA VAL A 66 6.42 -4.33 -5.99
C VAL A 66 5.78 -5.69 -5.70
N THR A 67 4.70 -5.65 -4.90
CA THR A 67 3.97 -6.85 -4.53
C THR A 67 2.47 -6.61 -4.61
N ARG A 68 1.77 -7.45 -5.38
CA ARG A 68 0.32 -7.30 -5.54
C ARG A 68 -0.44 -8.00 -4.41
N PHE A 69 -1.53 -7.35 -3.98
CA PHE A 69 -2.36 -7.89 -2.91
C PHE A 69 -3.79 -7.33 -3.00
N ASP A 70 -4.74 -8.06 -2.44
CA ASP A 70 -6.14 -7.64 -2.44
C ASP A 70 -6.60 -7.36 -1.02
N PHE A 71 -7.23 -6.21 -0.81
CA PHE A 71 -7.69 -5.86 0.53
C PHE A 71 -8.92 -4.95 0.50
N THR A 72 -9.59 -4.87 1.64
CA THR A 72 -10.77 -4.04 1.80
C THR A 72 -10.86 -3.50 3.23
N THR A 73 -11.53 -2.37 3.40
CA THR A 73 -11.68 -1.77 4.73
C THR A 73 -12.69 -2.53 5.57
N THR A 74 -13.61 -3.22 4.91
CA THR A 74 -14.64 -4.00 5.59
C THR A 74 -15.27 -5.02 4.65
N SER A 75 -14.46 -5.97 4.18
CA SER A 75 -14.94 -7.01 3.28
C SER A 75 -13.99 -8.20 3.26
N THR A 76 -13.64 -8.68 2.06
CA THR A 76 -12.75 -9.82 1.92
C THR A 76 -11.35 -9.52 2.45
N SER A 77 -10.41 -10.43 2.19
CA SER A 77 -9.03 -10.28 2.62
C SER A 77 -8.91 -10.35 4.14
N THR A 78 -7.73 -10.70 4.61
CA THR A 78 -7.47 -10.81 6.05
C THR A 78 -6.02 -10.48 6.37
N PRO A 79 -5.78 -9.73 7.47
CA PRO A 79 -4.43 -9.35 7.88
C PRO A 79 -3.71 -10.46 8.64
N GLY A 80 -3.43 -11.56 7.94
CA GLY A 80 -2.75 -12.69 8.56
C GLY A 80 -1.55 -13.14 7.77
N SER A 81 -1.14 -12.34 6.80
CA SER A 81 0.01 -12.67 5.96
C SER A 81 0.73 -11.41 5.51
N ARG A 82 1.71 -11.58 4.62
CA ARG A 82 2.49 -10.46 4.12
C ARG A 82 3.12 -9.66 5.26
N SER A 83 4.21 -10.19 5.82
CA SER A 83 4.90 -9.54 6.92
C SER A 83 6.33 -9.15 6.51
N HIS A 84 7.02 -8.45 7.39
CA HIS A 84 8.39 -8.01 7.12
C HIS A 84 9.35 -9.21 7.12
N HIS A 85 9.06 -10.18 7.98
CA HIS A 85 9.90 -11.38 8.09
C HIS A 85 9.15 -12.50 8.79
N HIS A 86 9.11 -13.67 8.15
CA HIS A 86 8.42 -14.82 8.72
C HIS A 86 9.29 -15.53 9.75
N HIS A 87 8.97 -16.79 10.03
CA HIS A 87 9.73 -17.58 11.00
C HIS A 87 10.77 -18.45 10.30
N HIS A 88 10.74 -18.47 8.98
CA HIS A 88 11.68 -19.26 8.21
C HIS A 88 12.03 -18.57 6.89
N HIS A 89 11.33 -17.46 6.61
CA HIS A 89 11.56 -16.71 5.38
C HIS A 89 11.25 -17.56 4.14
N MET A 1 20.42 -4.29 -11.42
CA MET A 1 19.22 -3.44 -11.32
C MET A 1 18.13 -4.10 -10.47
N ARG A 2 17.56 -5.18 -11.00
CA ARG A 2 16.51 -5.92 -10.30
C ARG A 2 16.95 -7.35 -10.03
N GLY A 3 18.26 -7.56 -9.93
CA GLY A 3 18.79 -8.88 -9.67
C GLY A 3 19.48 -8.98 -8.33
N SER A 4 20.45 -8.10 -8.09
CA SER A 4 21.20 -8.09 -6.84
C SER A 4 20.28 -7.83 -5.66
N ASN A 5 20.50 -8.56 -4.57
CA ASN A 5 19.69 -8.41 -3.37
C ASN A 5 20.15 -7.20 -2.55
N ALA A 6 19.19 -6.36 -2.16
CA ALA A 6 19.49 -5.17 -1.37
C ALA A 6 18.26 -4.67 -0.63
N PRO A 7 17.79 -5.43 0.37
CA PRO A 7 16.61 -5.06 1.15
C PRO A 7 16.92 -3.99 2.20
N GLN A 8 18.15 -3.47 2.16
CA GLN A 8 18.60 -2.45 3.10
C GLN A 8 18.63 -2.99 4.52
N PRO A 9 19.68 -2.64 5.29
CA PRO A 9 19.83 -3.11 6.68
C PRO A 9 18.89 -2.39 7.65
N SER A 10 17.99 -1.58 7.09
CA SER A 10 17.04 -0.84 7.91
C SER A 10 15.67 -0.82 7.25
N HIS A 11 15.50 0.05 6.26
CA HIS A 11 14.23 0.18 5.55
C HIS A 11 14.41 0.92 4.23
N ILE A 12 13.40 0.83 3.37
CA ILE A 12 13.44 1.49 2.06
C ILE A 12 13.27 2.99 2.21
N SER A 13 13.90 3.75 1.32
CA SER A 13 13.81 5.20 1.34
C SER A 13 12.35 5.65 1.36
N LYS A 14 11.53 5.04 0.51
CA LYS A 14 10.12 5.38 0.45
C LYS A 14 9.30 4.25 -0.19
N TYR A 15 8.08 4.06 0.31
CA TYR A 15 7.18 3.04 -0.20
C TYR A 15 5.99 3.67 -0.88
N ILE A 16 5.53 3.06 -1.97
CA ILE A 16 4.39 3.58 -2.71
C ILE A 16 3.18 2.64 -2.63
N LEU A 17 2.01 3.23 -2.45
CA LEU A 17 0.78 2.45 -2.35
C LEU A 17 -0.21 2.89 -3.43
N ARG A 18 -0.51 1.99 -4.35
CA ARG A 18 -1.44 2.29 -5.43
C ARG A 18 -2.56 1.28 -5.45
N TRP A 19 -3.81 1.75 -5.50
CA TRP A 19 -4.95 0.83 -5.50
C TRP A 19 -6.21 1.48 -6.07
N ARG A 20 -7.13 0.63 -6.52
CA ARG A 20 -8.40 1.07 -7.08
C ARG A 20 -9.40 -0.09 -7.03
N PRO A 21 -10.71 0.20 -7.16
CA PRO A 21 -11.74 -0.85 -7.12
C PRO A 21 -11.52 -1.89 -8.22
N LYS A 22 -11.13 -3.09 -7.83
CA LYS A 22 -10.88 -4.17 -8.78
C LYS A 22 -12.16 -4.59 -9.48
N ASN A 23 -13.29 -4.31 -8.84
CA ASN A 23 -14.59 -4.65 -9.39
C ASN A 23 -15.09 -3.54 -10.32
N SER A 24 -14.51 -2.36 -10.17
CA SER A 24 -14.88 -1.21 -10.99
C SER A 24 -13.67 -0.63 -11.72
N VAL A 25 -13.77 0.63 -12.11
CA VAL A 25 -12.67 1.30 -12.81
C VAL A 25 -12.91 2.81 -12.87
N GLY A 26 -11.84 3.58 -12.67
CA GLY A 26 -11.96 5.03 -12.68
C GLY A 26 -10.62 5.71 -12.54
N ARG A 27 -9.95 5.47 -11.42
CA ARG A 27 -8.65 6.08 -11.15
C ARG A 27 -7.93 5.38 -10.00
N TRP A 28 -6.61 5.51 -9.97
CA TRP A 28 -5.81 4.90 -8.92
C TRP A 28 -5.59 5.87 -7.76
N LYS A 29 -4.99 5.36 -6.69
CA LYS A 29 -4.71 6.17 -5.52
C LYS A 29 -3.27 5.92 -5.08
N GLU A 30 -2.50 6.99 -4.92
CA GLU A 30 -1.10 6.84 -4.54
C GLU A 30 -0.78 7.53 -3.20
N ALA A 31 -0.12 6.77 -2.33
CA ALA A 31 0.27 7.27 -1.02
C ALA A 31 1.70 6.80 -0.70
N THR A 32 2.62 7.74 -0.66
CA THR A 32 4.03 7.42 -0.38
C THR A 32 4.35 7.57 1.10
N ILE A 33 4.99 6.54 1.65
CA ILE A 33 5.39 6.55 3.05
C ILE A 33 6.80 6.01 3.21
N PRO A 34 7.77 6.90 3.51
CA PRO A 34 9.18 6.52 3.70
C PRO A 34 9.37 5.27 4.56
N GLY A 35 9.40 4.11 3.92
CA GLY A 35 9.59 2.85 4.63
C GLY A 35 8.84 2.79 5.95
N HIS A 36 7.60 3.26 5.96
CA HIS A 36 6.78 3.25 7.17
C HIS A 36 7.51 3.94 8.32
N LEU A 37 8.04 5.12 8.05
CA LEU A 37 8.77 5.89 9.05
C LEU A 37 7.84 6.45 10.12
N ASN A 38 6.57 6.63 9.77
CA ASN A 38 5.59 7.17 10.71
C ASN A 38 4.30 6.35 10.70
N SER A 39 3.44 6.61 11.66
CA SER A 39 2.17 5.91 11.77
C SER A 39 1.16 6.48 10.78
N TYR A 40 0.90 5.74 9.71
CA TYR A 40 -0.05 6.17 8.69
C TYR A 40 -1.18 5.15 8.53
N THR A 41 -2.42 5.65 8.55
CA THR A 41 -3.58 4.78 8.42
C THR A 41 -4.15 4.84 7.01
N ILE A 42 -4.67 3.71 6.53
CA ILE A 42 -5.26 3.63 5.20
C ILE A 42 -6.75 3.93 5.26
N LYS A 43 -7.24 4.72 4.31
CA LYS A 43 -8.64 5.08 4.25
C LYS A 43 -9.52 3.83 4.18
N GLY A 44 -10.45 3.71 5.13
CA GLY A 44 -11.33 2.56 5.17
C GLY A 44 -12.09 2.37 3.87
N LEU A 45 -12.36 1.11 3.52
CA LEU A 45 -13.08 0.79 2.29
C LEU A 45 -14.52 0.40 2.60
N LYS A 46 -15.32 0.22 1.55
CA LYS A 46 -16.72 -0.14 1.72
C LYS A 46 -16.90 -1.66 1.60
N PRO A 47 -17.52 -2.29 2.63
CA PRO A 47 -17.76 -3.74 2.64
C PRO A 47 -18.60 -4.20 1.46
N GLY A 48 -17.98 -4.95 0.55
CA GLY A 48 -18.69 -5.44 -0.61
C GLY A 48 -18.02 -5.06 -1.91
N VAL A 49 -16.96 -4.24 -1.83
CA VAL A 49 -16.24 -3.80 -3.00
C VAL A 49 -14.79 -4.27 -2.97
N VAL A 50 -14.31 -4.78 -4.09
CA VAL A 50 -12.93 -5.26 -4.18
C VAL A 50 -11.97 -4.11 -4.41
N TYR A 51 -10.85 -4.13 -3.71
CA TYR A 51 -9.84 -3.08 -3.83
C TYR A 51 -8.46 -3.68 -4.04
N GLU A 52 -8.03 -3.76 -5.29
CA GLU A 52 -6.72 -4.31 -5.61
C GLU A 52 -5.65 -3.22 -5.55
N GLY A 53 -4.56 -3.52 -4.87
CA GLY A 53 -3.48 -2.56 -4.75
C GLY A 53 -2.12 -3.21 -4.79
N GLN A 54 -1.13 -2.43 -5.21
CA GLN A 54 0.24 -2.93 -5.32
C GLN A 54 1.18 -2.01 -4.56
N LEU A 55 2.08 -2.60 -3.78
CA LEU A 55 3.04 -1.83 -3.00
C LEU A 55 4.39 -1.79 -3.71
N ILE A 56 4.73 -0.63 -4.26
CA ILE A 56 5.99 -0.47 -4.96
C ILE A 56 7.02 0.26 -4.11
N SER A 57 8.09 -0.45 -3.76
CA SER A 57 9.17 0.12 -2.97
C SER A 57 10.10 0.92 -3.86
N ILE A 58 10.12 2.23 -3.63
CA ILE A 58 10.97 3.12 -4.42
C ILE A 58 12.18 3.60 -3.62
N GLN A 59 13.36 3.40 -4.20
CA GLN A 59 14.61 3.79 -3.56
C GLN A 59 15.25 4.94 -4.34
N GLN A 60 16.45 5.33 -3.93
CA GLN A 60 17.18 6.41 -4.59
C GLN A 60 17.47 6.08 -6.05
N TYR A 61 17.18 4.85 -6.45
CA TYR A 61 17.41 4.42 -7.83
C TYR A 61 16.12 4.50 -8.66
N GLY A 62 15.02 4.82 -8.00
CA GLY A 62 13.73 4.94 -8.67
C GLY A 62 13.18 3.62 -9.15
N HIS A 63 12.14 3.13 -8.46
CA HIS A 63 11.49 1.87 -8.81
C HIS A 63 12.46 0.69 -8.71
N GLN A 64 12.14 -0.28 -7.85
CA GLN A 64 13.00 -1.44 -7.68
C GLN A 64 12.23 -2.64 -7.11
N GLU A 65 11.08 -2.39 -6.49
CA GLU A 65 10.29 -3.47 -5.90
C GLU A 65 8.79 -3.22 -5.99
N VAL A 66 8.09 -4.11 -6.67
CA VAL A 66 6.65 -3.97 -6.80
C VAL A 66 5.92 -5.31 -6.61
N THR A 67 4.87 -5.30 -5.80
CA THR A 67 4.07 -6.49 -5.54
C THR A 67 2.59 -6.15 -5.54
N ARG A 68 1.82 -6.92 -6.32
CA ARG A 68 0.38 -6.69 -6.39
C ARG A 68 -0.38 -7.61 -5.45
N PHE A 69 -1.51 -7.11 -4.94
CA PHE A 69 -2.34 -7.87 -4.02
C PHE A 69 -3.79 -7.37 -4.04
N ASP A 70 -4.71 -8.21 -3.60
CA ASP A 70 -6.12 -7.86 -3.55
C ASP A 70 -6.59 -7.79 -2.09
N PHE A 71 -7.21 -6.67 -1.72
CA PHE A 71 -7.67 -6.49 -0.35
C PHE A 71 -8.93 -5.62 -0.29
N THR A 72 -9.64 -5.72 0.84
CA THR A 72 -10.84 -4.94 1.05
C THR A 72 -10.98 -4.60 2.54
N THR A 73 -11.88 -3.67 2.86
CA THR A 73 -12.10 -3.27 4.23
C THR A 73 -12.33 -4.48 5.14
N THR A 74 -13.29 -5.31 4.76
CA THR A 74 -13.62 -6.52 5.54
C THR A 74 -14.53 -7.45 4.74
N SER A 75 -13.95 -8.14 3.76
CA SER A 75 -14.70 -9.06 2.92
C SER A 75 -13.77 -9.84 1.99
N THR A 76 -12.64 -9.22 1.66
CA THR A 76 -11.66 -9.84 0.77
C THR A 76 -12.28 -10.22 -0.56
N SER A 77 -11.55 -10.99 -1.36
CA SER A 77 -12.03 -11.42 -2.67
C SER A 77 -11.59 -12.85 -2.96
N THR A 78 -12.34 -13.52 -3.85
CA THR A 78 -12.02 -14.90 -4.22
C THR A 78 -11.54 -14.99 -5.67
N PRO A 79 -12.30 -14.46 -6.64
CA PRO A 79 -11.91 -14.50 -8.05
C PRO A 79 -10.99 -13.35 -8.45
N GLY A 80 -10.31 -13.50 -9.58
CA GLY A 80 -9.42 -12.45 -10.05
C GLY A 80 -8.38 -12.97 -11.03
N SER A 81 -7.33 -12.20 -11.25
CA SER A 81 -6.27 -12.58 -12.19
C SER A 81 -5.45 -13.73 -11.62
N ARG A 82 -5.74 -14.12 -10.38
CA ARG A 82 -5.02 -15.21 -9.73
C ARG A 82 -5.18 -16.51 -10.51
N SER A 83 -4.13 -16.89 -11.24
CA SER A 83 -4.16 -18.12 -12.03
C SER A 83 -3.91 -19.32 -11.15
N HIS A 84 -3.67 -20.48 -11.78
CA HIS A 84 -3.41 -21.71 -11.05
C HIS A 84 -1.91 -21.88 -10.76
N HIS A 85 -1.43 -21.14 -9.77
CA HIS A 85 -0.01 -21.20 -9.40
C HIS A 85 0.28 -22.47 -8.62
N HIS A 86 1.48 -23.02 -8.82
CA HIS A 86 1.88 -24.24 -8.13
C HIS A 86 3.39 -24.42 -8.19
N HIS A 87 3.90 -25.42 -7.48
CA HIS A 87 5.33 -25.70 -7.44
C HIS A 87 5.66 -26.91 -8.32
N HIS A 88 4.64 -27.43 -8.99
CA HIS A 88 4.82 -28.59 -9.87
C HIS A 88 5.66 -28.23 -11.08
N HIS A 89 5.97 -29.23 -11.91
CA HIS A 89 6.77 -29.03 -13.10
C HIS A 89 8.11 -28.37 -12.77
N MET A 1 13.20 -11.25 -1.43
CA MET A 1 13.30 -11.90 -2.78
C MET A 1 12.61 -13.26 -2.77
N ARG A 2 12.88 -14.06 -1.74
CA ARG A 2 12.30 -15.39 -1.62
C ARG A 2 11.54 -15.53 -0.30
N GLY A 3 11.58 -14.48 0.51
CA GLY A 3 10.89 -14.52 1.79
C GLY A 3 10.98 -13.19 2.53
N SER A 4 10.36 -13.12 3.70
CA SER A 4 10.36 -11.90 4.51
C SER A 4 10.61 -12.22 5.98
N ASN A 5 11.88 -12.33 6.34
CA ASN A 5 12.25 -12.64 7.73
C ASN A 5 13.44 -11.80 8.18
N ALA A 6 14.44 -11.67 7.31
CA ALA A 6 15.63 -10.89 7.63
C ALA A 6 15.28 -9.45 7.94
N PRO A 7 15.91 -8.86 8.99
CA PRO A 7 15.65 -7.48 9.40
C PRO A 7 15.97 -6.48 8.29
N GLN A 8 15.75 -5.21 8.57
CA GLN A 8 16.02 -4.15 7.60
C GLN A 8 17.18 -3.26 8.06
N PRO A 9 18.41 -3.57 7.63
CA PRO A 9 19.60 -2.80 7.99
C PRO A 9 19.52 -1.37 7.50
N SER A 10 18.68 -1.14 6.49
CA SER A 10 18.50 0.19 5.91
C SER A 10 17.06 0.38 5.44
N HIS A 11 16.49 1.54 5.70
CA HIS A 11 15.13 1.84 5.31
C HIS A 11 15.07 2.34 3.86
N ILE A 12 13.98 2.01 3.18
CA ILE A 12 13.77 2.42 1.80
C ILE A 12 13.59 3.93 1.70
N SER A 13 14.12 4.54 0.64
CA SER A 13 13.99 5.97 0.45
C SER A 13 12.52 6.37 0.63
N LYS A 14 11.65 5.78 -0.17
CA LYS A 14 10.22 6.05 -0.10
C LYS A 14 9.42 4.88 -0.68
N TYR A 15 8.27 4.61 -0.08
CA TYR A 15 7.39 3.55 -0.52
C TYR A 15 6.14 4.14 -1.16
N ILE A 16 5.72 3.58 -2.30
CA ILE A 16 4.53 4.08 -2.99
C ILE A 16 3.40 3.06 -2.95
N LEU A 17 2.23 3.52 -2.55
CA LEU A 17 1.06 2.68 -2.48
C LEU A 17 0.05 3.07 -3.54
N ARG A 18 -0.19 2.19 -4.48
CA ARG A 18 -1.13 2.46 -5.57
C ARG A 18 -2.21 1.39 -5.63
N TRP A 19 -3.47 1.83 -5.65
CA TRP A 19 -4.59 0.89 -5.71
C TRP A 19 -5.79 1.50 -6.43
N ARG A 20 -6.70 0.63 -6.88
CA ARG A 20 -7.90 1.04 -7.58
C ARG A 20 -8.95 -0.06 -7.52
N PRO A 21 -10.24 0.27 -7.77
CA PRO A 21 -11.32 -0.71 -7.74
C PRO A 21 -11.08 -1.84 -8.73
N LYS A 22 -10.80 -3.03 -8.19
CA LYS A 22 -10.52 -4.20 -9.02
C LYS A 22 -11.72 -4.60 -9.86
N ASN A 23 -12.90 -4.66 -9.25
CA ASN A 23 -14.12 -5.04 -9.95
C ASN A 23 -14.91 -3.82 -10.42
N SER A 24 -14.95 -2.78 -9.59
CA SER A 24 -15.69 -1.56 -9.92
C SER A 24 -14.86 -0.61 -10.78
N VAL A 25 -15.46 0.51 -11.13
CA VAL A 25 -14.80 1.52 -11.95
C VAL A 25 -14.24 2.65 -11.08
N GLY A 26 -13.09 3.17 -11.47
CA GLY A 26 -12.46 4.25 -10.72
C GLY A 26 -11.11 4.62 -11.29
N ARG A 27 -10.26 5.19 -10.43
CA ARG A 27 -8.92 5.59 -10.86
C ARG A 27 -7.86 5.18 -9.83
N TRP A 28 -6.61 5.17 -10.27
CA TRP A 28 -5.51 4.80 -9.40
C TRP A 28 -5.31 5.82 -8.28
N LYS A 29 -4.69 5.38 -7.19
CA LYS A 29 -4.43 6.25 -6.05
C LYS A 29 -2.98 6.10 -5.61
N GLU A 30 -2.32 7.21 -5.34
CA GLU A 30 -0.91 7.18 -4.94
C GLU A 30 -0.70 7.77 -3.54
N ALA A 31 -0.04 7.00 -2.69
CA ALA A 31 0.26 7.43 -1.33
C ALA A 31 1.65 6.95 -0.92
N THR A 32 2.59 7.89 -0.76
CA THR A 32 3.95 7.55 -0.39
C THR A 32 4.15 7.55 1.13
N ILE A 33 4.83 6.53 1.62
CA ILE A 33 5.12 6.39 3.05
C ILE A 33 6.62 6.28 3.27
N PRO A 34 7.25 7.34 3.82
CA PRO A 34 8.70 7.36 4.07
C PRO A 34 9.17 6.18 4.93
N GLY A 35 9.50 5.08 4.27
CA GLY A 35 9.98 3.89 4.97
C GLY A 35 9.12 3.53 6.17
N HIS A 36 7.83 3.84 6.08
CA HIS A 36 6.90 3.54 7.17
C HIS A 36 7.40 4.11 8.50
N LEU A 37 7.32 5.42 8.63
CA LEU A 37 7.76 6.09 9.85
C LEU A 37 6.84 5.77 11.02
N ASN A 38 5.56 5.57 10.71
CA ASN A 38 4.56 5.25 11.72
C ASN A 38 3.50 4.30 11.17
N SER A 39 2.39 4.17 11.88
CA SER A 39 1.29 3.30 11.46
C SER A 39 0.48 3.95 10.34
N TYR A 40 0.66 3.47 9.12
CA TYR A 40 -0.06 4.00 7.97
C TYR A 40 -0.86 2.91 7.27
N THR A 41 -2.17 2.89 7.52
CA THR A 41 -3.05 1.90 6.91
C THR A 41 -4.24 2.58 6.23
N ILE A 42 -4.66 2.03 5.09
CA ILE A 42 -5.78 2.59 4.35
C ILE A 42 -7.11 2.12 4.94
N LYS A 43 -7.90 3.06 5.43
CA LYS A 43 -9.20 2.75 6.02
C LYS A 43 -10.26 3.75 5.56
N GLY A 44 -11.42 3.22 5.18
CA GLY A 44 -12.50 4.08 4.73
C GLY A 44 -13.06 3.64 3.39
N LEU A 45 -12.78 2.40 3.01
CA LEU A 45 -13.25 1.86 1.74
C LEU A 45 -14.73 1.49 1.83
N LYS A 46 -15.13 0.40 1.17
CA LYS A 46 -16.51 -0.04 1.19
C LYS A 46 -16.59 -1.56 1.12
N PRO A 47 -17.25 -2.19 2.11
CA PRO A 47 -17.40 -3.65 2.15
C PRO A 47 -18.28 -4.16 1.01
N GLY A 48 -17.66 -4.49 -0.11
CA GLY A 48 -18.38 -4.97 -1.27
C GLY A 48 -17.59 -4.77 -2.53
N VAL A 49 -16.67 -3.81 -2.50
CA VAL A 49 -15.82 -3.50 -3.63
C VAL A 49 -14.37 -3.74 -3.27
N VAL A 50 -13.75 -4.72 -3.90
CA VAL A 50 -12.34 -5.04 -3.62
C VAL A 50 -11.41 -4.03 -4.26
N TYR A 51 -10.47 -3.53 -3.47
CA TYR A 51 -9.49 -2.56 -3.96
C TYR A 51 -8.13 -3.21 -4.13
N GLU A 52 -7.74 -3.43 -5.38
CA GLU A 52 -6.46 -4.06 -5.69
C GLU A 52 -5.35 -3.01 -5.77
N GLY A 53 -4.26 -3.27 -5.07
CA GLY A 53 -3.15 -2.34 -5.06
C GLY A 53 -1.80 -3.02 -4.88
N GLN A 54 -0.74 -2.33 -5.29
CA GLN A 54 0.62 -2.85 -5.17
C GLN A 54 1.54 -1.79 -4.56
N LEU A 55 2.52 -2.24 -3.78
CA LEU A 55 3.45 -1.33 -3.15
C LEU A 55 4.78 -1.30 -3.90
N ILE A 56 5.03 -0.20 -4.61
CA ILE A 56 6.28 -0.05 -5.36
C ILE A 56 7.31 0.68 -4.51
N SER A 57 8.48 0.08 -4.36
CA SER A 57 9.55 0.69 -3.57
C SER A 57 10.41 1.57 -4.45
N ILE A 58 10.72 2.75 -3.95
CA ILE A 58 11.52 3.70 -4.70
C ILE A 58 12.88 3.97 -4.02
N GLN A 59 13.94 3.48 -4.65
CA GLN A 59 15.29 3.68 -4.17
C GLN A 59 15.95 4.78 -4.98
N GLN A 60 17.23 5.02 -4.72
CA GLN A 60 17.96 6.04 -5.44
C GLN A 60 18.01 5.73 -6.94
N TYR A 61 17.67 4.49 -7.29
CA TYR A 61 17.67 4.06 -8.70
C TYR A 61 16.26 4.00 -9.28
N GLY A 62 15.24 4.24 -8.44
CA GLY A 62 13.87 4.20 -8.92
C GLY A 62 13.08 3.05 -8.33
N HIS A 63 12.05 2.60 -9.06
CA HIS A 63 11.20 1.50 -8.60
C HIS A 63 12.02 0.21 -8.45
N GLN A 64 11.72 -0.57 -7.40
CA GLN A 64 12.45 -1.82 -7.18
C GLN A 64 11.56 -2.91 -6.58
N GLU A 65 10.98 -2.64 -5.41
CA GLU A 65 10.14 -3.64 -4.73
C GLU A 65 8.65 -3.39 -4.93
N VAL A 66 7.98 -4.30 -5.62
CA VAL A 66 6.55 -4.17 -5.84
C VAL A 66 5.81 -5.49 -5.63
N THR A 67 4.72 -5.44 -4.87
CA THR A 67 3.91 -6.62 -4.57
C THR A 67 2.42 -6.29 -4.67
N ARG A 68 1.71 -7.05 -5.49
CA ARG A 68 0.27 -6.84 -5.67
C ARG A 68 -0.54 -7.56 -4.59
N PHE A 69 -1.61 -6.92 -4.14
CA PHE A 69 -2.47 -7.49 -3.09
C PHE A 69 -3.89 -6.93 -3.16
N ASP A 70 -4.83 -7.64 -2.57
CA ASP A 70 -6.22 -7.21 -2.53
C ASP A 70 -6.57 -6.81 -1.10
N PHE A 71 -7.24 -5.69 -0.93
CA PHE A 71 -7.58 -5.24 0.41
C PHE A 71 -8.86 -4.42 0.45
N THR A 72 -9.66 -4.62 1.49
CA THR A 72 -10.89 -3.90 1.67
C THR A 72 -11.24 -3.78 3.15
N THR A 73 -12.22 -2.92 3.46
CA THR A 73 -12.66 -2.74 4.84
C THR A 73 -13.73 -3.77 5.19
N THR A 74 -13.28 -5.00 5.46
CA THR A 74 -14.19 -6.09 5.79
C THR A 74 -15.03 -6.50 4.57
N SER A 75 -15.55 -7.73 4.60
CA SER A 75 -16.36 -8.24 3.51
C SER A 75 -15.55 -8.34 2.21
N THR A 76 -14.57 -9.23 2.20
CA THR A 76 -13.72 -9.44 1.04
C THR A 76 -12.83 -10.67 1.20
N SER A 77 -12.49 -11.31 0.08
CA SER A 77 -11.65 -12.50 0.10
C SER A 77 -12.29 -13.61 0.96
N THR A 78 -11.53 -14.67 1.21
CA THR A 78 -12.01 -15.78 2.00
C THR A 78 -11.00 -16.14 3.09
N PRO A 79 -11.43 -16.91 4.11
CA PRO A 79 -10.59 -17.34 5.22
C PRO A 79 -9.10 -17.45 4.84
N GLY A 80 -8.28 -16.59 5.43
CA GLY A 80 -6.86 -16.62 5.15
C GLY A 80 -6.31 -15.25 4.80
N SER A 81 -6.04 -14.44 5.82
CA SER A 81 -5.50 -13.10 5.60
C SER A 81 -3.97 -13.12 5.55
N ARG A 82 -3.41 -12.45 4.55
CA ARG A 82 -1.96 -12.39 4.40
C ARG A 82 -1.33 -11.47 5.43
N SER A 83 -2.17 -10.85 6.24
CA SER A 83 -1.70 -9.94 7.29
C SER A 83 -2.40 -10.22 8.61
N HIS A 84 -2.12 -9.38 9.61
CA HIS A 84 -2.72 -9.55 10.93
C HIS A 84 -3.51 -8.30 11.31
N HIS A 85 -4.83 -8.43 11.35
CA HIS A 85 -5.70 -7.31 11.69
C HIS A 85 -6.98 -7.80 12.37
N HIS A 86 -6.87 -8.93 13.07
CA HIS A 86 -8.01 -9.50 13.76
C HIS A 86 -8.00 -9.12 15.24
N HIS A 87 -6.84 -8.68 15.72
CA HIS A 87 -6.69 -8.28 17.11
C HIS A 87 -5.81 -7.04 17.23
N HIS A 88 -5.81 -6.43 18.40
CA HIS A 88 -5.02 -5.23 18.65
C HIS A 88 -3.57 -5.59 18.96
N HIS A 89 -2.81 -4.61 19.46
CA HIS A 89 -1.41 -4.82 19.80
C HIS A 89 -0.62 -5.35 18.61
N MET A 1 17.83 -6.06 -5.76
CA MET A 1 18.98 -7.00 -5.84
C MET A 1 19.68 -6.92 -7.20
N ARG A 2 20.56 -5.94 -7.33
CA ARG A 2 21.30 -5.74 -8.58
C ARG A 2 22.75 -5.37 -8.30
N GLY A 3 23.39 -6.15 -7.43
CA GLY A 3 24.78 -5.89 -7.09
C GLY A 3 24.92 -5.08 -5.82
N SER A 4 26.16 -4.83 -5.43
CA SER A 4 26.44 -4.06 -4.21
C SER A 4 27.06 -2.71 -4.57
N ASN A 5 26.23 -1.67 -4.58
CA ASN A 5 26.69 -0.32 -4.90
C ASN A 5 26.30 0.67 -3.82
N ALA A 6 25.07 1.16 -3.88
CA ALA A 6 24.58 2.12 -2.90
C ALA A 6 23.38 1.57 -2.12
N PRO A 7 23.62 0.92 -0.98
CA PRO A 7 22.56 0.35 -0.14
C PRO A 7 21.59 1.40 0.38
N GLN A 8 20.79 1.02 1.38
CA GLN A 8 19.83 1.93 1.98
C GLN A 8 20.17 2.23 3.43
N PRO A 9 19.87 3.46 3.90
CA PRO A 9 20.16 3.86 5.28
C PRO A 9 19.11 3.36 6.27
N SER A 10 18.99 2.04 6.38
CA SER A 10 18.03 1.42 7.29
C SER A 10 16.60 1.72 6.88
N HIS A 11 16.44 2.53 5.82
CA HIS A 11 15.12 2.89 5.31
C HIS A 11 15.17 3.06 3.80
N ILE A 12 13.99 3.25 3.19
CA ILE A 12 13.89 3.43 1.76
C ILE A 12 13.71 4.90 1.40
N SER A 13 14.07 5.25 0.17
CA SER A 13 13.93 6.62 -0.30
C SER A 13 12.46 7.05 -0.22
N LYS A 14 11.57 6.16 -0.66
CA LYS A 14 10.13 6.44 -0.62
C LYS A 14 9.31 5.23 -1.07
N TYR A 15 8.15 5.05 -0.44
CA TYR A 15 7.24 3.96 -0.76
C TYR A 15 6.04 4.50 -1.55
N ILE A 16 5.64 3.79 -2.60
CA ILE A 16 4.49 4.22 -3.38
C ILE A 16 3.36 3.21 -3.25
N LEU A 17 2.18 3.70 -2.90
CA LEU A 17 1.03 2.85 -2.74
C LEU A 17 -0.04 3.22 -3.75
N ARG A 18 -0.35 2.28 -4.63
CA ARG A 18 -1.35 2.51 -5.66
C ARG A 18 -2.50 1.52 -5.52
N TRP A 19 -3.72 2.05 -5.49
CA TRP A 19 -4.90 1.21 -5.37
C TRP A 19 -6.12 1.84 -6.02
N ARG A 20 -6.94 1.01 -6.64
CA ARG A 20 -8.15 1.46 -7.31
C ARG A 20 -9.24 0.40 -7.23
N PRO A 21 -10.52 0.79 -7.29
CA PRO A 21 -11.65 -0.15 -7.21
C PRO A 21 -11.60 -1.23 -8.27
N LYS A 22 -11.68 -2.47 -7.82
CA LYS A 22 -11.65 -3.63 -8.72
C LYS A 22 -13.06 -3.96 -9.21
N ASN A 23 -14.04 -3.74 -8.35
CA ASN A 23 -15.44 -4.01 -8.69
C ASN A 23 -16.17 -2.75 -9.12
N SER A 24 -15.95 -1.67 -8.38
CA SER A 24 -16.59 -0.40 -8.68
C SER A 24 -15.81 0.36 -9.74
N VAL A 25 -14.57 -0.07 -9.97
CA VAL A 25 -13.68 0.54 -10.95
C VAL A 25 -13.52 2.05 -10.71
N GLY A 26 -12.58 2.66 -11.44
CA GLY A 26 -12.35 4.08 -11.30
C GLY A 26 -10.90 4.46 -11.53
N ARG A 27 -10.39 5.36 -10.70
CA ARG A 27 -9.01 5.81 -10.82
C ARG A 27 -8.16 5.31 -9.65
N TRP A 28 -6.85 5.20 -9.87
CA TRP A 28 -5.93 4.74 -8.85
C TRP A 28 -5.63 5.85 -7.84
N LYS A 29 -4.88 5.50 -6.80
CA LYS A 29 -4.50 6.45 -5.77
C LYS A 29 -3.04 6.22 -5.38
N GLU A 30 -2.27 7.29 -5.25
CA GLU A 30 -0.86 7.17 -4.90
C GLU A 30 -0.53 7.88 -3.60
N ALA A 31 0.17 7.17 -2.71
CA ALA A 31 0.59 7.71 -1.43
C ALA A 31 2.05 7.36 -1.16
N THR A 32 2.85 8.37 -0.84
CA THR A 32 4.27 8.16 -0.60
C THR A 32 4.61 8.14 0.89
N ILE A 33 5.38 7.12 1.30
CA ILE A 33 5.81 6.96 2.68
C ILE A 33 7.26 6.50 2.72
N PRO A 34 8.19 7.39 3.09
CA PRO A 34 9.62 7.06 3.13
C PRO A 34 10.04 6.34 4.42
N GLY A 35 10.22 5.02 4.32
CA GLY A 35 10.63 4.24 5.47
C GLY A 35 9.50 3.93 6.43
N HIS A 36 8.27 4.24 6.04
CA HIS A 36 7.10 4.00 6.88
C HIS A 36 7.29 4.62 8.26
N LEU A 37 6.89 5.89 8.39
CA LEU A 37 7.03 6.61 9.65
C LEU A 37 6.13 6.00 10.73
N ASN A 38 5.10 5.28 10.30
CA ASN A 38 4.17 4.64 11.23
C ASN A 38 3.26 3.66 10.51
N SER A 39 2.28 3.12 11.23
CA SER A 39 1.34 2.18 10.64
C SER A 39 0.31 2.89 9.80
N TYR A 40 0.43 2.77 8.47
CA TYR A 40 -0.49 3.41 7.55
C TYR A 40 -1.41 2.38 6.89
N THR A 41 -2.69 2.40 7.27
CA THR A 41 -3.66 1.48 6.71
C THR A 41 -4.81 2.24 6.04
N ILE A 42 -5.07 1.92 4.78
CA ILE A 42 -6.13 2.58 4.02
C ILE A 42 -7.49 1.97 4.34
N LYS A 43 -8.38 2.79 4.88
CA LYS A 43 -9.73 2.33 5.23
C LYS A 43 -10.79 3.29 4.71
N GLY A 44 -11.05 3.22 3.41
CA GLY A 44 -12.05 4.07 2.80
C GLY A 44 -12.92 3.30 1.83
N LEU A 45 -12.96 1.98 2.02
CA LEU A 45 -13.77 1.11 1.17
C LEU A 45 -15.11 0.80 1.83
N LYS A 46 -15.72 -0.31 1.43
CA LYS A 46 -17.01 -0.71 1.99
C LYS A 46 -17.31 -2.17 1.66
N PRO A 47 -18.15 -2.83 2.48
CA PRO A 47 -18.51 -4.24 2.28
C PRO A 47 -19.09 -4.50 0.90
N GLY A 48 -18.38 -5.29 0.10
CA GLY A 48 -18.84 -5.60 -1.23
C GLY A 48 -17.87 -5.23 -2.32
N VAL A 49 -16.99 -4.27 -2.05
CA VAL A 49 -16.02 -3.83 -3.05
C VAL A 49 -14.59 -4.02 -2.57
N VAL A 50 -13.75 -4.51 -3.48
CA VAL A 50 -12.34 -4.71 -3.20
C VAL A 50 -11.51 -3.78 -4.07
N TYR A 51 -10.37 -3.36 -3.56
CA TYR A 51 -9.49 -2.47 -4.29
C TYR A 51 -8.18 -3.17 -4.61
N GLU A 52 -7.65 -2.88 -5.79
CA GLU A 52 -6.38 -3.47 -6.18
C GLU A 52 -5.25 -2.71 -5.51
N GLY A 53 -4.35 -3.41 -4.84
CA GLY A 53 -3.27 -2.73 -4.14
C GLY A 53 -1.90 -3.17 -4.59
N GLN A 54 -1.03 -2.19 -4.82
CA GLN A 54 0.33 -2.47 -5.24
C GLN A 54 1.33 -1.63 -4.45
N LEU A 55 2.19 -2.28 -3.69
CA LEU A 55 3.19 -1.58 -2.90
C LEU A 55 4.53 -1.62 -3.62
N ILE A 56 4.93 -0.47 -4.15
CA ILE A 56 6.18 -0.36 -4.88
C ILE A 56 7.20 0.48 -4.12
N SER A 57 8.28 -0.16 -3.70
CA SER A 57 9.33 0.54 -2.97
C SER A 57 10.29 1.18 -3.96
N ILE A 58 10.70 2.41 -3.64
CA ILE A 58 11.62 3.16 -4.50
C ILE A 58 12.95 3.40 -3.82
N GLN A 59 13.98 2.71 -4.29
CA GLN A 59 15.33 2.87 -3.74
C GLN A 59 16.06 4.02 -4.42
N GLN A 60 17.32 4.20 -4.07
CA GLN A 60 18.14 5.27 -4.64
C GLN A 60 18.29 5.13 -6.15
N TYR A 61 18.06 3.92 -6.66
CA TYR A 61 18.18 3.67 -8.10
C TYR A 61 16.81 3.59 -8.77
N GLY A 62 15.78 4.08 -8.08
CA GLY A 62 14.45 4.05 -8.64
C GLY A 62 13.76 2.72 -8.41
N HIS A 63 13.59 1.95 -9.49
CA HIS A 63 12.95 0.64 -9.40
C HIS A 63 13.61 -0.18 -8.31
N GLN A 64 12.88 -0.44 -7.22
CA GLN A 64 13.43 -1.18 -6.10
C GLN A 64 12.62 -2.44 -5.80
N GLU A 65 11.39 -2.28 -5.34
CA GLU A 65 10.55 -3.41 -4.98
C GLU A 65 9.10 -3.22 -5.41
N VAL A 66 8.46 -4.33 -5.79
CA VAL A 66 7.06 -4.29 -6.22
C VAL A 66 6.28 -5.44 -5.58
N THR A 67 5.10 -5.13 -5.06
CA THR A 67 4.25 -6.15 -4.42
C THR A 67 2.79 -5.98 -4.83
N ARG A 68 2.14 -7.10 -5.18
CA ARG A 68 0.74 -7.06 -5.59
C ARG A 68 -0.16 -7.75 -4.56
N PHE A 69 -1.14 -7.02 -4.06
CA PHE A 69 -2.08 -7.55 -3.08
C PHE A 69 -3.40 -6.79 -3.09
N ASP A 70 -4.51 -7.51 -3.09
CA ASP A 70 -5.83 -6.90 -3.10
C ASP A 70 -6.43 -6.90 -1.68
N PHE A 71 -7.05 -5.79 -1.30
CA PHE A 71 -7.64 -5.69 0.04
C PHE A 71 -8.83 -4.73 0.08
N THR A 72 -9.65 -4.92 1.12
CA THR A 72 -10.82 -4.08 1.35
C THR A 72 -11.01 -3.89 2.85
N THR A 73 -11.85 -2.94 3.23
CA THR A 73 -12.11 -2.66 4.63
C THR A 73 -12.89 -3.81 5.28
N THR A 74 -13.88 -4.33 4.58
CA THR A 74 -14.70 -5.43 5.09
C THR A 74 -14.89 -6.50 4.03
N SER A 75 -15.75 -7.49 4.33
CA SER A 75 -16.04 -8.58 3.41
C SER A 75 -14.81 -9.47 3.21
N THR A 76 -15.03 -10.60 2.55
CA THR A 76 -13.94 -11.55 2.29
C THR A 76 -13.51 -11.49 0.83
N SER A 77 -12.20 -11.47 0.60
CA SER A 77 -11.65 -11.41 -0.75
C SER A 77 -10.28 -12.08 -0.82
N THR A 78 -9.56 -12.06 0.29
CA THR A 78 -8.23 -12.67 0.35
C THR A 78 -7.99 -13.36 1.69
N PRO A 79 -8.06 -14.70 1.72
CA PRO A 79 -7.86 -15.49 2.94
C PRO A 79 -6.37 -15.65 3.27
N GLY A 80 -6.08 -16.51 4.25
CA GLY A 80 -4.71 -16.75 4.64
C GLY A 80 -4.06 -17.88 3.86
N SER A 81 -3.88 -17.67 2.56
CA SER A 81 -3.28 -18.68 1.70
C SER A 81 -1.94 -18.19 1.15
N ARG A 82 -1.66 -16.90 1.34
CA ARG A 82 -0.41 -16.32 0.86
C ARG A 82 0.44 -15.82 2.03
N SER A 83 1.46 -15.02 1.72
CA SER A 83 2.34 -14.47 2.73
C SER A 83 2.21 -12.95 2.81
N HIS A 84 2.32 -12.41 4.03
CA HIS A 84 2.21 -10.98 4.25
C HIS A 84 2.80 -10.59 5.60
N HIS A 85 2.48 -11.38 6.62
CA HIS A 85 2.99 -11.13 7.97
C HIS A 85 2.93 -12.40 8.81
N HIS A 86 3.70 -12.41 9.89
CA HIS A 86 3.75 -13.56 10.78
C HIS A 86 2.57 -13.55 11.76
N HIS A 87 1.41 -13.98 11.27
CA HIS A 87 0.21 -14.01 12.09
C HIS A 87 -0.55 -15.32 11.91
N HIS A 88 -1.72 -15.41 12.50
CA HIS A 88 -2.55 -16.61 12.40
C HIS A 88 -3.62 -16.44 11.34
N HIS A 89 -4.54 -17.41 11.26
CA HIS A 89 -5.62 -17.38 10.29
C HIS A 89 -5.08 -17.27 8.87
N MET A 1 1.02 15.37 11.72
CA MET A 1 0.15 16.57 11.63
C MET A 1 0.83 17.70 10.88
N ARG A 2 2.06 17.46 10.44
CA ARG A 2 2.82 18.46 9.69
C ARG A 2 3.20 17.94 8.31
N GLY A 3 4.09 16.95 8.28
CA GLY A 3 4.53 16.38 7.02
C GLY A 3 6.04 16.40 6.87
N SER A 4 6.71 15.63 7.70
CA SER A 4 8.18 15.55 7.66
C SER A 4 8.64 14.87 6.38
N ASN A 5 9.08 15.68 5.41
CA ASN A 5 9.56 15.16 4.15
C ASN A 5 11.08 15.08 4.12
N ALA A 6 11.73 16.24 4.05
CA ALA A 6 13.18 16.32 4.01
C ALA A 6 13.74 15.48 2.87
N PRO A 7 13.93 16.09 1.68
CA PRO A 7 14.46 15.38 0.51
C PRO A 7 15.78 14.68 0.81
N GLN A 8 16.02 13.57 0.13
CA GLN A 8 17.24 12.79 0.31
C GLN A 8 17.42 12.37 1.76
N PRO A 9 16.54 11.48 2.26
CA PRO A 9 16.61 10.99 3.64
C PRO A 9 17.62 9.86 3.81
N SER A 10 17.56 9.17 4.94
CA SER A 10 18.46 8.07 5.22
C SER A 10 17.90 6.77 4.67
N HIS A 11 16.62 6.53 4.91
CA HIS A 11 15.95 5.33 4.42
C HIS A 11 15.70 5.42 2.92
N ILE A 12 14.68 4.71 2.46
CA ILE A 12 14.32 4.72 1.05
C ILE A 12 13.82 6.10 0.65
N SER A 13 13.92 6.41 -0.64
CA SER A 13 13.46 7.70 -1.14
C SER A 13 11.98 7.87 -0.80
N LYS A 14 11.17 6.87 -1.17
CA LYS A 14 9.74 6.90 -0.91
C LYS A 14 9.06 5.61 -1.37
N TYR A 15 8.03 5.18 -0.63
CA TYR A 15 7.27 3.98 -0.99
C TYR A 15 5.97 4.41 -1.65
N ILE A 16 5.54 3.68 -2.67
CA ILE A 16 4.30 4.02 -3.37
C ILE A 16 3.25 2.94 -3.19
N LEU A 17 2.05 3.36 -2.86
CA LEU A 17 0.95 2.45 -2.68
C LEU A 17 -0.17 2.82 -3.64
N ARG A 18 -0.45 1.95 -4.59
CA ARG A 18 -1.49 2.21 -5.57
C ARG A 18 -2.68 1.29 -5.35
N TRP A 19 -3.87 1.88 -5.28
CA TRP A 19 -5.07 1.09 -5.08
C TRP A 19 -6.24 1.64 -5.87
N ARG A 20 -7.03 0.72 -6.43
CA ARG A 20 -8.19 1.07 -7.23
C ARG A 20 -9.23 -0.04 -7.16
N PRO A 21 -10.53 0.31 -7.17
CA PRO A 21 -11.61 -0.67 -7.08
C PRO A 21 -11.53 -1.72 -8.20
N LYS A 22 -11.35 -2.97 -7.79
CA LYS A 22 -11.26 -4.08 -8.73
C LYS A 22 -12.51 -4.18 -9.60
N ASN A 23 -13.59 -3.55 -9.15
CA ASN A 23 -14.85 -3.57 -9.89
C ASN A 23 -14.90 -2.47 -10.93
N SER A 24 -14.04 -1.46 -10.77
CA SER A 24 -13.99 -0.34 -11.71
C SER A 24 -13.14 -0.67 -12.93
N VAL A 25 -12.79 0.35 -13.69
CA VAL A 25 -11.97 0.17 -14.90
C VAL A 25 -10.53 0.59 -14.64
N GLY A 26 -10.35 1.51 -13.69
CA GLY A 26 -9.02 1.98 -13.37
C GLY A 26 -9.03 3.09 -12.33
N ARG A 27 -8.37 4.19 -12.64
CA ARG A 27 -8.30 5.34 -11.73
C ARG A 27 -7.71 4.93 -10.38
N TRP A 28 -6.45 4.49 -10.41
CA TRP A 28 -5.76 4.06 -9.20
C TRP A 28 -5.60 5.22 -8.23
N LYS A 29 -4.93 4.95 -7.11
CA LYS A 29 -4.69 5.96 -6.09
C LYS A 29 -3.21 5.93 -5.70
N GLU A 30 -2.68 7.07 -5.24
CA GLU A 30 -1.27 7.14 -4.86
C GLU A 30 -1.08 7.54 -3.40
N ALA A 31 -0.21 6.81 -2.72
CA ALA A 31 0.11 7.06 -1.32
C ALA A 31 1.61 6.85 -1.10
N THR A 32 2.30 7.91 -0.69
CA THR A 32 3.75 7.83 -0.49
C THR A 32 4.14 7.82 0.98
N ILE A 33 4.92 6.81 1.36
CA ILE A 33 5.43 6.66 2.71
C ILE A 33 6.88 6.18 2.68
N PRO A 34 7.85 7.06 2.95
CA PRO A 34 9.28 6.67 2.94
C PRO A 34 9.65 5.77 4.10
N GLY A 35 9.89 4.50 3.80
CA GLY A 35 10.25 3.55 4.83
C GLY A 35 9.12 3.29 5.82
N HIS A 36 8.65 2.05 5.86
CA HIS A 36 7.56 1.67 6.76
C HIS A 36 7.81 2.22 8.16
N LEU A 37 7.09 3.28 8.50
CA LEU A 37 7.23 3.92 9.81
C LEU A 37 6.41 3.16 10.85
N ASN A 38 5.27 2.61 10.41
CA ASN A 38 4.39 1.86 11.29
C ASN A 38 3.19 1.34 10.51
N SER A 39 2.11 1.01 11.22
CA SER A 39 0.91 0.51 10.57
C SER A 39 0.13 1.66 9.93
N TYR A 40 0.20 1.75 8.61
CA TYR A 40 -0.49 2.80 7.88
C TYR A 40 -1.85 2.32 7.38
N THR A 41 -2.91 2.92 7.93
CA THR A 41 -4.27 2.56 7.56
C THR A 41 -4.83 3.53 6.52
N ILE A 42 -5.69 3.02 5.64
CA ILE A 42 -6.30 3.84 4.61
C ILE A 42 -7.71 4.27 5.00
N LYS A 43 -7.89 5.59 5.18
CA LYS A 43 -9.17 6.19 5.55
C LYS A 43 -10.14 5.15 6.15
N GLY A 44 -11.00 4.60 5.29
CA GLY A 44 -11.97 3.61 5.75
C GLY A 44 -12.86 3.12 4.62
N LEU A 45 -12.61 1.90 4.16
CA LEU A 45 -13.39 1.31 3.08
C LEU A 45 -14.78 0.91 3.57
N LYS A 46 -15.56 0.27 2.70
CA LYS A 46 -16.91 -0.17 3.06
C LYS A 46 -17.30 -1.43 2.30
N PRO A 47 -18.32 -2.16 2.78
CA PRO A 47 -18.78 -3.40 2.15
C PRO A 47 -19.18 -3.21 0.68
N GLY A 48 -19.01 -4.26 -0.11
CA GLY A 48 -19.35 -4.20 -1.52
C GLY A 48 -18.34 -3.45 -2.36
N VAL A 49 -17.30 -2.91 -1.70
CA VAL A 49 -16.27 -2.16 -2.40
C VAL A 49 -14.89 -2.80 -2.21
N VAL A 50 -14.34 -3.33 -3.30
CA VAL A 50 -13.01 -3.94 -3.25
C VAL A 50 -11.93 -2.92 -3.57
N TYR A 51 -10.77 -3.10 -2.97
CA TYR A 51 -9.66 -2.21 -3.22
C TYR A 51 -8.35 -2.97 -3.31
N GLU A 52 -7.83 -3.08 -4.54
CA GLU A 52 -6.58 -3.78 -4.78
C GLU A 52 -5.42 -2.82 -4.60
N GLY A 53 -4.44 -3.22 -3.80
CA GLY A 53 -3.30 -2.36 -3.56
C GLY A 53 -1.98 -2.95 -4.03
N GLN A 54 -1.09 -2.06 -4.46
CA GLN A 54 0.23 -2.47 -4.94
C GLN A 54 1.29 -1.57 -4.32
N LEU A 55 2.16 -2.15 -3.51
CA LEU A 55 3.21 -1.37 -2.86
C LEU A 55 4.52 -1.51 -3.61
N ILE A 56 4.90 -0.44 -4.30
CA ILE A 56 6.14 -0.43 -5.06
C ILE A 56 7.14 0.54 -4.43
N SER A 57 8.26 0.00 -3.95
CA SER A 57 9.30 0.81 -3.33
C SER A 57 10.20 1.43 -4.38
N ILE A 58 10.47 2.72 -4.23
CA ILE A 58 11.31 3.47 -5.15
C ILE A 58 12.52 4.09 -4.44
N GLN A 59 13.71 3.94 -5.03
CA GLN A 59 14.91 4.54 -4.48
C GLN A 59 15.40 5.66 -5.39
N GLN A 60 16.55 6.23 -5.07
CA GLN A 60 17.11 7.31 -5.87
C GLN A 60 17.40 6.83 -7.30
N TYR A 61 17.45 5.51 -7.48
CA TYR A 61 17.72 4.93 -8.79
C TYR A 61 16.43 4.40 -9.41
N GLY A 62 15.34 4.44 -8.64
CA GLY A 62 14.05 3.99 -9.14
C GLY A 62 13.91 2.48 -9.16
N HIS A 63 12.68 1.99 -9.05
CA HIS A 63 12.42 0.55 -9.07
C HIS A 63 13.17 -0.15 -7.94
N GLN A 64 12.48 -0.40 -6.82
CA GLN A 64 13.10 -1.05 -5.68
C GLN A 64 12.36 -2.33 -5.28
N GLU A 65 11.10 -2.19 -4.91
CA GLU A 65 10.29 -3.33 -4.47
C GLU A 65 8.91 -3.32 -5.10
N VAL A 66 8.39 -4.52 -5.39
CA VAL A 66 7.05 -4.65 -5.97
C VAL A 66 6.26 -5.74 -5.24
N THR A 67 5.20 -5.33 -4.56
CA THR A 67 4.35 -6.27 -3.83
C THR A 67 2.88 -6.03 -4.10
N ARG A 68 2.17 -7.08 -4.51
CA ARG A 68 0.75 -6.96 -4.80
C ARG A 68 -0.09 -7.57 -3.68
N PHE A 69 -1.10 -6.81 -3.26
CA PHE A 69 -1.99 -7.26 -2.18
C PHE A 69 -3.35 -6.58 -2.27
N ASP A 70 -4.41 -7.39 -2.19
CA ASP A 70 -5.77 -6.88 -2.22
C ASP A 70 -6.28 -6.70 -0.80
N PHE A 71 -7.17 -5.74 -0.58
CA PHE A 71 -7.68 -5.50 0.76
C PHE A 71 -9.10 -4.92 0.75
N THR A 72 -9.85 -5.27 1.79
CA THR A 72 -11.22 -4.83 1.97
C THR A 72 -11.53 -4.73 3.46
N THR A 73 -12.35 -3.77 3.84
CA THR A 73 -12.70 -3.59 5.25
C THR A 73 -13.70 -4.65 5.71
N THR A 74 -14.66 -4.96 4.87
CA THR A 74 -15.68 -5.97 5.20
C THR A 74 -15.86 -6.97 4.06
N SER A 75 -15.54 -6.55 2.85
CA SER A 75 -15.68 -7.41 1.67
C SER A 75 -14.56 -8.46 1.63
N THR A 76 -14.49 -9.20 0.53
CA THR A 76 -13.48 -10.23 0.36
C THR A 76 -13.01 -10.32 -1.09
N SER A 77 -11.70 -10.31 -1.29
CA SER A 77 -11.13 -10.39 -2.64
C SER A 77 -9.70 -10.91 -2.60
N THR A 78 -9.38 -11.70 -1.58
CA THR A 78 -8.04 -12.27 -1.43
C THR A 78 -8.09 -13.80 -1.50
N PRO A 79 -8.04 -14.36 -2.72
CA PRO A 79 -8.08 -15.81 -2.93
C PRO A 79 -6.76 -16.49 -2.60
N GLY A 80 -5.81 -15.71 -2.07
CA GLY A 80 -4.51 -16.26 -1.72
C GLY A 80 -3.55 -15.20 -1.24
N SER A 81 -2.29 -15.57 -1.04
CA SER A 81 -1.28 -14.64 -0.57
C SER A 81 -1.02 -13.57 -1.61
N ARG A 82 -1.01 -13.96 -2.88
CA ARG A 82 -0.77 -13.02 -3.97
C ARG A 82 -1.57 -13.42 -5.21
N SER A 83 -1.68 -12.49 -6.15
CA SER A 83 -2.41 -12.73 -7.39
C SER A 83 -1.62 -12.23 -8.59
N HIS A 84 -1.62 -13.02 -9.66
CA HIS A 84 -0.88 -12.65 -10.87
C HIS A 84 -1.67 -13.05 -12.13
N HIS A 85 -2.08 -12.05 -12.89
CA HIS A 85 -2.83 -12.28 -14.12
C HIS A 85 -2.04 -11.82 -15.34
N HIS A 86 -1.55 -10.59 -15.29
CA HIS A 86 -0.77 -10.02 -16.39
C HIS A 86 0.17 -8.94 -15.87
N HIS A 87 -0.14 -8.43 -14.68
CA HIS A 87 0.68 -7.39 -14.05
C HIS A 87 0.71 -6.12 -14.91
N HIS A 88 1.65 -6.07 -15.85
CA HIS A 88 1.80 -4.92 -16.73
C HIS A 88 2.16 -3.66 -15.95
N HIS A 89 2.54 -2.61 -16.68
CA HIS A 89 2.92 -1.35 -16.05
C HIS A 89 1.77 -0.36 -16.09
N MET A 1 37.54 8.46 17.98
CA MET A 1 36.58 9.49 18.44
C MET A 1 35.45 9.66 17.44
N ARG A 2 35.80 10.07 16.22
CA ARG A 2 34.81 10.27 15.15
C ARG A 2 33.76 11.29 15.57
N GLY A 3 32.65 11.33 14.84
CA GLY A 3 31.60 12.27 15.15
C GLY A 3 30.68 12.51 13.97
N SER A 4 29.82 11.55 13.68
CA SER A 4 28.88 11.65 12.57
C SER A 4 27.72 12.57 12.92
N ASN A 5 26.80 12.74 11.98
CA ASN A 5 25.63 13.60 12.19
C ASN A 5 24.41 12.78 12.58
N ALA A 6 24.59 11.88 13.55
CA ALA A 6 23.51 11.01 14.02
C ALA A 6 22.96 10.15 12.88
N PRO A 7 23.42 8.90 12.78
CA PRO A 7 22.95 7.97 11.73
C PRO A 7 21.51 7.53 11.95
N GLN A 8 20.73 7.54 10.87
CA GLN A 8 19.33 7.13 10.95
C GLN A 8 19.00 6.14 9.83
N PRO A 9 18.33 5.02 10.18
CA PRO A 9 17.95 4.00 9.19
C PRO A 9 16.79 4.45 8.31
N SER A 10 17.09 5.25 7.29
CA SER A 10 16.08 5.75 6.38
C SER A 10 15.45 4.60 5.60
N HIS A 11 16.21 3.51 5.46
CA HIS A 11 15.73 2.33 4.73
C HIS A 11 15.39 2.68 3.29
N ILE A 12 14.14 3.09 3.06
CA ILE A 12 13.69 3.45 1.72
C ILE A 12 13.67 4.96 1.53
N SER A 13 13.73 5.38 0.28
CA SER A 13 13.69 6.80 -0.05
C SER A 13 12.23 7.26 -0.07
N LYS A 14 11.35 6.33 -0.45
CA LYS A 14 9.92 6.60 -0.51
C LYS A 14 9.15 5.33 -0.89
N TYR A 15 7.96 5.17 -0.30
CA TYR A 15 7.10 4.03 -0.59
C TYR A 15 5.91 4.48 -1.42
N ILE A 16 5.47 3.66 -2.36
CA ILE A 16 4.32 4.02 -3.18
C ILE A 16 3.15 3.09 -2.93
N LEU A 17 2.03 3.67 -2.53
CA LEU A 17 0.83 2.90 -2.26
C LEU A 17 -0.20 3.19 -3.34
N ARG A 18 -0.53 2.17 -4.12
CA ARG A 18 -1.49 2.32 -5.20
C ARG A 18 -2.65 1.33 -5.03
N TRP A 19 -3.87 1.85 -5.11
CA TRP A 19 -5.05 1.01 -4.98
C TRP A 19 -6.22 1.60 -5.77
N ARG A 20 -7.09 0.73 -6.27
CA ARG A 20 -8.23 1.17 -7.06
C ARG A 20 -9.39 0.16 -6.96
N PRO A 21 -10.63 0.67 -6.99
CA PRO A 21 -11.82 -0.19 -6.90
C PRO A 21 -11.91 -1.20 -8.03
N LYS A 22 -11.72 -2.47 -7.69
CA LYS A 22 -11.77 -3.56 -8.66
C LYS A 22 -13.16 -3.69 -9.28
N ASN A 23 -14.16 -3.14 -8.59
CA ASN A 23 -15.53 -3.19 -9.07
C ASN A 23 -15.71 -2.27 -10.28
N SER A 24 -14.77 -1.35 -10.45
CA SER A 24 -14.80 -0.40 -11.56
C SER A 24 -13.58 -0.60 -12.47
N VAL A 25 -13.31 0.41 -13.29
CA VAL A 25 -12.17 0.35 -14.20
C VAL A 25 -11.19 1.48 -13.93
N GLY A 26 -9.93 1.13 -13.71
CA GLY A 26 -8.90 2.12 -13.46
C GLY A 26 -9.17 2.92 -12.19
N ARG A 27 -8.85 4.21 -12.23
CA ARG A 27 -9.05 5.10 -11.10
C ARG A 27 -8.19 4.67 -9.91
N TRP A 28 -6.88 4.66 -10.13
CA TRP A 28 -5.93 4.27 -9.09
C TRP A 28 -5.76 5.41 -8.08
N LYS A 29 -4.99 5.14 -7.02
CA LYS A 29 -4.71 6.13 -5.99
C LYS A 29 -3.27 5.97 -5.52
N GLU A 30 -2.53 7.07 -5.43
CA GLU A 30 -1.13 7.00 -5.03
C GLU A 30 -0.86 7.80 -3.76
N ALA A 31 -0.09 7.18 -2.87
CA ALA A 31 0.29 7.80 -1.60
C ALA A 31 1.72 7.44 -1.27
N THR A 32 2.62 8.43 -1.31
CA THR A 32 4.03 8.19 -1.03
C THR A 32 4.35 8.31 0.46
N ILE A 33 5.09 7.32 0.97
CA ILE A 33 5.50 7.30 2.36
C ILE A 33 6.93 6.79 2.48
N PRO A 34 7.90 7.67 2.75
CA PRO A 34 9.32 7.28 2.87
C PRO A 34 9.57 6.24 3.95
N GLY A 35 10.84 5.85 4.10
CA GLY A 35 11.21 4.86 5.09
C GLY A 35 10.99 5.35 6.51
N HIS A 36 9.79 5.11 7.01
CA HIS A 36 9.42 5.53 8.36
C HIS A 36 7.98 5.11 8.65
N LEU A 37 7.08 5.55 7.78
CA LEU A 37 5.67 5.23 7.91
C LEU A 37 5.41 3.81 7.39
N ASN A 38 6.47 3.19 6.86
CA ASN A 38 6.40 1.83 6.32
C ASN A 38 5.12 1.65 5.48
N SER A 39 4.32 0.64 5.81
CA SER A 39 3.08 0.39 5.09
C SER A 39 1.93 1.17 5.68
N TYR A 40 1.35 2.08 4.89
CA TYR A 40 0.23 2.89 5.35
C TYR A 40 -1.07 2.12 5.18
N THR A 41 -1.84 2.02 6.26
CA THR A 41 -3.11 1.30 6.23
C THR A 41 -4.29 2.27 6.05
N ILE A 42 -5.32 1.79 5.38
CA ILE A 42 -6.52 2.59 5.14
C ILE A 42 -7.65 2.09 6.02
N LYS A 43 -8.30 3.02 6.70
CA LYS A 43 -9.39 2.69 7.62
C LYS A 43 -10.58 2.03 6.92
N GLY A 44 -11.70 2.74 6.85
CA GLY A 44 -12.90 2.20 6.24
C GLY A 44 -12.92 2.28 4.73
N LEU A 45 -13.42 1.22 4.10
CA LEU A 45 -13.53 1.14 2.66
C LEU A 45 -14.96 0.80 2.24
N LYS A 46 -15.84 0.70 3.23
CA LYS A 46 -17.25 0.38 2.99
C LYS A 46 -17.44 -1.00 2.37
N PRO A 47 -18.62 -1.62 2.58
CA PRO A 47 -18.93 -2.95 2.04
C PRO A 47 -19.30 -2.91 0.57
N GLY A 48 -19.10 -4.04 -0.11
CA GLY A 48 -19.42 -4.12 -1.53
C GLY A 48 -18.43 -3.35 -2.38
N VAL A 49 -17.41 -2.80 -1.74
CA VAL A 49 -16.39 -2.05 -2.44
C VAL A 49 -15.02 -2.71 -2.29
N VAL A 50 -14.48 -3.22 -3.40
CA VAL A 50 -13.18 -3.85 -3.37
C VAL A 50 -12.09 -2.83 -3.64
N TYR A 51 -10.94 -3.05 -3.05
CA TYR A 51 -9.82 -2.16 -3.24
C TYR A 51 -8.53 -2.93 -3.40
N GLU A 52 -8.04 -3.02 -4.64
CA GLU A 52 -6.82 -3.72 -4.92
C GLU A 52 -5.65 -2.76 -4.82
N GLY A 53 -4.65 -3.14 -4.05
CA GLY A 53 -3.51 -2.27 -3.87
C GLY A 53 -2.20 -3.01 -3.82
N GLN A 54 -1.15 -2.37 -4.30
CA GLN A 54 0.18 -2.95 -4.30
C GLN A 54 1.19 -1.93 -3.80
N LEU A 55 2.12 -2.36 -2.97
CA LEU A 55 3.12 -1.47 -2.42
C LEU A 55 4.44 -1.56 -3.17
N ILE A 56 4.74 -0.53 -3.93
CA ILE A 56 5.97 -0.47 -4.69
C ILE A 56 6.98 0.43 -3.99
N SER A 57 8.08 -0.17 -3.51
CA SER A 57 9.11 0.57 -2.81
C SER A 57 10.13 1.14 -3.79
N ILE A 58 10.51 2.39 -3.57
CA ILE A 58 11.48 3.07 -4.42
C ILE A 58 12.71 3.50 -3.63
N GLN A 59 13.89 3.22 -4.18
CA GLN A 59 15.15 3.61 -3.55
C GLN A 59 15.61 4.97 -4.07
N GLN A 60 16.78 5.40 -3.64
CA GLN A 60 17.32 6.70 -4.05
C GLN A 60 17.51 6.77 -5.57
N TYR A 61 17.78 5.62 -6.20
CA TYR A 61 17.98 5.59 -7.65
C TYR A 61 16.73 5.09 -8.37
N GLY A 62 15.64 4.93 -7.63
CA GLY A 62 14.40 4.47 -8.23
C GLY A 62 14.22 2.96 -8.14
N HIS A 63 12.96 2.53 -8.03
CA HIS A 63 12.63 1.11 -7.94
C HIS A 63 13.20 0.49 -6.67
N GLN A 64 12.60 -0.63 -6.23
CA GLN A 64 13.08 -1.31 -5.03
C GLN A 64 12.27 -2.57 -4.73
N GLU A 65 10.96 -2.43 -4.57
CA GLU A 65 10.10 -3.56 -4.25
C GLU A 65 8.72 -3.47 -4.90
N VAL A 66 8.18 -4.61 -5.30
CA VAL A 66 6.85 -4.67 -5.92
C VAL A 66 6.03 -5.81 -5.33
N THR A 67 4.96 -5.47 -4.63
CA THR A 67 4.10 -6.48 -4.04
C THR A 67 2.62 -6.11 -4.22
N ARG A 68 1.87 -6.98 -4.89
CA ARG A 68 0.46 -6.74 -5.14
C ARG A 68 -0.41 -7.48 -4.12
N PHE A 69 -1.39 -6.77 -3.56
CA PHE A 69 -2.27 -7.37 -2.56
C PHE A 69 -3.67 -6.76 -2.59
N ASP A 70 -4.69 -7.62 -2.62
CA ASP A 70 -6.08 -7.15 -2.63
C ASP A 70 -6.63 -7.14 -1.21
N PHE A 71 -7.45 -6.12 -0.88
CA PHE A 71 -8.00 -6.02 0.46
C PHE A 71 -9.34 -5.27 0.48
N THR A 72 -10.07 -5.48 1.56
CA THR A 72 -11.37 -4.84 1.78
C THR A 72 -11.59 -4.61 3.27
N THR A 73 -12.59 -3.80 3.61
CA THR A 73 -12.89 -3.51 5.01
C THR A 73 -13.99 -4.40 5.56
N THR A 74 -15.07 -4.53 4.80
CA THR A 74 -16.20 -5.35 5.22
C THR A 74 -16.72 -6.20 4.05
N SER A 75 -16.11 -6.01 2.89
CA SER A 75 -16.49 -6.76 1.69
C SER A 75 -15.71 -8.05 1.59
N THR A 76 -16.16 -8.96 0.71
CA THR A 76 -15.50 -10.24 0.52
C THR A 76 -14.45 -10.17 -0.58
N SER A 77 -13.19 -10.05 -0.18
CA SER A 77 -12.08 -9.98 -1.13
C SER A 77 -10.74 -10.01 -0.41
N THR A 78 -10.05 -11.15 -0.47
CA THR A 78 -8.76 -11.30 0.18
C THR A 78 -8.06 -12.58 -0.30
N PRO A 79 -6.88 -12.44 -0.93
CA PRO A 79 -6.13 -13.60 -1.44
C PRO A 79 -5.63 -14.50 -0.31
N GLY A 80 -5.51 -15.79 -0.59
CA GLY A 80 -5.05 -16.73 0.40
C GLY A 80 -3.72 -17.37 0.04
N SER A 81 -3.43 -17.43 -1.26
CA SER A 81 -2.19 -18.00 -1.74
C SER A 81 -1.76 -17.37 -3.06
N ARG A 82 -1.56 -16.05 -3.04
CA ARG A 82 -1.15 -15.30 -4.22
C ARG A 82 -2.24 -15.33 -5.30
N SER A 83 -2.21 -14.33 -6.17
CA SER A 83 -3.19 -14.24 -7.25
C SER A 83 -2.87 -15.23 -8.36
N HIS A 84 -3.87 -15.50 -9.20
CA HIS A 84 -3.69 -16.43 -10.31
C HIS A 84 -2.71 -15.88 -11.34
N HIS A 85 -1.52 -16.48 -11.39
CA HIS A 85 -0.50 -16.06 -12.34
C HIS A 85 -0.80 -16.57 -13.74
N HIS A 86 -1.52 -15.76 -14.52
CA HIS A 86 -1.89 -16.13 -15.88
C HIS A 86 -0.65 -16.22 -16.77
N HIS A 87 -0.13 -15.07 -17.18
CA HIS A 87 1.05 -15.03 -18.03
C HIS A 87 1.69 -13.64 -18.03
N HIS A 88 0.86 -12.61 -17.81
CA HIS A 88 1.35 -11.25 -17.78
C HIS A 88 1.12 -10.62 -16.41
N HIS A 89 2.17 -10.58 -15.59
CA HIS A 89 2.09 -10.02 -14.26
C HIS A 89 2.63 -8.58 -14.24
N MET A 1 20.49 -1.71 19.66
CA MET A 1 19.47 -1.23 20.63
C MET A 1 18.48 -2.33 20.97
N ARG A 2 17.84 -2.89 19.96
CA ARG A 2 16.86 -3.95 20.15
C ARG A 2 17.15 -5.13 19.21
N GLY A 3 17.90 -4.87 18.15
CA GLY A 3 18.24 -5.91 17.20
C GLY A 3 19.54 -6.60 17.54
N SER A 4 20.24 -6.07 18.54
CA SER A 4 21.52 -6.63 18.97
C SER A 4 22.55 -6.60 17.84
N ASN A 5 22.55 -7.62 17.00
CA ASN A 5 23.49 -7.70 15.89
C ASN A 5 23.33 -6.50 14.96
N ALA A 6 22.09 -6.25 14.53
CA ALA A 6 21.80 -5.14 13.64
C ALA A 6 20.79 -4.18 14.28
N PRO A 7 21.18 -2.91 14.46
CA PRO A 7 20.30 -1.90 15.07
C PRO A 7 19.07 -1.61 14.19
N GLN A 8 19.19 -0.58 13.35
CA GLN A 8 18.10 -0.21 12.45
C GLN A 8 18.13 -1.05 11.18
N PRO A 9 16.95 -1.34 10.59
CA PRO A 9 16.85 -2.14 9.37
C PRO A 9 17.33 -1.37 8.14
N SER A 10 16.85 -1.81 6.98
CA SER A 10 17.23 -1.18 5.71
C SER A 10 16.00 -0.64 5.00
N HIS A 11 15.41 0.41 5.56
CA HIS A 11 14.21 1.02 4.97
C HIS A 11 14.52 1.61 3.60
N ILE A 12 13.46 1.87 2.83
CA ILE A 12 13.60 2.44 1.50
C ILE A 12 13.39 3.96 1.53
N SER A 13 14.02 4.66 0.59
CA SER A 13 13.90 6.10 0.51
C SER A 13 12.43 6.51 0.56
N LYS A 14 11.61 5.83 -0.23
CA LYS A 14 10.18 6.11 -0.26
C LYS A 14 9.40 4.94 -0.88
N TYR A 15 8.21 4.70 -0.36
CA TYR A 15 7.35 3.63 -0.85
C TYR A 15 6.11 4.22 -1.51
N ILE A 16 5.67 3.64 -2.61
CA ILE A 16 4.49 4.13 -3.31
C ILE A 16 3.37 3.10 -3.26
N LEU A 17 2.21 3.54 -2.77
CA LEU A 17 1.07 2.65 -2.67
C LEU A 17 0.01 3.05 -3.69
N ARG A 18 -0.24 2.17 -4.65
CA ARG A 18 -1.22 2.42 -5.67
C ARG A 18 -2.39 1.46 -5.51
N TRP A 19 -3.60 1.99 -5.48
CA TRP A 19 -4.77 1.14 -5.32
C TRP A 19 -5.98 1.67 -6.08
N ARG A 20 -6.80 0.74 -6.54
CA ARG A 20 -8.00 1.07 -7.30
C ARG A 20 -9.05 -0.01 -7.10
N PRO A 21 -10.35 0.37 -7.08
CA PRO A 21 -11.44 -0.59 -6.88
C PRO A 21 -11.44 -1.69 -7.93
N LYS A 22 -11.12 -2.90 -7.50
CA LYS A 22 -11.09 -4.05 -8.40
C LYS A 22 -12.51 -4.41 -8.84
N ASN A 23 -13.47 -4.18 -7.95
CA ASN A 23 -14.87 -4.48 -8.23
C ASN A 23 -15.50 -3.37 -9.06
N SER A 24 -14.86 -2.20 -9.05
CA SER A 24 -15.35 -1.05 -9.79
C SER A 24 -14.19 -0.16 -10.24
N VAL A 25 -13.44 -0.64 -11.22
CA VAL A 25 -12.28 0.09 -11.75
C VAL A 25 -12.61 1.55 -12.02
N GLY A 26 -11.62 2.42 -11.83
CA GLY A 26 -11.81 3.84 -12.06
C GLY A 26 -10.69 4.68 -11.47
N ARG A 27 -9.57 4.75 -12.18
CA ARG A 27 -8.42 5.54 -11.73
C ARG A 27 -7.81 4.97 -10.45
N TRP A 28 -6.50 5.12 -10.31
CA TRP A 28 -5.79 4.62 -9.13
C TRP A 28 -5.49 5.77 -8.16
N LYS A 29 -4.78 5.45 -7.08
CA LYS A 29 -4.40 6.45 -6.08
C LYS A 29 -2.97 6.20 -5.62
N GLU A 30 -2.29 7.25 -5.17
CA GLU A 30 -0.90 7.10 -4.73
C GLU A 30 -0.69 7.61 -3.31
N ALA A 31 0.09 6.85 -2.55
CA ALA A 31 0.42 7.19 -1.16
C ALA A 31 1.88 6.85 -0.88
N THR A 32 2.70 7.87 -0.67
CA THR A 32 4.13 7.66 -0.41
C THR A 32 4.45 7.60 1.09
N ILE A 33 5.11 6.51 1.49
CA ILE A 33 5.52 6.32 2.87
C ILE A 33 6.94 5.74 2.92
N PRO A 34 7.93 6.57 3.32
CA PRO A 34 9.33 6.15 3.38
C PRO A 34 9.58 5.04 4.40
N GLY A 35 9.88 3.83 3.89
CA GLY A 35 10.16 2.70 4.75
C GLY A 35 9.12 2.48 5.84
N HIS A 36 7.90 2.96 5.62
CA HIS A 36 6.83 2.81 6.60
C HIS A 36 7.18 3.49 7.91
N LEU A 37 6.43 4.52 8.27
CA LEU A 37 6.65 5.26 9.50
C LEU A 37 6.02 4.54 10.68
N ASN A 38 4.90 3.89 10.44
CA ASN A 38 4.18 3.16 11.47
C ASN A 38 2.97 2.45 10.87
N SER A 39 1.94 2.22 11.68
CA SER A 39 0.74 1.57 11.19
C SER A 39 -0.10 2.57 10.39
N TYR A 40 -0.07 2.42 9.06
CA TYR A 40 -0.81 3.31 8.19
C TYR A 40 -1.85 2.53 7.38
N THR A 41 -3.11 2.94 7.52
CA THR A 41 -4.20 2.29 6.81
C THR A 41 -4.92 3.26 5.89
N ILE A 42 -5.32 2.77 4.72
CA ILE A 42 -6.03 3.59 3.74
C ILE A 42 -7.53 3.51 3.97
N LYS A 43 -8.18 4.67 4.02
CA LYS A 43 -9.62 4.73 4.22
C LYS A 43 -10.32 5.26 2.98
N GLY A 44 -11.61 4.93 2.85
CA GLY A 44 -12.37 5.39 1.70
C GLY A 44 -13.05 4.25 0.98
N LEU A 45 -13.21 3.12 1.68
CA LEU A 45 -13.85 1.94 1.10
C LEU A 45 -15.08 1.55 1.93
N LYS A 46 -15.79 0.51 1.50
CA LYS A 46 -16.99 0.06 2.20
C LYS A 46 -17.07 -1.46 2.26
N PRO A 47 -17.91 -2.02 3.16
CA PRO A 47 -18.07 -3.47 3.31
C PRO A 47 -18.68 -4.12 2.07
N GLY A 48 -17.88 -4.89 1.35
CA GLY A 48 -18.37 -5.57 0.17
C GLY A 48 -17.62 -5.18 -1.10
N VAL A 49 -16.64 -4.30 -0.97
CA VAL A 49 -15.86 -3.86 -2.11
C VAL A 49 -14.37 -4.18 -1.93
N VAL A 50 -13.75 -4.67 -2.99
CA VAL A 50 -12.34 -5.00 -2.94
C VAL A 50 -11.53 -4.08 -3.84
N TYR A 51 -10.38 -3.65 -3.35
CA TYR A 51 -9.49 -2.79 -4.10
C TYR A 51 -8.24 -3.57 -4.46
N GLU A 52 -7.38 -2.98 -5.26
CA GLU A 52 -6.14 -3.64 -5.63
C GLU A 52 -4.98 -2.83 -5.09
N GLY A 53 -4.05 -3.48 -4.39
CA GLY A 53 -2.93 -2.75 -3.82
C GLY A 53 -1.59 -3.16 -4.38
N GLN A 54 -0.80 -2.15 -4.74
CA GLN A 54 0.54 -2.38 -5.28
C GLN A 54 1.56 -1.46 -4.60
N LEU A 55 2.48 -2.05 -3.84
CA LEU A 55 3.49 -1.25 -3.15
C LEU A 55 4.82 -1.29 -3.91
N ILE A 56 5.16 -0.18 -4.53
CA ILE A 56 6.39 -0.07 -5.29
C ILE A 56 7.46 0.68 -4.50
N SER A 57 8.54 -0.01 -4.16
CA SER A 57 9.63 0.60 -3.41
C SER A 57 10.55 1.36 -4.36
N ILE A 58 10.66 2.66 -4.13
CA ILE A 58 11.50 3.52 -4.94
C ILE A 58 12.72 4.01 -4.17
N GLN A 59 13.90 3.66 -4.67
CA GLN A 59 15.14 4.07 -4.06
C GLN A 59 15.64 5.36 -4.69
N GLN A 60 16.82 5.81 -4.28
CA GLN A 60 17.40 7.04 -4.81
C GLN A 60 17.62 6.94 -6.32
N TYR A 61 17.62 5.71 -6.84
CA TYR A 61 17.83 5.49 -8.27
C TYR A 61 16.51 5.17 -8.98
N GLY A 62 15.43 5.04 -8.20
CA GLY A 62 14.13 4.74 -8.78
C GLY A 62 13.53 3.46 -8.23
N HIS A 63 12.33 3.12 -8.69
CA HIS A 63 11.63 1.92 -8.25
C HIS A 63 12.55 0.70 -8.31
N GLN A 64 12.22 -0.32 -7.53
CA GLN A 64 13.02 -1.54 -7.50
C GLN A 64 12.28 -2.70 -6.83
N GLU A 65 11.09 -2.44 -6.33
CA GLU A 65 10.29 -3.47 -5.66
C GLU A 65 8.80 -3.29 -5.93
N VAL A 66 8.13 -4.39 -6.27
CA VAL A 66 6.69 -4.34 -6.54
C VAL A 66 5.97 -5.50 -5.85
N THR A 67 4.87 -5.19 -5.19
CA THR A 67 4.09 -6.22 -4.49
C THR A 67 2.59 -6.01 -4.71
N ARG A 68 1.88 -7.11 -4.95
CA ARG A 68 0.44 -7.05 -5.18
C ARG A 68 -0.33 -7.65 -4.01
N PHE A 69 -1.43 -7.02 -3.63
CA PHE A 69 -2.25 -7.50 -2.51
C PHE A 69 -3.72 -7.22 -2.72
N ASP A 70 -4.54 -7.94 -1.95
CA ASP A 70 -5.98 -7.77 -2.02
C ASP A 70 -6.36 -6.73 -0.99
N PHE A 71 -7.31 -5.90 -1.36
CA PHE A 71 -7.69 -4.78 -0.54
C PHE A 71 -9.16 -4.80 -0.10
N THR A 72 -9.38 -4.43 1.15
CA THR A 72 -10.71 -4.35 1.75
C THR A 72 -10.69 -3.31 2.87
N THR A 73 -11.86 -2.93 3.37
CA THR A 73 -11.94 -1.94 4.44
C THR A 73 -12.50 -2.54 5.73
N THR A 74 -13.77 -2.95 5.69
CA THR A 74 -14.43 -3.53 6.83
C THR A 74 -14.61 -5.03 6.66
N SER A 75 -14.79 -5.46 5.42
CA SER A 75 -14.97 -6.87 5.12
C SER A 75 -13.64 -7.59 5.14
N THR A 76 -13.26 -8.11 6.31
CA THR A 76 -11.99 -8.83 6.46
C THR A 76 -11.86 -9.93 5.42
N SER A 77 -11.01 -9.70 4.42
CA SER A 77 -10.79 -10.67 3.37
C SER A 77 -9.48 -10.38 2.63
N THR A 78 -8.44 -11.13 2.97
CA THR A 78 -7.13 -10.96 2.35
C THR A 78 -6.43 -12.30 2.12
N PRO A 79 -6.96 -13.12 1.19
CA PRO A 79 -6.39 -14.44 0.88
C PRO A 79 -5.12 -14.33 0.05
N GLY A 80 -4.70 -15.46 -0.52
CA GLY A 80 -3.49 -15.49 -1.34
C GLY A 80 -2.25 -15.13 -0.55
N SER A 81 -1.50 -16.15 -0.14
CA SER A 81 -0.28 -15.95 0.63
C SER A 81 -0.56 -15.13 1.88
N ARG A 82 0.42 -14.35 2.32
CA ARG A 82 0.28 -13.52 3.51
C ARG A 82 -0.06 -14.37 4.73
N SER A 83 -0.85 -13.82 5.65
CA SER A 83 -1.23 -14.54 6.87
C SER A 83 -1.98 -15.82 6.52
N HIS A 84 -2.28 -16.62 7.54
CA HIS A 84 -2.99 -17.88 7.34
C HIS A 84 -4.45 -17.76 7.78
N HIS A 85 -5.33 -18.46 7.09
CA HIS A 85 -6.76 -18.45 7.41
C HIS A 85 -7.45 -19.69 6.87
N HIS A 86 -7.58 -19.77 5.55
CA HIS A 86 -8.22 -20.91 4.90
C HIS A 86 -7.16 -21.89 4.40
N HIS A 87 -5.93 -21.72 4.87
CA HIS A 87 -4.83 -22.58 4.46
C HIS A 87 -4.54 -23.63 5.54
N HIS A 88 -3.41 -24.32 5.40
CA HIS A 88 -3.02 -25.34 6.35
C HIS A 88 -1.51 -25.31 6.60
N HIS A 89 -1.12 -25.27 7.88
CA HIS A 89 0.29 -25.23 8.25
C HIS A 89 0.73 -26.56 8.86
N MET A 1 6.29 22.72 15.13
CA MET A 1 5.31 21.76 14.55
C MET A 1 5.71 20.31 14.84
N ARG A 2 4.88 19.62 15.60
CA ARG A 2 5.14 18.22 15.95
C ARG A 2 4.33 17.28 15.07
N GLY A 3 5.03 16.47 14.29
CA GLY A 3 4.35 15.52 13.40
C GLY A 3 5.16 14.27 13.18
N SER A 4 5.42 13.95 11.91
CA SER A 4 6.18 12.75 11.56
C SER A 4 7.25 13.08 10.52
N ASN A 5 8.50 13.14 10.97
CA ASN A 5 9.62 13.45 10.08
C ASN A 5 9.88 12.30 9.11
N ALA A 6 9.42 11.11 9.48
CA ALA A 6 9.60 9.92 8.66
C ALA A 6 11.08 9.65 8.39
N PRO A 7 11.71 8.80 9.22
CA PRO A 7 13.14 8.47 9.08
C PRO A 7 13.46 7.88 7.71
N GLN A 8 14.51 8.42 7.08
CA GLN A 8 14.93 7.94 5.77
C GLN A 8 16.42 8.24 5.54
N PRO A 9 17.30 7.57 6.30
CA PRO A 9 18.75 7.77 6.18
C PRO A 9 19.31 7.16 4.90
N SER A 10 19.38 5.84 4.87
CA SER A 10 19.90 5.13 3.71
C SER A 10 18.95 3.99 3.32
N HIS A 11 17.85 3.85 4.06
CA HIS A 11 16.88 2.81 3.77
C HIS A 11 16.17 3.06 2.44
N ILE A 12 14.94 3.55 2.51
CA ILE A 12 14.17 3.84 1.30
C ILE A 12 14.09 5.34 1.03
N SER A 13 14.03 5.71 -0.24
CA SER A 13 13.92 7.11 -0.60
C SER A 13 12.48 7.55 -0.34
N LYS A 14 11.54 6.70 -0.73
CA LYS A 14 10.12 6.95 -0.55
C LYS A 14 9.30 5.74 -1.00
N TYR A 15 8.20 5.47 -0.30
CA TYR A 15 7.34 4.34 -0.66
C TYR A 15 6.13 4.84 -1.44
N ILE A 16 5.60 4.00 -2.32
CA ILE A 16 4.44 4.37 -3.10
C ILE A 16 3.33 3.34 -2.94
N LEU A 17 2.17 3.82 -2.51
CA LEU A 17 1.02 2.96 -2.33
C LEU A 17 -0.02 3.27 -3.39
N ARG A 18 -0.27 2.32 -4.27
CA ARG A 18 -1.24 2.51 -5.34
C ARG A 18 -2.41 1.57 -5.15
N TRP A 19 -3.61 2.12 -5.21
CA TRP A 19 -4.81 1.32 -5.04
C TRP A 19 -5.93 1.76 -5.97
N ARG A 20 -6.76 0.81 -6.36
CA ARG A 20 -7.87 1.07 -7.26
C ARG A 20 -8.93 -0.04 -7.14
N PRO A 21 -10.21 0.31 -7.32
CA PRO A 21 -11.31 -0.66 -7.23
C PRO A 21 -11.16 -1.83 -8.19
N LYS A 22 -10.97 -3.02 -7.63
CA LYS A 22 -10.81 -4.22 -8.43
C LYS A 22 -12.15 -4.68 -9.01
N ASN A 23 -13.23 -4.30 -8.34
CA ASN A 23 -14.57 -4.69 -8.77
C ASN A 23 -15.12 -3.69 -9.80
N SER A 24 -14.78 -2.41 -9.63
CA SER A 24 -15.24 -1.38 -10.54
C SER A 24 -14.11 -0.87 -11.42
N VAL A 25 -14.39 0.15 -12.22
CA VAL A 25 -13.39 0.73 -13.10
C VAL A 25 -13.18 2.20 -12.79
N GLY A 26 -11.92 2.61 -12.68
CA GLY A 26 -11.60 4.00 -12.38
C GLY A 26 -10.10 4.27 -12.43
N ARG A 27 -9.70 5.42 -11.89
CA ARG A 27 -8.29 5.79 -11.88
C ARG A 27 -7.62 5.33 -10.59
N TRP A 28 -6.32 5.04 -10.68
CA TRP A 28 -5.56 4.58 -9.52
C TRP A 28 -5.29 5.72 -8.54
N LYS A 29 -4.64 5.41 -7.44
CA LYS A 29 -4.32 6.41 -6.43
C LYS A 29 -2.89 6.19 -5.93
N GLU A 30 -2.26 7.25 -5.43
CA GLU A 30 -0.89 7.14 -4.94
C GLU A 30 -0.71 7.83 -3.60
N ALA A 31 -0.06 7.13 -2.67
CA ALA A 31 0.22 7.65 -1.34
C ALA A 31 1.64 7.29 -0.94
N THR A 32 2.50 8.31 -0.84
CA THR A 32 3.90 8.07 -0.50
C THR A 32 4.16 8.13 1.01
N ILE A 33 4.96 7.17 1.47
CA ILE A 33 5.35 7.09 2.86
C ILE A 33 6.82 6.69 2.96
N PRO A 34 7.72 7.65 3.25
CA PRO A 34 9.15 7.37 3.35
C PRO A 34 9.54 6.74 4.68
N GLY A 35 10.24 5.62 4.61
CA GLY A 35 10.68 4.93 5.82
C GLY A 35 9.73 3.84 6.25
N HIS A 36 10.19 2.98 7.15
CA HIS A 36 9.38 1.88 7.66
C HIS A 36 8.44 2.37 8.77
N LEU A 37 7.48 3.21 8.39
CA LEU A 37 6.52 3.76 9.34
C LEU A 37 5.43 2.75 9.67
N ASN A 38 5.50 1.58 8.99
CA ASN A 38 4.54 0.47 9.15
C ASN A 38 3.61 0.39 7.93
N SER A 39 2.78 -0.64 7.91
CA SER A 39 1.85 -0.84 6.80
C SER A 39 0.66 0.10 6.91
N TYR A 40 0.58 1.05 5.97
CA TYR A 40 -0.51 2.02 5.96
C TYR A 40 -1.59 1.58 4.97
N THR A 41 -2.79 1.33 5.48
CA THR A 41 -3.91 0.89 4.65
C THR A 41 -5.13 1.76 4.87
N ILE A 42 -5.85 2.05 3.79
CA ILE A 42 -7.06 2.87 3.86
C ILE A 42 -8.30 2.00 4.04
N LYS A 43 -8.98 2.17 5.18
CA LYS A 43 -10.18 1.41 5.47
C LYS A 43 -11.39 2.32 5.65
N GLY A 44 -11.50 3.33 4.79
CA GLY A 44 -12.60 4.25 4.86
C GLY A 44 -13.69 3.96 3.84
N LEU A 45 -13.58 2.80 3.21
CA LEU A 45 -14.57 2.39 2.20
C LEU A 45 -15.79 1.76 2.86
N LYS A 46 -16.87 1.60 2.09
CA LYS A 46 -18.11 1.02 2.61
C LYS A 46 -18.18 -0.49 2.35
N PRO A 47 -18.58 -1.27 3.37
CA PRO A 47 -18.70 -2.74 3.28
C PRO A 47 -19.25 -3.23 1.94
N GLY A 48 -18.47 -4.09 1.27
CA GLY A 48 -18.92 -4.65 0.01
C GLY A 48 -18.07 -4.24 -1.18
N VAL A 49 -16.96 -3.56 -0.94
CA VAL A 49 -16.08 -3.13 -2.03
C VAL A 49 -14.67 -3.67 -1.90
N VAL A 50 -14.12 -4.14 -3.02
CA VAL A 50 -12.76 -4.65 -3.04
C VAL A 50 -11.88 -3.78 -3.92
N TYR A 51 -10.72 -3.43 -3.41
CA TYR A 51 -9.77 -2.61 -4.15
C TYR A 51 -8.52 -3.42 -4.40
N GLU A 52 -7.50 -2.79 -4.95
CA GLU A 52 -6.24 -3.47 -5.19
C GLU A 52 -5.11 -2.68 -4.54
N GLY A 53 -4.28 -3.35 -3.76
CA GLY A 53 -3.20 -2.67 -3.09
C GLY A 53 -1.84 -3.13 -3.55
N GLN A 54 -1.08 -2.20 -4.10
CA GLN A 54 0.27 -2.49 -4.57
C GLN A 54 1.24 -1.43 -4.08
N LEU A 55 2.15 -1.82 -3.21
CA LEU A 55 3.12 -0.89 -2.65
C LEU A 55 4.49 -1.04 -3.30
N ILE A 56 4.84 -0.08 -4.14
CA ILE A 56 6.13 -0.07 -4.82
C ILE A 56 7.08 0.87 -4.11
N SER A 57 8.33 0.46 -3.96
CA SER A 57 9.31 1.28 -3.28
C SER A 57 10.10 2.10 -4.28
N ILE A 58 10.57 3.25 -3.82
CA ILE A 58 11.34 4.15 -4.67
C ILE A 58 12.76 4.34 -4.17
N GLN A 59 13.72 4.20 -5.09
CA GLN A 59 15.12 4.39 -4.79
C GLN A 59 15.70 5.54 -5.59
N GLN A 60 16.99 5.75 -5.45
CA GLN A 60 17.67 6.79 -6.20
C GLN A 60 17.85 6.31 -7.64
N TYR A 61 17.78 4.99 -7.82
CA TYR A 61 17.92 4.36 -9.13
C TYR A 61 16.57 3.91 -9.68
N GLY A 62 15.51 4.03 -8.86
CA GLY A 62 14.17 3.62 -9.30
C GLY A 62 13.96 2.12 -9.23
N HIS A 63 12.76 1.71 -8.78
CA HIS A 63 12.39 0.30 -8.66
C HIS A 63 13.17 -0.37 -7.53
N GLN A 64 12.69 -0.20 -6.30
CA GLN A 64 13.36 -0.76 -5.12
C GLN A 64 12.69 -2.03 -4.60
N GLU A 65 11.48 -1.89 -4.07
CA GLU A 65 10.76 -3.02 -3.48
C GLU A 65 9.28 -3.00 -3.81
N VAL A 66 8.76 -4.10 -4.34
CA VAL A 66 7.34 -4.19 -4.67
C VAL A 66 6.62 -5.24 -3.83
N THR A 67 5.42 -4.90 -3.37
CA THR A 67 4.61 -5.80 -2.57
C THR A 67 3.15 -5.75 -3.01
N ARG A 68 2.52 -6.90 -3.17
CA ARG A 68 1.12 -6.96 -3.59
C ARG A 68 0.22 -7.47 -2.49
N PHE A 69 -0.99 -6.91 -2.43
CA PHE A 69 -1.98 -7.30 -1.42
C PHE A 69 -3.40 -7.00 -1.89
N ASP A 70 -4.37 -7.66 -1.25
CA ASP A 70 -5.76 -7.46 -1.60
C ASP A 70 -6.34 -6.36 -0.74
N PHE A 71 -7.29 -5.65 -1.31
CA PHE A 71 -7.89 -4.51 -0.64
C PHE A 71 -9.39 -4.67 -0.46
N THR A 72 -9.89 -4.20 0.68
CA THR A 72 -11.31 -4.28 1.00
C THR A 72 -11.70 -3.12 1.89
N THR A 73 -13.00 -2.93 2.05
CA THR A 73 -13.53 -1.87 2.88
C THR A 73 -13.50 -2.25 4.37
N THR A 74 -14.46 -1.78 5.14
CA THR A 74 -14.55 -2.09 6.55
C THR A 74 -14.80 -3.58 6.76
N SER A 75 -15.13 -4.27 5.67
CA SER A 75 -15.41 -5.70 5.72
C SER A 75 -14.19 -6.49 6.21
N THR A 76 -14.43 -7.73 6.61
CA THR A 76 -13.36 -8.60 7.10
C THR A 76 -12.80 -9.47 5.98
N SER A 77 -11.68 -9.05 5.41
CA SER A 77 -11.04 -9.80 4.33
C SER A 77 -9.63 -9.28 4.06
N THR A 78 -8.95 -8.85 5.12
CA THR A 78 -7.59 -8.34 5.00
C THR A 78 -6.60 -9.19 5.79
N PRO A 79 -6.08 -10.26 5.17
CA PRO A 79 -5.11 -11.15 5.84
C PRO A 79 -3.74 -10.51 5.99
N GLY A 80 -2.72 -11.34 6.16
CA GLY A 80 -1.37 -10.83 6.31
C GLY A 80 -0.69 -10.56 4.98
N SER A 81 -0.42 -11.63 4.25
CA SER A 81 0.23 -11.52 2.95
C SER A 81 -0.13 -12.71 2.05
N ARG A 82 0.70 -13.75 2.10
CA ARG A 82 0.47 -14.95 1.30
C ARG A 82 0.97 -16.19 2.03
N SER A 83 1.76 -15.98 3.07
CA SER A 83 2.30 -17.09 3.85
C SER A 83 2.53 -16.66 5.31
N HIS A 84 2.23 -15.40 5.61
CA HIS A 84 2.39 -14.88 6.96
C HIS A 84 1.04 -14.70 7.64
N HIS A 85 0.30 -15.79 7.78
CA HIS A 85 -1.01 -15.76 8.40
C HIS A 85 -0.89 -15.65 9.93
N HIS A 86 -1.36 -16.67 10.65
CA HIS A 86 -1.30 -16.68 12.11
C HIS A 86 -2.00 -15.46 12.69
N HIS A 87 -1.75 -15.20 13.98
CA HIS A 87 -2.36 -14.07 14.66
C HIS A 87 -3.88 -14.10 14.55
N HIS A 88 -4.50 -15.00 15.30
CA HIS A 88 -5.95 -15.15 15.29
C HIS A 88 -6.47 -15.58 16.66
N HIS A 89 -5.57 -16.07 17.51
CA HIS A 89 -5.94 -16.52 18.84
C HIS A 89 -4.80 -16.28 19.83
N MET A 1 9.73 21.29 0.96
CA MET A 1 8.72 20.88 -0.06
C MET A 1 9.29 20.98 -1.47
N ARG A 2 10.61 20.96 -1.57
CA ARG A 2 11.27 21.06 -2.87
C ARG A 2 12.69 20.48 -2.79
N GLY A 3 12.86 19.44 -1.98
CA GLY A 3 14.15 18.82 -1.83
C GLY A 3 14.33 18.13 -0.48
N SER A 4 14.63 18.93 0.54
CA SER A 4 14.82 18.41 1.89
C SER A 4 15.89 17.31 1.90
N ASN A 5 16.88 17.46 1.03
CA ASN A 5 17.97 16.48 0.94
C ASN A 5 17.43 15.10 0.59
N ALA A 6 18.35 14.14 0.46
CA ALA A 6 17.98 12.77 0.12
C ALA A 6 19.00 11.77 0.67
N PRO A 7 19.10 11.64 2.00
CA PRO A 7 20.05 10.72 2.63
C PRO A 7 19.67 9.26 2.42
N GLN A 8 20.60 8.36 2.73
CA GLN A 8 20.35 6.93 2.57
C GLN A 8 19.99 6.29 3.91
N PRO A 9 18.71 5.94 4.12
CA PRO A 9 18.25 5.32 5.36
C PRO A 9 18.61 3.84 5.43
N SER A 10 18.19 3.20 6.53
CA SER A 10 18.46 1.77 6.73
C SER A 10 17.42 0.93 6.00
N HIS A 11 16.46 1.58 5.37
CA HIS A 11 15.41 0.88 4.65
C HIS A 11 15.09 1.60 3.34
N ILE A 12 13.87 1.40 2.84
CA ILE A 12 13.43 2.03 1.59
C ILE A 12 13.24 3.52 1.77
N SER A 13 13.55 4.28 0.72
CA SER A 13 13.37 5.72 0.76
C SER A 13 11.91 6.06 0.93
N LYS A 14 11.06 5.38 0.18
CA LYS A 14 9.61 5.59 0.25
C LYS A 14 8.84 4.49 -0.48
N TYR A 15 7.68 4.14 0.05
CA TYR A 15 6.83 3.11 -0.53
C TYR A 15 5.70 3.77 -1.33
N ILE A 16 5.31 3.14 -2.43
CA ILE A 16 4.23 3.67 -3.26
C ILE A 16 3.04 2.72 -3.23
N LEU A 17 1.91 3.23 -2.79
CA LEU A 17 0.71 2.41 -2.72
C LEU A 17 -0.29 2.85 -3.78
N ARG A 18 -0.54 1.96 -4.74
CA ARG A 18 -1.48 2.25 -5.80
C ARG A 18 -2.67 1.31 -5.69
N TRP A 19 -3.87 1.87 -5.70
CA TRP A 19 -5.06 1.04 -5.60
C TRP A 19 -6.21 1.60 -6.43
N ARG A 20 -7.01 0.68 -6.96
CA ARG A 20 -8.15 1.05 -7.79
C ARG A 20 -9.24 -0.03 -7.70
N PRO A 21 -10.52 0.37 -7.77
CA PRO A 21 -11.64 -0.57 -7.69
C PRO A 21 -11.60 -1.62 -8.79
N LYS A 22 -11.31 -2.85 -8.41
CA LYS A 22 -11.24 -3.96 -9.36
C LYS A 22 -12.62 -4.34 -9.88
N ASN A 23 -13.66 -3.87 -9.21
CA ASN A 23 -15.03 -4.18 -9.60
C ASN A 23 -15.63 -3.08 -10.47
N SER A 24 -15.14 -1.86 -10.31
CA SER A 24 -15.64 -0.73 -11.08
C SER A 24 -14.64 -0.32 -12.16
N VAL A 25 -13.41 -0.83 -12.05
CA VAL A 25 -12.37 -0.51 -13.01
C VAL A 25 -12.23 1.00 -13.22
N GLY A 26 -11.72 1.68 -12.20
CA GLY A 26 -11.56 3.13 -12.28
C GLY A 26 -10.10 3.55 -12.29
N ARG A 27 -9.84 4.77 -11.84
CA ARG A 27 -8.48 5.30 -11.81
C ARG A 27 -7.80 4.95 -10.48
N TRP A 28 -6.52 4.61 -10.54
CA TRP A 28 -5.76 4.26 -9.34
C TRP A 28 -5.47 5.49 -8.49
N LYS A 29 -4.81 5.27 -7.36
CA LYS A 29 -4.44 6.35 -6.45
C LYS A 29 -3.03 6.08 -5.92
N GLU A 30 -2.28 7.14 -5.65
CA GLU A 30 -0.91 6.97 -5.16
C GLU A 30 -0.71 7.61 -3.79
N ALA A 31 -0.01 6.88 -2.93
CA ALA A 31 0.30 7.35 -1.58
C ALA A 31 1.71 6.94 -1.20
N THR A 32 2.54 7.93 -0.87
CA THR A 32 3.93 7.66 -0.50
C THR A 32 4.14 7.59 1.01
N ILE A 33 4.54 6.41 1.46
CA ILE A 33 4.81 6.17 2.88
C ILE A 33 6.10 5.36 3.01
N PRO A 34 7.20 6.00 3.45
CA PRO A 34 8.51 5.33 3.58
C PRO A 34 8.51 4.13 4.52
N GLY A 35 9.70 3.79 5.02
CA GLY A 35 9.86 2.64 5.90
C GLY A 35 9.13 2.76 7.22
N HIS A 36 8.08 1.94 7.37
CA HIS A 36 7.25 1.87 8.58
C HIS A 36 7.63 2.90 9.65
N LEU A 37 7.37 4.16 9.34
CA LEU A 37 7.66 5.28 10.25
C LEU A 37 6.54 5.49 11.26
N ASN A 38 5.51 4.64 11.17
CA ASN A 38 4.30 4.79 12.00
C ASN A 38 3.47 5.83 11.28
N SER A 39 3.77 5.86 10.00
CA SER A 39 3.21 6.75 9.03
C SER A 39 1.81 6.36 8.62
N TYR A 40 1.24 7.19 7.78
CA TYR A 40 -0.11 7.04 7.31
C TYR A 40 -0.25 5.86 6.35
N THR A 41 -0.91 4.82 6.84
CA THR A 41 -1.16 3.62 6.06
C THR A 41 -2.63 3.59 5.61
N ILE A 42 -2.87 3.13 4.40
CA ILE A 42 -4.23 3.07 3.87
C ILE A 42 -4.97 1.82 4.34
N LYS A 43 -6.18 2.04 4.86
CA LYS A 43 -7.02 0.95 5.36
C LYS A 43 -8.39 1.47 5.76
N GLY A 44 -9.17 0.61 6.40
CA GLY A 44 -10.50 0.99 6.84
C GLY A 44 -11.37 1.51 5.71
N LEU A 45 -12.02 0.58 5.00
CA LEU A 45 -12.88 0.93 3.89
C LEU A 45 -14.33 0.55 4.19
N LYS A 46 -15.28 1.03 3.39
CA LYS A 46 -16.71 0.75 3.63
C LYS A 46 -17.21 -0.42 2.78
N PRO A 47 -17.83 -1.43 3.44
CA PRO A 47 -18.37 -2.64 2.80
C PRO A 47 -18.93 -2.43 1.40
N GLY A 48 -18.62 -3.38 0.51
CA GLY A 48 -19.11 -3.33 -0.85
C GLY A 48 -18.11 -2.84 -1.87
N VAL A 49 -16.93 -2.43 -1.44
CA VAL A 49 -15.92 -1.93 -2.37
C VAL A 49 -14.60 -2.71 -2.30
N VAL A 50 -14.14 -3.19 -3.45
CA VAL A 50 -12.86 -3.89 -3.52
C VAL A 50 -11.82 -2.99 -4.16
N TYR A 51 -10.58 -3.12 -3.73
CA TYR A 51 -9.51 -2.29 -4.27
C TYR A 51 -8.25 -3.11 -4.49
N GLU A 52 -7.68 -2.99 -5.68
CA GLU A 52 -6.45 -3.70 -6.00
C GLU A 52 -5.29 -2.96 -5.38
N GLY A 53 -4.43 -3.67 -4.65
CA GLY A 53 -3.31 -3.02 -4.00
C GLY A 53 -1.96 -3.47 -4.50
N GLN A 54 -1.14 -2.50 -4.89
CA GLN A 54 0.21 -2.77 -5.36
C GLN A 54 1.19 -1.80 -4.71
N LEU A 55 2.08 -2.33 -3.88
CA LEU A 55 3.06 -1.48 -3.20
C LEU A 55 4.42 -1.55 -3.87
N ILE A 56 4.78 -0.48 -4.57
CA ILE A 56 6.07 -0.40 -5.24
C ILE A 56 7.01 0.51 -4.46
N SER A 57 8.18 0.01 -4.11
CA SER A 57 9.14 0.79 -3.35
C SER A 57 9.94 1.71 -4.25
N ILE A 58 10.34 2.82 -3.67
CA ILE A 58 11.10 3.83 -4.37
C ILE A 58 12.49 4.03 -3.78
N GLN A 59 13.48 4.06 -4.66
CA GLN A 59 14.87 4.27 -4.26
C GLN A 59 15.34 5.65 -4.69
N GLN A 60 16.62 5.92 -4.49
CA GLN A 60 17.19 7.20 -4.88
C GLN A 60 17.02 7.43 -6.37
N TYR A 61 17.05 6.34 -7.14
CA TYR A 61 16.88 6.41 -8.59
C TYR A 61 15.49 5.95 -9.01
N GLY A 62 14.70 5.48 -8.04
CA GLY A 62 13.35 5.02 -8.35
C GLY A 62 13.26 3.51 -8.52
N HIS A 63 12.06 2.97 -8.31
CA HIS A 63 11.82 1.52 -8.44
C HIS A 63 12.62 0.76 -7.39
N GLN A 64 11.97 -0.20 -6.72
CA GLN A 64 12.65 -0.99 -5.70
C GLN A 64 11.94 -2.29 -5.37
N GLU A 65 10.77 -2.19 -4.74
CA GLU A 65 10.03 -3.38 -4.32
C GLU A 65 8.54 -3.27 -4.59
N VAL A 66 8.02 -4.13 -5.47
CA VAL A 66 6.58 -4.11 -5.76
C VAL A 66 5.93 -5.47 -5.51
N THR A 67 4.83 -5.44 -4.77
CA THR A 67 4.09 -6.65 -4.44
C THR A 67 2.60 -6.46 -4.75
N ARG A 68 1.96 -7.50 -5.27
CA ARG A 68 0.54 -7.42 -5.62
C ARG A 68 -0.33 -8.15 -4.60
N PHE A 69 -1.40 -7.49 -4.18
CA PHE A 69 -2.33 -8.07 -3.22
C PHE A 69 -3.71 -7.43 -3.35
N ASP A 70 -4.75 -8.26 -3.31
CA ASP A 70 -6.12 -7.78 -3.40
C ASP A 70 -6.69 -7.59 -2.01
N PHE A 71 -7.49 -6.56 -1.83
CA PHE A 71 -8.07 -6.29 -0.52
C PHE A 71 -9.44 -5.63 -0.65
N THR A 72 -10.21 -5.70 0.42
CA THR A 72 -11.54 -5.14 0.47
C THR A 72 -11.78 -4.43 1.79
N THR A 73 -12.89 -3.72 1.84
CA THR A 73 -13.28 -2.97 3.03
C THR A 73 -13.43 -3.88 4.25
N THR A 74 -14.47 -3.63 5.05
CA THR A 74 -14.73 -4.42 6.25
C THR A 74 -15.25 -5.81 5.89
N SER A 75 -15.15 -6.17 4.61
CA SER A 75 -15.60 -7.46 4.12
C SER A 75 -14.46 -8.47 4.10
N THR A 76 -13.26 -7.98 3.78
CA THR A 76 -12.07 -8.83 3.72
C THR A 76 -12.13 -9.82 2.56
N SER A 77 -10.98 -10.03 1.92
CA SER A 77 -10.89 -10.96 0.80
C SER A 77 -9.51 -11.60 0.72
N THR A 78 -8.79 -11.55 1.84
CA THR A 78 -7.45 -12.12 1.91
C THR A 78 -7.44 -13.39 2.76
N PRO A 79 -7.20 -14.56 2.14
CA PRO A 79 -7.17 -15.84 2.85
C PRO A 79 -5.85 -16.08 3.57
N GLY A 80 -4.88 -15.20 3.35
CA GLY A 80 -3.59 -15.33 3.98
C GLY A 80 -2.44 -14.90 3.10
N SER A 81 -2.06 -13.62 3.21
CA SER A 81 -0.97 -13.07 2.41
C SER A 81 -1.23 -13.26 0.92
N ARG A 82 -0.62 -14.30 0.34
CA ARG A 82 -0.77 -14.59 -1.08
C ARG A 82 -0.16 -15.96 -1.42
N SER A 83 1.13 -15.96 -1.72
CA SER A 83 1.82 -17.19 -2.07
C SER A 83 3.25 -17.20 -1.51
N HIS A 84 4.13 -17.99 -2.13
CA HIS A 84 5.52 -18.09 -1.69
C HIS A 84 6.26 -16.76 -1.91
N HIS A 85 7.56 -16.78 -1.64
CA HIS A 85 8.39 -15.58 -1.81
C HIS A 85 9.74 -15.95 -2.42
N HIS A 86 9.83 -17.15 -2.98
CA HIS A 86 11.06 -17.62 -3.61
C HIS A 86 12.23 -17.55 -2.63
N HIS A 87 12.33 -18.57 -1.77
CA HIS A 87 13.41 -18.63 -0.79
C HIS A 87 14.76 -18.81 -1.47
N HIS A 88 15.66 -17.86 -1.23
CA HIS A 88 17.00 -17.92 -1.81
C HIS A 88 18.05 -18.23 -0.76
N HIS A 89 18.01 -17.49 0.35
CA HIS A 89 18.95 -17.70 1.44
C HIS A 89 18.48 -18.80 2.38
#